data_2L3W
#
_entry.id   2L3W
#
_entity_poly.entity_id   1
_entity_poly.type   'polypeptide(L)'
_entity_poly.pdbx_seq_one_letter_code
;MPLEWRAGASSDEINAIIRAVYRQVLGNDYVMSTERLTSAESLLRGGEISVRDFVRAVALSELYREKFFHNNAHNRFIEL
NFKHLLGRAPYDQAEVAAHAATYHSHGYDADINSYIDSAEYTESFGDNVVPYFRGLEHHHHHH
;
_entity_poly.pdbx_strand_id   A
#
# COMPACT_ATOMS: atom_id res chain seq x y z
N MET A 1 10.36 12.74 9.23
CA MET A 1 9.74 13.65 8.23
C MET A 1 9.34 12.84 6.96
N PRO A 2 8.01 12.65 6.67
CA PRO A 2 7.56 11.78 5.55
C PRO A 2 7.72 12.42 4.14
N LEU A 3 7.35 11.63 3.11
CA LEU A 3 7.45 12.05 1.69
C LEU A 3 6.07 12.61 1.24
N GLU A 4 6.08 13.81 0.65
CA GLU A 4 4.87 14.45 0.06
C GLU A 4 5.07 14.69 -1.44
N TRP A 5 4.05 14.40 -2.27
CA TRP A 5 4.02 14.81 -3.68
C TRP A 5 3.15 16.06 -3.86
N ARG A 6 3.62 16.98 -4.69
CA ARG A 6 2.87 18.19 -5.08
C ARG A 6 3.01 18.41 -6.61
N ALA A 7 2.19 19.30 -7.18
CA ALA A 7 2.21 19.58 -8.63
C ALA A 7 3.55 20.26 -9.04
N GLY A 8 4.20 19.73 -10.10
CA GLY A 8 5.51 20.23 -10.55
C GLY A 8 6.72 19.56 -9.89
N ALA A 9 6.49 18.63 -8.91
CA ALA A 9 7.59 17.91 -8.21
C ALA A 9 8.40 17.00 -9.17
N SER A 10 9.69 16.74 -8.83
CA SER A 10 10.69 16.17 -9.78
C SER A 10 10.61 14.64 -9.90
N SER A 11 11.15 14.12 -11.03
CA SER A 11 11.09 12.67 -11.39
C SER A 11 11.73 11.75 -10.34
N ASP A 12 12.86 12.20 -9.75
CA ASP A 12 13.56 11.48 -8.66
C ASP A 12 12.63 11.24 -7.44
N GLU A 13 11.83 12.28 -7.10
CA GLU A 13 10.89 12.22 -5.97
C GLU A 13 9.69 11.29 -6.26
N ILE A 14 9.20 11.30 -7.52
CA ILE A 14 8.06 10.45 -7.94
C ILE A 14 8.46 8.95 -7.97
N ASN A 15 9.69 8.67 -8.46
CA ASN A 15 10.29 7.31 -8.41
C ASN A 15 10.60 6.89 -6.95
N ALA A 16 10.92 7.88 -6.10
CA ALA A 16 11.10 7.67 -4.64
C ALA A 16 9.76 7.32 -3.95
N ILE A 17 8.64 7.91 -4.45
CA ILE A 17 7.27 7.52 -4.03
C ILE A 17 7.02 6.06 -4.40
N ILE A 18 7.23 5.72 -5.68
CA ILE A 18 7.03 4.35 -6.20
C ILE A 18 7.84 3.31 -5.37
N ARG A 19 9.11 3.64 -5.07
CA ARG A 19 10.01 2.77 -4.27
C ARG A 19 9.49 2.61 -2.82
N ALA A 20 9.09 3.74 -2.18
CA ALA A 20 8.62 3.77 -0.78
C ALA A 20 7.26 3.04 -0.61
N VAL A 21 6.33 3.28 -1.54
CA VAL A 21 4.99 2.64 -1.58
C VAL A 21 5.13 1.12 -1.73
N TYR A 22 5.88 0.71 -2.76
CA TYR A 22 6.15 -0.70 -3.06
C TYR A 22 6.83 -1.45 -1.88
N ARG A 23 7.86 -0.81 -1.28
CA ARG A 23 8.63 -1.38 -0.15
C ARG A 23 7.73 -1.51 1.10
N GLN A 24 6.80 -0.57 1.25
CA GLN A 24 5.83 -0.55 2.36
C GLN A 24 4.71 -1.61 2.16
N VAL A 25 4.22 -1.76 0.92
CA VAL A 25 3.10 -2.67 0.59
C VAL A 25 3.54 -4.16 0.59
N LEU A 26 4.75 -4.47 0.06
CA LEU A 26 5.24 -5.86 -0.01
C LEU A 26 6.22 -6.20 1.14
N GLY A 27 6.75 -5.18 1.82
CA GLY A 27 7.66 -5.37 2.97
C GLY A 27 9.12 -5.66 2.56
N ASN A 28 9.37 -6.86 2.01
CA ASN A 28 10.74 -7.34 1.64
C ASN A 28 11.19 -6.80 0.24
N ASP A 29 11.38 -5.46 0.17
CA ASP A 29 11.93 -4.75 -1.02
C ASP A 29 11.22 -5.09 -2.37
N TYR A 30 9.92 -5.45 -2.30
CA TYR A 30 8.99 -5.54 -3.47
C TYR A 30 9.50 -6.35 -4.71
N VAL A 31 8.76 -6.24 -5.85
CA VAL A 31 9.09 -6.89 -7.13
C VAL A 31 9.26 -5.83 -8.26
N MET A 32 10.43 -5.87 -8.95
CA MET A 32 10.69 -5.14 -10.22
C MET A 32 11.31 -6.10 -11.27
N SER A 33 11.86 -5.53 -12.38
CA SER A 33 12.43 -6.30 -13.53
C SER A 33 11.33 -7.10 -14.28
N THR A 34 10.10 -6.52 -14.30
CA THR A 34 8.89 -7.15 -14.87
C THR A 34 7.87 -6.07 -15.32
N GLU A 35 6.73 -6.50 -15.90
CA GLU A 35 5.62 -5.59 -16.29
C GLU A 35 5.08 -4.81 -15.06
N ARG A 36 4.68 -5.60 -14.04
CA ARG A 36 4.22 -5.11 -12.72
C ARG A 36 2.97 -4.16 -12.85
N LEU A 37 3.19 -2.83 -12.86
CA LEU A 37 2.12 -1.81 -12.77
C LEU A 37 2.50 -0.58 -13.64
N THR A 38 3.08 -0.85 -14.83
CA THR A 38 3.57 0.20 -15.76
C THR A 38 2.51 1.30 -16.08
N SER A 39 1.23 0.88 -16.13
CA SER A 39 0.07 1.79 -16.34
C SER A 39 -0.14 2.73 -15.12
N ALA A 40 -0.19 2.12 -13.90
CA ALA A 40 -0.46 2.85 -12.62
C ALA A 40 0.66 3.85 -12.28
N GLU A 41 1.93 3.42 -12.46
CA GLU A 41 3.13 4.27 -12.29
C GLU A 41 3.15 5.48 -13.26
N SER A 42 2.70 5.26 -14.51
CA SER A 42 2.56 6.35 -15.52
C SER A 42 1.44 7.36 -15.15
N LEU A 43 0.37 6.86 -14.49
CA LEU A 43 -0.72 7.73 -13.98
C LEU A 43 -0.25 8.61 -12.80
N LEU A 44 0.64 8.07 -11.94
CA LEU A 44 1.27 8.84 -10.83
C LEU A 44 2.25 9.90 -11.40
N ARG A 45 3.06 9.46 -12.38
CA ARG A 45 4.00 10.32 -13.14
C ARG A 45 3.28 11.46 -13.90
N GLY A 46 2.09 11.15 -14.44
CA GLY A 46 1.26 12.12 -15.14
C GLY A 46 0.39 12.99 -14.22
N GLY A 47 0.35 12.65 -12.91
CA GLY A 47 -0.48 13.38 -11.92
C GLY A 47 -1.98 13.14 -12.09
N GLU A 48 -2.34 12.04 -12.78
CA GLU A 48 -3.73 11.67 -13.09
C GLU A 48 -4.45 11.06 -11.86
N ILE A 49 -3.67 10.38 -10.99
CA ILE A 49 -4.18 9.74 -9.76
C ILE A 49 -3.51 10.37 -8.50
N SER A 50 -4.14 10.17 -7.34
CA SER A 50 -3.56 10.55 -6.03
C SER A 50 -2.58 9.45 -5.53
N VAL A 51 -1.72 9.80 -4.55
CA VAL A 51 -0.81 8.83 -3.91
C VAL A 51 -1.60 7.67 -3.24
N ARG A 52 -2.75 8.00 -2.58
CA ARG A 52 -3.68 6.96 -2.03
C ARG A 52 -4.10 5.92 -3.09
N ASP A 53 -4.51 6.41 -4.26
CA ASP A 53 -5.01 5.55 -5.36
C ASP A 53 -3.86 4.74 -6.02
N PHE A 54 -2.63 5.29 -5.97
CA PHE A 54 -1.42 4.57 -6.41
C PHE A 54 -1.10 3.40 -5.45
N VAL A 55 -1.06 3.68 -4.13
CA VAL A 55 -0.84 2.67 -3.06
C VAL A 55 -1.92 1.57 -3.10
N ARG A 56 -3.15 1.99 -3.44
CA ARG A 56 -4.29 1.10 -3.64
C ARG A 56 -3.99 0.11 -4.78
N ALA A 57 -3.50 0.64 -5.93
CA ALA A 57 -3.13 -0.17 -7.12
C ALA A 57 -1.96 -1.16 -6.83
N VAL A 58 -1.00 -0.75 -5.96
CA VAL A 58 0.16 -1.58 -5.58
C VAL A 58 -0.24 -2.71 -4.61
N ALA A 59 -1.22 -2.41 -3.74
CA ALA A 59 -1.85 -3.42 -2.87
C ALA A 59 -2.90 -4.28 -3.64
N LEU A 60 -3.37 -3.80 -4.81
CA LEU A 60 -4.26 -4.57 -5.71
C LEU A 60 -3.47 -5.48 -6.66
N SER A 61 -2.15 -5.22 -6.80
CA SER A 61 -1.27 -5.97 -7.72
C SER A 61 -1.31 -7.50 -7.42
N GLU A 62 -1.41 -8.30 -8.48
CA GLU A 62 -1.46 -9.77 -8.36
C GLU A 62 -0.10 -10.35 -7.91
N LEU A 63 1.00 -9.62 -8.17
CA LEU A 63 2.35 -9.98 -7.69
C LEU A 63 2.46 -9.87 -6.14
N TYR A 64 1.64 -8.99 -5.54
CA TYR A 64 1.45 -8.95 -4.06
C TYR A 64 0.55 -10.13 -3.59
N ARG A 65 -0.51 -10.43 -4.36
CA ARG A 65 -1.48 -11.51 -4.04
C ARG A 65 -0.85 -12.93 -4.06
N GLU A 66 -0.15 -13.29 -5.15
CA GLU A 66 0.42 -14.66 -5.32
C GLU A 66 1.52 -14.96 -4.28
N LYS A 67 2.24 -13.91 -3.90
CA LYS A 67 3.38 -14.01 -2.98
C LYS A 67 2.94 -14.06 -1.49
N PHE A 68 1.88 -13.29 -1.11
CA PHE A 68 1.46 -13.15 0.32
C PHE A 68 0.08 -13.78 0.66
N PHE A 69 -0.79 -14.00 -0.34
CA PHE A 69 -2.08 -14.74 -0.16
C PHE A 69 -1.92 -16.28 -0.42
N HIS A 70 -1.11 -16.67 -1.42
CA HIS A 70 -0.96 -18.11 -1.80
C HIS A 70 0.19 -18.83 -1.05
N ASN A 71 1.31 -18.11 -0.80
CA ASN A 71 2.49 -18.66 -0.07
C ASN A 71 2.35 -18.46 1.47
N ASN A 72 1.21 -17.86 1.89
CA ASN A 72 0.94 -17.48 3.29
C ASN A 72 -0.58 -17.64 3.59
N ALA A 73 -0.93 -17.83 4.88
CA ALA A 73 -2.33 -17.99 5.34
C ALA A 73 -3.13 -16.68 5.21
N HIS A 74 -4.41 -16.76 4.77
CA HIS A 74 -5.29 -15.58 4.54
C HIS A 74 -5.44 -14.67 5.80
N ASN A 75 -5.55 -15.29 6.99
CA ASN A 75 -5.57 -14.54 8.28
C ASN A 75 -4.31 -13.65 8.42
N ARG A 76 -3.14 -14.28 8.20
CA ARG A 76 -1.83 -13.59 8.17
C ARG A 76 -1.76 -12.54 7.04
N PHE A 77 -2.41 -12.81 5.90
CA PHE A 77 -2.46 -11.87 4.74
C PHE A 77 -3.21 -10.57 5.11
N ILE A 78 -4.33 -10.69 5.84
CA ILE A 78 -5.08 -9.54 6.42
C ILE A 78 -4.17 -8.77 7.43
N GLU A 79 -3.50 -9.54 8.30
CA GLU A 79 -2.54 -9.01 9.30
C GLU A 79 -1.35 -8.26 8.62
N LEU A 80 -0.99 -8.72 7.41
CA LEU A 80 0.01 -8.06 6.55
C LEU A 80 -0.58 -6.77 5.90
N ASN A 81 -1.83 -6.83 5.42
CA ASN A 81 -2.51 -5.66 4.78
C ASN A 81 -2.61 -4.46 5.76
N PHE A 82 -2.82 -4.75 7.05
CA PHE A 82 -2.84 -3.74 8.14
C PHE A 82 -1.46 -3.05 8.30
N LYS A 83 -0.39 -3.83 8.50
CA LYS A 83 0.97 -3.27 8.75
C LYS A 83 1.58 -2.62 7.47
N HIS A 84 1.12 -3.08 6.30
CA HIS A 84 1.57 -2.57 4.98
C HIS A 84 0.86 -1.25 4.57
N LEU A 85 -0.45 -1.11 4.84
CA LEU A 85 -1.21 0.10 4.38
C LEU A 85 -1.52 1.08 5.54
N LEU A 86 -1.71 0.56 6.76
CA LEU A 86 -2.08 1.37 7.95
C LEU A 86 -0.85 1.55 8.89
N GLY A 87 0.01 0.51 8.95
CA GLY A 87 1.16 0.47 9.86
C GLY A 87 0.86 -0.16 11.22
N ARG A 88 -0.23 -0.95 11.32
CA ARG A 88 -0.68 -1.58 12.61
C ARG A 88 -0.89 -3.12 12.48
N ALA A 89 -1.24 -3.77 13.61
CA ALA A 89 -1.51 -5.24 13.68
C ALA A 89 -2.96 -5.51 14.21
N PRO A 90 -3.83 -6.27 13.45
CA PRO A 90 -5.21 -6.58 13.89
C PRO A 90 -5.25 -7.79 14.87
N TYR A 91 -4.82 -7.53 16.10
CA TYR A 91 -4.79 -8.55 17.18
C TYR A 91 -6.23 -9.01 17.57
N ASP A 92 -7.25 -8.22 17.18
CA ASP A 92 -8.66 -8.56 17.40
C ASP A 92 -9.19 -9.49 16.29
N GLN A 93 -9.69 -10.67 16.70
CA GLN A 93 -10.30 -11.64 15.76
C GLN A 93 -11.62 -11.13 15.13
N ALA A 94 -12.32 -10.22 15.83
CA ALA A 94 -13.50 -9.51 15.28
C ALA A 94 -13.09 -8.60 14.10
N GLU A 95 -11.91 -7.99 14.22
CA GLU A 95 -11.32 -7.12 13.19
C GLU A 95 -10.88 -7.94 11.94
N VAL A 96 -10.20 -9.08 12.19
CA VAL A 96 -9.75 -10.01 11.11
C VAL A 96 -10.97 -10.63 10.37
N ALA A 97 -11.96 -11.09 11.16
CA ALA A 97 -13.23 -11.68 10.63
C ALA A 97 -14.05 -10.68 9.79
N ALA A 98 -14.02 -9.38 10.20
CA ALA A 98 -14.68 -8.29 9.45
C ALA A 98 -14.09 -8.13 8.03
N HIS A 99 -12.74 -8.11 7.94
CA HIS A 99 -12.01 -7.98 6.67
C HIS A 99 -12.04 -9.28 5.83
N ALA A 100 -12.09 -10.44 6.50
CA ALA A 100 -12.27 -11.75 5.84
C ALA A 100 -13.64 -11.84 5.13
N ALA A 101 -14.69 -11.36 5.81
CA ALA A 101 -16.07 -11.33 5.25
C ALA A 101 -16.19 -10.34 4.06
N THR A 102 -15.51 -9.19 4.17
CA THR A 102 -15.42 -8.17 3.08
C THR A 102 -14.67 -8.77 1.85
N TYR A 103 -13.56 -9.46 2.15
CA TYR A 103 -12.72 -10.15 1.15
C TYR A 103 -13.50 -11.22 0.33
N HIS A 104 -14.33 -12.03 1.01
CA HIS A 104 -15.12 -13.09 0.34
C HIS A 104 -16.39 -12.54 -0.37
N SER A 105 -17.11 -11.61 0.30
CA SER A 105 -18.44 -11.14 -0.19
C SER A 105 -18.33 -10.04 -1.28
N HIS A 106 -17.34 -9.15 -1.15
CA HIS A 106 -17.12 -8.04 -2.12
C HIS A 106 -15.80 -8.17 -2.90
N GLY A 107 -14.98 -9.17 -2.54
CA GLY A 107 -13.75 -9.49 -3.30
C GLY A 107 -12.45 -8.92 -2.71
N TYR A 108 -11.32 -9.37 -3.27
CA TYR A 108 -9.94 -8.93 -2.93
C TYR A 108 -9.82 -7.40 -2.96
N ASP A 109 -10.38 -6.79 -4.03
CA ASP A 109 -10.34 -5.34 -4.27
C ASP A 109 -10.95 -4.55 -3.11
N ALA A 110 -12.15 -4.96 -2.66
CA ALA A 110 -12.91 -4.27 -1.59
C ALA A 110 -12.20 -4.31 -0.23
N ASP A 111 -11.53 -5.44 0.09
CA ASP A 111 -10.73 -5.58 1.31
C ASP A 111 -9.58 -4.54 1.32
N ILE A 112 -8.80 -4.52 0.22
CA ILE A 112 -7.68 -3.57 0.04
C ILE A 112 -8.15 -2.09 0.11
N ASN A 113 -9.28 -1.80 -0.54
CA ASN A 113 -9.90 -0.46 -0.55
C ASN A 113 -10.36 -0.04 0.87
N SER A 114 -10.74 -1.02 1.72
CA SER A 114 -11.15 -0.77 3.12
C SER A 114 -10.00 -0.14 3.96
N TYR A 115 -8.74 -0.49 3.62
CA TYR A 115 -7.54 0.11 4.27
C TYR A 115 -7.19 1.51 3.72
N ILE A 116 -7.32 1.68 2.40
CA ILE A 116 -6.91 2.94 1.71
C ILE A 116 -7.92 4.10 1.95
N ASP A 117 -9.21 3.77 1.90
CA ASP A 117 -10.31 4.74 2.07
C ASP A 117 -10.73 4.91 3.56
N SER A 118 -10.01 4.23 4.49
CA SER A 118 -10.29 4.33 5.96
C SER A 118 -9.86 5.70 6.51
N ALA A 119 -10.59 6.19 7.53
CA ALA A 119 -10.32 7.51 8.16
C ALA A 119 -8.95 7.60 8.88
N GLU A 120 -8.39 6.46 9.30
CA GLU A 120 -7.05 6.38 9.92
C GLU A 120 -5.92 6.58 8.87
N TYR A 121 -6.11 5.98 7.67
CA TYR A 121 -5.16 6.12 6.54
C TYR A 121 -5.26 7.57 5.98
N THR A 122 -6.49 7.94 5.63
CA THR A 122 -6.86 9.31 5.24
C THR A 122 -6.63 10.29 6.43
N GLU A 123 -6.54 11.61 6.15
CA GLU A 123 -6.05 12.65 7.11
C GLU A 123 -4.53 12.52 7.43
N SER A 124 -4.16 11.39 8.09
CA SER A 124 -2.76 11.15 8.57
C SER A 124 -1.74 11.00 7.43
N PHE A 125 -2.15 10.40 6.31
CA PHE A 125 -1.29 10.28 5.10
C PHE A 125 -1.84 11.13 3.93
N GLY A 126 -3.11 11.58 4.04
CA GLY A 126 -3.75 12.40 2.98
C GLY A 126 -3.68 11.83 1.55
N ASP A 127 -3.98 12.65 0.53
CA ASP A 127 -3.87 12.25 -0.90
C ASP A 127 -2.44 12.43 -1.47
N ASN A 128 -1.59 13.21 -0.77
CA ASN A 128 -0.26 13.61 -1.28
C ASN A 128 0.92 12.90 -0.55
N VAL A 129 0.73 12.49 0.71
CA VAL A 129 1.82 11.92 1.54
C VAL A 129 1.79 10.38 1.49
N VAL A 130 3.00 9.78 1.40
CA VAL A 130 3.18 8.32 1.27
C VAL A 130 3.01 7.62 2.65
N PRO A 131 2.18 6.52 2.74
CA PRO A 131 2.05 5.70 3.96
C PRO A 131 3.36 4.97 4.33
N TYR A 132 3.61 4.87 5.63
CA TYR A 132 4.78 4.17 6.19
C TYR A 132 4.34 3.35 7.42
N PHE A 133 5.11 2.29 7.72
CA PHE A 133 4.92 1.50 8.95
C PHE A 133 5.29 2.37 10.16
N ARG A 134 4.45 2.30 11.21
CA ARG A 134 4.66 3.09 12.44
C ARG A 134 5.95 2.63 13.17
N GLY A 135 7.02 3.42 12.99
CA GLY A 135 8.36 3.11 13.52
C GLY A 135 9.45 3.08 12.45
N LEU A 136 9.07 3.19 11.16
CA LEU A 136 10.01 3.14 10.01
C LEU A 136 9.88 4.39 9.10
N GLU A 137 11.01 5.10 8.88
CA GLU A 137 11.12 6.26 7.97
C GLU A 137 12.63 6.61 7.77
N HIS A 138 13.12 6.51 6.51
CA HIS A 138 14.56 6.73 6.19
C HIS A 138 14.73 7.52 4.84
N HIS A 139 13.71 8.29 4.46
CA HIS A 139 13.72 9.16 3.24
C HIS A 139 12.97 10.48 3.53
N HIS A 140 13.65 11.42 4.24
CA HIS A 140 13.04 12.70 4.66
C HIS A 140 12.93 13.71 3.49
N HIS A 141 11.71 14.20 3.24
CA HIS A 141 11.43 15.28 2.28
C HIS A 141 10.86 16.49 3.04
N HIS A 142 11.49 17.68 2.87
CA HIS A 142 11.24 18.89 3.70
C HIS A 142 9.75 19.32 3.71
N HIS A 143 9.03 19.05 2.60
CA HIS A 143 7.58 19.32 2.48
C HIS A 143 6.98 18.46 1.36
N MET A 1 9.46 10.80 8.85
CA MET A 1 9.50 11.42 7.50
C MET A 1 8.28 10.97 6.65
N PRO A 2 7.07 11.61 6.84
CA PRO A 2 5.91 11.42 5.93
C PRO A 2 6.21 11.96 4.50
N LEU A 3 6.42 11.05 3.54
CA LEU A 3 6.90 11.40 2.18
C LEU A 3 5.68 11.76 1.27
N GLU A 4 5.67 12.98 0.73
CA GLU A 4 4.54 13.52 -0.05
C GLU A 4 4.91 13.74 -1.52
N TRP A 5 4.00 13.36 -2.45
CA TRP A 5 4.08 13.76 -3.86
C TRP A 5 3.12 14.95 -4.14
N ARG A 6 3.59 15.91 -4.93
CA ARG A 6 2.76 17.05 -5.42
C ARG A 6 3.03 17.31 -6.92
N ALA A 7 2.18 18.16 -7.54
CA ALA A 7 2.30 18.56 -8.96
C ALA A 7 3.62 19.32 -9.22
N GLY A 8 4.34 18.93 -10.31
CA GLY A 8 5.62 19.57 -10.68
C GLY A 8 6.87 18.88 -10.13
N ALA A 9 6.71 17.80 -9.31
CA ALA A 9 7.86 17.03 -8.73
C ALA A 9 8.69 16.31 -9.82
N SER A 10 9.99 16.11 -9.54
CA SER A 10 10.98 15.59 -10.55
C SER A 10 10.92 14.05 -10.66
N SER A 11 11.41 13.53 -11.81
CA SER A 11 11.35 12.08 -12.17
C SER A 11 11.98 11.17 -11.08
N ASP A 12 13.19 11.54 -10.63
CA ASP A 12 13.94 10.81 -9.58
C ASP A 12 13.17 10.79 -8.23
N GLU A 13 12.47 11.91 -7.92
CA GLU A 13 11.63 12.05 -6.71
C GLU A 13 10.43 11.10 -6.77
N ILE A 14 9.69 11.10 -7.90
CA ILE A 14 8.45 10.30 -8.06
C ILE A 14 8.74 8.79 -7.97
N ASN A 15 9.82 8.32 -8.62
CA ASN A 15 10.25 6.89 -8.58
C ASN A 15 10.77 6.47 -7.19
N ALA A 16 11.34 7.42 -6.42
CA ALA A 16 11.70 7.19 -5.00
C ALA A 16 10.43 7.04 -4.11
N ILE A 17 9.38 7.83 -4.45
CA ILE A 17 8.03 7.75 -3.81
C ILE A 17 7.31 6.44 -4.20
N ILE A 18 7.45 6.03 -5.48
CA ILE A 18 6.95 4.74 -6.00
C ILE A 18 7.56 3.57 -5.21
N ARG A 19 8.89 3.64 -5.01
CA ARG A 19 9.66 2.62 -4.28
C ARG A 19 9.34 2.63 -2.77
N ALA A 20 9.04 3.82 -2.22
CA ALA A 20 8.60 3.96 -0.80
C ALA A 20 7.23 3.26 -0.58
N VAL A 21 6.34 3.39 -1.58
CA VAL A 21 5.04 2.69 -1.62
C VAL A 21 5.24 1.17 -1.81
N TYR A 22 6.04 0.78 -2.81
CA TYR A 22 6.36 -0.64 -3.14
C TYR A 22 6.94 -1.40 -1.92
N ARG A 23 7.86 -0.73 -1.20
CA ARG A 23 8.53 -1.32 -0.02
C ARG A 23 7.51 -1.50 1.12
N GLN A 24 6.66 -0.48 1.35
CA GLN A 24 5.61 -0.53 2.39
C GLN A 24 4.51 -1.57 2.09
N VAL A 25 4.01 -1.60 0.84
CA VAL A 25 2.83 -2.40 0.46
C VAL A 25 3.15 -3.90 0.35
N LEU A 26 4.32 -4.26 -0.20
CA LEU A 26 4.77 -5.68 -0.21
C LEU A 26 5.47 -6.04 1.13
N GLY A 27 5.98 -5.02 1.85
CA GLY A 27 6.70 -5.22 3.13
C GLY A 27 8.20 -5.52 2.92
N ASN A 28 8.49 -6.53 2.08
CA ASN A 28 9.85 -6.91 1.67
C ASN A 28 10.42 -5.95 0.59
N ASP A 29 11.54 -6.38 -0.06
CA ASP A 29 12.18 -5.62 -1.15
C ASP A 29 11.45 -5.75 -2.53
N TYR A 30 10.10 -5.93 -2.50
CA TYR A 30 9.17 -5.79 -3.69
C TYR A 30 9.69 -6.45 -5.01
N VAL A 31 9.19 -5.97 -6.17
CA VAL A 31 9.71 -6.35 -7.50
C VAL A 31 10.04 -5.08 -8.32
N MET A 32 11.30 -4.90 -8.73
CA MET A 32 11.76 -3.75 -9.57
C MET A 32 12.56 -4.26 -10.80
N SER A 33 12.71 -3.39 -11.83
CA SER A 33 13.45 -3.68 -13.11
C SER A 33 12.63 -4.53 -14.11
N THR A 34 11.54 -5.15 -13.65
CA THR A 34 10.65 -6.00 -14.48
C THR A 34 9.55 -5.14 -15.17
N GLU A 35 8.44 -5.79 -15.62
CA GLU A 35 7.24 -5.09 -16.14
C GLU A 35 6.69 -4.11 -15.08
N ARG A 36 6.58 -4.61 -13.83
CA ARG A 36 6.00 -3.87 -12.68
C ARG A 36 4.56 -3.37 -13.00
N LEU A 37 4.12 -2.28 -12.33
CA LEU A 37 2.87 -1.58 -12.66
C LEU A 37 3.13 -0.48 -13.71
N THR A 38 3.32 -0.88 -14.99
CA THR A 38 3.63 0.07 -16.09
C THR A 38 2.54 1.16 -16.21
N SER A 39 1.26 0.76 -16.08
CA SER A 39 0.10 1.69 -16.16
C SER A 39 0.00 2.58 -14.91
N ALA A 40 0.00 1.96 -13.71
CA ALA A 40 -0.25 2.66 -12.41
C ALA A 40 0.87 3.66 -12.06
N GLU A 41 2.14 3.26 -12.28
CA GLU A 41 3.31 4.15 -12.12
C GLU A 41 3.27 5.33 -13.12
N SER A 42 2.81 5.07 -14.36
CA SER A 42 2.61 6.14 -15.38
C SER A 42 1.47 7.12 -14.97
N LEU A 43 0.47 6.61 -14.23
CA LEU A 43 -0.62 7.44 -13.69
C LEU A 43 -0.09 8.40 -12.58
N LEU A 44 0.76 7.89 -11.66
CA LEU A 44 1.37 8.73 -10.59
C LEU A 44 2.39 9.75 -11.17
N ARG A 45 3.24 9.25 -12.10
CA ARG A 45 4.25 10.09 -12.82
C ARG A 45 3.58 11.11 -13.79
N GLY A 46 2.35 10.81 -14.25
CA GLY A 46 1.60 11.70 -15.16
C GLY A 46 0.59 12.62 -14.45
N GLY A 47 0.41 12.43 -13.12
CA GLY A 47 -0.56 13.23 -12.34
C GLY A 47 -2.04 12.84 -12.56
N GLU A 48 -2.25 11.62 -13.08
CA GLU A 48 -3.61 11.06 -13.30
C GLU A 48 -4.24 10.52 -11.97
N ILE A 49 -3.40 10.01 -11.05
CA ILE A 49 -3.86 9.52 -9.73
C ILE A 49 -3.07 10.18 -8.58
N SER A 50 -3.66 10.14 -7.37
CA SER A 50 -2.99 10.56 -6.12
C SER A 50 -2.23 9.38 -5.48
N VAL A 51 -1.45 9.65 -4.43
CA VAL A 51 -0.64 8.63 -3.73
C VAL A 51 -1.52 7.50 -3.14
N ARG A 52 -2.68 7.84 -2.54
CA ARG A 52 -3.65 6.83 -2.01
C ARG A 52 -4.04 5.78 -3.09
N ASP A 53 -4.32 6.28 -4.32
CA ASP A 53 -4.75 5.45 -5.46
C ASP A 53 -3.60 4.55 -5.96
N PHE A 54 -2.36 5.03 -5.81
CA PHE A 54 -1.16 4.27 -6.17
C PHE A 54 -0.88 3.15 -5.12
N VAL A 55 -0.97 3.49 -3.82
CA VAL A 55 -0.85 2.52 -2.68
C VAL A 55 -1.91 1.40 -2.82
N ARG A 56 -3.10 1.80 -3.29
CA ARG A 56 -4.22 0.91 -3.64
C ARG A 56 -3.86 0.01 -4.85
N ALA A 57 -3.32 0.62 -5.92
CA ALA A 57 -2.94 -0.10 -7.16
C ALA A 57 -1.87 -1.20 -6.91
N VAL A 58 -0.91 -0.90 -6.01
CA VAL A 58 0.16 -1.86 -5.62
C VAL A 58 -0.40 -2.96 -4.68
N ALA A 59 -1.39 -2.59 -3.84
CA ALA A 59 -2.11 -3.55 -2.96
C ALA A 59 -3.07 -4.48 -3.76
N LEU A 60 -3.52 -4.00 -4.93
CA LEU A 60 -4.38 -4.78 -5.85
C LEU A 60 -3.57 -5.47 -6.98
N SER A 61 -2.24 -5.23 -7.02
CA SER A 61 -1.34 -5.79 -8.09
C SER A 61 -1.25 -7.33 -8.03
N GLU A 62 -0.92 -7.94 -9.19
CA GLU A 62 -0.65 -9.39 -9.31
C GLU A 62 0.69 -9.76 -8.61
N LEU A 63 1.58 -8.77 -8.52
CA LEU A 63 2.90 -8.90 -7.86
C LEU A 63 2.73 -9.17 -6.33
N TYR A 64 1.84 -8.39 -5.70
CA TYR A 64 1.48 -8.55 -4.27
C TYR A 64 0.56 -9.80 -4.07
N ARG A 65 -0.30 -10.08 -5.06
CA ARG A 65 -1.26 -11.20 -5.01
C ARG A 65 -0.55 -12.59 -5.03
N GLU A 66 0.28 -12.84 -6.04
CA GLU A 66 0.93 -14.16 -6.23
C GLU A 66 1.89 -14.49 -5.05
N LYS A 67 2.74 -13.53 -4.71
CA LYS A 67 3.83 -13.71 -3.73
C LYS A 67 3.36 -13.67 -2.25
N PHE A 68 2.26 -12.97 -1.94
CA PHE A 68 1.78 -12.83 -0.52
C PHE A 68 0.43 -13.52 -0.24
N PHE A 69 -0.33 -13.90 -1.28
CA PHE A 69 -1.56 -14.74 -1.10
C PHE A 69 -1.24 -16.26 -1.22
N HIS A 70 -0.31 -16.64 -2.15
CA HIS A 70 0.05 -18.08 -2.36
C HIS A 70 1.20 -18.53 -1.41
N ASN A 71 2.18 -17.65 -1.21
CA ASN A 71 3.40 -17.96 -0.41
C ASN A 71 3.19 -17.62 1.10
N ASN A 72 1.99 -17.16 1.45
CA ASN A 72 1.61 -16.77 2.83
C ASN A 72 0.14 -17.14 3.10
N ALA A 73 -0.18 -17.40 4.39
CA ALA A 73 -1.55 -17.70 4.86
C ALA A 73 -2.46 -16.45 4.80
N HIS A 74 -3.73 -16.62 4.35
CA HIS A 74 -4.72 -15.52 4.21
C HIS A 74 -4.90 -14.69 5.52
N ASN A 75 -4.89 -15.39 6.68
CA ASN A 75 -4.94 -14.75 8.02
C ASN A 75 -3.81 -13.71 8.22
N ARG A 76 -2.57 -14.14 7.88
CA ARG A 76 -1.36 -13.31 7.98
C ARG A 76 -1.33 -12.24 6.86
N PHE A 77 -1.94 -12.55 5.71
CA PHE A 77 -2.10 -11.63 4.55
C PHE A 77 -2.99 -10.43 4.92
N ILE A 78 -4.05 -10.70 5.72
CA ILE A 78 -4.91 -9.64 6.30
C ILE A 78 -4.08 -8.74 7.26
N GLU A 79 -3.24 -9.37 8.11
CA GLU A 79 -2.29 -8.64 8.98
C GLU A 79 -1.34 -7.73 8.18
N LEU A 80 -0.89 -8.26 7.03
CA LEU A 80 -0.04 -7.51 6.08
C LEU A 80 -0.76 -6.24 5.59
N ASN A 81 -2.00 -6.39 5.09
CA ASN A 81 -2.84 -5.25 4.61
C ASN A 81 -2.99 -4.12 5.67
N PHE A 82 -3.12 -4.50 6.95
CA PHE A 82 -3.18 -3.53 8.07
C PHE A 82 -1.87 -2.72 8.24
N LYS A 83 -0.73 -3.42 8.40
CA LYS A 83 0.60 -2.78 8.65
C LYS A 83 1.20 -2.10 7.41
N HIS A 84 0.81 -2.55 6.21
CA HIS A 84 1.30 -2.01 4.92
C HIS A 84 0.56 -0.70 4.52
N LEU A 85 -0.78 -0.68 4.69
CA LEU A 85 -1.62 0.48 4.28
C LEU A 85 -1.76 1.53 5.43
N LEU A 86 -1.63 1.10 6.71
CA LEU A 86 -1.85 1.97 7.91
C LEU A 86 -0.72 1.86 8.97
N GLY A 87 -0.05 0.71 9.06
CA GLY A 87 0.96 0.48 10.12
C GLY A 87 0.33 0.04 11.45
N ARG A 88 -0.71 -0.84 11.37
CA ARG A 88 -1.44 -1.37 12.56
C ARG A 88 -1.46 -2.92 12.56
N ALA A 89 -1.83 -3.50 13.72
CA ALA A 89 -1.83 -4.96 13.95
C ALA A 89 -3.24 -5.49 14.34
N PRO A 90 -3.82 -6.49 13.60
CA PRO A 90 -5.08 -7.17 14.00
C PRO A 90 -4.91 -7.96 15.33
N TYR A 91 -5.09 -7.23 16.45
CA TYR A 91 -4.90 -7.75 17.83
C TYR A 91 -5.88 -8.88 18.21
N ASP A 92 -7.03 -8.95 17.52
CA ASP A 92 -8.12 -9.89 17.83
C ASP A 92 -8.66 -10.60 16.56
N GLN A 93 -9.24 -11.79 16.76
CA GLN A 93 -9.76 -12.66 15.68
C GLN A 93 -11.00 -12.04 14.98
N ALA A 94 -11.82 -11.27 15.73
CA ALA A 94 -13.04 -10.60 15.19
C ALA A 94 -12.67 -9.44 14.25
N GLU A 95 -11.54 -8.77 14.57
CA GLU A 95 -10.92 -7.74 13.69
C GLU A 95 -10.54 -8.35 12.31
N VAL A 96 -10.00 -9.57 12.36
CA VAL A 96 -9.61 -10.35 11.15
C VAL A 96 -10.88 -10.87 10.41
N ALA A 97 -11.85 -11.38 11.19
CA ALA A 97 -13.09 -12.03 10.69
C ALA A 97 -14.02 -11.04 9.95
N ALA A 98 -14.10 -9.81 10.46
CA ALA A 98 -14.88 -8.71 9.84
C ALA A 98 -14.33 -8.35 8.44
N HIS A 99 -12.99 -8.29 8.35
CA HIS A 99 -12.28 -8.00 7.09
C HIS A 99 -12.29 -9.20 6.12
N ALA A 100 -12.22 -10.42 6.67
CA ALA A 100 -12.32 -11.67 5.89
C ALA A 100 -13.72 -11.85 5.26
N ALA A 101 -14.76 -11.50 6.04
CA ALA A 101 -16.17 -11.56 5.58
C ALA A 101 -16.41 -10.57 4.41
N THR A 102 -15.90 -9.34 4.57
CA THR A 102 -15.96 -8.27 3.53
C THR A 102 -15.17 -8.68 2.26
N TYR A 103 -13.97 -9.26 2.49
CA TYR A 103 -13.08 -9.80 1.43
C TYR A 103 -13.79 -10.86 0.55
N HIS A 104 -14.44 -11.84 1.16
CA HIS A 104 -15.11 -12.96 0.44
C HIS A 104 -16.48 -12.56 -0.19
N SER A 105 -17.24 -11.68 0.47
CA SER A 105 -18.61 -11.32 0.00
C SER A 105 -18.61 -10.20 -1.07
N HIS A 106 -17.70 -9.20 -0.92
CA HIS A 106 -17.61 -8.05 -1.86
C HIS A 106 -16.42 -8.15 -2.85
N GLY A 107 -15.47 -9.04 -2.56
CA GLY A 107 -14.26 -9.18 -3.40
C GLY A 107 -12.98 -8.67 -2.72
N TYR A 108 -11.80 -9.11 -3.23
CA TYR A 108 -10.47 -8.78 -2.64
C TYR A 108 -10.24 -7.26 -2.49
N ASP A 109 -10.69 -6.51 -3.51
CA ASP A 109 -10.55 -5.05 -3.61
C ASP A 109 -11.21 -4.30 -2.43
N ALA A 110 -12.40 -4.79 -2.00
CA ALA A 110 -13.21 -4.15 -0.93
C ALA A 110 -12.42 -3.97 0.40
N ASP A 111 -11.57 -4.96 0.73
CA ASP A 111 -10.73 -4.95 1.95
C ASP A 111 -9.66 -3.80 1.89
N ILE A 112 -9.00 -3.68 0.72
CA ILE A 112 -7.97 -2.64 0.46
C ILE A 112 -8.60 -1.22 0.41
N ASN A 113 -9.70 -1.10 -0.36
CA ASN A 113 -10.44 0.18 -0.54
C ASN A 113 -11.04 0.67 0.79
N SER A 114 -11.40 -0.27 1.69
CA SER A 114 -11.95 0.03 3.04
C SER A 114 -11.01 0.95 3.84
N TYR A 115 -9.72 0.57 3.93
CA TYR A 115 -8.72 1.31 4.73
C TYR A 115 -8.13 2.54 4.02
N ILE A 116 -7.95 2.47 2.68
CA ILE A 116 -7.35 3.58 1.91
C ILE A 116 -8.35 4.75 1.67
N ASP A 117 -9.64 4.41 1.49
CA ASP A 117 -10.73 5.41 1.39
C ASP A 117 -11.18 5.90 2.81
N SER A 118 -10.72 5.20 3.87
CA SER A 118 -11.12 5.49 5.27
C SER A 118 -10.64 6.87 5.74
N ALA A 119 -11.41 7.47 6.67
CA ALA A 119 -11.07 8.76 7.31
C ALA A 119 -9.76 8.63 8.13
N GLU A 120 -9.48 7.42 8.64
CA GLU A 120 -8.25 7.10 9.41
C GLU A 120 -6.98 7.34 8.57
N TYR A 121 -6.95 6.82 7.33
CA TYR A 121 -5.78 6.96 6.43
C TYR A 121 -5.69 8.38 5.82
N THR A 122 -6.82 8.85 5.29
CA THR A 122 -6.90 10.12 4.51
C THR A 122 -6.61 11.39 5.39
N GLU A 123 -6.94 11.32 6.69
CA GLU A 123 -6.76 12.48 7.62
C GLU A 123 -5.51 12.33 8.53
N SER A 124 -5.16 11.10 8.96
CA SER A 124 -3.97 10.88 9.85
C SER A 124 -2.64 10.80 9.04
N PHE A 125 -2.70 10.19 7.84
CA PHE A 125 -1.52 10.09 6.93
C PHE A 125 -1.63 11.03 5.72
N GLY A 126 -2.82 11.62 5.48
CA GLY A 126 -3.05 12.48 4.31
C GLY A 126 -3.26 11.71 2.98
N ASP A 127 -3.82 12.39 1.97
CA ASP A 127 -4.14 11.80 0.65
C ASP A 127 -2.94 11.84 -0.35
N ASN A 128 -1.99 12.76 -0.11
CA ASN A 128 -0.81 12.96 -0.99
C ASN A 128 0.49 12.35 -0.40
N VAL A 129 0.34 11.57 0.68
CA VAL A 129 1.49 11.07 1.48
C VAL A 129 1.49 9.51 1.56
N VAL A 130 2.71 8.93 1.52
CA VAL A 130 2.96 7.48 1.60
C VAL A 130 2.83 7.00 3.08
N PRO A 131 2.14 5.84 3.36
CA PRO A 131 1.99 5.31 4.74
C PRO A 131 3.35 4.84 5.33
N TYR A 132 3.47 4.91 6.66
CA TYR A 132 4.68 4.48 7.39
C TYR A 132 4.29 3.74 8.68
N PHE A 133 5.13 2.78 9.09
CA PHE A 133 4.95 2.03 10.34
C PHE A 133 5.56 2.82 11.52
N ARG A 134 4.86 2.81 12.67
CA ARG A 134 5.30 3.51 13.91
C ARG A 134 6.52 2.79 14.52
N GLY A 135 7.72 3.37 14.34
CA GLY A 135 8.96 2.84 14.93
C GLY A 135 10.03 2.51 13.89
N LEU A 136 9.66 1.70 12.88
CA LEU A 136 10.58 1.23 11.83
C LEU A 136 10.79 2.30 10.74
N GLU A 137 11.69 3.28 11.03
CA GLU A 137 12.13 4.30 10.07
C GLU A 137 13.66 4.40 10.02
N HIS A 138 14.21 4.44 8.79
CA HIS A 138 15.58 4.90 8.51
C HIS A 138 15.50 6.27 7.83
N HIS A 139 16.49 7.14 8.09
CA HIS A 139 16.47 8.55 7.64
C HIS A 139 16.70 8.69 6.10
N HIS A 140 15.60 8.52 5.33
CA HIS A 140 15.58 8.66 3.85
C HIS A 140 15.30 10.13 3.42
N HIS A 141 15.14 11.05 4.41
CA HIS A 141 14.67 12.45 4.20
C HIS A 141 13.21 12.46 3.68
N HIS A 142 12.71 13.63 3.25
CA HIS A 142 11.37 13.73 2.63
C HIS A 142 11.38 14.72 1.45
N HIS A 143 10.67 14.35 0.37
CA HIS A 143 10.45 15.20 -0.82
C HIS A 143 8.96 15.54 -0.95
N MET A 1 10.10 11.55 9.09
CA MET A 1 10.17 12.41 7.88
C MET A 1 9.20 11.89 6.79
N PRO A 2 7.96 12.48 6.69
CA PRO A 2 6.99 12.11 5.61
C PRO A 2 7.48 12.56 4.21
N LEU A 3 7.16 11.77 3.18
CA LEU A 3 7.52 12.08 1.77
C LEU A 3 6.24 12.49 1.02
N GLU A 4 6.18 13.72 0.52
CA GLU A 4 4.99 14.24 -0.20
C GLU A 4 5.34 14.50 -1.67
N TRP A 5 4.44 14.11 -2.58
CA TRP A 5 4.55 14.50 -4.00
C TRP A 5 3.84 15.84 -4.24
N ARG A 6 4.42 16.65 -5.13
CA ARG A 6 3.91 17.99 -5.46
C ARG A 6 3.87 18.20 -6.99
N ALA A 7 3.03 19.13 -7.45
CA ALA A 7 2.99 19.53 -8.87
C ALA A 7 4.28 20.29 -9.26
N GLY A 8 4.89 19.91 -10.40
CA GLY A 8 6.18 20.47 -10.82
C GLY A 8 7.39 19.61 -10.44
N ALA A 9 7.16 18.49 -9.71
CA ALA A 9 8.25 17.57 -9.27
C ALA A 9 8.87 16.76 -10.45
N SER A 10 10.16 16.38 -10.30
CA SER A 10 10.92 15.64 -11.34
C SER A 10 10.68 14.11 -11.23
N SER A 11 10.82 13.44 -12.38
CA SER A 11 10.59 11.96 -12.52
C SER A 11 11.41 11.12 -11.52
N ASP A 12 12.64 11.57 -11.23
CA ASP A 12 13.57 10.87 -10.31
C ASP A 12 13.02 10.80 -8.86
N GLU A 13 12.45 11.93 -8.38
CA GLU A 13 11.81 11.99 -7.05
C GLU A 13 10.56 11.09 -7.00
N ILE A 14 9.80 11.07 -8.12
CA ILE A 14 8.58 10.26 -8.26
C ILE A 14 8.91 8.74 -8.25
N ASN A 15 10.06 8.36 -8.85
CA ASN A 15 10.56 6.96 -8.83
C ASN A 15 10.91 6.49 -7.40
N ALA A 16 11.48 7.43 -6.61
CA ALA A 16 11.75 7.20 -5.17
C ALA A 16 10.44 7.01 -4.37
N ILE A 17 9.39 7.76 -4.77
CA ILE A 17 8.02 7.65 -4.21
C ILE A 17 7.37 6.29 -4.57
N ILE A 18 7.52 5.88 -5.85
CA ILE A 18 7.02 4.56 -6.35
C ILE A 18 7.57 3.42 -5.45
N ARG A 19 8.89 3.40 -5.30
CA ARG A 19 9.61 2.37 -4.53
C ARG A 19 9.27 2.44 -3.03
N ALA A 20 9.05 3.67 -2.50
CA ALA A 20 8.66 3.88 -1.08
C ALA A 20 7.24 3.31 -0.78
N VAL A 21 6.32 3.48 -1.75
CA VAL A 21 4.94 2.93 -1.69
C VAL A 21 4.97 1.39 -1.77
N TYR A 22 5.75 0.88 -2.72
CA TYR A 22 5.93 -0.57 -2.94
C TYR A 22 6.59 -1.28 -1.73
N ARG A 23 7.55 -0.62 -1.05
CA ARG A 23 8.17 -1.17 0.17
C ARG A 23 7.21 -1.09 1.38
N GLN A 24 6.35 -0.07 1.38
CA GLN A 24 5.27 0.07 2.38
C GLN A 24 4.26 -1.11 2.28
N VAL A 25 3.86 -1.44 1.04
CA VAL A 25 2.90 -2.52 0.75
C VAL A 25 3.54 -3.94 0.78
N LEU A 26 4.75 -4.09 0.23
CA LEU A 26 5.45 -5.42 0.15
C LEU A 26 6.48 -5.57 1.30
N GLY A 27 7.60 -4.80 1.24
CA GLY A 27 8.63 -4.84 2.30
C GLY A 27 10.08 -4.74 1.77
N ASN A 28 10.73 -5.90 1.59
CA ASN A 28 12.18 -6.00 1.24
C ASN A 28 12.45 -5.58 -0.23
N ASP A 29 12.60 -4.26 -0.45
CA ASP A 29 12.97 -3.65 -1.77
C ASP A 29 12.03 -4.01 -2.95
N TYR A 30 10.90 -4.68 -2.63
CA TYR A 30 9.81 -5.10 -3.54
C TYR A 30 10.24 -5.84 -4.84
N VAL A 31 9.22 -6.22 -5.64
CA VAL A 31 9.40 -6.90 -6.95
C VAL A 31 9.63 -5.87 -8.10
N MET A 32 10.88 -5.43 -8.27
CA MET A 32 11.30 -4.59 -9.42
C MET A 32 11.87 -5.51 -10.55
N SER A 33 12.13 -4.94 -11.75
CA SER A 33 12.64 -5.67 -12.95
C SER A 33 11.53 -6.54 -13.60
N THR A 34 10.35 -5.91 -13.76
CA THR A 34 9.14 -6.54 -14.36
C THR A 34 8.09 -5.44 -14.75
N GLU A 35 6.92 -5.86 -15.27
CA GLU A 35 5.82 -4.94 -15.65
C GLU A 35 5.30 -4.13 -14.43
N ARG A 36 5.19 -4.81 -13.27
CA ARG A 36 4.73 -4.23 -11.99
C ARG A 36 3.31 -3.57 -12.11
N LEU A 37 3.29 -2.26 -12.46
CA LEU A 37 2.06 -1.43 -12.58
C LEU A 37 2.33 -0.26 -13.55
N THR A 38 3.01 -0.52 -14.69
CA THR A 38 3.52 0.55 -15.61
C THR A 38 2.45 1.62 -15.98
N SER A 39 1.16 1.18 -16.08
CA SER A 39 0.01 2.10 -16.30
C SER A 39 -0.19 3.05 -15.09
N ALA A 40 -0.30 2.47 -13.88
CA ALA A 40 -0.54 3.22 -12.62
C ALA A 40 0.67 4.13 -12.24
N GLU A 41 1.88 3.60 -12.42
CA GLU A 41 3.15 4.34 -12.24
C GLU A 41 3.28 5.52 -13.23
N SER A 42 2.73 5.33 -14.46
CA SER A 42 2.65 6.41 -15.49
C SER A 42 1.60 7.48 -15.09
N LEU A 43 0.52 7.03 -14.43
CA LEU A 43 -0.53 7.93 -13.90
C LEU A 43 -0.03 8.73 -12.67
N LEU A 44 0.89 8.14 -11.88
CA LEU A 44 1.50 8.81 -10.71
C LEU A 44 2.46 9.94 -11.16
N ARG A 45 3.39 9.59 -12.10
CA ARG A 45 4.35 10.58 -12.67
C ARG A 45 3.64 11.60 -13.60
N GLY A 46 2.49 11.19 -14.17
CA GLY A 46 1.65 12.08 -14.99
C GLY A 46 0.74 12.99 -14.18
N GLY A 47 0.65 12.75 -12.85
CA GLY A 47 -0.20 13.54 -11.95
C GLY A 47 -1.69 13.20 -12.02
N GLU A 48 -2.01 12.12 -12.72
CA GLU A 48 -3.40 11.68 -12.95
C GLU A 48 -4.03 11.01 -11.71
N ILE A 49 -3.18 10.37 -10.86
CA ILE A 49 -3.59 9.80 -9.55
C ILE A 49 -2.70 10.36 -8.42
N SER A 50 -3.21 10.31 -7.17
CA SER A 50 -2.42 10.66 -5.95
C SER A 50 -1.66 9.44 -5.40
N VAL A 51 -0.76 9.69 -4.42
CA VAL A 51 0.14 8.67 -3.83
C VAL A 51 -0.65 7.58 -3.05
N ARG A 52 -1.59 8.01 -2.21
CA ARG A 52 -2.49 7.12 -1.42
C ARG A 52 -3.31 6.18 -2.33
N ASP A 53 -3.78 6.73 -3.46
CA ASP A 53 -4.55 6.01 -4.48
C ASP A 53 -3.64 5.07 -5.31
N PHE A 54 -2.34 5.39 -5.38
CA PHE A 54 -1.31 4.51 -5.95
C PHE A 54 -1.00 3.34 -4.96
N VAL A 55 -1.04 3.62 -3.64
CA VAL A 55 -0.89 2.59 -2.56
C VAL A 55 -2.00 1.51 -2.70
N ARG A 56 -3.21 1.98 -3.01
CA ARG A 56 -4.38 1.14 -3.31
C ARG A 56 -4.10 0.22 -4.53
N ALA A 57 -3.55 0.79 -5.60
CA ALA A 57 -3.18 0.06 -6.84
C ALA A 57 -2.09 -1.03 -6.58
N VAL A 58 -1.11 -0.70 -5.70
CA VAL A 58 0.01 -1.62 -5.35
C VAL A 58 -0.47 -2.78 -4.43
N ALA A 59 -1.41 -2.48 -3.53
CA ALA A 59 -2.06 -3.52 -2.71
C ALA A 59 -3.04 -4.39 -3.54
N LEU A 60 -3.44 -3.90 -4.73
CA LEU A 60 -4.23 -4.65 -5.72
C LEU A 60 -3.35 -5.32 -6.80
N SER A 61 -2.03 -5.03 -6.80
CA SER A 61 -1.09 -5.56 -7.84
C SER A 61 -0.98 -7.10 -7.76
N GLU A 62 -0.85 -7.74 -8.94
CA GLU A 62 -0.74 -9.22 -9.05
C GLU A 62 0.56 -9.75 -8.42
N LEU A 63 1.61 -8.90 -8.37
CA LEU A 63 2.92 -9.25 -7.75
C LEU A 63 2.78 -9.41 -6.21
N TYR A 64 2.02 -8.50 -5.57
CA TYR A 64 1.70 -8.57 -4.12
C TYR A 64 0.70 -9.72 -3.83
N ARG A 65 -0.23 -9.90 -4.77
CA ARG A 65 -1.33 -10.89 -4.68
C ARG A 65 -0.78 -12.35 -4.75
N GLU A 66 0.19 -12.61 -5.64
CA GLU A 66 0.81 -13.95 -5.78
C GLU A 66 1.78 -14.27 -4.61
N LYS A 67 2.69 -13.33 -4.31
CA LYS A 67 3.79 -13.58 -3.36
C LYS A 67 3.35 -13.53 -1.87
N PHE A 68 2.35 -12.69 -1.54
CA PHE A 68 1.92 -12.47 -0.13
C PHE A 68 0.50 -13.03 0.18
N PHE A 69 -0.39 -13.14 -0.82
CA PHE A 69 -1.74 -13.75 -0.61
C PHE A 69 -1.73 -15.28 -0.86
N HIS A 70 -1.11 -15.73 -1.98
CA HIS A 70 -1.10 -17.18 -2.36
C HIS A 70 -0.08 -18.01 -1.54
N ASN A 71 1.04 -17.37 -1.14
CA ASN A 71 2.13 -18.05 -0.41
C ASN A 71 1.91 -18.01 1.13
N ASN A 72 0.89 -17.26 1.58
CA ASN A 72 0.56 -17.06 3.02
C ASN A 72 -0.89 -17.49 3.32
N ALA A 73 -1.16 -17.78 4.60
CA ALA A 73 -2.53 -18.01 5.10
C ALA A 73 -3.31 -16.67 5.07
N HIS A 74 -4.61 -16.73 4.69
CA HIS A 74 -5.49 -15.52 4.63
C HIS A 74 -5.50 -14.77 6.00
N ASN A 75 -5.38 -15.51 7.11
CA ASN A 75 -5.15 -14.94 8.47
C ASN A 75 -3.93 -13.99 8.49
N ARG A 76 -2.80 -14.50 7.98
CA ARG A 76 -1.51 -13.78 7.96
C ARG A 76 -1.53 -12.62 6.93
N PHE A 77 -2.30 -12.79 5.83
CA PHE A 77 -2.45 -11.76 4.79
C PHE A 77 -3.25 -10.54 5.31
N ILE A 78 -4.30 -10.80 6.12
CA ILE A 78 -5.08 -9.72 6.79
C ILE A 78 -4.19 -8.93 7.78
N GLU A 79 -3.27 -9.66 8.47
CA GLU A 79 -2.24 -9.03 9.33
C GLU A 79 -1.33 -8.08 8.51
N LEU A 80 -0.86 -8.59 7.36
CA LEU A 80 -0.05 -7.81 6.39
C LEU A 80 -0.84 -6.59 5.88
N ASN A 81 -2.14 -6.79 5.62
CA ASN A 81 -3.04 -5.76 5.05
C ASN A 81 -3.17 -4.55 6.04
N PHE A 82 -3.34 -4.85 7.34
CA PHE A 82 -3.36 -3.84 8.42
C PHE A 82 -2.03 -3.04 8.53
N LYS A 83 -0.89 -3.75 8.65
CA LYS A 83 0.42 -3.08 8.91
C LYS A 83 0.99 -2.36 7.67
N HIS A 84 0.59 -2.81 6.47
CA HIS A 84 1.01 -2.17 5.20
C HIS A 84 0.16 -0.94 4.85
N LEU A 85 -1.19 -1.04 5.00
CA LEU A 85 -2.12 0.04 4.54
C LEU A 85 -2.58 0.99 5.67
N LEU A 86 -2.62 0.52 6.93
CA LEU A 86 -2.97 1.38 8.12
C LEU A 86 -1.75 1.60 9.05
N GLY A 87 -0.76 0.69 8.99
CA GLY A 87 0.35 0.69 9.96
C GLY A 87 -0.06 0.11 11.33
N ARG A 88 -1.09 -0.77 11.31
CA ARG A 88 -1.70 -1.35 12.53
C ARG A 88 -1.53 -2.89 12.61
N ALA A 89 -1.86 -3.46 13.77
CA ALA A 89 -1.80 -4.92 14.02
C ALA A 89 -3.19 -5.44 14.46
N PRO A 90 -3.81 -6.43 13.74
CA PRO A 90 -5.12 -7.01 14.14
C PRO A 90 -4.99 -7.84 15.45
N TYR A 91 -5.12 -7.12 16.57
CA TYR A 91 -4.87 -7.66 17.93
C TYR A 91 -5.90 -8.74 18.35
N ASP A 92 -7.07 -8.75 17.69
CA ASP A 92 -8.16 -9.68 18.03
C ASP A 92 -8.68 -10.41 16.78
N GLN A 93 -9.36 -11.52 17.06
CA GLN A 93 -9.98 -12.37 16.05
C GLN A 93 -11.11 -11.66 15.28
N ALA A 94 -11.74 -10.64 15.92
CA ALA A 94 -12.80 -9.82 15.31
C ALA A 94 -12.36 -9.19 13.97
N GLU A 95 -11.11 -8.68 13.93
CA GLU A 95 -10.51 -8.07 12.73
C GLU A 95 -10.38 -9.08 11.57
N VAL A 96 -9.85 -10.27 11.89
CA VAL A 96 -9.54 -11.32 10.90
C VAL A 96 -10.84 -11.96 10.34
N ALA A 97 -11.79 -12.26 11.24
CA ALA A 97 -13.12 -12.82 10.89
C ALA A 97 -13.95 -11.85 10.03
N ALA A 98 -13.93 -10.55 10.39
CA ALA A 98 -14.68 -9.49 9.68
C ALA A 98 -14.14 -9.25 8.26
N HIS A 99 -12.81 -9.17 8.12
CA HIS A 99 -12.14 -8.98 6.81
C HIS A 99 -12.14 -10.25 5.94
N ALA A 100 -12.22 -11.43 6.59
CA ALA A 100 -12.50 -12.70 5.87
C ALA A 100 -13.91 -12.66 5.23
N ALA A 101 -14.90 -12.19 6.00
CA ALA A 101 -16.29 -12.01 5.51
C ALA A 101 -16.38 -10.94 4.39
N THR A 102 -15.58 -9.86 4.54
CA THR A 102 -15.50 -8.76 3.54
C THR A 102 -14.87 -9.26 2.21
N TYR A 103 -13.81 -10.08 2.34
CA TYR A 103 -13.15 -10.74 1.19
C TYR A 103 -14.12 -11.66 0.39
N HIS A 104 -14.88 -12.51 1.09
CA HIS A 104 -15.79 -13.49 0.44
C HIS A 104 -17.08 -12.83 -0.13
N SER A 105 -17.64 -11.84 0.57
CA SER A 105 -18.90 -11.17 0.17
C SER A 105 -18.69 -10.01 -0.85
N HIS A 106 -17.63 -9.22 -0.67
CA HIS A 106 -17.36 -8.01 -1.51
C HIS A 106 -16.14 -8.17 -2.45
N GLY A 107 -15.29 -9.19 -2.20
CA GLY A 107 -14.13 -9.48 -3.06
C GLY A 107 -12.79 -9.02 -2.47
N TYR A 108 -11.68 -9.51 -3.09
CA TYR A 108 -10.30 -9.12 -2.73
C TYR A 108 -10.09 -7.59 -2.79
N ASP A 109 -10.57 -6.99 -3.88
CA ASP A 109 -10.37 -5.56 -4.15
C ASP A 109 -11.06 -4.66 -3.10
N ALA A 110 -12.32 -5.00 -2.75
CA ALA A 110 -13.11 -4.23 -1.78
C ALA A 110 -12.54 -4.37 -0.34
N ASP A 111 -11.97 -5.55 -0.02
CA ASP A 111 -11.29 -5.77 1.27
C ASP A 111 -10.07 -4.82 1.40
N ILE A 112 -9.22 -4.80 0.36
CA ILE A 112 -8.07 -3.86 0.26
C ILE A 112 -8.53 -2.37 0.33
N ASN A 113 -9.62 -2.06 -0.39
CA ASN A 113 -10.16 -0.69 -0.50
C ASN A 113 -10.70 -0.15 0.84
N SER A 114 -11.20 -1.03 1.73
CA SER A 114 -11.75 -0.61 3.06
C SER A 114 -10.67 0.10 3.93
N TYR A 115 -9.41 -0.32 3.77
CA TYR A 115 -8.25 0.27 4.49
C TYR A 115 -7.88 1.65 3.88
N ILE A 116 -7.96 1.74 2.54
CA ILE A 116 -7.59 2.95 1.78
C ILE A 116 -8.66 4.07 1.90
N ASP A 117 -9.92 3.64 1.91
CA ASP A 117 -11.11 4.52 1.95
C ASP A 117 -11.43 4.97 3.41
N SER A 118 -10.78 4.33 4.40
CA SER A 118 -10.97 4.65 5.84
C SER A 118 -10.53 6.10 6.14
N ALA A 119 -11.35 6.84 6.92
CA ALA A 119 -11.05 8.23 7.35
C ALA A 119 -9.82 8.27 8.29
N GLU A 120 -9.56 7.16 9.01
CA GLU A 120 -8.33 7.00 9.82
C GLU A 120 -7.06 7.15 8.94
N TYR A 121 -7.06 6.45 7.81
CA TYR A 121 -5.91 6.42 6.88
C TYR A 121 -5.83 7.72 6.02
N THR A 122 -6.95 8.06 5.36
CA THR A 122 -7.05 9.22 4.44
C THR A 122 -6.72 10.56 5.14
N GLU A 123 -7.41 10.83 6.26
CA GLU A 123 -7.25 12.11 7.00
C GLU A 123 -5.85 12.24 7.68
N SER A 124 -5.30 11.11 8.21
CA SER A 124 -4.00 11.12 8.97
C SER A 124 -2.74 11.04 8.06
N PHE A 125 -2.83 10.30 6.93
CA PHE A 125 -1.66 10.09 6.00
C PHE A 125 -1.82 10.88 4.68
N GLY A 126 -3.01 11.48 4.47
CA GLY A 126 -3.28 12.29 3.26
C GLY A 126 -3.31 11.52 1.94
N ASP A 127 -3.67 12.22 0.85
CA ASP A 127 -3.68 11.66 -0.53
C ASP A 127 -2.31 11.80 -1.25
N ASN A 128 -1.57 12.90 -1.01
CA ASN A 128 -0.28 13.17 -1.72
C ASN A 128 0.96 12.78 -0.88
N VAL A 129 0.76 12.27 0.35
CA VAL A 129 1.87 11.88 1.26
C VAL A 129 2.01 10.34 1.29
N VAL A 130 3.27 9.85 1.32
CA VAL A 130 3.55 8.40 1.42
C VAL A 130 3.41 7.97 2.89
N PRO A 131 2.55 6.95 3.19
CA PRO A 131 2.42 6.36 4.55
C PRO A 131 3.69 5.61 5.02
N TYR A 132 3.87 5.54 6.34
CA TYR A 132 5.06 4.95 6.98
C TYR A 132 4.69 4.13 8.22
N PHE A 133 5.61 3.22 8.61
CA PHE A 133 5.58 2.59 9.94
C PHE A 133 6.22 3.57 10.95
N ARG A 134 5.55 3.76 12.10
CA ARG A 134 6.00 4.73 13.12
C ARG A 134 7.13 4.11 13.96
N GLY A 135 8.37 4.45 13.61
CA GLY A 135 9.58 3.86 14.23
C GLY A 135 10.81 3.97 13.33
N LEU A 136 10.60 3.85 12.01
CA LEU A 136 11.66 3.98 10.97
C LEU A 136 11.10 4.74 9.74
N GLU A 137 10.47 5.89 10.04
CA GLU A 137 9.75 6.75 9.05
C GLU A 137 10.70 7.66 8.21
N HIS A 138 11.92 7.16 7.91
CA HIS A 138 12.90 7.85 7.07
C HIS A 138 12.67 7.49 5.57
N HIS A 139 12.60 8.52 4.70
CA HIS A 139 12.44 8.34 3.23
C HIS A 139 13.50 9.18 2.47
N HIS A 140 14.55 9.62 3.20
CA HIS A 140 15.51 10.68 2.76
C HIS A 140 14.78 12.05 2.58
N HIS A 141 14.02 12.20 1.46
CA HIS A 141 13.31 13.46 1.10
C HIS A 141 14.32 14.65 1.09
N HIS A 142 15.48 14.40 0.45
CA HIS A 142 16.61 15.34 0.39
C HIS A 142 16.22 16.65 -0.35
N HIS A 143 15.30 16.52 -1.33
CA HIS A 143 14.77 17.65 -2.12
C HIS A 143 13.43 17.28 -2.79
N MET A 1 10.46 9.13 8.59
CA MET A 1 10.37 9.86 7.29
C MET A 1 8.99 9.61 6.61
N PRO A 2 7.97 10.49 6.84
CA PRO A 2 6.71 10.49 6.07
C PRO A 2 6.86 11.35 4.76
N LEU A 3 7.09 10.67 3.62
CA LEU A 3 7.41 11.31 2.33
C LEU A 3 6.10 11.66 1.58
N GLU A 4 5.94 12.93 1.15
CA GLU A 4 4.72 13.39 0.44
C GLU A 4 5.02 13.76 -1.02
N TRP A 5 4.16 13.31 -1.95
CA TRP A 5 4.16 13.78 -3.35
C TRP A 5 3.06 14.84 -3.56
N ARG A 6 3.41 15.92 -4.27
CA ARG A 6 2.49 16.99 -4.68
C ARG A 6 2.75 17.37 -6.15
N ALA A 7 1.82 18.16 -6.73
CA ALA A 7 1.94 18.61 -8.14
C ALA A 7 3.12 19.61 -8.29
N GLY A 8 3.95 19.39 -9.31
CA GLY A 8 5.17 20.20 -9.53
C GLY A 8 6.46 19.54 -9.02
N ALA A 9 6.34 18.35 -8.40
CA ALA A 9 7.50 17.53 -7.96
C ALA A 9 8.24 16.92 -9.18
N SER A 10 9.55 16.66 -9.01
CA SER A 10 10.45 16.17 -10.10
C SER A 10 10.34 14.65 -10.27
N SER A 11 10.52 14.17 -11.53
CA SER A 11 10.38 12.73 -11.90
C SER A 11 11.35 11.83 -11.10
N ASP A 12 12.54 12.38 -10.79
CA ASP A 12 13.57 11.72 -9.95
C ASP A 12 13.00 11.40 -8.54
N GLU A 13 12.32 12.41 -7.95
CA GLU A 13 11.64 12.28 -6.66
C GLU A 13 10.49 11.25 -6.74
N ILE A 14 9.66 11.35 -7.81
CA ILE A 14 8.46 10.51 -7.99
C ILE A 14 8.83 9.00 -8.03
N ASN A 15 9.92 8.65 -8.74
CA ASN A 15 10.43 7.25 -8.83
C ASN A 15 10.79 6.67 -7.43
N ALA A 16 11.40 7.51 -6.58
CA ALA A 16 11.73 7.17 -5.18
C ALA A 16 10.46 7.00 -4.32
N ILE A 17 9.48 7.90 -4.55
CA ILE A 17 8.15 7.89 -3.89
C ILE A 17 7.33 6.62 -4.27
N ILE A 18 7.46 6.21 -5.55
CA ILE A 18 6.85 4.97 -6.08
C ILE A 18 7.39 3.74 -5.32
N ARG A 19 8.72 3.63 -5.24
CA ARG A 19 9.41 2.51 -4.54
C ARG A 19 9.16 2.54 -3.02
N ALA A 20 8.92 3.75 -2.48
CA ALA A 20 8.57 3.94 -1.05
C ALA A 20 7.17 3.38 -0.75
N VAL A 21 6.21 3.62 -1.70
CA VAL A 21 4.86 3.02 -1.65
C VAL A 21 4.97 1.48 -1.73
N TYR A 22 5.67 0.99 -2.77
CA TYR A 22 5.92 -0.46 -3.01
C TYR A 22 6.54 -1.17 -1.78
N ARG A 23 7.52 -0.51 -1.13
CA ARG A 23 8.24 -1.09 0.02
C ARG A 23 7.30 -1.46 1.19
N GLN A 24 6.43 -0.52 1.59
CA GLN A 24 5.46 -0.78 2.67
C GLN A 24 4.29 -1.68 2.19
N VAL A 25 3.80 -1.50 0.95
CA VAL A 25 2.65 -2.30 0.41
C VAL A 25 2.99 -3.80 0.32
N LEU A 26 4.21 -4.16 -0.08
CA LEU A 26 4.67 -5.57 0.00
C LEU A 26 5.13 -5.93 1.44
N GLY A 27 5.77 -4.98 2.14
CA GLY A 27 6.32 -5.22 3.49
C GLY A 27 7.81 -5.55 3.46
N ASN A 28 8.22 -6.33 2.44
CA ASN A 28 9.64 -6.61 2.12
C ASN A 28 10.30 -5.37 1.45
N ASP A 29 11.21 -5.59 0.45
CA ASP A 29 11.54 -4.53 -0.51
C ASP A 29 10.32 -4.38 -1.46
N TYR A 30 10.33 -5.07 -2.61
CA TYR A 30 9.24 -5.02 -3.62
C TYR A 30 9.59 -5.92 -4.82
N VAL A 31 8.63 -6.04 -5.75
CA VAL A 31 8.83 -6.74 -7.03
C VAL A 31 8.71 -5.75 -8.22
N MET A 32 9.86 -5.37 -8.79
CA MET A 32 9.95 -4.46 -9.96
C MET A 32 10.80 -5.03 -11.11
N SER A 33 11.67 -6.00 -10.79
CA SER A 33 12.58 -6.65 -11.78
C SER A 33 11.83 -7.41 -12.91
N THR A 34 10.58 -7.78 -12.65
CA THR A 34 9.68 -8.43 -13.64
C THR A 34 8.63 -7.39 -14.18
N GLU A 35 7.49 -7.88 -14.72
CA GLU A 35 6.35 -7.03 -15.15
C GLU A 35 5.66 -6.35 -13.94
N ARG A 36 6.21 -5.19 -13.52
CA ARG A 36 5.63 -4.34 -12.45
C ARG A 36 4.48 -3.45 -13.02
N LEU A 37 3.93 -2.53 -12.20
CA LEU A 37 2.81 -1.63 -12.64
C LEU A 37 3.35 -0.36 -13.34
N THR A 38 4.13 -0.57 -14.42
CA THR A 38 4.79 0.51 -15.20
C THR A 38 3.80 1.58 -15.72
N SER A 39 2.60 1.12 -16.12
CA SER A 39 1.52 2.00 -16.62
C SER A 39 0.98 2.94 -15.52
N ALA A 40 0.72 2.37 -14.32
CA ALA A 40 0.22 3.15 -13.15
C ALA A 40 1.28 4.15 -12.64
N GLU A 41 2.55 3.72 -12.65
CA GLU A 41 3.72 4.56 -12.31
C GLU A 41 3.87 5.75 -13.30
N SER A 42 3.64 5.48 -14.59
CA SER A 42 3.64 6.52 -15.65
C SER A 42 2.52 7.55 -15.43
N LEU A 43 1.35 7.08 -14.94
CA LEU A 43 0.20 7.97 -14.59
C LEU A 43 0.52 8.85 -13.36
N LEU A 44 1.24 8.30 -12.36
CA LEU A 44 1.66 9.07 -11.16
C LEU A 44 2.71 10.16 -11.54
N ARG A 45 3.66 9.78 -12.42
CA ARG A 45 4.67 10.72 -12.98
C ARG A 45 4.02 11.80 -13.88
N GLY A 46 2.89 11.45 -14.53
CA GLY A 46 2.12 12.40 -15.36
C GLY A 46 1.06 13.19 -14.58
N GLY A 47 0.90 12.87 -13.27
CA GLY A 47 -0.09 13.52 -12.40
C GLY A 47 -1.56 13.15 -12.69
N GLU A 48 -1.76 12.07 -13.47
CA GLU A 48 -3.10 11.59 -13.88
C GLU A 48 -3.84 10.90 -12.70
N ILE A 49 -3.08 10.25 -11.80
CA ILE A 49 -3.64 9.61 -10.58
C ILE A 49 -3.04 10.24 -9.30
N SER A 50 -3.78 10.11 -8.19
CA SER A 50 -3.35 10.60 -6.86
C SER A 50 -2.52 9.53 -6.14
N VAL A 51 -1.82 9.94 -5.05
CA VAL A 51 -0.95 9.03 -4.27
C VAL A 51 -1.78 7.91 -3.59
N ARG A 52 -2.91 8.29 -2.95
CA ARG A 52 -3.82 7.32 -2.27
C ARG A 52 -4.36 6.25 -3.26
N ASP A 53 -4.71 6.71 -4.47
CA ASP A 53 -5.19 5.85 -5.57
C ASP A 53 -4.04 4.97 -6.16
N PHE A 54 -2.80 5.50 -6.17
CA PHE A 54 -1.62 4.75 -6.62
C PHE A 54 -1.34 3.54 -5.69
N VAL A 55 -1.44 3.78 -4.36
CA VAL A 55 -1.25 2.72 -3.35
C VAL A 55 -2.33 1.62 -3.50
N ARG A 56 -3.56 2.05 -3.85
CA ARG A 56 -4.66 1.13 -4.21
C ARG A 56 -4.25 0.17 -5.33
N ALA A 57 -3.68 0.73 -6.43
CA ALA A 57 -3.21 -0.07 -7.60
C ALA A 57 -2.19 -1.15 -7.20
N VAL A 58 -1.17 -0.75 -6.40
CA VAL A 58 -0.08 -1.65 -5.96
C VAL A 58 -0.64 -2.76 -5.01
N ALA A 59 -1.61 -2.39 -4.16
CA ALA A 59 -2.29 -3.35 -3.26
C ALA A 59 -3.36 -4.21 -4.00
N LEU A 60 -3.81 -3.76 -5.19
CA LEU A 60 -4.73 -4.53 -6.07
C LEU A 60 -3.98 -5.37 -7.11
N SER A 61 -2.64 -5.24 -7.17
CA SER A 61 -1.82 -5.93 -8.20
C SER A 61 -1.84 -7.46 -8.00
N GLU A 62 -1.73 -8.19 -9.12
CA GLU A 62 -1.63 -9.67 -9.12
C GLU A 62 -0.25 -10.12 -8.52
N LEU A 63 0.77 -9.24 -8.63
CA LEU A 63 2.11 -9.45 -8.04
C LEU A 63 2.04 -9.51 -6.49
N TYR A 64 1.26 -8.58 -5.89
CA TYR A 64 1.05 -8.53 -4.42
C TYR A 64 0.09 -9.64 -3.93
N ARG A 65 -1.07 -9.72 -4.59
CA ARG A 65 -2.17 -10.63 -4.20
C ARG A 65 -1.74 -12.11 -4.22
N GLU A 66 -1.19 -12.59 -5.36
CA GLU A 66 -0.79 -14.01 -5.52
C GLU A 66 0.41 -14.39 -4.61
N LYS A 67 1.37 -13.46 -4.45
CA LYS A 67 2.59 -13.68 -3.61
C LYS A 67 2.24 -13.86 -2.11
N PHE A 68 1.44 -12.94 -1.54
CA PHE A 68 1.17 -12.93 -0.07
C PHE A 68 -0.11 -13.71 0.34
N PHE A 69 -0.96 -14.08 -0.62
CA PHE A 69 -2.12 -14.98 -0.35
C PHE A 69 -1.75 -16.48 -0.53
N HIS A 70 -0.93 -16.82 -1.55
CA HIS A 70 -0.60 -18.24 -1.89
C HIS A 70 0.66 -18.74 -1.16
N ASN A 71 1.65 -17.86 -0.95
CA ASN A 71 2.93 -18.22 -0.25
C ASN A 71 2.80 -18.00 1.29
N ASN A 72 1.65 -17.44 1.72
CA ASN A 72 1.38 -17.06 3.12
C ASN A 72 -0.09 -17.37 3.49
N ALA A 73 -0.35 -17.59 4.79
CA ALA A 73 -1.70 -17.83 5.34
C ALA A 73 -2.58 -16.54 5.29
N HIS A 74 -3.88 -16.68 4.95
CA HIS A 74 -4.81 -15.53 4.81
C HIS A 74 -4.95 -14.69 6.11
N ASN A 75 -4.93 -15.35 7.28
CA ASN A 75 -4.92 -14.65 8.60
C ASN A 75 -3.70 -13.69 8.71
N ARG A 76 -2.52 -14.20 8.31
CA ARG A 76 -1.27 -13.41 8.22
C ARG A 76 -1.33 -12.37 7.06
N PHE A 77 -2.09 -12.67 5.98
CA PHE A 77 -2.26 -11.74 4.84
C PHE A 77 -3.06 -10.48 5.27
N ILE A 78 -4.05 -10.67 6.16
CA ILE A 78 -4.81 -9.56 6.79
C ILE A 78 -3.89 -8.74 7.72
N GLU A 79 -3.06 -9.44 8.51
CA GLU A 79 -2.05 -8.82 9.40
C GLU A 79 -1.03 -7.96 8.62
N LEU A 80 -0.62 -8.50 7.47
CA LEU A 80 0.28 -7.81 6.54
C LEU A 80 -0.44 -6.59 5.93
N ASN A 81 -1.63 -6.81 5.34
CA ASN A 81 -2.41 -5.77 4.64
C ASN A 81 -2.70 -4.55 5.57
N PHE A 82 -2.86 -4.82 6.87
CA PHE A 82 -3.02 -3.80 7.94
C PHE A 82 -1.75 -2.96 8.16
N LYS A 83 -0.58 -3.60 8.33
CA LYS A 83 0.70 -2.86 8.50
C LYS A 83 1.13 -2.16 7.19
N HIS A 84 0.64 -2.67 6.05
CA HIS A 84 0.93 -2.09 4.71
C HIS A 84 0.09 -0.80 4.45
N LEU A 85 -1.23 -0.86 4.71
CA LEU A 85 -2.17 0.24 4.34
C LEU A 85 -2.66 1.05 5.57
N LEU A 86 -2.74 0.44 6.75
CA LEU A 86 -3.22 1.13 8.00
C LEU A 86 -2.10 1.31 9.05
N GLY A 87 -0.87 0.83 8.75
CA GLY A 87 0.31 0.99 9.62
C GLY A 87 0.16 0.43 11.05
N ARG A 88 -0.72 -0.58 11.22
CA ARG A 88 -1.03 -1.19 12.53
C ARG A 88 -1.19 -2.73 12.43
N ALA A 89 -1.29 -3.39 13.60
CA ALA A 89 -1.40 -4.86 13.72
C ALA A 89 -2.81 -5.27 14.23
N PRO A 90 -3.59 -6.11 13.47
CA PRO A 90 -4.93 -6.56 13.90
C PRO A 90 -4.84 -7.78 14.85
N TYR A 91 -4.50 -7.48 16.11
CA TYR A 91 -4.50 -8.48 17.20
C TYR A 91 -5.95 -8.85 17.61
N ASP A 92 -6.89 -7.95 17.27
CA ASP A 92 -8.33 -8.15 17.51
C ASP A 92 -8.90 -9.19 16.52
N GLN A 93 -9.39 -10.33 17.03
CA GLN A 93 -10.02 -11.38 16.19
C GLN A 93 -11.33 -10.90 15.53
N ALA A 94 -12.04 -9.95 16.17
CA ALA A 94 -13.22 -9.28 15.58
C ALA A 94 -12.84 -8.43 14.34
N GLU A 95 -11.68 -7.78 14.43
CA GLU A 95 -11.12 -6.94 13.35
C GLU A 95 -10.69 -7.81 12.13
N VAL A 96 -9.98 -8.93 12.43
CA VAL A 96 -9.51 -9.90 11.41
C VAL A 96 -10.71 -10.57 10.69
N ALA A 97 -11.68 -11.07 11.48
CA ALA A 97 -12.89 -11.75 10.98
C ALA A 97 -13.79 -10.82 10.13
N ALA A 98 -13.83 -9.51 10.51
CA ALA A 98 -14.60 -8.48 9.77
C ALA A 98 -14.06 -8.28 8.33
N HIS A 99 -12.73 -8.13 8.23
CA HIS A 99 -12.04 -7.95 6.94
C HIS A 99 -11.96 -9.26 6.14
N ALA A 100 -11.91 -10.40 6.83
CA ALA A 100 -12.03 -11.74 6.20
C ALA A 100 -13.39 -11.95 5.53
N ALA A 101 -14.46 -11.49 6.21
CA ALA A 101 -15.85 -11.59 5.71
C ALA A 101 -16.07 -10.66 4.48
N THR A 102 -15.45 -9.47 4.53
CA THR A 102 -15.45 -8.51 3.38
C THR A 102 -14.69 -9.11 2.18
N TYR A 103 -13.53 -9.69 2.47
CA TYR A 103 -12.67 -10.42 1.50
C TYR A 103 -13.44 -11.57 0.78
N HIS A 104 -14.12 -12.42 1.57
CA HIS A 104 -14.79 -13.64 1.04
C HIS A 104 -16.12 -13.32 0.31
N SER A 105 -16.93 -12.40 0.88
CA SER A 105 -18.28 -12.09 0.32
C SER A 105 -18.23 -11.03 -0.83
N HIS A 106 -17.34 -10.04 -0.70
CA HIS A 106 -17.26 -8.89 -1.66
C HIS A 106 -16.01 -8.98 -2.58
N GLY A 107 -15.04 -9.84 -2.24
CA GLY A 107 -13.79 -9.98 -3.00
C GLY A 107 -12.62 -9.23 -2.34
N TYR A 108 -11.39 -9.70 -2.61
CA TYR A 108 -10.14 -9.10 -2.06
C TYR A 108 -10.01 -7.60 -2.39
N ASP A 109 -10.49 -7.25 -3.59
CA ASP A 109 -10.44 -5.89 -4.14
C ASP A 109 -11.26 -4.88 -3.30
N ALA A 110 -12.47 -5.29 -2.86
CA ALA A 110 -13.33 -4.48 -1.99
C ALA A 110 -12.73 -4.31 -0.58
N ASP A 111 -12.04 -5.38 -0.08
CA ASP A 111 -11.32 -5.36 1.20
C ASP A 111 -10.17 -4.33 1.16
N ILE A 112 -9.34 -4.37 0.09
CA ILE A 112 -8.22 -3.41 -0.11
C ILE A 112 -8.72 -1.95 -0.11
N ASN A 113 -9.79 -1.71 -0.90
CA ASN A 113 -10.41 -0.37 -1.04
C ASN A 113 -10.99 0.15 0.30
N SER A 114 -11.43 -0.77 1.19
CA SER A 114 -11.87 -0.42 2.56
C SER A 114 -10.74 0.27 3.37
N TYR A 115 -9.49 -0.22 3.20
CA TYR A 115 -8.30 0.36 3.87
C TYR A 115 -7.92 1.71 3.22
N ILE A 116 -8.04 1.77 1.88
CA ILE A 116 -7.72 2.97 1.08
C ILE A 116 -8.69 4.15 1.41
N ASP A 117 -9.95 3.80 1.68
CA ASP A 117 -11.02 4.77 1.98
C ASP A 117 -11.06 5.13 3.50
N SER A 118 -10.19 4.50 4.33
CA SER A 118 -10.19 4.75 5.79
C SER A 118 -9.74 6.19 6.11
N ALA A 119 -10.49 6.87 6.98
CA ALA A 119 -10.17 8.25 7.42
C ALA A 119 -8.83 8.33 8.19
N GLU A 120 -8.51 7.26 8.95
CA GLU A 120 -7.20 7.11 9.63
C GLU A 120 -6.03 7.08 8.61
N TYR A 121 -6.26 6.42 7.47
CA TYR A 121 -5.26 6.29 6.40
C TYR A 121 -5.08 7.62 5.62
N THR A 122 -6.20 8.21 5.22
CA THR A 122 -6.24 9.48 4.44
C THR A 122 -5.67 10.66 5.25
N GLU A 123 -5.92 10.68 6.56
CA GLU A 123 -5.42 11.74 7.47
C GLU A 123 -4.02 11.43 8.06
N SER A 124 -3.90 10.42 8.94
CA SER A 124 -2.63 10.16 9.69
C SER A 124 -1.45 9.78 8.77
N PHE A 125 -1.74 9.04 7.69
CA PHE A 125 -0.73 8.65 6.67
C PHE A 125 -0.83 9.53 5.41
N GLY A 126 -1.72 10.56 5.45
CA GLY A 126 -1.85 11.59 4.40
C GLY A 126 -2.24 11.07 3.00
N ASP A 127 -3.28 11.64 2.39
CA ASP A 127 -3.77 11.25 1.04
C ASP A 127 -2.70 11.50 -0.06
N ASN A 128 -1.82 12.49 0.18
CA ASN A 128 -0.67 12.81 -0.70
C ASN A 128 0.66 12.20 -0.16
N VAL A 129 0.60 11.60 1.05
CA VAL A 129 1.78 11.07 1.78
C VAL A 129 1.84 9.51 1.63
N VAL A 130 3.07 9.00 1.54
CA VAL A 130 3.37 7.56 1.45
C VAL A 130 3.18 6.91 2.84
N PRO A 131 2.50 5.69 2.92
CA PRO A 131 2.28 4.96 4.20
C PRO A 131 3.59 4.75 5.03
N TYR A 132 3.51 5.03 6.35
CA TYR A 132 4.56 4.69 7.32
C TYR A 132 3.98 3.75 8.41
N PHE A 133 4.85 3.16 9.25
CA PHE A 133 4.39 2.34 10.41
C PHE A 133 4.17 3.27 11.65
N ARG A 134 3.03 3.10 12.35
CA ARG A 134 2.80 3.82 13.63
C ARG A 134 3.57 3.12 14.78
N GLY A 135 2.91 2.18 15.50
CA GLY A 135 3.52 1.49 16.64
C GLY A 135 3.69 2.37 17.89
N LEU A 136 4.51 3.42 17.75
CA LEU A 136 4.83 4.37 18.81
C LEU A 136 3.71 5.44 18.95
N GLU A 137 2.56 4.98 19.50
CA GLU A 137 1.39 5.81 19.87
C GLU A 137 0.75 6.56 18.66
N HIS A 138 1.26 7.78 18.34
CA HIS A 138 0.65 8.74 17.37
C HIS A 138 -0.78 9.19 17.79
N HIS A 139 -0.85 10.37 18.43
CA HIS A 139 -2.12 11.08 18.77
C HIS A 139 -2.75 11.74 17.50
N HIS A 140 -3.68 12.70 17.74
CA HIS A 140 -4.28 13.59 16.71
C HIS A 140 -5.27 12.84 15.76
N HIS A 141 -6.01 13.63 14.95
CA HIS A 141 -7.02 13.14 13.97
C HIS A 141 -8.24 12.45 14.65
N HIS A 142 -8.03 11.20 15.14
CA HIS A 142 -9.05 10.38 15.83
C HIS A 142 -10.26 10.00 14.94
N HIS A 143 -10.10 10.11 13.61
CA HIS A 143 -11.16 9.82 12.62
C HIS A 143 -10.85 8.51 11.88
N MET A 1 9.66 7.80 7.51
CA MET A 1 9.59 9.19 7.00
C MET A 1 8.36 9.39 6.07
N PRO A 2 7.42 10.34 6.41
CA PRO A 2 6.23 10.62 5.56
C PRO A 2 6.59 11.45 4.29
N LEU A 3 6.83 10.75 3.17
CA LEU A 3 7.30 11.35 1.89
C LEU A 3 6.06 11.80 1.06
N GLU A 4 5.99 13.08 0.67
CA GLU A 4 4.79 13.63 -0.05
C GLU A 4 5.16 14.16 -1.46
N TRP A 5 4.23 13.93 -2.41
CA TRP A 5 4.30 14.49 -3.77
C TRP A 5 3.40 15.73 -3.89
N ARG A 6 3.88 16.73 -4.64
CA ARG A 6 3.11 17.95 -4.97
C ARG A 6 3.25 18.30 -6.46
N ALA A 7 2.36 19.17 -6.96
CA ALA A 7 2.39 19.62 -8.38
C ALA A 7 3.71 20.35 -8.72
N GLY A 8 4.35 19.96 -9.84
CA GLY A 8 5.64 20.54 -10.27
C GLY A 8 6.88 19.77 -9.77
N ALA A 9 6.67 18.73 -8.93
CA ALA A 9 7.77 17.89 -8.39
C ALA A 9 8.41 16.99 -9.48
N SER A 10 9.69 16.62 -9.26
CA SER A 10 10.53 15.92 -10.26
C SER A 10 10.30 14.39 -10.28
N SER A 11 10.80 13.74 -11.35
CA SER A 11 10.75 12.27 -11.54
C SER A 11 11.51 11.51 -10.42
N ASP A 12 12.57 12.14 -9.88
CA ASP A 12 13.36 11.61 -8.74
C ASP A 12 12.46 11.38 -7.50
N GLU A 13 11.59 12.38 -7.22
CA GLU A 13 10.62 12.34 -6.11
C GLU A 13 9.61 11.18 -6.28
N ILE A 14 9.04 11.10 -7.48
CA ILE A 14 7.95 10.16 -7.81
C ILE A 14 8.44 8.69 -7.80
N ASN A 15 9.61 8.43 -8.40
CA ASN A 15 10.22 7.06 -8.45
C ASN A 15 10.67 6.58 -7.04
N ALA A 16 11.14 7.52 -6.21
CA ALA A 16 11.43 7.25 -4.78
C ALA A 16 10.14 6.83 -4.02
N ILE A 17 9.03 7.54 -4.33
CA ILE A 17 7.68 7.21 -3.81
C ILE A 17 7.18 5.85 -4.33
N ILE A 18 7.42 5.55 -5.62
CA ILE A 18 6.99 4.28 -6.25
C ILE A 18 7.59 3.07 -5.51
N ARG A 19 8.90 3.10 -5.26
CA ARG A 19 9.59 2.05 -4.49
C ARG A 19 9.20 2.08 -3.00
N ALA A 20 8.91 3.26 -2.46
CA ALA A 20 8.48 3.42 -1.05
C ALA A 20 7.08 2.80 -0.80
N VAL A 21 6.23 2.81 -1.85
CA VAL A 21 4.91 2.16 -1.85
C VAL A 21 5.06 0.64 -2.05
N TYR A 22 5.78 0.23 -3.11
CA TYR A 22 6.07 -1.19 -3.43
C TYR A 22 6.74 -1.94 -2.23
N ARG A 23 7.72 -1.30 -1.60
CA ARG A 23 8.48 -1.88 -0.45
C ARG A 23 7.61 -1.89 0.84
N GLN A 24 6.68 -0.94 0.95
CA GLN A 24 5.70 -0.88 2.07
C GLN A 24 4.63 -1.99 1.93
N VAL A 25 4.10 -2.14 0.70
CA VAL A 25 2.99 -3.07 0.39
C VAL A 25 3.47 -4.54 0.30
N LEU A 26 4.65 -4.80 -0.28
CA LEU A 26 5.18 -6.19 -0.42
C LEU A 26 6.25 -6.52 0.67
N GLY A 27 6.80 -5.49 1.33
CA GLY A 27 7.69 -5.69 2.49
C GLY A 27 9.16 -6.00 2.12
N ASN A 28 9.41 -7.20 1.59
CA ASN A 28 10.78 -7.74 1.35
C ASN A 28 11.39 -7.22 0.01
N ASP A 29 11.62 -5.89 -0.05
CA ASP A 29 12.08 -5.16 -1.26
C ASP A 29 11.33 -5.57 -2.56
N TYR A 30 10.01 -5.84 -2.41
CA TYR A 30 9.02 -6.09 -3.50
C TYR A 30 9.47 -7.07 -4.63
N VAL A 31 8.69 -7.09 -5.73
CA VAL A 31 9.02 -7.85 -6.97
C VAL A 31 9.67 -6.92 -8.04
N MET A 32 8.83 -6.09 -8.71
CA MET A 32 9.22 -5.19 -9.83
C MET A 32 9.63 -5.95 -11.13
N SER A 33 10.63 -6.86 -11.04
CA SER A 33 11.13 -7.66 -12.19
C SER A 33 10.07 -8.66 -12.71
N THR A 34 9.12 -8.13 -13.52
CA THR A 34 7.93 -8.85 -14.06
C THR A 34 7.02 -7.81 -14.79
N GLU A 35 5.80 -8.23 -15.20
CA GLU A 35 4.73 -7.29 -15.57
C GLU A 35 4.16 -6.63 -14.29
N ARG A 36 4.85 -5.57 -13.82
CA ARG A 36 4.42 -4.77 -12.65
C ARG A 36 3.37 -3.70 -13.08
N LEU A 37 2.94 -2.84 -12.14
CA LEU A 37 1.89 -1.82 -12.42
C LEU A 37 2.51 -0.54 -13.02
N THR A 38 3.16 -0.70 -14.20
CA THR A 38 3.84 0.40 -14.93
C THR A 38 2.85 1.49 -15.39
N SER A 39 1.61 1.07 -15.68
CA SER A 39 0.49 1.98 -16.01
C SER A 39 0.17 2.91 -14.82
N ALA A 40 -0.01 2.32 -13.62
CA ALA A 40 -0.31 3.10 -12.37
C ALA A 40 0.87 4.05 -11.99
N GLU A 41 2.11 3.57 -12.20
CA GLU A 41 3.35 4.38 -12.03
C GLU A 41 3.37 5.61 -12.96
N SER A 42 3.12 5.39 -14.26
CA SER A 42 3.11 6.47 -15.29
C SER A 42 1.96 7.48 -15.05
N LEU A 43 0.85 7.01 -14.42
CA LEU A 43 -0.23 7.91 -13.95
C LEU A 43 0.25 8.83 -12.80
N LEU A 44 0.99 8.27 -11.83
CA LEU A 44 1.58 9.05 -10.70
C LEU A 44 2.67 10.04 -11.23
N ARG A 45 3.40 9.61 -12.28
CA ARG A 45 4.43 10.42 -12.96
C ARG A 45 3.82 11.57 -13.79
N GLY A 46 2.71 11.27 -14.48
CA GLY A 46 2.01 12.25 -15.33
C GLY A 46 1.04 13.18 -14.58
N GLY A 47 0.89 12.96 -13.26
CA GLY A 47 -0.04 13.74 -12.43
C GLY A 47 -1.51 13.39 -12.63
N GLU A 48 -1.75 12.18 -13.15
CA GLU A 48 -3.11 11.65 -13.37
C GLU A 48 -3.75 11.09 -12.07
N ILE A 49 -2.92 10.49 -11.18
CA ILE A 49 -3.35 10.05 -9.82
C ILE A 49 -2.39 10.61 -8.74
N SER A 50 -2.86 10.61 -7.48
CA SER A 50 -2.03 10.96 -6.30
C SER A 50 -1.49 9.67 -5.61
N VAL A 51 -0.59 9.88 -4.62
CA VAL A 51 0.19 8.79 -3.97
C VAL A 51 -0.68 7.71 -3.30
N ARG A 52 -1.69 8.15 -2.53
CA ARG A 52 -2.60 7.26 -1.77
C ARG A 52 -3.39 6.30 -2.72
N ASP A 53 -3.75 6.82 -3.90
CA ASP A 53 -4.44 6.05 -4.96
C ASP A 53 -3.47 5.01 -5.59
N PHE A 54 -2.18 5.34 -5.62
CA PHE A 54 -1.12 4.40 -6.06
C PHE A 54 -0.84 3.30 -4.98
N VAL A 55 -0.93 3.68 -3.68
CA VAL A 55 -0.83 2.72 -2.53
C VAL A 55 -2.00 1.69 -2.63
N ARG A 56 -3.16 2.20 -3.05
CA ARG A 56 -4.34 1.39 -3.38
C ARG A 56 -4.05 0.41 -4.52
N ALA A 57 -3.53 0.95 -5.66
CA ALA A 57 -3.26 0.17 -6.89
C ALA A 57 -2.30 -1.03 -6.66
N VAL A 58 -1.18 -0.78 -5.96
CA VAL A 58 -0.16 -1.81 -5.66
C VAL A 58 -0.70 -2.89 -4.67
N ALA A 59 -1.64 -2.49 -3.79
CA ALA A 59 -2.39 -3.43 -2.93
C ALA A 59 -3.52 -4.18 -3.69
N LEU A 60 -3.98 -3.59 -4.83
CA LEU A 60 -4.95 -4.23 -5.76
C LEU A 60 -4.23 -5.13 -6.78
N SER A 61 -2.89 -5.14 -6.74
CA SER A 61 -2.05 -5.96 -7.61
C SER A 61 -2.35 -7.47 -7.47
N GLU A 62 -2.45 -8.15 -8.62
CA GLU A 62 -2.58 -9.62 -8.67
C GLU A 62 -1.25 -10.28 -8.26
N LEU A 63 -0.12 -9.56 -8.48
CA LEU A 63 1.22 -9.97 -7.98
C LEU A 63 1.24 -10.04 -6.43
N TYR A 64 0.62 -9.03 -5.78
CA TYR A 64 0.49 -8.94 -4.31
C TYR A 64 -0.47 -10.04 -3.76
N ARG A 65 -1.62 -10.24 -4.45
CA ARG A 65 -2.61 -11.26 -4.02
C ARG A 65 -2.04 -12.68 -4.17
N GLU A 66 -1.47 -12.99 -5.35
CA GLU A 66 -0.99 -14.36 -5.68
C GLU A 66 0.10 -14.81 -4.68
N LYS A 67 1.10 -13.93 -4.48
CA LYS A 67 2.27 -14.21 -3.62
C LYS A 67 1.91 -14.30 -2.10
N PHE A 68 1.15 -13.32 -1.58
CA PHE A 68 0.89 -13.21 -0.11
C PHE A 68 -0.41 -13.92 0.36
N PHE A 69 -1.34 -14.23 -0.56
CA PHE A 69 -2.55 -15.06 -0.25
C PHE A 69 -2.32 -16.58 -0.47
N HIS A 70 -1.63 -16.97 -1.58
CA HIS A 70 -1.47 -18.40 -1.94
C HIS A 70 -0.17 -19.03 -1.37
N ASN A 71 0.94 -18.27 -1.32
CA ASN A 71 2.24 -18.77 -0.76
C ASN A 71 2.31 -18.51 0.78
N ASN A 72 1.42 -17.65 1.27
CA ASN A 72 1.29 -17.29 2.71
C ASN A 72 -0.16 -17.54 3.18
N ALA A 73 -0.37 -17.77 4.48
CA ALA A 73 -1.71 -18.00 5.07
C ALA A 73 -2.56 -16.70 5.04
N HIS A 74 -3.87 -16.81 4.72
CA HIS A 74 -4.76 -15.64 4.56
C HIS A 74 -4.88 -14.80 5.85
N ASN A 75 -5.02 -15.47 7.01
CA ASN A 75 -5.05 -14.79 8.34
C ASN A 75 -3.78 -13.92 8.55
N ARG A 76 -2.62 -14.45 8.11
CA ARG A 76 -1.33 -13.72 8.14
C ARG A 76 -1.29 -12.59 7.08
N PHE A 77 -1.94 -12.82 5.92
CA PHE A 77 -2.09 -11.82 4.81
C PHE A 77 -2.91 -10.59 5.27
N ILE A 78 -3.87 -10.82 6.19
CA ILE A 78 -4.68 -9.74 6.81
C ILE A 78 -3.79 -8.92 7.77
N GLU A 79 -2.98 -9.61 8.58
CA GLU A 79 -1.96 -8.97 9.47
C GLU A 79 -0.98 -8.10 8.66
N LEU A 80 -0.62 -8.61 7.46
CA LEU A 80 0.20 -7.88 6.49
C LEU A 80 -0.58 -6.66 5.90
N ASN A 81 -1.85 -6.87 5.53
CA ASN A 81 -2.71 -5.86 4.86
C ASN A 81 -2.77 -4.52 5.67
N PHE A 82 -3.01 -4.65 6.99
CA PHE A 82 -3.09 -3.51 7.94
C PHE A 82 -1.75 -2.74 8.06
N LYS A 83 -0.64 -3.48 8.26
CA LYS A 83 0.71 -2.87 8.45
C LYS A 83 1.28 -2.31 7.12
N HIS A 84 0.84 -2.89 5.98
CA HIS A 84 1.29 -2.49 4.63
C HIS A 84 0.57 -1.26 4.09
N LEU A 85 -0.69 -1.01 4.50
CA LEU A 85 -1.44 0.19 4.02
C LEU A 85 -1.51 1.33 5.06
N LEU A 86 -1.55 1.01 6.36
CA LEU A 86 -1.71 2.03 7.44
C LEU A 86 -0.45 2.08 8.34
N GLY A 87 0.07 0.89 8.68
CA GLY A 87 1.18 0.75 9.63
C GLY A 87 0.71 0.35 11.04
N ARG A 88 -0.24 -0.60 11.10
CA ARG A 88 -0.82 -1.12 12.36
C ARG A 88 -0.89 -2.67 12.37
N ALA A 89 -1.11 -3.25 13.56
CA ALA A 89 -1.24 -4.71 13.74
C ALA A 89 -2.67 -5.05 14.21
N PRO A 90 -3.46 -5.88 13.44
CA PRO A 90 -4.84 -6.26 13.83
C PRO A 90 -4.83 -7.29 14.99
N TYR A 91 -4.80 -6.75 16.22
CA TYR A 91 -4.74 -7.55 17.47
C TYR A 91 -6.11 -8.17 17.80
N ASP A 92 -7.21 -7.54 17.32
CA ASP A 92 -8.57 -8.09 17.49
C ASP A 92 -8.82 -9.20 16.47
N GLN A 93 -9.10 -10.40 16.97
CA GLN A 93 -9.48 -11.56 16.14
C GLN A 93 -10.85 -11.32 15.45
N ALA A 94 -11.71 -10.52 16.10
CA ALA A 94 -12.99 -10.06 15.50
C ALA A 94 -12.74 -9.17 14.26
N GLU A 95 -11.69 -8.32 14.35
CA GLU A 95 -11.26 -7.41 13.25
C GLU A 95 -10.62 -8.20 12.07
N VAL A 96 -9.79 -9.20 12.40
CA VAL A 96 -9.12 -10.08 11.41
C VAL A 96 -10.17 -10.92 10.63
N ALA A 97 -11.06 -11.60 11.40
CA ALA A 97 -12.14 -12.45 10.86
C ALA A 97 -13.20 -11.64 10.06
N ALA A 98 -13.42 -10.38 10.45
CA ALA A 98 -14.34 -9.46 9.73
C ALA A 98 -13.83 -9.15 8.31
N HIS A 99 -12.54 -8.79 8.22
CA HIS A 99 -11.87 -8.50 6.93
C HIS A 99 -11.61 -9.77 6.11
N ALA A 100 -11.46 -10.92 6.79
CA ALA A 100 -11.45 -12.25 6.13
C ALA A 100 -12.75 -12.50 5.36
N ALA A 101 -13.88 -12.26 6.04
CA ALA A 101 -15.23 -12.40 5.46
C ALA A 101 -15.45 -11.43 4.26
N THR A 102 -14.97 -10.18 4.41
CA THR A 102 -15.11 -9.12 3.36
C THR A 102 -14.31 -9.50 2.10
N TYR A 103 -13.05 -9.93 2.31
CA TYR A 103 -12.14 -10.41 1.26
C TYR A 103 -12.75 -11.59 0.44
N HIS A 104 -13.18 -12.65 1.14
CA HIS A 104 -13.70 -13.88 0.48
C HIS A 104 -15.10 -13.67 -0.15
N SER A 105 -15.89 -12.71 0.37
CA SER A 105 -17.26 -12.45 -0.14
C SER A 105 -17.29 -11.51 -1.39
N HIS A 106 -16.47 -10.45 -1.40
CA HIS A 106 -16.45 -9.43 -2.51
C HIS A 106 -15.11 -9.33 -3.28
N GLY A 107 -14.09 -10.04 -2.82
CA GLY A 107 -12.74 -10.00 -3.43
C GLY A 107 -11.79 -9.05 -2.70
N TYR A 108 -10.49 -9.08 -3.09
CA TYR A 108 -9.44 -8.18 -2.51
C TYR A 108 -9.79 -6.70 -2.69
N ASP A 109 -10.53 -6.37 -3.76
CA ASP A 109 -10.83 -4.99 -4.15
C ASP A 109 -11.66 -4.27 -3.05
N ALA A 110 -12.77 -4.88 -2.63
CA ALA A 110 -13.67 -4.30 -1.60
C ALA A 110 -12.98 -4.18 -0.22
N ASP A 111 -12.06 -5.11 0.07
CA ASP A 111 -11.34 -5.14 1.35
C ASP A 111 -10.26 -4.01 1.41
N ILE A 112 -9.35 -4.01 0.40
CA ILE A 112 -8.20 -3.07 0.31
C ILE A 112 -8.65 -1.59 0.21
N ASN A 113 -9.63 -1.31 -0.67
CA ASN A 113 -10.13 0.06 -0.91
C ASN A 113 -10.78 0.67 0.37
N SER A 114 -11.33 -0.20 1.25
CA SER A 114 -11.87 0.22 2.57
C SER A 114 -10.77 0.86 3.47
N TYR A 115 -9.54 0.33 3.41
CA TYR A 115 -8.40 0.90 4.20
C TYR A 115 -7.95 2.25 3.61
N ILE A 116 -7.94 2.32 2.26
CA ILE A 116 -7.41 3.47 1.50
C ILE A 116 -8.34 4.71 1.58
N ASP A 117 -9.64 4.48 1.45
CA ASP A 117 -10.65 5.55 1.46
C ASP A 117 -11.24 5.80 2.88
N SER A 118 -10.71 5.07 3.90
CA SER A 118 -11.11 5.24 5.32
C SER A 118 -10.83 6.67 5.81
N ALA A 119 -11.79 7.28 6.54
CA ALA A 119 -11.71 8.70 6.97
C ALA A 119 -10.44 8.98 7.82
N GLU A 120 -10.22 8.14 8.84
CA GLU A 120 -9.05 8.24 9.75
C GLU A 120 -7.70 8.11 9.02
N TYR A 121 -7.65 7.26 7.97
CA TYR A 121 -6.45 7.05 7.15
C TYR A 121 -6.18 8.24 6.20
N THR A 122 -7.21 8.64 5.42
CA THR A 122 -7.07 9.65 4.33
C THR A 122 -6.77 11.06 4.91
N GLU A 123 -7.39 11.40 6.05
CA GLU A 123 -7.14 12.69 6.75
C GLU A 123 -5.74 12.75 7.42
N SER A 124 -5.28 11.63 8.01
CA SER A 124 -3.99 11.60 8.76
C SER A 124 -2.75 11.39 7.84
N PHE A 125 -2.92 10.61 6.76
CA PHE A 125 -1.83 10.28 5.80
C PHE A 125 -2.01 10.99 4.45
N GLY A 126 -3.04 11.85 4.34
CA GLY A 126 -3.32 12.62 3.09
C GLY A 126 -3.60 11.75 1.86
N ASP A 127 -3.88 12.42 0.73
CA ASP A 127 -3.92 11.79 -0.61
C ASP A 127 -2.53 11.81 -1.30
N ASN A 128 -1.61 12.69 -0.82
CA ASN A 128 -0.27 12.91 -1.43
C ASN A 128 0.90 12.35 -0.58
N VAL A 129 0.65 11.91 0.66
CA VAL A 129 1.72 11.47 1.58
C VAL A 129 1.80 9.91 1.64
N VAL A 130 3.03 9.36 1.68
CA VAL A 130 3.25 7.89 1.83
C VAL A 130 3.08 7.50 3.32
N PRO A 131 2.23 6.47 3.65
CA PRO A 131 2.06 5.98 5.04
C PRO A 131 3.31 5.25 5.60
N TYR A 132 3.34 5.06 6.93
CA TYR A 132 4.51 4.51 7.65
C TYR A 132 4.09 3.52 8.77
N PHE A 133 4.97 2.54 9.07
CA PHE A 133 4.72 1.51 10.10
C PHE A 133 5.07 2.03 11.52
N ARG A 134 4.17 1.74 12.48
CA ARG A 134 4.38 2.02 13.91
C ARG A 134 5.02 0.79 14.59
N GLY A 135 6.32 0.89 14.95
CA GLY A 135 7.04 -0.21 15.60
C GLY A 135 8.52 0.08 15.83
N LEU A 136 9.34 -0.20 14.79
CA LEU A 136 10.83 -0.08 14.87
C LEU A 136 11.47 0.13 13.47
N GLU A 137 12.79 0.41 13.46
CA GLU A 137 13.60 0.57 12.23
C GLU A 137 15.04 0.05 12.43
N HIS A 138 15.87 0.22 11.40
CA HIS A 138 17.32 -0.09 11.45
C HIS A 138 18.13 1.20 11.19
N HIS A 139 19.07 1.53 12.11
CA HIS A 139 20.02 2.66 11.93
C HIS A 139 21.02 2.35 10.79
N HIS A 140 21.39 1.07 10.66
CA HIS A 140 22.24 0.57 9.57
C HIS A 140 21.38 0.23 8.32
N HIS A 141 21.29 1.17 7.38
CA HIS A 141 20.46 1.04 6.16
C HIS A 141 21.25 0.35 5.02
N HIS A 142 22.45 0.91 4.70
CA HIS A 142 23.31 0.51 3.54
C HIS A 142 22.61 0.81 2.17
N HIS A 143 21.54 0.06 1.88
CA HIS A 143 20.63 0.32 0.72
C HIS A 143 19.47 1.26 1.13
N MET A 1 9.54 8.95 9.00
CA MET A 1 9.95 9.75 7.82
C MET A 1 9.02 9.46 6.60
N PRO A 2 7.82 10.14 6.51
CA PRO A 2 6.92 10.02 5.34
C PRO A 2 7.34 10.93 4.14
N LEU A 3 7.05 10.49 2.91
CA LEU A 3 7.35 11.27 1.68
C LEU A 3 6.02 11.79 1.08
N GLU A 4 5.89 13.10 0.86
CA GLU A 4 4.65 13.71 0.33
C GLU A 4 4.88 14.27 -1.09
N TRP A 5 3.90 14.04 -1.98
CA TRP A 5 3.95 14.54 -3.36
C TRP A 5 3.23 15.90 -3.47
N ARG A 6 3.80 16.75 -4.33
CA ARG A 6 3.31 18.11 -4.59
C ARG A 6 3.34 18.40 -6.10
N ALA A 7 2.51 19.36 -6.55
CA ALA A 7 2.53 19.86 -7.94
C ALA A 7 3.90 20.57 -8.22
N GLY A 8 4.52 20.25 -9.37
CA GLY A 8 5.84 20.80 -9.73
C GLY A 8 7.02 19.92 -9.32
N ALA A 9 6.75 18.78 -8.64
CA ALA A 9 7.79 17.81 -8.23
C ALA A 9 8.50 17.17 -9.45
N SER A 10 9.80 16.82 -9.28
CA SER A 10 10.66 16.30 -10.38
C SER A 10 10.42 14.80 -10.63
N SER A 11 10.89 14.28 -11.79
CA SER A 11 10.72 12.87 -12.19
C SER A 11 11.27 11.89 -11.13
N ASP A 12 12.51 12.13 -10.69
CA ASP A 12 13.22 11.28 -9.72
C ASP A 12 12.56 11.34 -8.31
N GLU A 13 11.94 12.51 -7.98
CA GLU A 13 11.12 12.64 -6.75
C GLU A 13 9.93 11.65 -6.76
N ILE A 14 9.20 11.62 -7.88
CA ILE A 14 8.00 10.76 -8.02
C ILE A 14 8.39 9.27 -8.10
N ASN A 15 9.52 8.95 -8.76
CA ASN A 15 10.06 7.55 -8.82
C ASN A 15 10.57 7.07 -7.43
N ALA A 16 11.06 8.01 -6.58
CA ALA A 16 11.44 7.72 -5.18
C ALA A 16 10.19 7.44 -4.31
N ILE A 17 9.09 8.18 -4.59
CA ILE A 17 7.75 7.95 -3.99
C ILE A 17 7.19 6.57 -4.38
N ILE A 18 7.28 6.25 -5.70
CA ILE A 18 6.89 4.93 -6.26
C ILE A 18 7.63 3.79 -5.53
N ARG A 19 8.96 3.95 -5.36
CA ARG A 19 9.83 2.98 -4.68
C ARG A 19 9.40 2.78 -3.20
N ALA A 20 9.04 3.90 -2.55
CA ALA A 20 8.56 3.89 -1.16
C ALA A 20 7.20 3.15 -1.03
N VAL A 21 6.30 3.33 -2.02
CA VAL A 21 4.94 2.73 -2.02
C VAL A 21 4.98 1.20 -2.24
N TYR A 22 5.71 0.73 -3.27
CA TYR A 22 5.87 -0.73 -3.55
C TYR A 22 6.48 -1.48 -2.34
N ARG A 23 7.58 -0.93 -1.78
CA ARG A 23 8.25 -1.52 -0.60
C ARG A 23 7.33 -1.47 0.66
N GLN A 24 6.48 -0.44 0.74
CA GLN A 24 5.46 -0.28 1.82
C GLN A 24 4.35 -1.37 1.73
N VAL A 25 3.87 -1.64 0.50
CA VAL A 25 2.76 -2.59 0.24
C VAL A 25 3.21 -4.06 0.40
N LEU A 26 4.47 -4.38 0.03
CA LEU A 26 5.01 -5.75 0.20
C LEU A 26 5.59 -5.96 1.61
N GLY A 27 6.23 -4.93 2.18
CA GLY A 27 7.03 -5.08 3.43
C GLY A 27 8.45 -5.65 3.16
N ASN A 28 8.59 -6.39 2.04
CA ASN A 28 9.87 -6.88 1.50
C ASN A 28 10.56 -5.77 0.65
N ASP A 29 11.84 -5.98 0.28
CA ASP A 29 12.66 -5.01 -0.50
C ASP A 29 11.94 -4.46 -1.77
N TYR A 30 11.69 -5.31 -2.81
CA TYR A 30 11.13 -4.81 -4.10
C TYR A 30 10.72 -5.92 -5.09
N VAL A 31 9.99 -5.51 -6.17
CA VAL A 31 9.63 -6.35 -7.34
C VAL A 31 10.01 -5.65 -8.68
N MET A 32 9.71 -4.33 -8.76
CA MET A 32 9.94 -3.49 -9.97
C MET A 32 11.40 -3.62 -10.49
N SER A 33 11.51 -4.40 -11.58
CA SER A 33 12.77 -4.92 -12.18
C SER A 33 12.35 -5.92 -13.27
N THR A 34 11.39 -6.79 -12.85
CA THR A 34 10.57 -7.62 -13.77
C THR A 34 9.31 -6.81 -14.21
N GLU A 35 8.36 -7.45 -14.93
CA GLU A 35 7.09 -6.81 -15.34
C GLU A 35 6.31 -6.29 -14.09
N ARG A 36 5.97 -4.99 -14.12
CA ARG A 36 5.35 -4.27 -12.98
C ARG A 36 4.35 -3.23 -13.53
N LEU A 37 3.59 -2.55 -12.65
CA LEU A 37 2.48 -1.64 -13.07
C LEU A 37 3.01 -0.28 -13.59
N THR A 38 3.72 -0.32 -14.73
CA THR A 38 4.35 0.86 -15.37
C THR A 38 3.35 1.97 -15.76
N SER A 39 2.11 1.58 -16.10
CA SER A 39 1.04 2.53 -16.49
C SER A 39 0.49 3.29 -15.25
N ALA A 40 0.31 2.58 -14.12
CA ALA A 40 -0.12 3.19 -12.83
C ALA A 40 0.94 4.19 -12.31
N GLU A 41 2.22 3.77 -12.42
CA GLU A 41 3.41 4.62 -12.18
C GLU A 41 3.40 5.88 -13.08
N SER A 42 3.09 5.70 -14.37
CA SER A 42 3.00 6.80 -15.36
C SER A 42 1.84 7.78 -15.06
N LEU A 43 0.75 7.27 -14.46
CA LEU A 43 -0.41 8.10 -14.04
C LEU A 43 -0.05 8.98 -12.81
N LEU A 44 0.76 8.44 -11.88
CA LEU A 44 1.26 9.23 -10.71
C LEU A 44 2.29 10.30 -11.17
N ARG A 45 3.22 9.87 -12.05
CA ARG A 45 4.23 10.75 -12.67
C ARG A 45 3.59 11.86 -13.54
N GLY A 46 2.46 11.52 -14.19
CA GLY A 46 1.70 12.48 -15.02
C GLY A 46 0.73 13.36 -14.23
N GLY A 47 0.57 13.06 -12.91
CA GLY A 47 -0.37 13.79 -12.04
C GLY A 47 -1.85 13.48 -12.30
N GLU A 48 -2.11 12.37 -13.01
CA GLU A 48 -3.47 11.94 -13.38
C GLU A 48 -4.21 11.30 -12.18
N ILE A 49 -3.45 10.61 -11.30
CA ILE A 49 -3.99 10.01 -10.05
C ILE A 49 -3.24 10.58 -8.82
N SER A 50 -3.85 10.44 -7.63
CA SER A 50 -3.18 10.79 -6.35
C SER A 50 -2.31 9.62 -5.85
N VAL A 51 -1.44 9.90 -4.87
CA VAL A 51 -0.64 8.85 -4.19
C VAL A 51 -1.57 7.83 -3.47
N ARG A 52 -2.74 8.31 -3.02
CA ARG A 52 -3.78 7.47 -2.38
C ARG A 52 -4.28 6.36 -3.35
N ASP A 53 -4.60 6.78 -4.59
CA ASP A 53 -5.01 5.87 -5.68
C ASP A 53 -3.85 4.95 -6.13
N PHE A 54 -2.61 5.48 -6.04
CA PHE A 54 -1.41 4.72 -6.44
C PHE A 54 -1.13 3.55 -5.46
N VAL A 55 -1.23 3.80 -4.14
CA VAL A 55 -1.05 2.73 -3.10
C VAL A 55 -2.09 1.60 -3.30
N ARG A 56 -3.31 1.99 -3.71
CA ARG A 56 -4.40 1.04 -4.05
C ARG A 56 -4.03 0.17 -5.27
N ALA A 57 -3.52 0.82 -6.34
CA ALA A 57 -3.11 0.12 -7.58
C ALA A 57 -1.99 -0.93 -7.30
N VAL A 58 -1.06 -0.57 -6.41
CA VAL A 58 0.06 -1.45 -5.99
C VAL A 58 -0.44 -2.57 -5.01
N ALA A 59 -1.43 -2.22 -4.16
CA ALA A 59 -2.07 -3.18 -3.21
C ALA A 59 -2.99 -4.21 -3.92
N LEU A 60 -3.43 -3.90 -5.15
CA LEU A 60 -4.25 -4.80 -5.98
C LEU A 60 -3.38 -5.79 -6.83
N SER A 61 -2.04 -5.63 -6.77
CA SER A 61 -1.07 -6.45 -7.58
C SER A 61 -1.33 -7.98 -7.49
N GLU A 62 -1.31 -8.64 -8.66
CA GLU A 62 -1.41 -10.11 -8.77
C GLU A 62 -0.17 -10.78 -8.13
N LEU A 63 0.98 -10.09 -8.22
CA LEU A 63 2.27 -10.58 -7.67
C LEU A 63 2.33 -10.49 -6.12
N TYR A 64 1.66 -9.48 -5.55
CA TYR A 64 1.52 -9.33 -4.07
C TYR A 64 0.59 -10.43 -3.50
N ARG A 65 -0.55 -10.65 -4.19
CA ARG A 65 -1.56 -11.66 -3.81
C ARG A 65 -0.99 -13.10 -3.96
N GLU A 66 -0.25 -13.35 -5.06
CA GLU A 66 0.40 -14.65 -5.32
C GLU A 66 1.42 -15.03 -4.23
N LYS A 67 2.24 -14.05 -3.81
CA LYS A 67 3.34 -14.30 -2.85
C LYS A 67 2.83 -14.40 -1.39
N PHE A 68 2.02 -13.42 -0.95
CA PHE A 68 1.67 -13.28 0.49
C PHE A 68 0.37 -14.01 0.91
N PHE A 69 -0.55 -14.27 -0.04
CA PHE A 69 -1.80 -15.05 0.25
C PHE A 69 -1.58 -16.58 0.07
N HIS A 70 -0.69 -16.98 -0.87
CA HIS A 70 -0.47 -18.42 -1.20
C HIS A 70 0.62 -19.07 -0.30
N ASN A 71 1.65 -18.28 0.09
CA ASN A 71 2.73 -18.77 0.99
C ASN A 71 2.34 -18.65 2.49
N ASN A 72 1.18 -18.03 2.78
CA ASN A 72 0.69 -17.79 4.17
C ASN A 72 -0.82 -18.11 4.27
N ALA A 73 -1.26 -18.49 5.49
CA ALA A 73 -2.70 -18.65 5.80
C ALA A 73 -3.41 -17.28 5.81
N HIS A 74 -4.67 -17.23 5.32
CA HIS A 74 -5.45 -15.96 5.17
C HIS A 74 -5.42 -15.05 6.44
N ASN A 75 -5.37 -15.67 7.64
CA ASN A 75 -5.21 -14.95 8.94
C ASN A 75 -3.88 -14.12 8.99
N ARG A 76 -2.76 -14.75 8.57
CA ARG A 76 -1.45 -14.06 8.39
C ARG A 76 -1.53 -12.99 7.28
N PHE A 77 -2.29 -13.27 6.21
CA PHE A 77 -2.46 -12.33 5.07
C PHE A 77 -3.23 -11.05 5.51
N ILE A 78 -4.15 -11.19 6.48
CA ILE A 78 -4.88 -10.04 7.08
C ILE A 78 -3.95 -9.21 7.99
N GLU A 79 -2.99 -9.87 8.66
CA GLU A 79 -1.90 -9.19 9.40
C GLU A 79 -1.05 -8.31 8.46
N LEU A 80 -0.71 -8.89 7.30
CA LEU A 80 0.03 -8.21 6.22
C LEU A 80 -0.79 -7.04 5.62
N ASN A 81 -2.09 -7.30 5.43
CA ASN A 81 -3.09 -6.33 4.92
C ASN A 81 -3.18 -5.03 5.80
N PHE A 82 -3.10 -5.19 7.13
CA PHE A 82 -3.03 -4.06 8.10
C PHE A 82 -1.62 -3.36 8.10
N LYS A 83 -0.53 -4.15 8.31
CA LYS A 83 0.83 -3.59 8.57
C LYS A 83 1.48 -2.93 7.33
N HIS A 84 1.08 -3.37 6.14
CA HIS A 84 1.59 -2.81 4.87
C HIS A 84 0.93 -1.46 4.54
N LEU A 85 -0.40 -1.38 4.69
CA LEU A 85 -1.16 -0.20 4.24
C LEU A 85 -1.16 0.94 5.30
N LEU A 86 -1.08 0.61 6.61
CA LEU A 86 -1.10 1.64 7.70
C LEU A 86 0.02 1.43 8.75
N GLY A 87 0.63 0.24 8.77
CA GLY A 87 1.58 -0.12 9.86
C GLY A 87 0.88 -0.66 11.11
N ARG A 88 -0.39 -1.09 10.96
CA ARG A 88 -1.22 -1.63 12.07
C ARG A 88 -1.01 -3.15 12.27
N ALA A 89 -1.30 -3.63 13.48
CA ALA A 89 -1.26 -5.07 13.83
C ALA A 89 -2.66 -5.53 14.34
N PRO A 90 -3.32 -6.57 13.69
CA PRO A 90 -4.64 -7.09 14.12
C PRO A 90 -4.57 -7.73 15.51
N TYR A 91 -4.87 -6.91 16.53
CA TYR A 91 -4.79 -7.29 17.95
C TYR A 91 -5.91 -8.27 18.37
N ASP A 92 -7.06 -8.24 17.67
CA ASP A 92 -8.23 -9.07 18.05
C ASP A 92 -8.87 -9.73 16.80
N GLN A 93 -9.69 -10.75 17.08
CA GLN A 93 -10.42 -11.52 16.07
C GLN A 93 -11.50 -10.68 15.33
N ALA A 94 -11.99 -9.60 15.97
CA ALA A 94 -12.95 -8.65 15.33
C ALA A 94 -12.40 -8.07 13.99
N GLU A 95 -11.12 -7.69 13.98
CA GLU A 95 -10.43 -7.16 12.77
C GLU A 95 -10.27 -8.24 11.68
N VAL A 96 -9.85 -9.44 12.12
CA VAL A 96 -9.59 -10.59 11.22
C VAL A 96 -10.90 -11.10 10.54
N ALA A 97 -11.94 -11.31 11.35
CA ALA A 97 -13.27 -11.83 10.91
C ALA A 97 -13.99 -10.83 9.97
N ALA A 98 -13.84 -9.51 10.25
CA ALA A 98 -14.41 -8.44 9.39
C ALA A 98 -13.85 -8.51 7.96
N HIS A 99 -12.52 -8.60 7.83
CA HIS A 99 -11.82 -8.69 6.54
C HIS A 99 -11.93 -10.07 5.87
N ALA A 100 -12.10 -11.13 6.68
CA ALA A 100 -12.41 -12.48 6.16
C ALA A 100 -13.78 -12.48 5.41
N ALA A 101 -14.77 -11.78 5.99
CA ALA A 101 -16.11 -11.64 5.38
C ALA A 101 -16.10 -10.68 4.15
N THR A 102 -15.35 -9.56 4.26
CA THR A 102 -15.29 -8.53 3.17
C THR A 102 -14.54 -9.06 1.93
N TYR A 103 -13.33 -9.62 2.14
CA TYR A 103 -12.52 -10.26 1.08
C TYR A 103 -13.29 -11.37 0.30
N HIS A 104 -13.94 -12.30 1.02
CA HIS A 104 -14.64 -13.44 0.36
C HIS A 104 -16.01 -13.02 -0.27
N SER A 105 -16.84 -12.27 0.49
CA SER A 105 -18.23 -11.94 0.05
C SER A 105 -18.30 -10.69 -0.88
N HIS A 106 -17.46 -9.66 -0.62
CA HIS A 106 -17.42 -8.42 -1.46
C HIS A 106 -16.28 -8.45 -2.51
N GLY A 107 -15.30 -9.35 -2.33
CA GLY A 107 -14.14 -9.47 -3.23
C GLY A 107 -12.87 -8.77 -2.72
N TYR A 108 -11.71 -9.13 -3.32
CA TYR A 108 -10.37 -8.62 -2.96
C TYR A 108 -10.26 -7.08 -3.07
N ASP A 109 -10.77 -6.54 -4.20
CA ASP A 109 -10.74 -5.09 -4.48
C ASP A 109 -11.48 -4.29 -3.38
N ALA A 110 -12.71 -4.71 -3.06
CA ALA A 110 -13.55 -4.03 -2.05
C ALA A 110 -12.88 -3.97 -0.66
N ASP A 111 -12.16 -5.06 -0.30
CA ASP A 111 -11.42 -5.17 0.98
C ASP A 111 -10.25 -4.15 1.03
N ILE A 112 -9.49 -4.06 -0.07
CA ILE A 112 -8.37 -3.09 -0.24
C ILE A 112 -8.87 -1.63 -0.24
N ASN A 113 -9.97 -1.37 -0.98
CA ASN A 113 -10.57 -0.03 -1.13
C ASN A 113 -11.08 0.52 0.23
N SER A 114 -11.51 -0.41 1.12
CA SER A 114 -11.99 -0.06 2.48
C SER A 114 -10.95 0.77 3.28
N TYR A 115 -9.64 0.42 3.13
CA TYR A 115 -8.54 1.17 3.79
C TYR A 115 -8.23 2.47 3.04
N ILE A 116 -8.22 2.41 1.70
CA ILE A 116 -7.81 3.55 0.84
C ILE A 116 -8.81 4.73 0.95
N ASP A 117 -10.07 4.41 1.28
CA ASP A 117 -11.15 5.39 1.51
C ASP A 117 -11.40 5.64 3.03
N SER A 118 -10.58 5.05 3.94
CA SER A 118 -10.72 5.27 5.41
C SER A 118 -10.30 6.70 5.81
N ALA A 119 -11.05 7.28 6.77
CA ALA A 119 -10.77 8.63 7.33
C ALA A 119 -9.38 8.71 8.01
N GLU A 120 -9.07 7.71 8.86
CA GLU A 120 -7.77 7.63 9.59
C GLU A 120 -6.56 7.57 8.60
N TYR A 121 -6.76 6.85 7.50
CA TYR A 121 -5.73 6.64 6.47
C TYR A 121 -5.51 7.89 5.58
N THR A 122 -6.60 8.40 5.00
CA THR A 122 -6.56 9.52 4.03
C THR A 122 -6.19 10.87 4.72
N GLU A 123 -6.65 11.05 5.98
CA GLU A 123 -6.28 12.23 6.80
C GLU A 123 -4.88 12.07 7.46
N SER A 124 -4.73 11.12 8.41
CA SER A 124 -3.50 11.02 9.26
C SER A 124 -2.25 10.54 8.46
N PHE A 125 -2.44 9.65 7.46
CA PHE A 125 -1.34 9.23 6.54
C PHE A 125 -1.35 10.03 5.21
N GLY A 126 -2.26 11.03 5.10
CA GLY A 126 -2.31 11.98 3.97
C GLY A 126 -2.53 11.36 2.56
N ASP A 127 -3.49 11.89 1.78
CA ASP A 127 -3.84 11.34 0.44
C ASP A 127 -2.68 11.50 -0.58
N ASN A 128 -1.83 12.54 -0.41
CA ASN A 128 -0.63 12.78 -1.24
C ASN A 128 0.65 12.23 -0.58
N VAL A 129 0.51 11.65 0.61
CA VAL A 129 1.64 11.19 1.44
C VAL A 129 1.73 9.64 1.41
N VAL A 130 2.97 9.13 1.37
CA VAL A 130 3.24 7.67 1.41
C VAL A 130 3.14 7.19 2.87
N PRO A 131 2.33 6.12 3.14
CA PRO A 131 2.25 5.48 4.49
C PRO A 131 3.59 4.84 4.94
N TYR A 132 3.74 4.70 6.26
CA TYR A 132 4.97 4.21 6.89
C TYR A 132 4.63 3.18 8.00
N PHE A 133 5.58 2.28 8.26
CA PHE A 133 5.47 1.32 9.37
C PHE A 133 5.84 2.01 10.70
N ARG A 134 5.14 1.65 11.79
CA ARG A 134 5.34 2.26 13.12
C ARG A 134 6.61 1.68 13.81
N GLY A 135 7.79 2.14 13.34
CA GLY A 135 9.08 1.72 13.91
C GLY A 135 10.22 1.65 12.88
N LEU A 136 11.41 1.22 13.34
CA LEU A 136 12.67 1.14 12.56
C LEU A 136 13.11 2.55 12.06
N GLU A 137 12.51 2.99 10.92
CA GLU A 137 12.75 4.31 10.27
C GLU A 137 14.24 4.77 10.22
N HIS A 138 15.05 4.05 9.42
CA HIS A 138 16.44 4.47 9.07
C HIS A 138 16.64 4.40 7.54
N HIS A 139 15.53 4.53 6.78
CA HIS A 139 15.55 4.51 5.30
C HIS A 139 15.93 5.91 4.75
N HIS A 140 17.23 6.07 4.44
CA HIS A 140 17.80 7.32 3.85
C HIS A 140 17.49 7.43 2.33
N HIS A 141 18.06 8.46 1.67
CA HIS A 141 17.87 8.70 0.22
C HIS A 141 18.37 7.50 -0.64
N HIS A 142 17.45 6.90 -1.41
CA HIS A 142 17.77 5.77 -2.31
C HIS A 142 16.60 5.54 -3.31
N HIS A 143 16.92 5.50 -4.61
CA HIS A 143 15.93 5.20 -5.69
C HIS A 143 16.28 3.90 -6.43
N MET A 1 9.13 9.60 10.03
CA MET A 1 9.26 10.49 8.84
C MET A 1 8.41 9.95 7.66
N PRO A 2 7.41 10.74 7.15
CA PRO A 2 6.62 10.36 5.95
C PRO A 2 7.24 10.89 4.63
N LEU A 3 6.83 10.29 3.49
CA LEU A 3 7.22 10.75 2.15
C LEU A 3 5.98 11.37 1.47
N GLU A 4 6.01 12.67 1.13
CA GLU A 4 4.84 13.40 0.61
C GLU A 4 5.06 13.86 -0.84
N TRP A 5 4.01 13.72 -1.68
CA TRP A 5 3.99 14.25 -3.04
C TRP A 5 3.21 15.58 -3.10
N ARG A 6 3.66 16.48 -3.96
CA ARG A 6 2.99 17.77 -4.24
C ARG A 6 2.97 18.04 -5.76
N ALA A 7 2.03 18.89 -6.20
CA ALA A 7 1.93 19.30 -7.62
C ALA A 7 3.17 20.17 -8.00
N GLY A 8 3.79 19.86 -9.16
CA GLY A 8 5.03 20.52 -9.59
C GLY A 8 6.31 19.79 -9.14
N ALA A 9 6.16 18.68 -8.37
CA ALA A 9 7.29 17.84 -7.90
C ALA A 9 8.03 17.14 -9.07
N SER A 10 9.33 16.82 -8.86
CA SER A 10 10.22 16.30 -9.91
C SER A 10 10.04 14.78 -10.13
N SER A 11 10.52 14.30 -11.29
CA SER A 11 10.45 12.86 -11.69
C SER A 11 11.18 11.95 -10.68
N ASP A 12 12.31 12.46 -10.15
CA ASP A 12 13.11 11.78 -9.09
C ASP A 12 12.26 11.51 -7.84
N GLU A 13 11.44 12.52 -7.45
CA GLU A 13 10.56 12.44 -6.27
C GLU A 13 9.48 11.37 -6.45
N ILE A 14 8.79 11.41 -7.62
CA ILE A 14 7.68 10.49 -7.93
C ILE A 14 8.16 9.02 -8.00
N ASN A 15 9.32 8.79 -8.65
CA ASN A 15 9.93 7.44 -8.77
C ASN A 15 10.41 6.90 -7.40
N ALA A 16 10.89 7.81 -6.53
CA ALA A 16 11.25 7.48 -5.13
C ALA A 16 10.00 7.03 -4.34
N ILE A 17 8.88 7.74 -4.56
CA ILE A 17 7.55 7.42 -3.98
C ILE A 17 7.05 6.04 -4.47
N ILE A 18 7.17 5.78 -5.79
CA ILE A 18 6.79 4.51 -6.43
C ILE A 18 7.49 3.31 -5.74
N ARG A 19 8.83 3.38 -5.64
CA ARG A 19 9.63 2.32 -5.03
C ARG A 19 9.41 2.22 -3.50
N ALA A 20 9.07 3.36 -2.86
CA ALA A 20 8.70 3.41 -1.43
C ALA A 20 7.37 2.67 -1.18
N VAL A 21 6.41 2.80 -2.13
CA VAL A 21 5.10 2.10 -2.11
C VAL A 21 5.30 0.59 -2.37
N TYR A 22 6.20 0.25 -3.30
CA TYR A 22 6.57 -1.15 -3.61
C TYR A 22 7.15 -1.87 -2.36
N ARG A 23 8.14 -1.25 -1.69
CA ARG A 23 8.72 -1.82 -0.44
C ARG A 23 7.70 -1.78 0.74
N GLN A 24 6.84 -0.74 0.77
CA GLN A 24 5.79 -0.61 1.79
C GLN A 24 4.77 -1.78 1.73
N VAL A 25 4.27 -2.05 0.52
CA VAL A 25 3.16 -3.00 0.29
C VAL A 25 3.64 -4.46 0.38
N LEU A 26 4.82 -4.78 -0.18
CA LEU A 26 5.37 -6.16 -0.11
C LEU A 26 6.25 -6.39 1.14
N GLY A 27 6.53 -5.31 1.91
CA GLY A 27 7.26 -5.39 3.19
C GLY A 27 8.79 -5.45 3.04
N ASN A 28 9.28 -6.44 2.28
CA ASN A 28 10.71 -6.64 1.96
C ASN A 28 11.09 -5.82 0.70
N ASP A 29 12.14 -6.23 -0.04
CA ASP A 29 12.56 -5.56 -1.30
C ASP A 29 11.70 -5.98 -2.53
N TYR A 30 10.34 -5.98 -2.34
CA TYR A 30 9.30 -6.05 -3.42
C TYR A 30 9.62 -7.05 -4.60
N VAL A 31 9.02 -6.78 -5.77
CA VAL A 31 9.40 -7.45 -7.05
C VAL A 31 9.91 -6.39 -8.07
N MET A 32 8.97 -5.57 -8.60
CA MET A 32 9.23 -4.50 -9.62
C MET A 32 9.81 -5.03 -10.96
N SER A 33 11.08 -5.47 -10.98
CA SER A 33 11.82 -5.86 -12.22
C SER A 33 11.17 -7.08 -12.94
N THR A 34 10.10 -6.79 -13.73
CA THR A 34 9.23 -7.80 -14.38
C THR A 34 8.06 -7.06 -15.12
N GLU A 35 6.90 -7.74 -15.31
CA GLU A 35 5.64 -7.12 -15.82
C GLU A 35 5.24 -5.86 -15.03
N ARG A 36 5.11 -6.03 -13.68
CA ARG A 36 4.78 -4.97 -12.68
C ARG A 36 3.59 -4.07 -13.10
N LEU A 37 3.40 -2.93 -12.40
CA LEU A 37 2.38 -1.93 -12.75
C LEU A 37 3.03 -0.78 -13.54
N THR A 38 3.24 -1.00 -14.86
CA THR A 38 3.80 0.02 -15.77
C THR A 38 2.81 1.18 -16.05
N SER A 39 1.53 0.83 -16.30
CA SER A 39 0.46 1.83 -16.59
C SER A 39 0.12 2.69 -15.35
N ALA A 40 -0.06 2.03 -14.19
CA ALA A 40 -0.39 2.73 -12.91
C ALA A 40 0.76 3.65 -12.45
N GLU A 41 2.01 3.17 -12.66
CA GLU A 41 3.25 3.97 -12.48
C GLU A 41 3.23 5.26 -13.34
N SER A 42 2.96 5.08 -14.65
CA SER A 42 2.86 6.21 -15.61
C SER A 42 1.73 7.20 -15.27
N LEU A 43 0.65 6.71 -14.63
CA LEU A 43 -0.48 7.56 -14.16
C LEU A 43 -0.06 8.45 -12.96
N LEU A 44 0.73 7.90 -12.02
CA LEU A 44 1.27 8.68 -10.87
C LEU A 44 2.31 9.72 -11.37
N ARG A 45 3.18 9.28 -12.30
CA ARG A 45 4.20 10.12 -12.96
C ARG A 45 3.58 11.23 -13.84
N GLY A 46 2.40 10.96 -14.43
CA GLY A 46 1.67 11.94 -15.24
C GLY A 46 0.80 12.91 -14.42
N GLY A 47 0.70 12.66 -13.10
CA GLY A 47 -0.20 13.43 -12.21
C GLY A 47 -1.68 13.15 -12.45
N GLU A 48 -1.98 11.98 -13.05
CA GLU A 48 -3.36 11.54 -13.33
C GLU A 48 -4.04 10.95 -12.07
N ILE A 49 -3.25 10.30 -11.19
CA ILE A 49 -3.74 9.76 -9.89
C ILE A 49 -2.89 10.29 -8.71
N SER A 50 -3.44 10.19 -7.48
CA SER A 50 -2.69 10.49 -6.23
C SER A 50 -1.89 9.25 -5.76
N VAL A 51 -0.99 9.47 -4.79
CA VAL A 51 -0.17 8.40 -4.16
C VAL A 51 -1.05 7.30 -3.55
N ARG A 52 -2.11 7.73 -2.86
CA ARG A 52 -3.15 6.86 -2.27
C ARG A 52 -3.73 5.84 -3.27
N ASP A 53 -4.10 6.36 -4.46
CA ASP A 53 -4.70 5.55 -5.55
C ASP A 53 -3.65 4.60 -6.17
N PHE A 54 -2.37 4.99 -6.12
CA PHE A 54 -1.23 4.14 -6.54
C PHE A 54 -0.96 3.03 -5.48
N VAL A 55 -1.08 3.37 -4.17
CA VAL A 55 -0.97 2.39 -3.05
C VAL A 55 -2.09 1.33 -3.15
N ARG A 56 -3.30 1.81 -3.52
CA ARG A 56 -4.45 0.95 -3.81
C ARG A 56 -4.13 -0.04 -4.96
N ALA A 57 -3.54 0.48 -6.04
CA ALA A 57 -3.16 -0.31 -7.23
C ALA A 57 -2.11 -1.41 -6.90
N VAL A 58 -1.03 -1.02 -6.17
CA VAL A 58 0.09 -1.95 -5.82
C VAL A 58 -0.37 -2.98 -4.75
N ALA A 59 -1.30 -2.59 -3.87
CA ALA A 59 -1.98 -3.53 -2.95
C ALA A 59 -2.87 -4.53 -3.72
N LEU A 60 -3.52 -4.06 -4.80
CA LEU A 60 -4.38 -4.90 -5.69
C LEU A 60 -3.58 -5.67 -6.77
N SER A 61 -2.26 -5.42 -6.85
CA SER A 61 -1.37 -6.08 -7.85
C SER A 61 -1.27 -7.60 -7.61
N GLU A 62 -1.01 -8.35 -8.69
CA GLU A 62 -0.72 -9.80 -8.63
C GLU A 62 0.63 -10.06 -7.94
N LEU A 63 1.55 -9.09 -8.00
CA LEU A 63 2.90 -9.21 -7.41
C LEU A 63 2.82 -9.35 -5.86
N TYR A 64 1.95 -8.54 -5.24
CA TYR A 64 1.66 -8.65 -3.78
C TYR A 64 0.70 -9.83 -3.48
N ARG A 65 -0.45 -9.85 -4.19
CA ARG A 65 -1.58 -10.76 -3.88
C ARG A 65 -1.19 -12.24 -4.05
N GLU A 66 -0.68 -12.61 -5.23
CA GLU A 66 -0.26 -14.01 -5.53
C GLU A 66 0.82 -14.50 -4.53
N LYS A 67 1.86 -13.69 -4.34
CA LYS A 67 3.05 -14.05 -3.55
C LYS A 67 2.72 -14.24 -2.03
N PHE A 68 1.89 -13.35 -1.46
CA PHE A 68 1.59 -13.36 0.00
C PHE A 68 0.24 -14.05 0.37
N PHE A 69 -0.66 -14.27 -0.61
CA PHE A 69 -1.93 -15.02 -0.36
C PHE A 69 -1.77 -16.54 -0.63
N HIS A 70 -0.99 -16.92 -1.67
CA HIS A 70 -0.81 -18.35 -2.05
C HIS A 70 0.29 -19.04 -1.21
N ASN A 71 1.37 -18.30 -0.90
CA ASN A 71 2.54 -18.85 -0.18
C ASN A 71 2.47 -18.59 1.35
N ASN A 72 1.38 -17.94 1.79
CA ASN A 72 1.16 -17.56 3.21
C ASN A 72 -0.36 -17.63 3.54
N ALA A 73 -0.70 -17.86 4.82
CA ALA A 73 -2.10 -17.95 5.30
C ALA A 73 -2.82 -16.57 5.26
N HIS A 74 -4.10 -16.55 4.84
CA HIS A 74 -4.89 -15.29 4.67
C HIS A 74 -4.99 -14.46 5.97
N ASN A 75 -5.05 -15.13 7.14
CA ASN A 75 -5.02 -14.45 8.46
C ASN A 75 -3.71 -13.64 8.63
N ARG A 76 -2.57 -14.32 8.36
CA ARG A 76 -1.23 -13.67 8.33
C ARG A 76 -1.13 -12.58 7.25
N PHE A 77 -1.79 -12.81 6.10
CA PHE A 77 -1.83 -11.87 4.96
C PHE A 77 -2.51 -10.54 5.38
N ILE A 78 -3.58 -10.64 6.21
CA ILE A 78 -4.28 -9.46 6.80
C ILE A 78 -3.39 -8.74 7.85
N GLU A 79 -2.67 -9.54 8.68
CA GLU A 79 -1.71 -9.00 9.69
C GLU A 79 -0.55 -8.23 9.03
N LEU A 80 -0.10 -8.74 7.88
CA LEU A 80 0.94 -8.10 7.05
C LEU A 80 0.35 -6.90 6.30
N ASN A 81 -0.90 -7.04 5.82
CA ASN A 81 -1.61 -5.99 5.03
C ASN A 81 -1.78 -4.69 5.87
N PHE A 82 -2.11 -4.85 7.16
CA PHE A 82 -2.32 -3.72 8.10
C PHE A 82 -1.02 -2.97 8.45
N LYS A 83 0.11 -3.68 8.62
CA LYS A 83 1.42 -3.02 8.88
C LYS A 83 1.97 -2.32 7.62
N HIS A 84 1.53 -2.80 6.43
CA HIS A 84 1.88 -2.17 5.14
C HIS A 84 1.03 -0.89 4.88
N LEU A 85 -0.30 -0.98 5.13
CA LEU A 85 -1.25 0.08 4.71
C LEU A 85 -1.56 1.11 5.84
N LEU A 86 -1.58 0.64 7.10
CA LEU A 86 -1.92 1.50 8.28
C LEU A 86 -0.76 1.56 9.30
N GLY A 87 0.23 0.67 9.13
CA GLY A 87 1.39 0.60 10.03
C GLY A 87 1.06 0.06 11.43
N ARG A 88 0.08 -0.86 11.52
CA ARG A 88 -0.36 -1.43 12.82
C ARG A 88 -0.58 -2.96 12.73
N ALA A 89 -0.90 -3.56 13.89
CA ALA A 89 -1.17 -5.00 14.03
C ALA A 89 -2.67 -5.21 14.37
N PRO A 90 -3.47 -5.93 13.50
CA PRO A 90 -4.90 -6.19 13.77
C PRO A 90 -5.06 -7.29 14.86
N TYR A 91 -4.94 -6.87 16.13
CA TYR A 91 -5.09 -7.76 17.30
C TYR A 91 -6.57 -8.16 17.51
N ASP A 92 -7.48 -7.36 16.94
CA ASP A 92 -8.93 -7.61 17.00
C ASP A 92 -9.29 -8.71 16.00
N GLN A 93 -9.77 -9.86 16.50
CA GLN A 93 -10.34 -10.92 15.62
C GLN A 93 -11.65 -10.46 14.95
N ALA A 94 -12.35 -9.49 15.57
CA ALA A 94 -13.50 -8.79 14.95
C ALA A 94 -13.05 -8.02 13.68
N GLU A 95 -11.83 -7.48 13.71
CA GLU A 95 -11.21 -6.76 12.56
C GLU A 95 -10.81 -7.75 11.44
N VAL A 96 -10.04 -8.79 11.82
CA VAL A 96 -9.47 -9.78 10.85
C VAL A 96 -10.60 -10.57 10.14
N ALA A 97 -11.52 -11.14 10.94
CA ALA A 97 -12.68 -11.91 10.44
C ALA A 97 -13.65 -11.05 9.59
N ALA A 98 -13.76 -9.73 9.91
CA ALA A 98 -14.58 -8.78 9.11
C ALA A 98 -13.94 -8.52 7.71
N HIS A 99 -12.60 -8.37 7.68
CA HIS A 99 -11.84 -8.16 6.42
C HIS A 99 -11.79 -9.46 5.57
N ALA A 100 -11.82 -10.62 6.23
CA ALA A 100 -11.96 -11.93 5.55
C ALA A 100 -13.37 -12.08 4.92
N ALA A 101 -14.42 -11.65 5.66
CA ALA A 101 -15.81 -11.61 5.17
C ALA A 101 -15.97 -10.64 3.98
N THR A 102 -15.24 -9.49 4.06
CA THR A 102 -15.18 -8.48 2.98
C THR A 102 -14.48 -9.06 1.72
N TYR A 103 -13.35 -9.76 1.95
CA TYR A 103 -12.58 -10.46 0.90
C TYR A 103 -13.46 -11.45 0.08
N HIS A 104 -14.21 -12.32 0.77
CA HIS A 104 -15.03 -13.37 0.10
C HIS A 104 -16.32 -12.79 -0.54
N SER A 105 -17.07 -11.98 0.22
CA SER A 105 -18.43 -11.52 -0.20
C SER A 105 -18.39 -10.28 -1.14
N HIS A 106 -17.47 -9.33 -0.87
CA HIS A 106 -17.36 -8.06 -1.64
C HIS A 106 -16.13 -8.04 -2.58
N GLY A 107 -15.19 -8.98 -2.38
CA GLY A 107 -13.97 -9.07 -3.20
C GLY A 107 -12.73 -8.44 -2.55
N TYR A 108 -11.54 -8.79 -3.06
CA TYR A 108 -10.25 -8.25 -2.56
C TYR A 108 -10.13 -6.73 -2.79
N ASP A 109 -10.73 -6.25 -3.90
CA ASP A 109 -10.78 -4.82 -4.24
C ASP A 109 -11.47 -4.01 -3.11
N ALA A 110 -12.60 -4.52 -2.60
CA ALA A 110 -13.37 -3.89 -1.52
C ALA A 110 -12.59 -3.86 -0.17
N ASP A 111 -11.76 -4.90 0.07
CA ASP A 111 -10.90 -5.00 1.28
C ASP A 111 -9.88 -3.83 1.33
N ILE A 112 -9.16 -3.63 0.21
CA ILE A 112 -8.16 -2.54 0.07
C ILE A 112 -8.84 -1.15 0.03
N ASN A 113 -9.98 -1.05 -0.71
CA ASN A 113 -10.76 0.21 -0.84
C ASN A 113 -11.35 0.65 0.51
N SER A 114 -11.64 -0.33 1.41
CA SER A 114 -12.07 -0.06 2.80
C SER A 114 -11.03 0.81 3.56
N TYR A 115 -9.73 0.46 3.39
CA TYR A 115 -8.61 1.21 4.00
C TYR A 115 -8.44 2.59 3.29
N ILE A 116 -8.58 2.60 1.95
CA ILE A 116 -8.42 3.82 1.11
C ILE A 116 -9.49 4.89 1.46
N ASP A 117 -10.66 4.42 1.88
CA ASP A 117 -11.82 5.27 2.22
C ASP A 117 -11.91 5.56 3.75
N SER A 118 -10.97 5.02 4.55
CA SER A 118 -10.96 5.24 6.03
C SER A 118 -10.53 6.69 6.37
N ALA A 119 -11.30 7.33 7.28
CA ALA A 119 -11.02 8.71 7.77
C ALA A 119 -9.64 8.81 8.45
N GLU A 120 -9.31 7.81 9.31
CA GLU A 120 -8.00 7.73 10.02
C GLU A 120 -6.80 7.77 9.04
N TYR A 121 -6.96 7.12 7.88
CA TYR A 121 -5.94 7.07 6.82
C TYR A 121 -5.83 8.41 6.08
N THR A 122 -6.96 8.93 5.57
CA THR A 122 -6.99 10.14 4.72
C THR A 122 -6.46 11.39 5.47
N GLU A 123 -6.81 11.48 6.77
CA GLU A 123 -6.36 12.57 7.65
C GLU A 123 -4.88 12.40 8.12
N SER A 124 -4.52 11.22 8.68
CA SER A 124 -3.18 11.02 9.32
C SER A 124 -2.05 10.63 8.31
N PHE A 125 -2.38 9.81 7.30
CA PHE A 125 -1.39 9.33 6.28
C PHE A 125 -1.63 9.96 4.88
N GLY A 126 -2.65 10.83 4.78
CA GLY A 126 -2.91 11.63 3.56
C GLY A 126 -3.30 10.85 2.29
N ASP A 127 -3.79 11.60 1.28
CA ASP A 127 -4.03 11.05 -0.08
C ASP A 127 -2.77 11.19 -0.98
N ASN A 128 -1.91 12.18 -0.68
CA ASN A 128 -0.64 12.41 -1.43
C ASN A 128 0.60 11.99 -0.61
N VAL A 129 0.40 11.55 0.63
CA VAL A 129 1.48 11.07 1.51
C VAL A 129 1.52 9.52 1.50
N VAL A 130 2.73 8.93 1.50
CA VAL A 130 2.93 7.47 1.58
C VAL A 130 2.77 7.01 3.05
N PRO A 131 1.89 6.00 3.34
CA PRO A 131 1.80 5.37 4.69
C PRO A 131 3.08 4.59 5.09
N TYR A 132 3.33 4.51 6.39
CA TYR A 132 4.52 3.87 6.97
C TYR A 132 4.13 3.02 8.20
N PHE A 133 5.05 2.14 8.63
CA PHE A 133 4.89 1.37 9.88
C PHE A 133 5.09 2.30 11.10
N ARG A 134 4.18 2.21 12.07
CA ARG A 134 4.22 3.06 13.28
C ARG A 134 4.98 2.36 14.41
N GLY A 135 6.29 2.63 14.50
CA GLY A 135 7.15 2.06 15.55
C GLY A 135 8.65 2.24 15.25
N LEU A 136 9.25 1.23 14.60
CA LEU A 136 10.72 1.18 14.36
C LEU A 136 11.09 0.26 13.15
N GLU A 137 10.40 0.45 12.01
CA GLU A 137 10.67 -0.33 10.77
C GLU A 137 12.07 -0.02 10.18
N HIS A 138 13.03 -0.90 10.47
CA HIS A 138 14.38 -0.84 9.90
C HIS A 138 14.40 -1.58 8.53
N HIS A 139 14.78 -0.84 7.47
CA HIS A 139 14.74 -1.36 6.08
C HIS A 139 15.85 -2.40 5.84
N HIS A 140 15.48 -3.67 6.04
CA HIS A 140 16.39 -4.82 5.95
C HIS A 140 16.61 -5.26 4.48
N HIS A 141 17.89 -5.32 4.07
CA HIS A 141 18.33 -5.79 2.73
C HIS A 141 19.66 -6.56 2.88
N HIS A 142 19.58 -7.88 3.07
CA HIS A 142 20.75 -8.76 3.24
C HIS A 142 21.17 -9.41 1.89
N HIS A 143 20.20 -9.55 0.97
CA HIS A 143 20.44 -10.15 -0.37
C HIS A 143 19.43 -9.56 -1.38
N MET A 1 9.89 11.85 9.71
CA MET A 1 9.56 12.64 8.50
C MET A 1 8.80 11.78 7.47
N PRO A 2 7.45 12.02 7.26
CA PRO A 2 6.67 11.33 6.20
C PRO A 2 7.02 11.85 4.78
N LEU A 3 6.91 10.99 3.76
CA LEU A 3 7.21 11.38 2.35
C LEU A 3 5.89 11.71 1.61
N GLU A 4 5.77 12.96 1.13
CA GLU A 4 4.59 13.44 0.38
C GLU A 4 4.95 13.78 -1.07
N TRP A 5 4.08 13.38 -2.01
CA TRP A 5 4.19 13.82 -3.42
C TRP A 5 3.24 15.00 -3.69
N ARG A 6 3.77 16.02 -4.38
CA ARG A 6 3.02 17.20 -4.86
C ARG A 6 3.39 17.54 -6.33
N ALA A 7 2.61 18.46 -6.92
CA ALA A 7 2.78 18.92 -8.31
C ALA A 7 4.15 19.63 -8.52
N GLY A 8 4.79 19.38 -9.66
CA GLY A 8 6.10 19.97 -9.99
C GLY A 8 7.31 19.18 -9.47
N ALA A 9 7.07 18.08 -8.70
CA ALA A 9 8.14 17.20 -8.17
C ALA A 9 8.97 16.54 -9.31
N SER A 10 10.27 16.28 -9.05
CA SER A 10 11.24 15.81 -10.08
C SER A 10 11.13 14.28 -10.29
N SER A 11 11.39 13.80 -11.53
CA SER A 11 11.17 12.38 -11.95
C SER A 11 11.90 11.35 -11.06
N ASP A 12 13.18 11.63 -10.72
CA ASP A 12 14.00 10.78 -9.80
C ASP A 12 13.37 10.70 -8.39
N GLU A 13 12.83 11.84 -7.93
CA GLU A 13 12.17 11.95 -6.62
C GLU A 13 10.82 11.19 -6.60
N ILE A 14 10.03 11.31 -7.69
CA ILE A 14 8.74 10.58 -7.80
C ILE A 14 9.00 9.05 -7.87
N ASN A 15 10.11 8.64 -8.53
CA ASN A 15 10.52 7.22 -8.61
C ASN A 15 10.91 6.67 -7.21
N ALA A 16 11.53 7.54 -6.38
CA ALA A 16 11.83 7.23 -4.96
C ALA A 16 10.54 7.13 -4.10
N ILE A 17 9.50 7.92 -4.50
CA ILE A 17 8.14 7.87 -3.89
C ILE A 17 7.37 6.60 -4.36
N ILE A 18 7.61 6.18 -5.61
CA ILE A 18 7.07 4.90 -6.16
C ILE A 18 7.65 3.71 -5.37
N ARG A 19 8.97 3.78 -5.10
CA ARG A 19 9.68 2.81 -4.23
C ARG A 19 9.26 2.94 -2.74
N ALA A 20 8.90 4.15 -2.29
CA ALA A 20 8.41 4.38 -0.90
C ALA A 20 7.07 3.65 -0.68
N VAL A 21 6.20 3.71 -1.69
CA VAL A 21 4.91 2.97 -1.72
C VAL A 21 5.17 1.46 -1.84
N TYR A 22 5.95 1.06 -2.86
CA TYR A 22 6.27 -0.35 -3.18
C TYR A 22 6.88 -1.11 -1.97
N ARG A 23 7.93 -0.54 -1.36
CA ARG A 23 8.69 -1.17 -0.24
C ARG A 23 7.80 -1.30 1.02
N GLN A 24 6.86 -0.35 1.19
CA GLN A 24 5.85 -0.41 2.26
C GLN A 24 4.75 -1.46 1.95
N VAL A 25 4.26 -1.50 0.70
CA VAL A 25 3.10 -2.35 0.31
C VAL A 25 3.47 -3.85 0.25
N LEU A 26 4.65 -4.21 -0.30
CA LEU A 26 5.09 -5.63 -0.34
C LEU A 26 5.90 -6.02 0.93
N GLY A 27 6.58 -5.05 1.56
CA GLY A 27 7.38 -5.31 2.78
C GLY A 27 8.81 -5.78 2.47
N ASN A 28 8.92 -6.91 1.74
CA ASN A 28 10.22 -7.45 1.23
C ASN A 28 10.63 -6.68 -0.04
N ASP A 29 10.87 -5.37 0.13
CA ASP A 29 10.98 -4.40 -0.95
C ASP A 29 9.75 -4.51 -1.91
N TYR A 30 9.93 -5.15 -3.08
CA TYR A 30 8.95 -5.11 -4.17
C TYR A 30 9.36 -5.97 -5.38
N VAL A 31 8.59 -5.83 -6.45
CA VAL A 31 8.93 -6.33 -7.79
C VAL A 31 9.25 -5.16 -8.74
N MET A 32 10.43 -5.19 -9.35
CA MET A 32 10.80 -4.39 -10.54
C MET A 32 11.60 -5.28 -11.52
N SER A 33 11.87 -4.74 -12.73
CA SER A 33 12.56 -5.45 -13.85
C SER A 33 11.68 -6.51 -14.57
N THR A 34 10.72 -7.16 -13.84
CA THR A 34 9.86 -8.22 -14.43
C THR A 34 8.60 -7.59 -15.12
N GLU A 35 7.58 -7.17 -14.33
CA GLU A 35 6.33 -6.52 -14.83
C GLU A 35 5.64 -5.72 -13.70
N ARG A 36 6.36 -4.74 -13.13
CA ARG A 36 5.78 -3.81 -12.13
C ARG A 36 4.74 -2.87 -12.81
N LEU A 37 3.86 -2.25 -11.99
CA LEU A 37 2.69 -1.49 -12.51
C LEU A 37 3.11 -0.14 -13.14
N THR A 38 3.59 -0.22 -14.40
CA THR A 38 4.05 0.96 -15.16
C THR A 38 2.88 1.88 -15.55
N SER A 39 1.70 1.27 -15.79
CA SER A 39 0.45 2.01 -16.09
C SER A 39 0.08 2.98 -14.93
N ALA A 40 0.10 2.47 -13.69
CA ALA A 40 -0.22 3.26 -12.48
C ALA A 40 0.84 4.37 -12.19
N GLU A 41 2.14 3.99 -12.17
CA GLU A 41 3.25 4.91 -11.80
C GLU A 41 3.50 6.00 -12.87
N SER A 42 3.22 5.70 -14.16
CA SER A 42 3.25 6.73 -15.26
C SER A 42 2.14 7.80 -15.07
N LEU A 43 0.98 7.38 -14.54
CA LEU A 43 -0.14 8.30 -14.22
C LEU A 43 0.16 9.11 -12.93
N LEU A 44 0.95 8.52 -12.00
CA LEU A 44 1.42 9.24 -10.78
C LEU A 44 2.43 10.35 -11.17
N ARG A 45 3.43 9.98 -11.99
CA ARG A 45 4.42 10.93 -12.55
C ARG A 45 3.76 11.95 -13.51
N GLY A 46 2.69 11.52 -14.19
CA GLY A 46 1.91 12.38 -15.09
C GLY A 46 0.84 13.24 -14.39
N GLY A 47 0.77 13.15 -13.04
CA GLY A 47 -0.13 13.99 -12.22
C GLY A 47 -1.63 13.65 -12.35
N GLU A 48 -1.94 12.52 -12.99
CA GLU A 48 -3.31 12.10 -13.31
C GLU A 48 -4.06 11.45 -12.10
N ILE A 49 -3.30 10.78 -11.21
CA ILE A 49 -3.88 10.10 -10.02
C ILE A 49 -3.23 10.61 -8.70
N SER A 50 -3.93 10.37 -7.57
CA SER A 50 -3.40 10.64 -6.21
C SER A 50 -2.54 9.45 -5.73
N VAL A 51 -1.68 9.70 -4.72
CA VAL A 51 -0.82 8.65 -4.10
C VAL A 51 -1.68 7.53 -3.46
N ARG A 52 -2.79 7.92 -2.83
CA ARG A 52 -3.79 6.99 -2.23
C ARG A 52 -4.29 5.93 -3.25
N ASP A 53 -4.62 6.39 -4.46
CA ASP A 53 -5.06 5.54 -5.59
C ASP A 53 -3.92 4.64 -6.11
N PHE A 54 -2.69 5.18 -6.09
CA PHE A 54 -1.48 4.43 -6.49
C PHE A 54 -1.17 3.26 -5.50
N VAL A 55 -1.23 3.55 -4.18
CA VAL A 55 -1.03 2.56 -3.10
C VAL A 55 -2.05 1.40 -3.22
N ARG A 56 -3.29 1.79 -3.53
CA ARG A 56 -4.40 0.84 -3.76
C ARG A 56 -4.16 -0.04 -5.00
N ALA A 57 -3.63 0.56 -6.09
CA ALA A 57 -3.29 -0.17 -7.33
C ALA A 57 -2.21 -1.26 -7.07
N VAL A 58 -1.15 -0.88 -6.34
CA VAL A 58 -0.04 -1.81 -5.96
C VAL A 58 -0.54 -2.93 -5.00
N ALA A 59 -1.53 -2.59 -4.16
CA ALA A 59 -2.21 -3.57 -3.27
C ALA A 59 -3.20 -4.49 -4.03
N LEU A 60 -3.79 -3.99 -5.12
CA LEU A 60 -4.73 -4.77 -5.99
C LEU A 60 -3.99 -5.60 -7.06
N SER A 61 -2.65 -5.45 -7.16
CA SER A 61 -1.83 -6.21 -8.15
C SER A 61 -1.74 -7.70 -7.78
N GLU A 62 -1.55 -8.55 -8.80
CA GLU A 62 -1.28 -9.99 -8.62
C GLU A 62 0.08 -10.20 -7.90
N LEU A 63 1.09 -9.44 -8.35
CA LEU A 63 2.50 -9.63 -7.95
C LEU A 63 2.71 -9.48 -6.42
N TYR A 64 2.01 -8.51 -5.80
CA TYR A 64 1.97 -8.38 -4.32
C TYR A 64 1.13 -9.49 -3.67
N ARG A 65 -0.13 -9.64 -4.10
CA ARG A 65 -1.13 -10.42 -3.34
C ARG A 65 -0.82 -11.93 -3.37
N GLU A 66 -0.50 -12.49 -4.55
CA GLU A 66 -0.24 -13.94 -4.74
C GLU A 66 1.04 -14.40 -3.98
N LYS A 67 1.98 -13.45 -3.82
CA LYS A 67 3.25 -13.68 -3.09
C LYS A 67 2.99 -14.07 -1.61
N PHE A 68 1.94 -13.47 -1.01
CA PHE A 68 1.53 -13.77 0.39
C PHE A 68 0.16 -14.50 0.50
N PHE A 69 -0.59 -14.63 -0.60
CA PHE A 69 -1.89 -15.34 -0.61
C PHE A 69 -1.71 -16.86 -0.87
N HIS A 70 -0.86 -17.17 -1.88
CA HIS A 70 -0.55 -18.57 -2.27
C HIS A 70 0.46 -19.21 -1.30
N ASN A 71 1.21 -18.36 -0.57
CA ASN A 71 2.38 -18.76 0.22
C ASN A 71 2.13 -18.67 1.76
N ASN A 72 1.24 -17.74 2.17
CA ASN A 72 0.94 -17.48 3.60
C ASN A 72 -0.59 -17.65 3.82
N ALA A 73 -1.00 -17.94 5.07
CA ALA A 73 -2.43 -18.09 5.44
C ALA A 73 -3.16 -16.74 5.31
N HIS A 74 -4.40 -16.76 4.79
CA HIS A 74 -5.22 -15.55 4.54
C HIS A 74 -5.29 -14.57 5.76
N ASN A 75 -5.36 -15.12 6.99
CA ASN A 75 -5.31 -14.31 8.24
C ASN A 75 -3.99 -13.49 8.35
N ARG A 76 -2.85 -14.15 8.08
CA ARG A 76 -1.52 -13.50 8.04
C ARG A 76 -1.48 -12.39 6.96
N PHE A 77 -2.09 -12.69 5.79
CA PHE A 77 -2.19 -11.74 4.65
C PHE A 77 -2.99 -10.47 5.01
N ILE A 78 -4.07 -10.63 5.81
CA ILE A 78 -4.87 -9.49 6.33
C ILE A 78 -4.04 -8.62 7.31
N GLU A 79 -3.21 -9.28 8.15
CA GLU A 79 -2.25 -8.59 9.06
C GLU A 79 -1.24 -7.75 8.26
N LEU A 80 -0.79 -8.32 7.14
CA LEU A 80 0.10 -7.67 6.18
C LEU A 80 -0.59 -6.43 5.55
N ASN A 81 -1.87 -6.59 5.14
CA ASN A 81 -2.66 -5.46 4.57
C ASN A 81 -2.78 -4.27 5.57
N PHE A 82 -2.84 -4.56 6.88
CA PHE A 82 -2.85 -3.52 7.94
C PHE A 82 -1.50 -2.76 8.07
N LYS A 83 -0.38 -3.50 8.17
CA LYS A 83 0.97 -2.89 8.32
C LYS A 83 1.50 -2.23 7.02
N HIS A 84 1.02 -2.72 5.89
CA HIS A 84 1.39 -2.19 4.55
C HIS A 84 0.56 -0.94 4.16
N LEU A 85 -0.77 -0.98 4.38
CA LEU A 85 -1.68 0.10 3.91
C LEU A 85 -1.99 1.15 5.01
N LEU A 86 -1.97 0.74 6.31
CA LEU A 86 -2.23 1.66 7.47
C LEU A 86 -1.03 1.75 8.43
N GLY A 87 -0.09 0.80 8.34
CA GLY A 87 1.11 0.76 9.19
C GLY A 87 0.89 0.31 10.64
N ARG A 88 0.01 -0.71 10.87
CA ARG A 88 -0.24 -1.25 12.25
C ARG A 88 -0.33 -2.80 12.30
N ALA A 89 -0.54 -3.33 13.52
CA ALA A 89 -0.73 -4.78 13.78
C ALA A 89 -2.18 -5.04 14.29
N PRO A 90 -3.01 -5.92 13.60
CA PRO A 90 -4.39 -6.24 14.04
C PRO A 90 -4.41 -7.03 15.37
N TYR A 91 -4.57 -6.28 16.45
CA TYR A 91 -4.59 -6.80 17.83
C TYR A 91 -5.82 -7.73 18.08
N ASP A 92 -6.95 -7.44 17.39
CA ASP A 92 -8.19 -8.24 17.48
C ASP A 92 -8.35 -9.16 16.27
N GLN A 93 -8.71 -10.41 16.54
CA GLN A 93 -9.06 -11.42 15.51
C GLN A 93 -10.49 -11.19 14.96
N ALA A 94 -11.36 -10.53 15.74
CA ALA A 94 -12.68 -10.04 15.26
C ALA A 94 -12.49 -9.00 14.12
N GLU A 95 -11.43 -8.18 14.24
CA GLU A 95 -11.00 -7.20 13.22
C GLU A 95 -10.52 -7.92 11.91
N VAL A 96 -9.76 -9.02 12.09
CA VAL A 96 -9.23 -9.83 10.97
C VAL A 96 -10.38 -10.59 10.25
N ALA A 97 -11.25 -11.24 11.06
CA ALA A 97 -12.39 -12.05 10.58
C ALA A 97 -13.45 -11.17 9.85
N ALA A 98 -13.59 -9.91 10.27
CA ALA A 98 -14.44 -8.91 9.58
C ALA A 98 -13.94 -8.63 8.14
N HIS A 99 -12.61 -8.54 7.98
CA HIS A 99 -11.97 -8.39 6.65
C HIS A 99 -11.99 -9.70 5.84
N ALA A 100 -12.00 -10.86 6.51
CA ALA A 100 -12.24 -12.17 5.85
C ALA A 100 -13.69 -12.26 5.30
N ALA A 101 -14.64 -11.67 6.03
CA ALA A 101 -16.07 -11.60 5.61
C ALA A 101 -16.25 -10.64 4.40
N THR A 102 -15.52 -9.52 4.44
CA THR A 102 -15.50 -8.53 3.33
C THR A 102 -14.83 -9.14 2.07
N TYR A 103 -13.73 -9.89 2.28
CA TYR A 103 -13.01 -10.62 1.23
C TYR A 103 -13.90 -11.65 0.49
N HIS A 104 -14.59 -12.51 1.25
CA HIS A 104 -15.41 -13.60 0.68
C HIS A 104 -16.77 -13.10 0.10
N SER A 105 -17.51 -12.27 0.86
CA SER A 105 -18.87 -11.82 0.44
C SER A 105 -18.84 -10.60 -0.52
N HIS A 106 -17.93 -9.64 -0.27
CA HIS A 106 -17.83 -8.39 -1.08
C HIS A 106 -16.69 -8.45 -2.12
N GLY A 107 -15.85 -9.50 -2.05
CA GLY A 107 -14.70 -9.66 -2.95
C GLY A 107 -13.41 -9.00 -2.43
N TYR A 108 -12.24 -9.46 -2.94
CA TYR A 108 -10.92 -8.96 -2.49
C TYR A 108 -10.77 -7.46 -2.78
N ASP A 109 -11.34 -7.01 -3.92
CA ASP A 109 -11.29 -5.60 -4.34
C ASP A 109 -11.90 -4.69 -3.25
N ALA A 110 -13.13 -4.99 -2.82
CA ALA A 110 -13.86 -4.19 -1.80
C ALA A 110 -13.13 -4.23 -0.43
N ASP A 111 -12.46 -5.36 -0.14
CA ASP A 111 -11.65 -5.53 1.09
C ASP A 111 -10.42 -4.60 1.08
N ILE A 112 -9.63 -4.65 -0.01
CA ILE A 112 -8.41 -3.81 -0.19
C ILE A 112 -8.75 -2.30 -0.23
N ASN A 113 -9.87 -1.98 -0.91
CA ASN A 113 -10.40 -0.60 -0.95
C ASN A 113 -10.78 -0.12 0.47
N SER A 114 -11.31 -1.03 1.31
CA SER A 114 -11.73 -0.70 2.71
C SER A 114 -10.58 -0.08 3.54
N TYR A 115 -9.35 -0.60 3.36
CA TYR A 115 -8.14 -0.07 4.06
C TYR A 115 -7.77 1.35 3.56
N ILE A 116 -7.93 1.55 2.23
CA ILE A 116 -7.55 2.78 1.50
C ILE A 116 -8.63 3.92 1.64
N ASP A 117 -9.88 3.51 1.83
CA ASP A 117 -11.03 4.43 1.98
C ASP A 117 -11.34 4.73 3.47
N SER A 118 -10.53 4.17 4.40
CA SER A 118 -10.67 4.47 5.85
C SER A 118 -10.28 5.93 6.15
N ALA A 119 -11.07 6.60 7.01
CA ALA A 119 -10.78 7.99 7.46
C ALA A 119 -9.41 8.08 8.15
N GLU A 120 -9.17 7.13 9.08
CA GLU A 120 -7.88 7.00 9.84
C GLU A 120 -6.63 6.88 8.92
N TYR A 121 -6.82 6.34 7.71
CA TYR A 121 -5.80 6.37 6.65
C TYR A 121 -5.73 7.78 5.98
N THR A 122 -6.90 8.28 5.53
CA THR A 122 -6.99 9.45 4.63
C THR A 122 -6.66 10.79 5.35
N GLU A 123 -7.37 11.13 6.46
CA GLU A 123 -7.12 12.41 7.18
C GLU A 123 -5.84 12.38 8.07
N SER A 124 -5.44 11.20 8.58
CA SER A 124 -4.27 11.10 9.50
C SER A 124 -2.91 11.04 8.75
N PHE A 125 -2.88 10.40 7.56
CA PHE A 125 -1.63 10.35 6.74
C PHE A 125 -1.69 11.31 5.54
N GLY A 126 -2.89 11.76 5.16
CA GLY A 126 -3.10 12.48 3.89
C GLY A 126 -3.11 11.56 2.64
N ASP A 127 -3.86 11.96 1.60
CA ASP A 127 -4.09 11.11 0.40
C ASP A 127 -2.98 11.32 -0.68
N ASN A 128 -2.21 12.40 -0.56
CA ASN A 128 -1.04 12.69 -1.43
C ASN A 128 0.30 12.38 -0.71
N VAL A 129 0.18 11.64 0.40
CA VAL A 129 1.32 11.19 1.23
C VAL A 129 1.39 9.65 1.24
N VAL A 130 2.61 9.10 1.25
CA VAL A 130 2.84 7.65 1.31
C VAL A 130 2.61 7.13 2.77
N PRO A 131 1.77 6.04 2.95
CA PRO A 131 1.61 5.37 4.28
C PRO A 131 2.93 4.75 4.77
N TYR A 132 3.21 4.89 6.07
CA TYR A 132 4.44 4.37 6.70
C TYR A 132 4.11 3.76 8.08
N PHE A 133 4.88 2.74 8.48
CA PHE A 133 4.78 2.13 9.83
C PHE A 133 5.45 3.07 10.86
N ARG A 134 4.79 3.34 12.01
CA ARG A 134 5.35 4.20 13.08
C ARG A 134 6.36 3.39 13.93
N GLY A 135 7.65 3.71 13.79
CA GLY A 135 8.72 3.04 14.54
C GLY A 135 10.11 3.22 13.93
N LEU A 136 10.16 3.41 12.59
CA LEU A 136 11.44 3.54 11.84
C LEU A 136 11.28 4.49 10.62
N GLU A 137 12.27 5.38 10.44
CA GLU A 137 12.36 6.30 9.28
C GLU A 137 13.55 5.91 8.37
N HIS A 138 13.37 5.99 7.04
CA HIS A 138 14.43 5.68 6.05
C HIS A 138 14.49 6.81 4.96
N HIS A 139 14.59 8.06 5.43
CA HIS A 139 14.72 9.25 4.54
C HIS A 139 16.18 9.36 4.01
N HIS A 140 16.46 8.65 2.90
CA HIS A 140 17.80 8.58 2.27
C HIS A 140 17.68 8.55 0.72
N HIS A 141 18.45 9.42 0.03
CA HIS A 141 18.55 9.43 -1.45
C HIS A 141 19.91 8.83 -1.89
N HIS A 142 19.89 7.99 -2.93
CA HIS A 142 21.08 7.27 -3.42
C HIS A 142 21.19 7.37 -4.97
N HIS A 143 22.35 7.83 -5.46
CA HIS A 143 22.63 7.98 -6.91
C HIS A 143 24.13 7.79 -7.18
N MET A 1 9.89 9.53 8.27
CA MET A 1 9.11 10.78 8.26
C MET A 1 8.10 10.77 7.08
N PRO A 2 6.84 11.29 7.27
CA PRO A 2 5.79 11.32 6.20
C PRO A 2 6.24 12.07 4.91
N LEU A 3 6.49 11.31 3.83
CA LEU A 3 6.95 11.85 2.53
C LEU A 3 5.72 12.25 1.68
N GLU A 4 5.69 13.48 1.17
CA GLU A 4 4.55 14.02 0.38
C GLU A 4 4.96 14.29 -1.08
N TRP A 5 4.05 14.01 -2.03
CA TRP A 5 4.16 14.45 -3.43
C TRP A 5 3.33 15.73 -3.66
N ARG A 6 3.85 16.64 -4.49
CA ARG A 6 3.23 17.94 -4.78
C ARG A 6 3.27 18.24 -6.29
N ALA A 7 2.44 19.20 -6.73
CA ALA A 7 2.46 19.70 -8.12
C ALA A 7 3.75 20.49 -8.40
N GLY A 8 4.42 20.17 -9.53
CA GLY A 8 5.74 20.73 -9.88
C GLY A 8 6.92 19.81 -9.51
N ALA A 9 6.64 18.67 -8.84
CA ALA A 9 7.68 17.68 -8.48
C ALA A 9 8.23 16.92 -9.72
N SER A 10 9.53 16.58 -9.68
CA SER A 10 10.24 15.91 -10.80
C SER A 10 10.05 14.38 -10.76
N SER A 11 10.41 13.69 -11.87
CA SER A 11 10.26 12.22 -12.01
C SER A 11 11.08 11.45 -10.96
N ASP A 12 12.29 11.92 -10.66
CA ASP A 12 13.19 11.31 -9.65
C ASP A 12 12.58 11.40 -8.23
N GLU A 13 11.87 12.52 -7.95
CA GLU A 13 11.10 12.67 -6.69
C GLU A 13 9.98 11.60 -6.61
N ILE A 14 9.23 11.45 -7.71
CA ILE A 14 8.11 10.50 -7.81
C ILE A 14 8.59 9.03 -7.70
N ASN A 15 9.73 8.71 -8.35
CA ASN A 15 10.30 7.33 -8.37
C ASN A 15 10.79 6.87 -6.97
N ALA A 16 11.31 7.83 -6.18
CA ALA A 16 11.65 7.59 -4.76
C ALA A 16 10.37 7.29 -3.93
N ILE A 17 9.31 8.05 -4.24
CA ILE A 17 7.95 7.87 -3.65
C ILE A 17 7.31 6.51 -4.07
N ILE A 18 7.53 6.11 -5.34
CA ILE A 18 7.03 4.83 -5.89
C ILE A 18 7.60 3.64 -5.10
N ARG A 19 8.92 3.63 -4.95
CA ARG A 19 9.62 2.58 -4.18
C ARG A 19 9.30 2.63 -2.68
N ALA A 20 8.98 3.82 -2.16
CA ALA A 20 8.55 4.00 -0.77
C ALA A 20 7.14 3.39 -0.54
N VAL A 21 6.26 3.48 -1.57
CA VAL A 21 4.93 2.84 -1.57
C VAL A 21 5.08 1.31 -1.68
N TYR A 22 5.82 0.86 -2.71
CA TYR A 22 6.10 -0.57 -2.98
C TYR A 22 6.72 -1.28 -1.75
N ARG A 23 7.79 -0.70 -1.19
CA ARG A 23 8.53 -1.30 -0.05
C ARG A 23 7.62 -1.44 1.20
N GLN A 24 6.70 -0.49 1.36
CA GLN A 24 5.70 -0.49 2.46
C GLN A 24 4.58 -1.54 2.21
N VAL A 25 4.07 -1.62 0.96
CA VAL A 25 2.95 -2.53 0.61
C VAL A 25 3.39 -4.02 0.65
N LEU A 26 4.64 -4.31 0.30
CA LEU A 26 5.19 -5.68 0.40
C LEU A 26 5.82 -5.96 1.79
N GLY A 27 6.14 -4.88 2.56
CA GLY A 27 6.81 -5.02 3.88
C GLY A 27 8.25 -5.57 3.78
N ASN A 28 8.86 -5.31 2.62
CA ASN A 28 10.17 -5.86 2.17
C ASN A 28 10.63 -5.00 0.97
N ASP A 29 11.82 -5.25 0.38
CA ASP A 29 12.32 -4.50 -0.80
C ASP A 29 11.62 -4.92 -2.13
N TYR A 30 10.25 -4.89 -2.13
CA TYR A 30 9.34 -5.01 -3.31
C TYR A 30 9.75 -6.08 -4.37
N VAL A 31 9.22 -5.91 -5.61
CA VAL A 31 9.58 -6.76 -6.77
C VAL A 31 10.43 -5.95 -7.79
N MET A 32 9.76 -5.03 -8.55
CA MET A 32 10.38 -4.29 -9.70
C MET A 32 10.95 -5.23 -10.79
N SER A 33 11.66 -4.63 -11.78
CA SER A 33 12.35 -5.34 -12.90
C SER A 33 11.36 -5.99 -13.89
N THR A 34 10.66 -7.04 -13.44
CA THR A 34 9.65 -7.79 -14.23
C THR A 34 8.35 -6.97 -14.50
N GLU A 35 7.38 -7.62 -15.18
CA GLU A 35 6.05 -7.05 -15.51
C GLU A 35 5.26 -6.70 -14.21
N ARG A 36 5.43 -5.45 -13.73
CA ARG A 36 4.68 -4.89 -12.58
C ARG A 36 3.57 -3.94 -13.08
N LEU A 37 3.11 -3.00 -12.23
CA LEU A 37 2.21 -1.91 -12.66
C LEU A 37 2.88 -1.04 -13.76
N THR A 38 2.64 -1.40 -15.03
CA THR A 38 3.15 -0.61 -16.18
C THR A 38 2.34 0.71 -16.37
N SER A 39 1.01 0.59 -16.43
CA SER A 39 0.08 1.72 -16.68
C SER A 39 -0.06 2.61 -15.41
N ALA A 40 -0.33 1.96 -14.25
CA ALA A 40 -0.65 2.68 -12.98
C ALA A 40 0.55 3.50 -12.44
N GLU A 41 1.76 2.92 -12.56
CA GLU A 41 3.01 3.60 -12.16
C GLU A 41 3.33 4.79 -13.08
N SER A 42 3.00 4.65 -14.38
CA SER A 42 3.10 5.76 -15.36
C SER A 42 2.08 6.88 -15.05
N LEU A 43 0.92 6.52 -14.45
CA LEU A 43 -0.12 7.49 -14.04
C LEU A 43 0.34 8.31 -12.81
N LEU A 44 1.12 7.71 -11.88
CA LEU A 44 1.71 8.46 -10.74
C LEU A 44 2.85 9.38 -11.25
N ARG A 45 3.70 8.84 -12.16
CA ARG A 45 4.78 9.59 -12.83
C ARG A 45 4.25 10.68 -13.79
N GLY A 46 3.00 10.54 -14.25
CA GLY A 46 2.32 11.55 -15.07
C GLY A 46 1.51 12.57 -14.25
N GLY A 47 1.35 12.29 -12.93
CA GLY A 47 0.50 13.11 -12.06
C GLY A 47 -1.01 12.94 -12.30
N GLU A 48 -1.39 11.85 -12.95
CA GLU A 48 -2.79 11.51 -13.26
C GLU A 48 -3.52 10.91 -12.04
N ILE A 49 -2.77 10.21 -11.17
CA ILE A 49 -3.28 9.69 -9.87
C ILE A 49 -2.39 10.19 -8.71
N SER A 50 -2.95 10.19 -7.49
CA SER A 50 -2.22 10.59 -6.26
C SER A 50 -1.59 9.36 -5.57
N VAL A 51 -0.70 9.62 -4.59
CA VAL A 51 0.15 8.56 -3.96
C VAL A 51 -0.66 7.48 -3.24
N ARG A 52 -1.60 7.93 -2.42
CA ARG A 52 -2.49 7.08 -1.58
C ARG A 52 -3.40 6.17 -2.46
N ASP A 53 -3.83 6.72 -3.60
CA ASP A 53 -4.63 6.00 -4.61
C ASP A 53 -3.75 5.06 -5.47
N PHE A 54 -2.44 5.37 -5.56
CA PHE A 54 -1.44 4.44 -6.15
C PHE A 54 -1.18 3.24 -5.20
N VAL A 55 -1.20 3.49 -3.88
CA VAL A 55 -1.08 2.43 -2.83
C VAL A 55 -2.21 1.39 -2.98
N ARG A 56 -3.41 1.91 -3.32
CA ARG A 56 -4.59 1.11 -3.69
C ARG A 56 -4.23 0.10 -4.81
N ALA A 57 -3.61 0.63 -5.89
CA ALA A 57 -3.22 -0.16 -7.08
C ALA A 57 -2.13 -1.22 -6.79
N VAL A 58 -1.16 -0.89 -5.90
CA VAL A 58 -0.05 -1.82 -5.54
C VAL A 58 -0.56 -2.96 -4.62
N ALA A 59 -1.54 -2.65 -3.76
CA ALA A 59 -2.23 -3.65 -2.92
C ALA A 59 -3.19 -4.55 -3.75
N LEU A 60 -3.82 -3.97 -4.79
CA LEU A 60 -4.74 -4.69 -5.70
C LEU A 60 -3.96 -5.37 -6.87
N SER A 61 -2.63 -5.12 -6.95
CA SER A 61 -1.77 -5.73 -7.99
C SER A 61 -1.71 -7.26 -7.84
N GLU A 62 -1.61 -7.95 -8.98
CA GLU A 62 -1.50 -9.42 -9.02
C GLU A 62 -0.12 -9.88 -8.48
N LEU A 63 0.90 -8.99 -8.59
CA LEU A 63 2.28 -9.24 -8.10
C LEU A 63 2.33 -9.41 -6.57
N TYR A 64 1.66 -8.49 -5.84
CA TYR A 64 1.55 -8.55 -4.36
C TYR A 64 0.68 -9.75 -3.91
N ARG A 65 -0.46 -9.95 -4.60
CA ARG A 65 -1.46 -10.96 -4.19
C ARG A 65 -0.97 -12.41 -4.42
N GLU A 66 -0.21 -12.66 -5.51
CA GLU A 66 0.39 -14.00 -5.76
C GLU A 66 1.51 -14.34 -4.75
N LYS A 67 2.26 -13.29 -4.35
CA LYS A 67 3.47 -13.44 -3.52
C LYS A 67 3.14 -13.59 -2.02
N PHE A 68 2.08 -12.91 -1.55
CA PHE A 68 1.68 -12.89 -0.11
C PHE A 68 0.34 -13.62 0.20
N PHE A 69 -0.59 -13.74 -0.75
CA PHE A 69 -1.83 -14.54 -0.53
C PHE A 69 -1.64 -16.03 -0.93
N HIS A 70 -0.95 -16.30 -2.06
CA HIS A 70 -0.79 -17.69 -2.58
C HIS A 70 0.35 -18.44 -1.84
N ASN A 71 1.44 -17.72 -1.49
CA ASN A 71 2.65 -18.30 -0.85
C ASN A 71 2.48 -18.37 0.71
N ASN A 72 1.62 -17.48 1.24
CA ASN A 72 1.47 -17.28 2.71
C ASN A 72 -0.04 -17.46 3.10
N ALA A 73 -0.29 -17.80 4.38
CA ALA A 73 -1.66 -18.06 4.90
C ALA A 73 -2.50 -16.76 4.94
N HIS A 74 -3.80 -16.85 4.55
CA HIS A 74 -4.71 -15.68 4.47
C HIS A 74 -4.84 -14.93 5.82
N ASN A 75 -4.86 -15.69 6.94
CA ASN A 75 -4.83 -15.12 8.30
C ASN A 75 -3.61 -14.17 8.48
N ARG A 76 -2.42 -14.66 8.07
CA ARG A 76 -1.16 -13.90 8.11
C ARG A 76 -1.16 -12.74 7.09
N PHE A 77 -1.80 -12.96 5.91
CA PHE A 77 -1.93 -11.97 4.81
C PHE A 77 -2.79 -10.75 5.26
N ILE A 78 -3.81 -11.00 6.09
CA ILE A 78 -4.65 -9.93 6.69
C ILE A 78 -3.84 -9.10 7.70
N GLU A 79 -3.03 -9.79 8.54
CA GLU A 79 -2.12 -9.13 9.50
C GLU A 79 -1.10 -8.23 8.78
N LEU A 80 -0.58 -8.74 7.66
CA LEU A 80 0.31 -8.01 6.74
C LEU A 80 -0.42 -6.82 6.09
N ASN A 81 -1.67 -7.05 5.65
CA ASN A 81 -2.46 -6.04 4.89
C ASN A 81 -2.73 -4.76 5.73
N PHE A 82 -3.00 -4.95 7.04
CA PHE A 82 -3.17 -3.82 8.01
C PHE A 82 -1.86 -3.02 8.20
N LYS A 83 -0.74 -3.73 8.45
CA LYS A 83 0.56 -3.06 8.71
C LYS A 83 1.19 -2.43 7.44
N HIS A 84 0.78 -2.92 6.26
CA HIS A 84 1.22 -2.37 4.95
C HIS A 84 0.41 -1.10 4.55
N LEU A 85 -0.93 -1.16 4.69
CA LEU A 85 -1.82 -0.06 4.20
C LEU A 85 -2.17 0.98 5.28
N LEU A 86 -2.20 0.55 6.56
CA LEU A 86 -2.56 1.43 7.71
C LEU A 86 -1.37 1.62 8.69
N GLY A 87 -0.43 0.65 8.68
CA GLY A 87 0.77 0.71 9.54
C GLY A 87 0.63 0.00 10.89
N ARG A 88 -0.54 -0.61 11.16
CA ARG A 88 -0.87 -1.23 12.48
C ARG A 88 -1.00 -2.77 12.42
N ALA A 89 -0.88 -3.41 13.59
CA ALA A 89 -0.99 -4.88 13.75
C ALA A 89 -2.39 -5.25 14.33
N PRO A 90 -3.20 -6.13 13.65
CA PRO A 90 -4.55 -6.51 14.13
C PRO A 90 -4.52 -7.29 15.46
N TYR A 91 -4.68 -6.52 16.53
CA TYR A 91 -4.68 -7.01 17.92
C TYR A 91 -5.96 -7.81 18.23
N ASP A 92 -7.04 -7.53 17.47
CA ASP A 92 -8.39 -8.08 17.67
C ASP A 92 -8.74 -9.10 16.59
N GLN A 93 -9.37 -10.20 17.03
CA GLN A 93 -9.86 -11.26 16.11
C GLN A 93 -11.11 -10.82 15.33
N ALA A 94 -12.00 -10.01 15.95
CA ALA A 94 -13.18 -9.45 15.26
C ALA A 94 -12.76 -8.53 14.08
N GLU A 95 -11.61 -7.87 14.25
CA GLU A 95 -10.98 -7.03 13.19
C GLU A 95 -10.52 -7.90 11.97
N VAL A 96 -9.86 -9.03 12.27
CA VAL A 96 -9.36 -9.98 11.24
C VAL A 96 -10.54 -10.67 10.48
N ALA A 97 -11.47 -11.25 11.27
CA ALA A 97 -12.65 -11.99 10.77
C ALA A 97 -13.60 -11.11 9.92
N ALA A 98 -13.71 -9.82 10.28
CA ALA A 98 -14.54 -8.85 9.53
C ALA A 98 -14.01 -8.65 8.09
N HIS A 99 -12.68 -8.44 7.98
CA HIS A 99 -12.01 -8.23 6.67
C HIS A 99 -11.85 -9.54 5.88
N ALA A 100 -11.75 -10.68 6.57
CA ALA A 100 -11.81 -12.02 5.92
C ALA A 100 -13.17 -12.25 5.25
N ALA A 101 -14.26 -11.96 5.98
CA ALA A 101 -15.65 -12.08 5.48
C ALA A 101 -15.92 -11.11 4.30
N THR A 102 -15.38 -9.87 4.41
CA THR A 102 -15.51 -8.84 3.34
C THR A 102 -14.71 -9.24 2.07
N TYR A 103 -13.54 -9.86 2.27
CA TYR A 103 -12.70 -10.43 1.19
C TYR A 103 -13.48 -11.44 0.30
N HIS A 104 -14.24 -12.36 0.96
CA HIS A 104 -15.04 -13.39 0.23
C HIS A 104 -16.37 -12.80 -0.35
N SER A 105 -17.11 -12.03 0.46
CA SER A 105 -18.50 -11.58 0.11
C SER A 105 -18.53 -10.32 -0.79
N HIS A 106 -17.61 -9.37 -0.55
CA HIS A 106 -17.50 -8.12 -1.35
C HIS A 106 -16.32 -8.14 -2.33
N GLY A 107 -15.40 -9.11 -2.15
CA GLY A 107 -14.20 -9.24 -3.00
C GLY A 107 -12.98 -8.52 -2.41
N TYR A 108 -11.77 -8.92 -2.87
CA TYR A 108 -10.48 -8.31 -2.40
C TYR A 108 -10.41 -6.80 -2.71
N ASP A 109 -11.04 -6.40 -3.83
CA ASP A 109 -11.09 -5.00 -4.29
C ASP A 109 -11.83 -4.11 -3.27
N ALA A 110 -13.04 -4.50 -2.87
CA ALA A 110 -13.88 -3.71 -1.94
C ALA A 110 -13.32 -3.73 -0.49
N ASP A 111 -12.62 -4.84 -0.14
CA ASP A 111 -11.95 -4.97 1.18
C ASP A 111 -10.76 -3.99 1.29
N ILE A 112 -9.84 -4.05 0.31
CA ILE A 112 -8.64 -3.18 0.27
C ILE A 112 -9.00 -1.70 0.05
N ASN A 113 -10.06 -1.44 -0.78
CA ASN A 113 -10.61 -0.07 -0.97
C ASN A 113 -11.07 0.53 0.38
N SER A 114 -11.56 -0.35 1.30
CA SER A 114 -11.94 0.07 2.67
C SER A 114 -10.74 0.61 3.46
N TYR A 115 -9.54 -0.04 3.33
CA TYR A 115 -8.30 0.44 4.02
C TYR A 115 -7.89 1.82 3.44
N ILE A 116 -8.04 1.95 2.11
CA ILE A 116 -7.66 3.15 1.34
C ILE A 116 -8.65 4.32 1.55
N ASP A 117 -9.91 3.99 1.83
CA ASP A 117 -11.03 4.98 1.92
C ASP A 117 -11.36 5.35 3.40
N SER A 118 -10.79 4.60 4.38
CA SER A 118 -11.05 4.85 5.83
C SER A 118 -10.54 6.24 6.27
N ALA A 119 -11.26 6.88 7.20
CA ALA A 119 -10.85 8.17 7.79
C ALA A 119 -9.51 8.07 8.55
N GLU A 120 -9.25 6.87 9.14
CA GLU A 120 -7.96 6.57 9.81
C GLU A 120 -6.76 6.79 8.85
N TYR A 121 -6.87 6.23 7.63
CA TYR A 121 -5.80 6.32 6.61
C TYR A 121 -5.78 7.70 5.90
N THR A 122 -6.95 8.13 5.40
CA THR A 122 -7.13 9.40 4.64
C THR A 122 -6.72 10.66 5.46
N GLU A 123 -7.29 10.81 6.66
CA GLU A 123 -7.04 11.97 7.53
C GLU A 123 -5.57 12.03 8.05
N SER A 124 -5.00 10.87 8.42
CA SER A 124 -3.65 10.79 9.04
C SER A 124 -2.49 10.77 7.99
N PHE A 125 -2.71 10.08 6.85
CA PHE A 125 -1.67 9.85 5.81
C PHE A 125 -1.99 10.61 4.49
N GLY A 126 -3.03 11.45 4.48
CA GLY A 126 -3.41 12.27 3.30
C GLY A 126 -3.69 11.48 2.02
N ASP A 127 -3.92 12.18 0.89
CA ASP A 127 -3.88 11.56 -0.46
C ASP A 127 -2.45 11.64 -1.08
N ASN A 128 -1.71 12.69 -0.72
CA ASN A 128 -0.37 13.00 -1.31
C ASN A 128 0.79 12.37 -0.52
N VAL A 129 0.53 11.90 0.71
CA VAL A 129 1.59 11.40 1.61
C VAL A 129 1.66 9.85 1.56
N VAL A 130 2.90 9.32 1.60
CA VAL A 130 3.20 7.89 1.51
C VAL A 130 2.91 7.18 2.87
N PRO A 131 2.25 5.97 2.87
CA PRO A 131 2.06 5.17 4.11
C PRO A 131 3.41 4.68 4.70
N TYR A 132 3.44 4.54 6.02
CA TYR A 132 4.59 3.99 6.75
C TYR A 132 4.12 3.05 7.87
N PHE A 133 4.94 2.04 8.17
CA PHE A 133 4.72 1.16 9.33
C PHE A 133 4.95 1.98 10.63
N ARG A 134 4.03 1.84 11.59
CA ARG A 134 4.02 2.67 12.81
C ARG A 134 4.96 2.05 13.88
N GLY A 135 6.27 2.27 13.66
CA GLY A 135 7.34 1.72 14.50
C GLY A 135 8.53 1.24 13.65
N LEU A 136 9.70 1.07 14.31
CA LEU A 136 10.94 0.51 13.68
C LEU A 136 11.49 1.38 12.50
N GLU A 137 10.95 2.61 12.33
CA GLU A 137 11.30 3.50 11.20
C GLU A 137 12.77 4.00 11.33
N HIS A 138 13.59 3.80 10.26
CA HIS A 138 15.04 4.12 10.23
C HIS A 138 15.86 3.31 11.30
N HIS A 139 15.32 2.16 11.73
CA HIS A 139 15.97 1.27 12.72
C HIS A 139 16.20 -0.16 12.16
N HIS A 140 15.50 -0.53 11.07
CA HIS A 140 15.67 -1.85 10.41
C HIS A 140 16.87 -1.81 9.41
N HIS A 141 17.99 -2.42 9.81
CA HIS A 141 19.22 -2.47 8.98
C HIS A 141 19.11 -3.52 7.86
N HIS A 142 19.99 -3.43 6.85
CA HIS A 142 20.06 -4.40 5.73
C HIS A 142 20.74 -5.73 6.18
N HIS A 143 21.77 -5.60 7.06
CA HIS A 143 22.61 -6.73 7.55
C HIS A 143 23.37 -7.43 6.39
N MET A 1 9.98 8.57 9.21
CA MET A 1 10.06 9.57 8.12
C MET A 1 9.60 8.95 6.77
N PRO A 2 8.35 9.24 6.29
CA PRO A 2 7.87 8.74 4.97
C PRO A 2 8.29 9.64 3.77
N LEU A 3 7.81 9.27 2.58
CA LEU A 3 7.92 10.09 1.36
C LEU A 3 6.55 10.63 0.94
N GLU A 4 6.52 11.90 0.52
CA GLU A 4 5.31 12.56 0.01
C GLU A 4 5.56 13.07 -1.43
N TRP A 5 4.61 12.79 -2.35
CA TRP A 5 4.59 13.42 -3.69
C TRP A 5 3.54 14.54 -3.76
N ARG A 6 3.92 15.66 -4.38
CA ARG A 6 3.00 16.76 -4.73
C ARG A 6 3.26 17.23 -6.18
N ALA A 7 2.34 18.04 -6.73
CA ALA A 7 2.46 18.58 -8.11
C ALA A 7 3.68 19.53 -8.22
N GLY A 8 4.52 19.32 -9.25
CA GLY A 8 5.78 20.07 -9.43
C GLY A 8 7.02 19.37 -8.87
N ALA A 9 6.83 18.22 -8.18
CA ALA A 9 7.96 17.39 -7.66
C ALA A 9 8.73 16.71 -8.82
N SER A 10 10.04 16.47 -8.59
CA SER A 10 10.98 16.04 -9.67
C SER A 10 10.90 14.51 -9.93
N SER A 11 11.39 14.08 -11.12
CA SER A 11 11.36 12.66 -11.58
C SER A 11 12.10 11.71 -10.61
N ASP A 12 13.21 12.20 -10.01
CA ASP A 12 14.01 11.45 -9.01
C ASP A 12 13.19 11.22 -7.71
N GLU A 13 12.39 12.24 -7.34
CA GLU A 13 11.45 12.16 -6.20
C GLU A 13 10.38 11.08 -6.48
N ILE A 14 9.72 11.18 -7.65
CA ILE A 14 8.60 10.27 -8.02
C ILE A 14 9.09 8.81 -8.08
N ASN A 15 10.30 8.62 -8.65
CA ASN A 15 10.98 7.31 -8.73
C ASN A 15 11.12 6.63 -7.33
N ALA A 16 11.62 7.40 -6.35
CA ALA A 16 11.86 6.92 -4.97
C ALA A 16 10.55 6.78 -4.16
N ILE A 17 9.55 7.62 -4.48
CA ILE A 17 8.22 7.60 -3.83
C ILE A 17 7.42 6.35 -4.26
N ILE A 18 7.45 6.05 -5.56
CA ILE A 18 6.93 4.78 -6.14
C ILE A 18 7.64 3.57 -5.49
N ARG A 19 8.97 3.68 -5.38
CA ARG A 19 9.85 2.66 -4.75
C ARG A 19 9.43 2.44 -3.26
N ALA A 20 9.08 3.54 -2.57
CA ALA A 20 8.64 3.51 -1.15
C ALA A 20 7.21 2.91 -0.99
N VAL A 21 6.31 3.23 -1.94
CA VAL A 21 4.92 2.67 -1.95
C VAL A 21 4.98 1.13 -2.07
N TYR A 22 5.69 0.65 -3.09
CA TYR A 22 5.84 -0.79 -3.36
C TYR A 22 6.56 -1.56 -2.19
N ARG A 23 7.62 -0.96 -1.59
CA ARG A 23 8.36 -1.63 -0.47
C ARG A 23 7.48 -1.78 0.80
N GLN A 24 6.74 -0.72 1.16
CA GLN A 24 5.89 -0.71 2.36
C GLN A 24 4.60 -1.56 2.15
N VAL A 25 3.98 -1.43 0.95
CA VAL A 25 2.70 -2.12 0.61
C VAL A 25 2.91 -3.63 0.34
N LEU A 26 3.97 -4.01 -0.40
CA LEU A 26 4.29 -5.44 -0.65
C LEU A 26 5.11 -6.02 0.54
N GLY A 27 6.32 -5.50 0.75
CA GLY A 27 7.23 -6.01 1.80
C GLY A 27 8.66 -6.17 1.28
N ASN A 28 9.63 -5.53 1.97
CA ASN A 28 11.08 -5.58 1.64
C ASN A 28 11.39 -4.91 0.26
N ASP A 29 12.62 -5.07 -0.26
CA ASP A 29 12.94 -4.75 -1.67
C ASP A 29 12.06 -5.63 -2.60
N TYR A 30 11.11 -4.98 -3.26
CA TYR A 30 9.94 -5.59 -3.92
C TYR A 30 10.23 -6.17 -5.33
N VAL A 31 9.12 -6.48 -6.04
CA VAL A 31 9.12 -7.03 -7.40
C VAL A 31 9.25 -5.90 -8.48
N MET A 32 10.47 -5.70 -8.99
CA MET A 32 10.74 -4.77 -10.14
C MET A 32 11.88 -5.34 -11.03
N SER A 33 11.50 -6.20 -11.99
CA SER A 33 12.36 -6.68 -13.11
C SER A 33 11.49 -7.46 -14.13
N THR A 34 10.17 -7.21 -14.07
CA THR A 34 9.14 -8.02 -14.76
C THR A 34 7.82 -7.20 -14.86
N GLU A 35 6.66 -7.86 -14.99
CA GLU A 35 5.33 -7.19 -14.98
C GLU A 35 5.03 -6.53 -13.61
N ARG A 36 5.28 -5.21 -13.54
CA ARG A 36 4.78 -4.36 -12.43
C ARG A 36 3.69 -3.42 -12.99
N LEU A 37 3.11 -2.56 -12.14
CA LEU A 37 2.06 -1.60 -12.58
C LEU A 37 2.71 -0.34 -13.20
N THR A 38 3.24 -0.50 -14.42
CA THR A 38 3.91 0.58 -15.20
C THR A 38 2.89 1.60 -15.74
N SER A 39 1.65 1.14 -16.03
CA SER A 39 0.55 2.04 -16.47
C SER A 39 0.14 3.02 -15.34
N ALA A 40 -0.12 2.47 -14.14
CA ALA A 40 -0.48 3.26 -12.94
C ALA A 40 0.68 4.20 -12.53
N GLU A 41 1.91 3.67 -12.66
CA GLU A 41 3.16 4.43 -12.49
C GLU A 41 3.23 5.65 -13.42
N SER A 42 2.94 5.45 -14.71
CA SER A 42 2.93 6.53 -15.74
C SER A 42 1.84 7.59 -15.45
N LEU A 43 0.71 7.15 -14.86
CA LEU A 43 -0.37 8.06 -14.44
C LEU A 43 0.07 8.97 -13.26
N LEU A 44 0.88 8.41 -12.33
CA LEU A 44 1.42 9.18 -11.18
C LEU A 44 2.50 10.20 -11.65
N ARG A 45 3.44 9.71 -12.48
CA ARG A 45 4.53 10.53 -13.06
C ARG A 45 3.99 11.68 -13.95
N GLY A 46 2.88 11.39 -14.68
CA GLY A 46 2.22 12.38 -15.54
C GLY A 46 1.25 13.32 -14.79
N GLY A 47 1.08 13.10 -13.47
CA GLY A 47 0.16 13.89 -12.63
C GLY A 47 -1.33 13.67 -12.97
N GLU A 48 -1.63 12.53 -13.61
CA GLU A 48 -3.00 12.16 -14.02
C GLU A 48 -3.81 11.57 -12.83
N ILE A 49 -3.12 10.87 -11.90
CA ILE A 49 -3.72 10.35 -10.65
C ILE A 49 -2.97 10.92 -9.42
N SER A 50 -3.61 10.83 -8.25
CA SER A 50 -3.01 11.23 -6.95
C SER A 50 -2.13 10.11 -6.36
N VAL A 51 -1.38 10.44 -5.29
CA VAL A 51 -0.48 9.48 -4.61
C VAL A 51 -1.27 8.31 -4.00
N ARG A 52 -2.38 8.65 -3.32
CA ARG A 52 -3.27 7.66 -2.69
C ARG A 52 -3.95 6.75 -3.76
N ASP A 53 -4.25 7.32 -4.95
CA ASP A 53 -4.78 6.55 -6.11
C ASP A 53 -3.73 5.57 -6.68
N PHE A 54 -2.44 5.91 -6.56
CA PHE A 54 -1.35 5.00 -6.90
C PHE A 54 -1.19 3.89 -5.81
N VAL A 55 -1.30 4.28 -4.52
CA VAL A 55 -1.18 3.35 -3.37
C VAL A 55 -2.20 2.19 -3.43
N ARG A 56 -3.49 2.54 -3.64
CA ARG A 56 -4.60 1.55 -3.76
C ARG A 56 -4.41 0.60 -4.97
N ALA A 57 -3.81 1.11 -6.07
CA ALA A 57 -3.49 0.30 -7.27
C ALA A 57 -2.39 -0.76 -6.98
N VAL A 58 -1.30 -0.32 -6.33
CA VAL A 58 -0.17 -1.19 -5.90
C VAL A 58 -0.63 -2.20 -4.81
N ALA A 59 -1.62 -1.78 -4.01
CA ALA A 59 -2.30 -2.64 -3.01
C ALA A 59 -3.24 -3.67 -3.69
N LEU A 60 -3.77 -3.32 -4.88
CA LEU A 60 -4.63 -4.23 -5.70
C LEU A 60 -3.78 -5.14 -6.62
N SER A 61 -2.44 -4.94 -6.60
CA SER A 61 -1.46 -5.66 -7.44
C SER A 61 -1.68 -7.18 -7.44
N GLU A 62 -1.62 -7.76 -8.66
CA GLU A 62 -1.68 -9.23 -8.84
C GLU A 62 -0.42 -9.91 -8.26
N LEU A 63 0.70 -9.15 -8.21
CA LEU A 63 1.97 -9.61 -7.60
C LEU A 63 1.84 -9.69 -6.07
N TYR A 64 1.11 -8.73 -5.48
CA TYR A 64 0.84 -8.70 -4.02
C TYR A 64 -0.14 -9.81 -3.61
N ARG A 65 -1.16 -10.02 -4.47
CA ARG A 65 -2.19 -11.09 -4.28
C ARG A 65 -1.54 -12.50 -4.34
N GLU A 66 -0.79 -12.76 -5.43
CA GLU A 66 -0.19 -14.08 -5.67
C GLU A 66 0.83 -14.44 -4.56
N LYS A 67 1.72 -13.50 -4.26
CA LYS A 67 2.85 -13.71 -3.33
C LYS A 67 2.41 -13.86 -1.85
N PHE A 68 1.46 -13.03 -1.39
CA PHE A 68 1.07 -12.99 0.06
C PHE A 68 -0.27 -13.68 0.38
N PHE A 69 -1.11 -13.97 -0.63
CA PHE A 69 -2.32 -14.81 -0.42
C PHE A 69 -2.05 -16.32 -0.68
N HIS A 70 -1.23 -16.66 -1.71
CA HIS A 70 -0.98 -18.09 -2.07
C HIS A 70 0.25 -18.68 -1.34
N ASN A 71 1.32 -17.89 -1.14
CA ASN A 71 2.55 -18.38 -0.43
C ASN A 71 2.48 -18.09 1.10
N ASN A 72 1.34 -17.54 1.56
CA ASN A 72 1.11 -17.16 2.97
C ASN A 72 -0.38 -17.39 3.37
N ALA A 73 -0.63 -17.61 4.69
CA ALA A 73 -1.98 -17.81 5.25
C ALA A 73 -2.80 -16.50 5.25
N HIS A 74 -4.11 -16.59 4.92
CA HIS A 74 -5.02 -15.41 4.82
C HIS A 74 -5.12 -14.63 6.17
N ASN A 75 -5.12 -15.37 7.30
CA ASN A 75 -5.03 -14.78 8.66
C ASN A 75 -3.82 -13.81 8.78
N ARG A 76 -2.65 -14.27 8.30
CA ARG A 76 -1.42 -13.47 8.30
C ARG A 76 -1.44 -12.37 7.20
N PHE A 77 -2.13 -12.66 6.07
CA PHE A 77 -2.26 -11.70 4.93
C PHE A 77 -2.98 -10.40 5.38
N ILE A 78 -4.02 -10.55 6.22
CA ILE A 78 -4.76 -9.42 6.82
C ILE A 78 -3.87 -8.60 7.79
N GLU A 79 -3.05 -9.31 8.60
CA GLU A 79 -2.08 -8.67 9.53
C GLU A 79 -1.01 -7.84 8.77
N LEU A 80 -0.51 -8.43 7.67
CA LEU A 80 0.47 -7.77 6.78
C LEU A 80 -0.18 -6.55 6.09
N ASN A 81 -1.35 -6.76 5.49
CA ASN A 81 -2.09 -5.72 4.73
C ASN A 81 -2.43 -4.49 5.61
N PHE A 82 -2.70 -4.76 6.90
CA PHE A 82 -2.94 -3.73 7.96
C PHE A 82 -1.70 -2.81 8.17
N LYS A 83 -0.52 -3.42 8.42
CA LYS A 83 0.75 -2.68 8.64
C LYS A 83 1.31 -2.07 7.33
N HIS A 84 0.93 -2.64 6.18
CA HIS A 84 1.33 -2.16 4.85
C HIS A 84 0.55 -0.90 4.40
N LEU A 85 -0.79 -0.92 4.60
CA LEU A 85 -1.68 0.16 4.10
C LEU A 85 -2.01 1.21 5.17
N LEU A 86 -1.98 0.87 6.48
CA LEU A 86 -2.25 1.88 7.56
C LEU A 86 -1.08 1.96 8.58
N GLY A 87 -0.15 0.98 8.57
CA GLY A 87 0.98 0.93 9.53
C GLY A 87 0.55 0.57 10.96
N ARG A 88 -0.47 -0.29 11.08
CA ARG A 88 -1.07 -0.69 12.39
C ARG A 88 -1.12 -2.24 12.53
N ALA A 89 -1.50 -2.70 13.74
CA ALA A 89 -1.52 -4.14 14.12
C ALA A 89 -2.95 -4.61 14.49
N PRO A 90 -3.58 -5.59 13.74
CA PRO A 90 -4.90 -6.16 14.09
C PRO A 90 -4.80 -7.26 15.19
N TYR A 91 -4.70 -6.80 16.45
CA TYR A 91 -4.60 -7.69 17.62
C TYR A 91 -5.93 -8.45 17.89
N ASP A 92 -7.06 -7.86 17.45
CA ASP A 92 -8.41 -8.35 17.71
C ASP A 92 -8.85 -9.38 16.63
N GLN A 93 -9.25 -10.59 17.06
CA GLN A 93 -9.69 -11.68 16.13
C GLN A 93 -11.01 -11.35 15.40
N ALA A 94 -11.91 -10.58 16.03
CA ALA A 94 -13.18 -10.15 15.39
C ALA A 94 -12.91 -9.16 14.23
N GLU A 95 -11.85 -8.34 14.37
CA GLU A 95 -11.37 -7.44 13.30
C GLU A 95 -10.84 -8.26 12.09
N VAL A 96 -10.01 -9.28 12.40
CA VAL A 96 -9.41 -10.18 11.38
C VAL A 96 -10.52 -11.01 10.65
N ALA A 97 -11.49 -11.52 11.45
CA ALA A 97 -12.66 -12.28 10.96
C ALA A 97 -13.60 -11.41 10.09
N ALA A 98 -13.72 -10.12 10.46
CA ALA A 98 -14.53 -9.12 9.72
C ALA A 98 -13.92 -8.84 8.32
N HIS A 99 -12.59 -8.66 8.27
CA HIS A 99 -11.84 -8.45 7.01
C HIS A 99 -11.74 -9.73 6.16
N ALA A 100 -11.72 -10.90 6.82
CA ALA A 100 -11.81 -12.22 6.16
C ALA A 100 -13.17 -12.37 5.44
N ALA A 101 -14.25 -11.97 6.12
CA ALA A 101 -15.63 -12.02 5.58
C ALA A 101 -15.84 -10.99 4.45
N THR A 102 -15.23 -9.79 4.60
CA THR A 102 -15.23 -8.73 3.54
C THR A 102 -14.53 -9.26 2.25
N TYR A 103 -13.35 -9.87 2.47
CA TYR A 103 -12.51 -10.47 1.42
C TYR A 103 -13.24 -11.61 0.66
N HIS A 104 -13.84 -12.56 1.38
CA HIS A 104 -14.49 -13.74 0.75
C HIS A 104 -15.87 -13.42 0.14
N SER A 105 -16.66 -12.55 0.79
CA SER A 105 -18.07 -12.28 0.36
C SER A 105 -18.15 -11.28 -0.81
N HIS A 106 -17.26 -10.25 -0.82
CA HIS A 106 -17.27 -9.21 -1.89
C HIS A 106 -16.00 -9.28 -2.80
N GLY A 107 -14.95 -9.99 -2.36
CA GLY A 107 -13.72 -10.16 -3.16
C GLY A 107 -12.47 -9.45 -2.58
N TYR A 108 -11.31 -9.78 -3.17
CA TYR A 108 -9.99 -9.18 -2.82
C TYR A 108 -10.03 -7.63 -2.84
N ASP A 109 -10.66 -7.08 -3.87
CA ASP A 109 -10.80 -5.62 -4.08
C ASP A 109 -11.52 -4.93 -2.90
N ALA A 110 -12.58 -5.56 -2.38
CA ALA A 110 -13.39 -5.01 -1.28
C ALA A 110 -12.56 -4.81 0.01
N ASP A 111 -11.72 -5.82 0.34
CA ASP A 111 -10.84 -5.77 1.52
C ASP A 111 -9.79 -4.63 1.35
N ILE A 112 -9.04 -4.67 0.23
CA ILE A 112 -7.96 -3.70 -0.07
C ILE A 112 -8.46 -2.23 -0.08
N ASN A 113 -9.55 -1.99 -0.82
CA ASN A 113 -10.19 -0.65 -0.95
C ASN A 113 -10.73 -0.14 0.40
N SER A 114 -11.18 -1.06 1.29
CA SER A 114 -11.69 -0.71 2.64
C SER A 114 -10.60 -0.07 3.53
N TYR A 115 -9.35 -0.52 3.35
CA TYR A 115 -8.17 0.01 4.10
C TYR A 115 -7.84 1.46 3.67
N ILE A 116 -7.99 1.70 2.36
CA ILE A 116 -7.80 3.04 1.74
C ILE A 116 -9.04 3.95 1.99
N ASP A 117 -10.20 3.31 2.21
CA ASP A 117 -11.50 3.98 2.49
C ASP A 117 -11.62 4.41 3.97
N SER A 118 -10.71 3.90 4.84
CA SER A 118 -10.69 4.25 6.28
C SER A 118 -10.45 5.77 6.47
N ALA A 119 -11.45 6.45 7.06
CA ALA A 119 -11.43 7.92 7.24
C ALA A 119 -10.21 8.42 8.06
N GLU A 120 -9.93 7.76 9.21
CA GLU A 120 -8.79 8.12 10.10
C GLU A 120 -7.42 7.94 9.39
N TYR A 121 -7.36 7.02 8.42
CA TYR A 121 -6.17 6.79 7.57
C TYR A 121 -5.95 7.98 6.60
N THR A 122 -6.98 8.35 5.83
CA THR A 122 -6.88 9.44 4.82
C THR A 122 -6.72 10.84 5.47
N GLU A 123 -7.31 11.04 6.67
CA GLU A 123 -7.12 12.28 7.47
C GLU A 123 -5.67 12.39 8.06
N SER A 124 -5.17 11.29 8.65
CA SER A 124 -3.86 11.29 9.37
C SER A 124 -2.65 11.16 8.40
N PHE A 125 -2.83 10.42 7.29
CA PHE A 125 -1.78 10.17 6.26
C PHE A 125 -2.01 11.04 5.00
N GLY A 126 -3.02 11.94 5.04
CA GLY A 126 -3.36 12.80 3.89
C GLY A 126 -3.74 12.02 2.61
N ASP A 127 -3.78 12.73 1.47
CA ASP A 127 -3.81 12.10 0.13
C ASP A 127 -2.36 11.91 -0.43
N ASN A 128 -1.47 12.86 -0.11
CA ASN A 128 -0.14 13.00 -0.76
C ASN A 128 0.99 12.15 -0.11
N VAL A 129 0.75 11.64 1.10
CA VAL A 129 1.79 10.92 1.88
C VAL A 129 1.63 9.39 1.71
N VAL A 130 2.77 8.69 1.59
CA VAL A 130 2.82 7.21 1.45
C VAL A 130 2.55 6.55 2.83
N PRO A 131 1.65 5.49 2.91
CA PRO A 131 1.39 4.73 4.17
C PRO A 131 2.69 4.14 4.74
N TYR A 132 2.99 4.48 6.00
CA TYR A 132 4.24 4.09 6.67
C TYR A 132 3.96 3.39 8.01
N PHE A 133 4.87 2.47 8.34
CA PHE A 133 5.01 1.92 9.70
C PHE A 133 5.60 3.02 10.62
N ARG A 134 5.29 2.96 11.93
CA ARG A 134 5.76 3.97 12.94
C ARG A 134 7.30 3.86 13.13
N GLY A 135 8.04 4.56 12.24
CA GLY A 135 9.50 4.49 12.19
C GLY A 135 10.05 4.85 10.79
N LEU A 136 11.08 4.11 10.36
CA LEU A 136 11.69 4.19 9.00
C LEU A 136 12.25 5.60 8.64
N GLU A 137 13.52 5.85 9.02
CA GLU A 137 14.27 7.06 8.59
C GLU A 137 15.18 6.74 7.38
N HIS A 138 15.38 7.73 6.50
CA HIS A 138 16.20 7.59 5.27
C HIS A 138 16.50 8.97 4.62
N HIS A 139 17.21 8.94 3.46
CA HIS A 139 17.47 10.16 2.63
C HIS A 139 16.15 10.91 2.30
N HIS A 140 16.04 12.15 2.78
CA HIS A 140 14.76 12.90 2.86
C HIS A 140 14.21 13.30 1.47
N HIS A 141 14.82 14.32 0.82
CA HIS A 141 14.36 14.83 -0.51
C HIS A 141 15.57 15.27 -1.39
N HIS A 142 15.78 14.53 -2.47
CA HIS A 142 16.80 14.82 -3.53
C HIS A 142 16.69 13.72 -4.62
N HIS A 143 16.57 12.48 -4.16
CA HIS A 143 16.24 11.30 -4.99
C HIS A 143 15.08 10.53 -4.34
N MET A 1 10.01 7.01 6.50
CA MET A 1 9.46 8.28 7.07
C MET A 1 8.22 8.73 6.25
N PRO A 2 7.28 9.56 6.86
CA PRO A 2 6.11 10.11 6.13
C PRO A 2 6.51 11.04 4.94
N LEU A 3 6.74 10.43 3.75
CA LEU A 3 7.13 11.16 2.53
C LEU A 3 5.85 11.54 1.74
N GLU A 4 5.68 12.83 1.43
CA GLU A 4 4.47 13.33 0.75
C GLU A 4 4.78 13.91 -0.65
N TRP A 5 3.86 13.68 -1.60
CA TRP A 5 3.94 14.20 -2.98
C TRP A 5 3.09 15.47 -3.17
N ARG A 6 3.54 16.37 -4.06
CA ARG A 6 2.83 17.61 -4.41
C ARG A 6 2.78 17.85 -5.94
N ALA A 7 1.85 18.72 -6.38
CA ALA A 7 1.77 19.18 -7.78
C ALA A 7 3.00 20.06 -8.15
N GLY A 8 3.54 19.85 -9.36
CA GLY A 8 4.77 20.54 -9.81
C GLY A 8 6.06 19.79 -9.47
N ALA A 9 5.94 18.64 -8.78
CA ALA A 9 7.09 17.78 -8.39
C ALA A 9 7.80 17.14 -9.60
N SER A 10 9.11 16.83 -9.44
CA SER A 10 9.95 16.26 -10.50
C SER A 10 9.78 14.72 -10.60
N SER A 11 10.03 14.18 -11.81
CA SER A 11 9.87 12.73 -12.12
C SER A 11 10.68 11.83 -11.17
N ASP A 12 11.95 12.24 -10.92
CA ASP A 12 12.89 11.51 -10.03
C ASP A 12 12.32 11.37 -8.60
N GLU A 13 11.74 12.47 -8.08
CA GLU A 13 11.08 12.50 -6.75
C GLU A 13 9.91 11.50 -6.69
N ILE A 14 9.10 11.48 -7.77
CA ILE A 14 7.94 10.58 -7.88
C ILE A 14 8.38 9.09 -7.93
N ASN A 15 9.50 8.79 -8.62
CA ASN A 15 10.08 7.42 -8.67
C ASN A 15 10.58 6.95 -7.28
N ALA A 16 11.12 7.90 -6.49
CA ALA A 16 11.54 7.63 -5.09
C ALA A 16 10.31 7.29 -4.19
N ILE A 17 9.17 7.94 -4.49
CA ILE A 17 7.86 7.71 -3.81
C ILE A 17 7.25 6.35 -4.23
N ILE A 18 7.32 6.04 -5.54
CA ILE A 18 6.88 4.73 -6.10
C ILE A 18 7.59 3.57 -5.37
N ARG A 19 8.92 3.68 -5.30
CA ARG A 19 9.78 2.68 -4.66
C ARG A 19 9.57 2.69 -3.12
N ALA A 20 9.26 3.86 -2.52
CA ALA A 20 8.95 3.98 -1.08
C ALA A 20 7.66 3.20 -0.71
N VAL A 21 6.67 3.21 -1.64
CA VAL A 21 5.43 2.43 -1.50
C VAL A 21 5.73 0.92 -1.67
N TYR A 22 6.37 0.57 -2.79
CA TYR A 22 6.66 -0.83 -3.18
C TYR A 22 7.53 -1.59 -2.14
N ARG A 23 8.62 -0.95 -1.71
CA ARG A 23 9.60 -1.57 -0.77
C ARG A 23 8.98 -1.83 0.63
N GLN A 24 8.06 -0.94 1.04
CA GLN A 24 7.31 -1.08 2.32
C GLN A 24 6.21 -2.17 2.19
N VAL A 25 5.44 -2.12 1.07
CA VAL A 25 4.23 -2.95 0.89
C VAL A 25 4.57 -4.43 0.62
N LEU A 26 5.56 -4.73 -0.23
CA LEU A 26 5.94 -6.14 -0.52
C LEU A 26 6.92 -6.71 0.52
N GLY A 27 7.47 -5.85 1.40
CA GLY A 27 8.26 -6.31 2.57
C GLY A 27 9.72 -6.65 2.25
N ASN A 28 9.95 -7.51 1.23
CA ASN A 28 11.29 -7.85 0.72
C ASN A 28 11.52 -7.09 -0.60
N ASP A 29 11.72 -5.77 -0.45
CA ASP A 29 11.74 -4.81 -1.56
C ASP A 29 10.43 -4.92 -2.40
N TYR A 30 10.50 -5.52 -3.60
CA TYR A 30 9.39 -5.58 -4.56
C TYR A 30 9.77 -6.46 -5.77
N VAL A 31 8.95 -6.41 -6.84
CA VAL A 31 9.17 -7.19 -8.07
C VAL A 31 9.95 -6.36 -9.14
N MET A 32 9.24 -5.52 -9.95
CA MET A 32 9.82 -4.72 -11.08
C MET A 32 10.39 -5.65 -12.22
N SER A 33 10.79 -5.04 -13.37
CA SER A 33 11.36 -5.74 -14.58
C SER A 33 10.25 -6.36 -15.48
N THR A 34 9.21 -6.93 -14.85
CA THR A 34 7.96 -7.36 -15.53
C THR A 34 6.95 -6.17 -15.60
N GLU A 35 5.68 -6.48 -15.95
CA GLU A 35 4.55 -5.51 -15.85
C GLU A 35 4.30 -5.11 -14.38
N ARG A 36 5.05 -4.09 -13.91
CA ARG A 36 4.97 -3.61 -12.51
C ARG A 36 3.99 -2.41 -12.41
N LEU A 37 2.75 -2.63 -12.91
CA LEU A 37 1.66 -1.63 -12.87
C LEU A 37 2.07 -0.36 -13.64
N THR A 38 2.52 -0.56 -14.89
CA THR A 38 3.08 0.50 -15.77
C THR A 38 2.09 1.68 -15.97
N SER A 39 0.79 1.35 -16.08
CA SER A 39 -0.29 2.36 -16.23
C SER A 39 -0.45 3.23 -14.96
N ALA A 40 -0.51 2.59 -13.78
CA ALA A 40 -0.68 3.28 -12.48
C ALA A 40 0.56 4.17 -12.17
N GLU A 41 1.74 3.61 -12.46
CA GLU A 41 3.04 4.30 -12.41
C GLU A 41 3.04 5.59 -13.27
N SER A 42 2.60 5.44 -14.53
CA SER A 42 2.52 6.54 -15.52
C SER A 42 1.53 7.65 -15.05
N LEU A 43 0.37 7.25 -14.51
CA LEU A 43 -0.67 8.18 -14.02
C LEU A 43 -0.21 8.97 -12.76
N LEU A 44 0.62 8.32 -11.91
CA LEU A 44 1.22 9.01 -10.73
C LEU A 44 2.29 10.03 -11.17
N ARG A 45 3.16 9.60 -12.12
CA ARG A 45 4.23 10.45 -12.70
C ARG A 45 3.65 11.59 -13.59
N GLY A 46 2.43 11.37 -14.13
CA GLY A 46 1.72 12.38 -14.93
C GLY A 46 0.82 13.30 -14.12
N GLY A 47 0.69 13.02 -12.81
CA GLY A 47 -0.18 13.80 -11.91
C GLY A 47 -1.69 13.58 -12.09
N GLU A 48 -2.06 12.47 -12.75
CA GLU A 48 -3.48 12.11 -13.00
C GLU A 48 -4.15 11.44 -11.77
N ILE A 49 -3.35 10.71 -10.96
CA ILE A 49 -3.83 10.06 -9.70
C ILE A 49 -2.97 10.50 -8.49
N SER A 50 -3.51 10.28 -7.27
CA SER A 50 -2.77 10.50 -6.02
C SER A 50 -1.94 9.26 -5.65
N VAL A 51 -1.07 9.40 -4.64
CA VAL A 51 -0.31 8.26 -4.08
C VAL A 51 -1.27 7.22 -3.45
N ARG A 52 -2.43 7.69 -2.95
CA ARG A 52 -3.48 6.83 -2.34
C ARG A 52 -4.03 5.79 -3.35
N ASP A 53 -4.36 6.27 -4.57
CA ASP A 53 -4.83 5.41 -5.68
C ASP A 53 -3.74 4.40 -6.10
N PHE A 54 -2.48 4.86 -6.03
CA PHE A 54 -1.29 4.04 -6.39
C PHE A 54 -1.05 2.91 -5.34
N VAL A 55 -1.12 3.24 -4.03
CA VAL A 55 -0.93 2.26 -2.92
C VAL A 55 -2.03 1.17 -2.96
N ARG A 56 -3.27 1.59 -3.27
CA ARG A 56 -4.41 0.69 -3.49
C ARG A 56 -4.10 -0.31 -4.62
N ALA A 57 -3.57 0.22 -5.73
CA ALA A 57 -3.18 -0.58 -6.92
C ALA A 57 -2.08 -1.62 -6.58
N VAL A 58 -1.04 -1.19 -5.83
CA VAL A 58 0.10 -2.07 -5.42
C VAL A 58 -0.39 -3.21 -4.49
N ALA A 59 -1.41 -2.91 -3.68
CA ALA A 59 -2.09 -3.90 -2.83
C ALA A 59 -3.03 -4.84 -3.63
N LEU A 60 -3.58 -4.34 -4.76
CA LEU A 60 -4.48 -5.11 -5.65
C LEU A 60 -3.70 -5.96 -6.67
N SER A 61 -2.40 -5.63 -6.86
CA SER A 61 -1.54 -6.28 -7.87
C SER A 61 -1.43 -7.80 -7.66
N GLU A 62 -1.32 -8.53 -8.78
CA GLU A 62 -1.09 -9.99 -8.78
C GLU A 62 0.32 -10.32 -8.25
N LEU A 63 1.26 -9.36 -8.39
CA LEU A 63 2.67 -9.49 -7.95
C LEU A 63 2.78 -9.58 -6.40
N TYR A 64 2.09 -8.65 -5.70
CA TYR A 64 2.01 -8.63 -4.22
C TYR A 64 1.14 -9.78 -3.68
N ARG A 65 0.01 -10.00 -4.36
CA ARG A 65 -0.96 -11.08 -4.02
C ARG A 65 -0.31 -12.48 -4.13
N GLU A 66 0.55 -12.65 -5.15
CA GLU A 66 1.32 -13.90 -5.34
C GLU A 66 2.27 -14.16 -4.16
N LYS A 67 2.94 -13.08 -3.70
CA LYS A 67 4.01 -13.16 -2.69
C LYS A 67 3.47 -13.60 -1.29
N PHE A 68 2.41 -12.94 -0.78
CA PHE A 68 1.91 -13.19 0.61
C PHE A 68 0.54 -13.90 0.67
N PHE A 69 -0.32 -13.80 -0.35
CA PHE A 69 -1.65 -14.48 -0.29
C PHE A 69 -1.53 -15.97 -0.74
N HIS A 70 -0.62 -16.26 -1.70
CA HIS A 70 -0.42 -17.64 -2.23
C HIS A 70 0.61 -18.46 -1.40
N ASN A 71 1.52 -17.78 -0.67
CA ASN A 71 2.59 -18.45 0.14
C ASN A 71 2.29 -18.44 1.66
N ASN A 72 1.13 -17.88 2.05
CA ASN A 72 0.81 -17.64 3.49
C ASN A 72 -0.72 -17.77 3.72
N ALA A 73 -1.11 -18.05 4.98
CA ALA A 73 -2.53 -18.12 5.41
C ALA A 73 -3.17 -16.71 5.39
N HIS A 74 -4.43 -16.62 4.90
CA HIS A 74 -5.13 -15.31 4.69
C HIS A 74 -5.19 -14.45 5.98
N ASN A 75 -5.36 -15.08 7.15
CA ASN A 75 -5.39 -14.39 8.46
C ASN A 75 -4.05 -13.64 8.74
N ARG A 76 -2.92 -14.32 8.47
CA ARG A 76 -1.57 -13.72 8.59
C ARG A 76 -1.32 -12.67 7.46
N PHE A 77 -1.91 -12.93 6.27
CA PHE A 77 -1.88 -11.98 5.13
C PHE A 77 -2.57 -10.65 5.50
N ILE A 78 -3.67 -10.73 6.30
CA ILE A 78 -4.38 -9.55 6.83
C ILE A 78 -3.46 -8.72 7.76
N GLU A 79 -2.66 -9.43 8.61
CA GLU A 79 -1.69 -8.79 9.54
C GLU A 79 -0.57 -8.04 8.79
N LEU A 80 -0.04 -8.69 7.74
CA LEU A 80 1.03 -8.12 6.89
C LEU A 80 0.48 -6.93 6.07
N ASN A 81 -0.68 -7.14 5.43
CA ASN A 81 -1.34 -6.14 4.58
C ASN A 81 -1.77 -4.88 5.39
N PHE A 82 -2.08 -5.08 6.69
CA PHE A 82 -2.45 -4.00 7.64
C PHE A 82 -1.28 -3.04 7.92
N LYS A 83 -0.11 -3.59 8.28
CA LYS A 83 1.12 -2.80 8.54
C LYS A 83 1.65 -2.12 7.25
N HIS A 84 1.28 -2.72 6.09
CA HIS A 84 1.65 -2.19 4.76
C HIS A 84 0.71 -1.04 4.30
N LEU A 85 -0.61 -1.11 4.60
CA LEU A 85 -1.60 -0.13 4.06
C LEU A 85 -2.10 0.92 5.09
N LEU A 86 -2.16 0.59 6.39
CA LEU A 86 -2.54 1.59 7.45
C LEU A 86 -1.42 1.72 8.51
N GLY A 87 -0.39 0.87 8.42
CA GLY A 87 0.65 0.81 9.44
C GLY A 87 0.16 0.35 10.82
N ARG A 88 -0.92 -0.47 10.83
CA ARG A 88 -1.54 -0.96 12.08
C ARG A 88 -1.35 -2.49 12.26
N ALA A 89 -1.50 -2.94 13.50
CA ALA A 89 -1.60 -4.37 13.85
C ALA A 89 -3.09 -4.72 14.08
N PRO A 90 -3.70 -5.68 13.32
CA PRO A 90 -5.11 -6.09 13.52
C PRO A 90 -5.26 -7.11 14.68
N TYR A 91 -4.95 -6.64 15.91
CA TYR A 91 -5.11 -7.43 17.15
C TYR A 91 -6.61 -7.67 17.45
N ASP A 92 -7.46 -6.81 16.86
CA ASP A 92 -8.92 -6.90 16.96
C ASP A 92 -9.41 -8.09 16.12
N GLN A 93 -9.92 -9.14 16.78
CA GLN A 93 -10.46 -10.33 16.09
C GLN A 93 -11.72 -9.98 15.24
N ALA A 94 -12.48 -8.97 15.70
CA ALA A 94 -13.64 -8.45 14.92
C ALA A 94 -13.18 -7.77 13.61
N GLU A 95 -11.98 -7.15 13.63
CA GLU A 95 -11.38 -6.48 12.45
C GLU A 95 -10.91 -7.54 11.41
N VAL A 96 -10.22 -8.59 11.89
CA VAL A 96 -9.73 -9.72 11.06
C VAL A 96 -10.91 -10.47 10.39
N ALA A 97 -11.90 -10.84 11.22
CA ALA A 97 -13.17 -11.48 10.77
C ALA A 97 -13.95 -10.59 9.78
N ALA A 98 -13.91 -9.26 10.00
CA ALA A 98 -14.58 -8.27 9.13
C ALA A 98 -13.97 -8.25 7.70
N HIS A 99 -12.61 -8.18 7.64
CA HIS A 99 -11.88 -8.16 6.36
C HIS A 99 -11.94 -9.51 5.60
N ALA A 100 -11.89 -10.62 6.35
CA ALA A 100 -12.08 -11.96 5.76
C ALA A 100 -13.48 -12.13 5.13
N ALA A 101 -14.51 -11.63 5.83
CA ALA A 101 -15.91 -11.66 5.37
C ALA A 101 -16.16 -10.68 4.19
N THR A 102 -15.48 -9.52 4.20
CA THR A 102 -15.57 -8.49 3.12
C THR A 102 -14.90 -8.99 1.82
N TYR A 103 -13.76 -9.70 1.97
CA TYR A 103 -13.08 -10.39 0.87
C TYR A 103 -14.02 -11.38 0.13
N HIS A 104 -14.77 -12.19 0.89
CA HIS A 104 -15.69 -13.19 0.32
C HIS A 104 -17.01 -12.57 -0.23
N SER A 105 -17.62 -11.65 0.54
CA SER A 105 -18.97 -11.11 0.21
C SER A 105 -18.93 -9.92 -0.79
N HIS A 106 -17.91 -9.05 -0.67
CA HIS A 106 -17.77 -7.84 -1.55
C HIS A 106 -16.57 -7.92 -2.51
N GLY A 107 -15.63 -8.85 -2.26
CA GLY A 107 -14.48 -9.08 -3.16
C GLY A 107 -13.14 -8.55 -2.62
N TYR A 108 -12.03 -9.00 -3.26
CA TYR A 108 -10.64 -8.58 -2.90
C TYR A 108 -10.46 -7.06 -3.08
N ASP A 109 -10.96 -6.53 -4.20
CA ASP A 109 -10.89 -5.08 -4.53
C ASP A 109 -11.61 -4.22 -3.47
N ALA A 110 -12.86 -4.57 -3.13
CA ALA A 110 -13.68 -3.85 -2.13
C ALA A 110 -13.08 -3.93 -0.71
N ASP A 111 -12.44 -5.07 -0.40
CA ASP A 111 -11.77 -5.27 0.89
C ASP A 111 -10.56 -4.33 1.02
N ILE A 112 -9.70 -4.30 -0.03
CA ILE A 112 -8.51 -3.41 -0.08
C ILE A 112 -8.91 -1.91 -0.05
N ASN A 113 -10.06 -1.56 -0.66
CA ASN A 113 -10.64 -0.19 -0.55
C ASN A 113 -10.95 0.18 0.92
N SER A 114 -11.28 -0.81 1.77
CA SER A 114 -11.51 -0.57 3.22
C SER A 114 -10.22 -0.14 3.96
N TYR A 115 -9.04 -0.63 3.49
CA TYR A 115 -7.74 -0.24 4.09
C TYR A 115 -7.30 1.18 3.62
N ILE A 116 -7.49 1.44 2.32
CA ILE A 116 -6.95 2.65 1.63
C ILE A 116 -7.87 3.89 1.72
N ASP A 117 -9.18 3.70 1.53
CA ASP A 117 -10.18 4.79 1.54
C ASP A 117 -10.60 5.18 2.98
N SER A 118 -10.01 4.49 3.99
CA SER A 118 -10.35 4.70 5.42
C SER A 118 -10.07 6.15 5.88
N ALA A 119 -10.99 6.71 6.69
CA ALA A 119 -10.92 8.10 7.20
C ALA A 119 -9.62 8.37 7.98
N GLU A 120 -9.22 7.39 8.82
CA GLU A 120 -7.99 7.46 9.64
C GLU A 120 -6.71 7.50 8.76
N TYR A 121 -6.74 6.79 7.60
CA TYR A 121 -5.63 6.82 6.60
C TYR A 121 -5.59 8.20 5.89
N THR A 122 -6.78 8.70 5.50
CA THR A 122 -6.96 10.01 4.82
C THR A 122 -6.39 11.18 5.67
N GLU A 123 -6.51 11.06 7.01
CA GLU A 123 -5.98 12.06 7.97
C GLU A 123 -4.45 11.91 8.20
N SER A 124 -4.02 10.74 8.73
CA SER A 124 -2.63 10.54 9.23
C SER A 124 -1.63 10.21 8.09
N PHE A 125 -2.08 9.49 7.05
CA PHE A 125 -1.24 9.14 5.86
C PHE A 125 -1.70 9.89 4.58
N GLY A 126 -2.67 10.83 4.72
CA GLY A 126 -3.09 11.73 3.63
C GLY A 126 -3.55 11.04 2.33
N ASP A 127 -3.66 11.83 1.25
CA ASP A 127 -3.81 11.30 -0.12
C ASP A 127 -2.45 11.05 -0.81
N ASN A 128 -1.43 11.85 -0.44
CA ASN A 128 -0.10 11.81 -1.11
C ASN A 128 1.06 11.41 -0.18
N VAL A 129 0.79 10.99 1.06
CA VAL A 129 1.85 10.58 2.01
C VAL A 129 1.98 9.03 1.97
N VAL A 130 3.23 8.54 2.00
CA VAL A 130 3.53 7.10 1.87
C VAL A 130 3.25 6.37 3.22
N PRO A 131 2.46 5.23 3.20
CA PRO A 131 2.20 4.43 4.42
C PRO A 131 3.48 3.75 4.97
N TYR A 132 3.58 3.71 6.29
CA TYR A 132 4.66 3.03 7.05
C TYR A 132 4.02 2.35 8.27
N PHE A 133 4.66 1.29 8.81
CA PHE A 133 4.22 0.71 10.11
C PHE A 133 4.46 1.72 11.23
N ARG A 134 3.45 1.94 12.07
CA ARG A 134 3.48 2.95 13.14
C ARG A 134 3.76 2.28 14.50
N GLY A 135 5.02 1.84 14.66
CA GLY A 135 5.49 1.18 15.89
C GLY A 135 7.00 0.99 15.94
N LEU A 136 7.76 1.99 15.45
CA LEU A 136 9.25 1.96 15.44
C LEU A 136 9.81 3.25 16.10
N GLU A 137 10.41 3.11 17.30
CA GLU A 137 10.97 4.26 18.05
C GLU A 137 12.24 4.86 17.35
N HIS A 138 12.02 5.86 16.47
CA HIS A 138 13.09 6.55 15.74
C HIS A 138 13.13 8.06 16.09
N HIS A 139 14.17 8.45 16.86
CA HIS A 139 14.36 9.82 17.38
C HIS A 139 14.68 10.86 16.26
N HIS A 140 15.21 10.39 15.10
CA HIS A 140 15.55 11.26 13.94
C HIS A 140 14.32 12.08 13.43
N HIS A 141 13.31 11.38 12.88
CA HIS A 141 12.09 12.03 12.33
C HIS A 141 10.81 11.21 12.61
N HIS A 142 9.73 11.93 12.93
CA HIS A 142 8.34 11.43 12.92
C HIS A 142 7.45 12.33 12.03
N HIS A 143 8.06 13.37 11.41
CA HIS A 143 7.38 14.30 10.48
C HIS A 143 7.21 13.65 9.09
N MET A 1 9.19 6.14 6.05
CA MET A 1 8.98 7.53 6.56
C MET A 1 7.89 8.24 5.70
N PRO A 2 7.00 9.11 6.32
CA PRO A 2 6.02 9.94 5.55
C PRO A 2 6.69 10.87 4.50
N LEU A 3 6.68 10.42 3.23
CA LEU A 3 7.21 11.19 2.08
C LEU A 3 6.01 11.75 1.28
N GLU A 4 6.02 13.03 0.92
CA GLU A 4 4.88 13.67 0.24
C GLU A 4 5.22 14.02 -1.22
N TRP A 5 4.24 13.81 -2.11
CA TRP A 5 4.27 14.33 -3.49
C TRP A 5 3.49 15.66 -3.57
N ARG A 6 4.09 16.66 -4.24
CA ARG A 6 3.42 17.93 -4.57
C ARG A 6 3.61 18.29 -6.04
N ALA A 7 2.82 19.27 -6.51
CA ALA A 7 2.92 19.80 -7.90
C ALA A 7 4.30 20.48 -8.11
N GLY A 8 4.97 20.12 -9.23
CA GLY A 8 6.32 20.62 -9.52
C GLY A 8 7.45 19.65 -9.14
N ALA A 9 7.10 18.51 -8.48
CA ALA A 9 8.06 17.42 -8.15
C ALA A 9 8.65 16.76 -9.43
N SER A 10 9.89 16.24 -9.31
CA SER A 10 10.61 15.60 -10.45
C SER A 10 10.16 14.12 -10.59
N SER A 11 10.20 13.58 -11.83
CA SER A 11 9.73 12.21 -12.14
C SER A 11 10.48 11.12 -11.34
N ASP A 12 11.78 11.34 -11.10
CA ASP A 12 12.63 10.44 -10.29
C ASP A 12 12.34 10.59 -8.77
N GLU A 13 11.91 11.78 -8.33
CA GLU A 13 11.38 11.98 -6.95
C GLU A 13 10.10 11.14 -6.77
N ILE A 14 9.24 11.12 -7.82
CA ILE A 14 8.01 10.32 -7.84
C ILE A 14 8.34 8.80 -7.93
N ASN A 15 9.47 8.43 -8.59
CA ASN A 15 9.98 7.03 -8.61
C ASN A 15 10.42 6.56 -7.20
N ALA A 16 10.97 7.49 -6.40
CA ALA A 16 11.31 7.23 -4.99
C ALA A 16 10.03 7.06 -4.13
N ILE A 17 8.99 7.83 -4.48
CA ILE A 17 7.64 7.73 -3.87
C ILE A 17 6.96 6.38 -4.25
N ILE A 18 7.12 5.95 -5.52
CA ILE A 18 6.64 4.63 -6.01
C ILE A 18 7.33 3.50 -5.22
N ARG A 19 8.66 3.62 -5.08
CA ARG A 19 9.50 2.61 -4.39
C ARG A 19 9.23 2.60 -2.86
N ALA A 20 8.82 3.76 -2.31
CA ALA A 20 8.42 3.89 -0.88
C ALA A 20 7.06 3.20 -0.60
N VAL A 21 6.08 3.43 -1.50
CA VAL A 21 4.76 2.74 -1.49
C VAL A 21 4.96 1.21 -1.64
N TYR A 22 5.81 0.87 -2.61
CA TYR A 22 6.24 -0.51 -2.89
C TYR A 22 6.85 -1.18 -1.63
N ARG A 23 7.80 -0.50 -0.96
CA ARG A 23 8.54 -1.08 0.18
C ARG A 23 7.63 -1.33 1.39
N GLN A 24 6.61 -0.47 1.56
CA GLN A 24 5.61 -0.63 2.63
C GLN A 24 4.60 -1.76 2.33
N VAL A 25 4.03 -1.79 1.12
CA VAL A 25 2.95 -2.75 0.77
C VAL A 25 3.51 -4.17 0.51
N LEU A 26 4.61 -4.25 -0.23
CA LEU A 26 5.29 -5.52 -0.61
C LEU A 26 6.22 -6.04 0.53
N GLY A 27 6.37 -5.25 1.61
CA GLY A 27 7.09 -5.69 2.83
C GLY A 27 8.61 -5.83 2.64
N ASN A 28 9.03 -6.97 2.03
CA ASN A 28 10.44 -7.22 1.68
C ASN A 28 10.81 -6.45 0.39
N ASP A 29 10.96 -5.12 0.55
CA ASP A 29 11.13 -4.17 -0.54
C ASP A 29 10.00 -4.27 -1.59
N TYR A 30 10.22 -5.03 -2.68
CA TYR A 30 9.31 -5.01 -3.84
C TYR A 30 9.63 -6.11 -4.87
N VAL A 31 8.89 -6.10 -5.99
CA VAL A 31 9.13 -6.96 -7.16
C VAL A 31 10.02 -6.23 -8.22
N MET A 32 9.39 -5.42 -9.12
CA MET A 32 10.10 -4.65 -10.20
C MET A 32 10.89 -5.59 -11.21
N SER A 33 11.43 -5.00 -12.32
CA SER A 33 12.24 -5.70 -13.38
C SER A 33 11.34 -6.52 -14.37
N THR A 34 10.20 -7.02 -13.87
CA THR A 34 9.12 -7.66 -14.67
C THR A 34 8.21 -6.58 -15.34
N GLU A 35 6.97 -6.96 -15.73
CA GLU A 35 5.96 -6.01 -16.30
C GLU A 35 5.66 -4.84 -15.33
N ARG A 36 5.52 -5.17 -14.01
CA ARG A 36 5.39 -4.18 -12.90
C ARG A 36 4.05 -3.37 -13.03
N LEU A 37 3.83 -2.35 -12.17
CA LEU A 37 2.63 -1.48 -12.26
C LEU A 37 2.88 -0.26 -13.17
N THR A 38 3.56 -0.51 -14.31
CA THR A 38 4.02 0.53 -15.27
C THR A 38 2.88 1.50 -15.71
N SER A 39 1.65 0.96 -15.84
CA SER A 39 0.46 1.75 -16.24
C SER A 39 0.05 2.76 -15.13
N ALA A 40 -0.06 2.27 -13.88
CA ALA A 40 -0.43 3.08 -12.69
C ALA A 40 0.66 4.13 -12.34
N GLU A 41 1.93 3.74 -12.56
CA GLU A 41 3.10 4.62 -12.38
C GLU A 41 3.14 5.76 -13.41
N SER A 42 2.74 5.48 -14.67
CA SER A 42 2.57 6.51 -15.72
C SER A 42 1.50 7.55 -15.30
N LEU A 43 0.47 7.09 -14.56
CA LEU A 43 -0.59 7.96 -14.02
C LEU A 43 -0.09 8.79 -12.80
N LEU A 44 0.74 8.19 -11.92
CA LEU A 44 1.26 8.89 -10.71
C LEU A 44 2.30 9.98 -11.11
N ARG A 45 3.25 9.60 -11.99
CA ARG A 45 4.25 10.54 -12.55
C ARG A 45 3.61 11.60 -13.47
N GLY A 46 2.50 11.22 -14.14
CA GLY A 46 1.74 12.15 -15.00
C GLY A 46 0.75 13.05 -14.24
N GLY A 47 0.62 12.83 -12.91
CA GLY A 47 -0.28 13.63 -12.05
C GLY A 47 -1.78 13.31 -12.20
N GLU A 48 -2.07 12.18 -12.87
CA GLU A 48 -3.46 11.72 -13.14
C GLU A 48 -4.12 11.10 -11.88
N ILE A 49 -3.31 10.46 -11.02
CA ILE A 49 -3.79 9.91 -9.70
C ILE A 49 -2.92 10.46 -8.54
N SER A 50 -3.47 10.37 -7.32
CA SER A 50 -2.74 10.71 -6.07
C SER A 50 -2.02 9.46 -5.53
N VAL A 51 -1.07 9.70 -4.60
CA VAL A 51 -0.26 8.62 -3.94
C VAL A 51 -1.17 7.56 -3.28
N ARG A 52 -2.20 8.04 -2.56
CA ARG A 52 -3.24 7.23 -1.91
C ARG A 52 -3.87 6.19 -2.88
N ASP A 53 -4.31 6.68 -4.05
CA ASP A 53 -4.98 5.88 -5.08
C ASP A 53 -3.98 4.94 -5.81
N PHE A 54 -2.69 5.31 -5.80
CA PHE A 54 -1.61 4.44 -6.29
C PHE A 54 -1.39 3.22 -5.35
N VAL A 55 -1.48 3.47 -4.02
CA VAL A 55 -1.35 2.40 -2.99
C VAL A 55 -2.43 1.31 -3.16
N ARG A 56 -3.63 1.75 -3.60
CA ARG A 56 -4.74 0.85 -3.99
C ARG A 56 -4.28 -0.18 -5.05
N ALA A 57 -3.64 0.34 -6.12
CA ALA A 57 -3.14 -0.49 -7.25
C ALA A 57 -2.05 -1.49 -6.80
N VAL A 58 -1.22 -1.10 -5.82
CA VAL A 58 -0.13 -1.97 -5.29
C VAL A 58 -0.69 -3.09 -4.38
N ALA A 59 -1.70 -2.74 -3.58
CA ALA A 59 -2.41 -3.70 -2.69
C ALA A 59 -3.31 -4.68 -3.49
N LEU A 60 -3.83 -4.23 -4.65
CA LEU A 60 -4.67 -5.07 -5.55
C LEU A 60 -3.86 -5.83 -6.61
N SER A 61 -2.56 -5.49 -6.76
CA SER A 61 -1.68 -6.04 -7.84
C SER A 61 -1.55 -7.57 -7.73
N GLU A 62 -1.36 -8.24 -8.89
CA GLU A 62 -1.09 -9.69 -8.97
C GLU A 62 0.26 -10.00 -8.30
N LEU A 63 1.21 -9.06 -8.40
CA LEU A 63 2.57 -9.19 -7.84
C LEU A 63 2.57 -9.32 -6.29
N TYR A 64 1.75 -8.48 -5.61
CA TYR A 64 1.60 -8.53 -4.14
C TYR A 64 0.70 -9.71 -3.69
N ARG A 65 -0.48 -9.84 -4.30
CA ARG A 65 -1.52 -10.79 -3.84
C ARG A 65 -1.11 -12.27 -4.12
N GLU A 66 -0.45 -12.54 -5.27
CA GLU A 66 0.10 -13.90 -5.56
C GLU A 66 1.17 -14.30 -4.52
N LYS A 67 2.01 -13.32 -4.17
CA LYS A 67 3.19 -13.50 -3.30
C LYS A 67 2.80 -13.77 -1.83
N PHE A 68 1.93 -12.90 -1.26
CA PHE A 68 1.58 -12.92 0.19
C PHE A 68 0.25 -13.63 0.52
N PHE A 69 -0.64 -13.88 -0.45
CA PHE A 69 -1.87 -14.69 -0.21
C PHE A 69 -1.62 -16.20 -0.50
N HIS A 70 -0.98 -16.53 -1.62
CA HIS A 70 -0.88 -17.95 -2.09
C HIS A 70 0.19 -18.76 -1.32
N ASN A 71 1.32 -18.11 -0.96
CA ASN A 71 2.45 -18.77 -0.23
C ASN A 71 2.35 -18.55 1.31
N ASN A 72 1.18 -18.07 1.75
CA ASN A 72 0.94 -17.69 3.17
C ASN A 72 -0.53 -17.98 3.56
N ALA A 73 -0.78 -18.15 4.87
CA ALA A 73 -2.15 -18.30 5.42
C ALA A 73 -2.90 -16.95 5.34
N HIS A 74 -4.19 -16.98 4.94
CA HIS A 74 -5.00 -15.74 4.74
C HIS A 74 -5.12 -14.87 6.02
N ASN A 75 -5.23 -15.53 7.18
CA ASN A 75 -5.26 -14.85 8.50
C ASN A 75 -3.95 -14.03 8.70
N ARG A 76 -2.82 -14.65 8.33
CA ARG A 76 -1.48 -14.00 8.38
C ARG A 76 -1.33 -12.92 7.29
N PHE A 77 -1.98 -13.12 6.12
CA PHE A 77 -2.00 -12.13 5.01
C PHE A 77 -2.63 -10.81 5.47
N ILE A 78 -3.74 -10.92 6.24
CA ILE A 78 -4.46 -9.74 6.81
C ILE A 78 -3.61 -9.05 7.91
N GLU A 79 -2.93 -9.84 8.74
CA GLU A 79 -1.99 -9.33 9.78
C GLU A 79 -0.85 -8.50 9.14
N LEU A 80 -0.28 -9.05 8.05
CA LEU A 80 0.76 -8.37 7.25
C LEU A 80 0.18 -7.17 6.48
N ASN A 81 -1.05 -7.32 5.99
CA ASN A 81 -1.73 -6.31 5.14
C ASN A 81 -1.90 -4.96 5.87
N PHE A 82 -2.38 -5.01 7.12
CA PHE A 82 -2.62 -3.81 7.96
C PHE A 82 -1.32 -3.05 8.30
N LYS A 83 -0.23 -3.78 8.63
CA LYS A 83 1.09 -3.17 8.92
C LYS A 83 1.78 -2.65 7.63
N HIS A 84 1.42 -3.24 6.49
CA HIS A 84 1.86 -2.77 5.15
C HIS A 84 1.14 -1.45 4.74
N LEU A 85 -0.18 -1.41 4.95
CA LEU A 85 -1.05 -0.31 4.46
C LEU A 85 -1.13 0.89 5.46
N LEU A 86 -1.05 0.61 6.77
CA LEU A 86 -1.27 1.64 7.84
C LEU A 86 -0.16 1.61 8.91
N GLY A 87 0.58 0.48 9.01
CA GLY A 87 1.56 0.28 10.07
C GLY A 87 0.96 -0.25 11.38
N ARG A 88 -0.32 -0.68 11.32
CA ARG A 88 -1.05 -1.22 12.49
C ARG A 88 -1.12 -2.76 12.46
N ALA A 89 -1.23 -3.38 13.65
CA ALA A 89 -1.44 -4.84 13.80
C ALA A 89 -2.91 -5.11 14.20
N PRO A 90 -3.70 -5.91 13.42
CA PRO A 90 -5.11 -6.22 13.75
C PRO A 90 -5.22 -7.18 14.97
N TYR A 91 -5.17 -6.57 16.18
CA TYR A 91 -5.25 -7.28 17.47
C TYR A 91 -6.63 -7.99 17.66
N ASP A 92 -7.69 -7.41 17.05
CA ASP A 92 -9.03 -8.04 17.04
C ASP A 92 -9.08 -9.14 15.97
N GLN A 93 -9.36 -10.36 16.41
CA GLN A 93 -9.67 -11.48 15.50
C GLN A 93 -11.01 -11.21 14.76
N ALA A 94 -11.89 -10.40 15.38
CA ALA A 94 -13.13 -9.89 14.76
C ALA A 94 -12.83 -8.92 13.58
N GLU A 95 -11.73 -8.16 13.70
CA GLU A 95 -11.24 -7.22 12.64
C GLU A 95 -10.67 -8.00 11.44
N VAL A 96 -9.89 -9.05 11.77
CA VAL A 96 -9.31 -9.99 10.78
C VAL A 96 -10.45 -10.74 10.03
N ALA A 97 -11.42 -11.26 10.81
CA ALA A 97 -12.60 -12.00 10.30
C ALA A 97 -13.57 -11.10 9.49
N ALA A 98 -13.66 -9.81 9.86
CA ALA A 98 -14.50 -8.82 9.13
C ALA A 98 -13.98 -8.59 7.71
N HIS A 99 -12.66 -8.35 7.59
CA HIS A 99 -11.99 -8.19 6.28
C HIS A 99 -11.95 -9.51 5.50
N ALA A 100 -11.82 -10.64 6.21
CA ALA A 100 -11.85 -12.00 5.61
C ALA A 100 -13.20 -12.31 4.93
N ALA A 101 -14.30 -11.96 5.61
CA ALA A 101 -15.67 -12.19 5.09
C ALA A 101 -15.99 -11.30 3.87
N THR A 102 -15.47 -10.06 3.89
CA THR A 102 -15.59 -9.12 2.75
C THR A 102 -14.71 -9.60 1.56
N TYR A 103 -13.51 -10.08 1.89
CA TYR A 103 -12.51 -10.63 0.95
C TYR A 103 -13.08 -11.80 0.09
N HIS A 104 -13.59 -12.84 0.75
CA HIS A 104 -14.08 -14.06 0.06
C HIS A 104 -15.48 -13.86 -0.59
N SER A 105 -16.40 -13.20 0.14
CA SER A 105 -17.82 -13.07 -0.30
C SER A 105 -18.05 -11.89 -1.28
N HIS A 106 -17.35 -10.76 -1.08
CA HIS A 106 -17.53 -9.52 -1.90
C HIS A 106 -16.32 -9.20 -2.81
N GLY A 107 -15.18 -9.85 -2.55
CA GLY A 107 -13.93 -9.63 -3.30
C GLY A 107 -12.88 -8.90 -2.47
N TYR A 108 -11.59 -9.24 -2.69
CA TYR A 108 -10.45 -8.62 -1.94
C TYR A 108 -10.35 -7.10 -2.19
N ASP A 109 -10.80 -6.67 -3.38
CA ASP A 109 -10.84 -5.26 -3.78
C ASP A 109 -11.77 -4.41 -2.87
N ALA A 110 -12.82 -5.05 -2.33
CA ALA A 110 -13.84 -4.38 -1.50
C ALA A 110 -13.26 -3.91 -0.12
N ASP A 111 -12.53 -4.80 0.59
CA ASP A 111 -11.96 -4.48 1.93
C ASP A 111 -10.69 -3.59 1.82
N ILE A 112 -9.92 -3.74 0.72
CA ILE A 112 -8.76 -2.85 0.40
C ILE A 112 -9.20 -1.37 0.16
N ASN A 113 -10.28 -1.18 -0.64
CA ASN A 113 -10.85 0.17 -0.91
C ASN A 113 -11.34 0.85 0.39
N SER A 114 -11.77 0.02 1.38
CA SER A 114 -12.17 0.50 2.72
C SER A 114 -11.00 1.22 3.44
N TYR A 115 -9.74 0.74 3.25
CA TYR A 115 -8.53 1.37 3.79
C TYR A 115 -8.24 2.73 3.08
N ILE A 116 -8.42 2.74 1.74
CA ILE A 116 -8.22 3.96 0.90
C ILE A 116 -9.25 5.06 1.28
N ASP A 117 -10.43 4.61 1.74
CA ASP A 117 -11.55 5.48 2.11
C ASP A 117 -11.59 5.79 3.64
N SER A 118 -10.61 5.27 4.42
CA SER A 118 -10.52 5.53 5.88
C SER A 118 -10.10 6.99 6.16
N ALA A 119 -10.83 7.68 7.05
CA ALA A 119 -10.51 9.06 7.48
C ALA A 119 -9.10 9.16 8.13
N GLU A 120 -8.74 8.13 8.92
CA GLU A 120 -7.40 8.04 9.57
C GLU A 120 -6.25 8.04 8.51
N TYR A 121 -6.46 7.30 7.41
CA TYR A 121 -5.48 7.19 6.32
C TYR A 121 -5.45 8.47 5.47
N THR A 122 -6.60 8.89 4.99
CA THR A 122 -6.73 10.02 4.04
C THR A 122 -6.59 11.42 4.75
N GLU A 123 -6.11 11.44 6.01
CA GLU A 123 -5.78 12.69 6.74
C GLU A 123 -4.35 12.62 7.35
N SER A 124 -4.09 11.59 8.20
CA SER A 124 -2.73 11.41 8.83
C SER A 124 -1.66 11.03 7.77
N PHE A 125 -2.10 10.31 6.72
CA PHE A 125 -1.25 9.97 5.55
C PHE A 125 -1.72 10.75 4.29
N GLY A 126 -2.89 11.41 4.37
CA GLY A 126 -3.43 12.24 3.25
C GLY A 126 -3.64 11.49 1.93
N ASP A 127 -3.91 12.26 0.84
CA ASP A 127 -3.90 11.72 -0.54
C ASP A 127 -2.48 11.82 -1.17
N ASN A 128 -1.63 12.73 -0.63
CA ASN A 128 -0.30 13.06 -1.20
C ASN A 128 0.88 12.39 -0.46
N VAL A 129 0.69 11.96 0.79
CA VAL A 129 1.77 11.40 1.62
C VAL A 129 1.74 9.84 1.60
N VAL A 130 2.93 9.22 1.59
CA VAL A 130 3.11 7.75 1.50
C VAL A 130 2.83 7.08 2.87
N PRO A 131 2.10 5.91 2.89
CA PRO A 131 1.95 5.04 4.10
C PRO A 131 3.32 4.72 4.75
N TYR A 132 3.32 4.62 6.09
CA TYR A 132 4.52 4.28 6.88
C TYR A 132 4.16 3.30 8.01
N PHE A 133 5.13 2.43 8.38
CA PHE A 133 5.02 1.60 9.58
C PHE A 133 5.17 2.50 10.83
N ARG A 134 4.30 2.29 11.82
CA ARG A 134 4.21 3.15 13.01
C ARG A 134 5.25 2.73 14.07
N GLY A 135 6.48 3.26 13.91
CA GLY A 135 7.63 2.93 14.78
C GLY A 135 8.84 2.47 13.97
N LEU A 136 9.40 3.38 13.14
CA LEU A 136 10.58 3.09 12.29
C LEU A 136 11.89 3.60 12.96
N GLU A 137 12.13 4.93 12.91
CA GLU A 137 13.40 5.54 13.38
C GLU A 137 13.18 7.06 13.68
N HIS A 138 14.27 7.74 14.09
CA HIS A 138 14.30 9.21 14.27
C HIS A 138 14.10 9.94 12.92
N HIS A 139 13.45 11.12 12.96
CA HIS A 139 13.22 11.96 11.76
C HIS A 139 14.43 12.88 11.51
N HIS A 140 15.47 12.33 10.84
CA HIS A 140 16.78 12.99 10.64
C HIS A 140 16.65 14.13 9.59
N HIS A 141 16.48 13.74 8.32
CA HIS A 141 16.26 14.67 7.19
C HIS A 141 14.78 14.68 6.81
N HIS A 142 14.12 15.84 6.99
CA HIS A 142 12.65 15.98 6.85
C HIS A 142 12.22 16.17 5.37
N HIS A 143 13.21 16.23 4.45
CA HIS A 143 12.97 16.32 2.99
C HIS A 143 13.83 15.27 2.26
N MET A 1 10.30 11.60 7.48
CA MET A 1 10.19 10.27 6.82
C MET A 1 8.84 10.10 6.03
N PRO A 2 7.63 10.50 6.59
CA PRO A 2 6.39 10.61 5.76
C PRO A 2 6.57 11.60 4.57
N LEU A 3 6.82 11.04 3.38
CA LEU A 3 7.18 11.82 2.17
C LEU A 3 5.88 12.25 1.43
N GLU A 4 5.76 13.55 1.09
CA GLU A 4 4.56 14.08 0.41
C GLU A 4 4.90 14.49 -1.04
N TRP A 5 4.01 14.14 -1.98
CA TRP A 5 4.12 14.51 -3.39
C TRP A 5 3.20 15.70 -3.73
N ARG A 6 3.66 16.55 -4.66
CA ARG A 6 2.86 17.65 -5.23
C ARG A 6 3.01 17.68 -6.78
N ALA A 7 2.00 18.24 -7.45
CA ALA A 7 2.06 18.49 -8.91
C ALA A 7 3.13 19.58 -9.20
N GLY A 8 4.04 19.30 -10.15
CA GLY A 8 5.21 20.17 -10.41
C GLY A 8 6.52 19.63 -9.82
N ALA A 9 6.44 18.50 -9.07
CA ALA A 9 7.62 17.78 -8.53
C ALA A 9 8.42 17.09 -9.66
N SER A 10 9.74 16.88 -9.44
CA SER A 10 10.66 16.32 -10.45
C SER A 10 10.55 14.77 -10.49
N SER A 11 10.89 14.16 -11.65
CA SER A 11 10.64 12.72 -11.92
C SER A 11 11.38 11.77 -10.95
N ASP A 12 12.62 12.14 -10.58
CA ASP A 12 13.43 11.35 -9.61
C ASP A 12 12.82 11.40 -8.18
N GLU A 13 12.20 12.55 -7.83
CA GLU A 13 11.44 12.70 -6.56
C GLU A 13 10.23 11.74 -6.54
N ILE A 14 9.49 11.69 -7.67
CA ILE A 14 8.32 10.80 -7.83
C ILE A 14 8.74 9.31 -7.78
N ASN A 15 9.89 8.97 -8.42
CA ASN A 15 10.45 7.59 -8.43
C ASN A 15 10.82 7.09 -7.02
N ALA A 16 11.34 8.00 -6.18
CA ALA A 16 11.65 7.71 -4.76
C ALA A 16 10.36 7.47 -3.93
N ILE A 17 9.29 8.22 -4.28
CA ILE A 17 7.94 8.11 -3.68
C ILE A 17 7.26 6.77 -4.08
N ILE A 18 7.38 6.42 -5.37
CA ILE A 18 6.88 5.16 -5.96
C ILE A 18 7.55 3.93 -5.28
N ARG A 19 8.89 4.01 -5.16
CA ARG A 19 9.71 2.99 -4.47
C ARG A 19 9.40 2.90 -2.96
N ALA A 20 9.11 4.06 -2.34
CA ALA A 20 8.69 4.14 -0.92
C ALA A 20 7.34 3.43 -0.69
N VAL A 21 6.41 3.58 -1.67
CA VAL A 21 5.10 2.91 -1.66
C VAL A 21 5.28 1.38 -1.86
N TYR A 22 6.01 0.99 -2.92
CA TYR A 22 6.28 -0.44 -3.26
C TYR A 22 6.89 -1.23 -2.06
N ARG A 23 7.98 -0.68 -1.46
CA ARG A 23 8.69 -1.35 -0.35
C ARG A 23 7.83 -1.40 0.93
N GLN A 24 6.95 -0.39 1.11
CA GLN A 24 6.00 -0.34 2.24
C GLN A 24 4.85 -1.37 2.07
N VAL A 25 4.30 -1.48 0.84
CA VAL A 25 3.15 -2.35 0.56
C VAL A 25 3.56 -3.84 0.53
N LEU A 26 4.70 -4.19 -0.09
CA LEU A 26 5.20 -5.59 -0.09
C LEU A 26 5.97 -5.93 1.21
N GLY A 27 6.44 -4.89 1.94
CA GLY A 27 7.21 -5.08 3.20
C GLY A 27 8.71 -5.30 2.94
N ASN A 28 8.99 -6.32 2.11
CA ASN A 28 10.33 -6.61 1.55
C ASN A 28 10.74 -5.53 0.51
N ASP A 29 11.96 -5.62 -0.06
CA ASP A 29 12.47 -4.70 -1.11
C ASP A 29 11.78 -4.91 -2.52
N TYR A 30 10.55 -5.48 -2.51
CA TYR A 30 9.52 -5.42 -3.60
C TYR A 30 9.95 -5.99 -4.99
N VAL A 31 9.02 -5.87 -5.98
CA VAL A 31 9.23 -6.27 -7.40
C VAL A 31 9.18 -5.04 -8.34
N MET A 32 10.17 -4.92 -9.24
CA MET A 32 10.26 -3.84 -10.26
C MET A 32 10.91 -4.42 -11.56
N SER A 33 10.90 -3.62 -12.67
CA SER A 33 11.49 -3.98 -13.99
C SER A 33 10.57 -4.93 -14.80
N THR A 34 10.41 -6.16 -14.28
CA THR A 34 9.54 -7.22 -14.87
C THR A 34 8.03 -6.84 -14.79
N GLU A 35 7.57 -6.13 -15.84
CA GLU A 35 6.17 -5.62 -16.01
C GLU A 35 5.76 -4.59 -14.93
N ARG A 36 5.48 -5.07 -13.68
CA ARG A 36 4.96 -4.27 -12.51
C ARG A 36 3.71 -3.42 -12.89
N LEU A 37 3.37 -2.40 -12.09
CA LEU A 37 2.26 -1.47 -12.39
C LEU A 37 2.69 -0.40 -13.42
N THR A 38 3.02 -0.82 -14.65
CA THR A 38 3.48 0.12 -15.72
C THR A 38 2.44 1.24 -16.03
N SER A 39 1.14 0.88 -15.99
CA SER A 39 0.03 1.84 -16.24
C SER A 39 -0.19 2.80 -15.04
N ALA A 40 -0.32 2.22 -13.82
CA ALA A 40 -0.63 2.99 -12.58
C ALA A 40 0.53 3.92 -12.14
N GLU A 41 1.75 3.41 -12.26
CA GLU A 41 2.99 4.16 -11.97
C GLU A 41 3.18 5.35 -12.95
N SER A 42 2.77 5.14 -14.22
CA SER A 42 2.77 6.20 -15.27
C SER A 42 1.71 7.28 -14.97
N LEU A 43 0.60 6.89 -14.31
CA LEU A 43 -0.46 7.84 -13.87
C LEU A 43 0.03 8.74 -12.72
N LEU A 44 0.85 8.20 -11.79
CA LEU A 44 1.45 9.00 -10.69
C LEU A 44 2.56 9.96 -11.22
N ARG A 45 3.44 9.43 -12.11
CA ARG A 45 4.47 10.23 -12.82
C ARG A 45 3.87 11.21 -13.85
N GLY A 46 2.65 10.92 -14.33
CA GLY A 46 1.93 11.82 -15.27
C GLY A 46 1.05 12.87 -14.56
N GLY A 47 0.90 12.73 -13.23
CA GLY A 47 0.07 13.66 -12.43
C GLY A 47 -1.45 13.40 -12.52
N GLU A 48 -1.85 12.23 -13.03
CA GLU A 48 -3.27 11.86 -13.20
C GLU A 48 -3.92 11.33 -11.89
N ILE A 49 -3.13 10.66 -11.02
CA ILE A 49 -3.63 10.13 -9.71
C ILE A 49 -2.78 10.65 -8.52
N SER A 50 -3.34 10.54 -7.30
CA SER A 50 -2.61 10.85 -6.04
C SER A 50 -1.82 9.62 -5.55
N VAL A 51 -0.98 9.83 -4.52
CA VAL A 51 -0.20 8.75 -3.87
C VAL A 51 -1.13 7.64 -3.30
N ARG A 52 -2.19 8.08 -2.60
CA ARG A 52 -3.23 7.19 -2.02
C ARG A 52 -3.81 6.18 -3.04
N ASP A 53 -4.21 6.71 -4.21
CA ASP A 53 -4.77 5.92 -5.32
C ASP A 53 -3.72 4.95 -5.93
N PHE A 54 -2.43 5.33 -5.87
CA PHE A 54 -1.32 4.45 -6.29
C PHE A 54 -1.07 3.32 -5.25
N VAL A 55 -1.10 3.65 -3.94
CA VAL A 55 -0.91 2.67 -2.83
C VAL A 55 -2.02 1.58 -2.88
N ARG A 56 -3.24 2.04 -3.23
CA ARG A 56 -4.39 1.17 -3.49
C ARG A 56 -4.09 0.18 -4.65
N ALA A 57 -3.49 0.71 -5.74
CA ALA A 57 -3.13 -0.09 -6.94
C ALA A 57 -2.01 -1.12 -6.66
N VAL A 58 -1.03 -0.77 -5.80
CA VAL A 58 0.06 -1.71 -5.39
C VAL A 58 -0.49 -2.82 -4.48
N ALA A 59 -1.52 -2.45 -3.70
CA ALA A 59 -2.31 -3.40 -2.89
C ALA A 59 -3.21 -4.32 -3.75
N LEU A 60 -3.71 -3.77 -4.89
CA LEU A 60 -4.59 -4.50 -5.83
C LEU A 60 -3.77 -5.33 -6.85
N SER A 61 -2.45 -5.08 -6.95
CA SER A 61 -1.56 -5.82 -7.89
C SER A 61 -1.52 -7.31 -7.55
N GLU A 62 -1.51 -8.17 -8.59
CA GLU A 62 -1.42 -9.63 -8.40
C GLU A 62 -0.04 -10.03 -7.86
N LEU A 63 0.99 -9.21 -8.15
CA LEU A 63 2.39 -9.45 -7.72
C LEU A 63 2.51 -9.40 -6.17
N TYR A 64 1.84 -8.40 -5.56
CA TYR A 64 1.72 -8.31 -4.08
C TYR A 64 0.79 -9.40 -3.53
N ARG A 65 -0.42 -9.50 -4.13
CA ARG A 65 -1.51 -10.35 -3.60
C ARG A 65 -1.09 -11.83 -3.52
N GLU A 66 -0.62 -12.42 -4.63
CA GLU A 66 -0.25 -13.87 -4.73
C GLU A 66 0.88 -14.27 -3.75
N LYS A 67 1.80 -13.32 -3.48
CA LYS A 67 2.99 -13.55 -2.63
C LYS A 67 2.59 -13.79 -1.14
N PHE A 68 1.48 -13.17 -0.70
CA PHE A 68 0.98 -13.33 0.69
C PHE A 68 -0.39 -14.04 0.80
N PHE A 69 -1.12 -14.19 -0.32
CA PHE A 69 -2.43 -14.90 -0.38
C PHE A 69 -2.24 -16.41 -0.75
N HIS A 70 -1.39 -16.68 -1.77
CA HIS A 70 -1.12 -18.08 -2.24
C HIS A 70 0.02 -18.74 -1.43
N ASN A 71 1.04 -17.93 -1.11
CA ASN A 71 2.29 -18.39 -0.46
C ASN A 71 2.19 -18.33 1.09
N ASN A 72 1.30 -17.45 1.61
CA ASN A 72 1.10 -17.24 3.07
C ASN A 72 -0.41 -17.42 3.41
N ALA A 73 -0.72 -17.77 4.67
CA ALA A 73 -2.11 -18.01 5.14
C ALA A 73 -2.94 -16.71 5.21
N HIS A 74 -4.23 -16.78 4.79
CA HIS A 74 -5.14 -15.59 4.67
C HIS A 74 -5.28 -14.77 5.99
N ASN A 75 -5.28 -15.46 7.14
CA ASN A 75 -5.29 -14.82 8.48
C ASN A 75 -4.07 -13.85 8.65
N ARG A 76 -2.87 -14.35 8.32
CA ARG A 76 -1.61 -13.56 8.36
C ARG A 76 -1.57 -12.50 7.22
N PHE A 77 -2.22 -12.81 6.08
CA PHE A 77 -2.33 -11.87 4.92
C PHE A 77 -3.07 -10.57 5.34
N ILE A 78 -4.17 -10.72 6.11
CA ILE A 78 -4.95 -9.58 6.66
C ILE A 78 -4.08 -8.75 7.66
N GLU A 79 -3.30 -9.46 8.50
CA GLU A 79 -2.33 -8.82 9.44
C GLU A 79 -1.27 -7.99 8.67
N LEU A 80 -0.81 -8.54 7.54
CA LEU A 80 0.17 -7.90 6.66
C LEU A 80 -0.44 -6.66 5.94
N ASN A 81 -1.71 -6.77 5.49
CA ASN A 81 -2.42 -5.67 4.78
C ASN A 81 -2.47 -4.36 5.63
N PHE A 82 -2.72 -4.51 6.95
CA PHE A 82 -2.75 -3.36 7.89
C PHE A 82 -1.38 -2.67 8.02
N LYS A 83 -0.32 -3.44 8.33
CA LYS A 83 1.03 -2.90 8.58
C LYS A 83 1.72 -2.39 7.28
N HIS A 84 1.31 -2.97 6.14
CA HIS A 84 1.82 -2.59 4.80
C HIS A 84 1.14 -1.32 4.24
N LEU A 85 -0.19 -1.23 4.36
CA LEU A 85 -0.96 -0.11 3.77
C LEU A 85 -1.15 1.06 4.74
N LEU A 86 -1.15 0.78 6.05
CA LEU A 86 -1.32 1.81 7.09
C LEU A 86 -0.07 1.85 8.01
N GLY A 87 0.02 0.88 8.95
CA GLY A 87 1.17 0.82 9.89
C GLY A 87 0.94 -0.10 11.10
N ARG A 88 -0.30 -0.12 11.63
CA ARG A 88 -0.63 -0.92 12.86
C ARG A 88 -0.89 -2.41 12.57
N ALA A 89 -1.06 -3.21 13.66
CA ALA A 89 -1.34 -4.66 13.60
C ALA A 89 -2.77 -4.96 14.13
N PRO A 90 -3.66 -5.64 13.35
CA PRO A 90 -5.07 -5.91 13.74
C PRO A 90 -5.17 -7.03 14.82
N TYR A 91 -4.92 -6.64 16.08
CA TYR A 91 -4.93 -7.57 17.24
C TYR A 91 -6.35 -8.10 17.54
N ASP A 92 -7.39 -7.44 16.98
CA ASP A 92 -8.80 -7.84 17.17
C ASP A 92 -9.15 -9.00 16.22
N GLN A 93 -9.56 -10.15 16.78
CA GLN A 93 -10.05 -11.30 15.97
C GLN A 93 -11.38 -10.95 15.26
N ALA A 94 -12.18 -10.07 15.89
CA ALA A 94 -13.43 -9.52 15.29
C ALA A 94 -13.13 -8.70 14.01
N GLU A 95 -11.99 -7.98 14.03
CA GLU A 95 -11.48 -7.19 12.87
C GLU A 95 -11.05 -8.12 11.71
N VAL A 96 -10.24 -9.15 12.07
CA VAL A 96 -9.70 -10.14 11.10
C VAL A 96 -10.85 -10.96 10.44
N ALA A 97 -11.82 -11.40 11.26
CA ALA A 97 -13.03 -12.13 10.82
C ALA A 97 -13.96 -11.23 9.95
N ALA A 98 -14.00 -9.92 10.27
CA ALA A 98 -14.78 -8.93 9.49
C ALA A 98 -14.18 -8.74 8.08
N HIS A 99 -12.84 -8.63 8.00
CA HIS A 99 -12.11 -8.46 6.72
C HIS A 99 -12.11 -9.75 5.88
N ALA A 100 -12.05 -10.92 6.54
CA ALA A 100 -12.18 -12.23 5.87
C ALA A 100 -13.56 -12.37 5.18
N ALA A 101 -14.63 -12.05 5.92
CA ALA A 101 -16.02 -12.15 5.42
C ALA A 101 -16.31 -11.14 4.27
N THR A 102 -15.78 -9.92 4.40
CA THR A 102 -15.90 -8.85 3.36
C THR A 102 -15.14 -9.26 2.07
N TYR A 103 -13.95 -9.85 2.26
CA TYR A 103 -13.10 -10.42 1.20
C TYR A 103 -13.83 -11.50 0.36
N HIS A 104 -14.56 -12.40 1.06
CA HIS A 104 -15.35 -13.47 0.41
C HIS A 104 -16.67 -12.94 -0.22
N SER A 105 -17.34 -11.97 0.44
CA SER A 105 -18.71 -11.53 0.05
C SER A 105 -18.71 -10.48 -1.09
N HIS A 106 -17.76 -9.54 -1.03
CA HIS A 106 -17.67 -8.40 -1.99
C HIS A 106 -16.42 -8.48 -2.88
N GLY A 107 -15.64 -9.56 -2.72
CA GLY A 107 -14.40 -9.76 -3.51
C GLY A 107 -13.18 -9.17 -2.83
N TYR A 108 -11.99 -9.61 -3.27
CA TYR A 108 -10.69 -9.16 -2.70
C TYR A 108 -10.54 -7.62 -2.76
N ASP A 109 -10.91 -7.06 -3.93
CA ASP A 109 -10.72 -5.64 -4.27
C ASP A 109 -11.46 -4.70 -3.29
N ALA A 110 -12.70 -5.05 -2.93
CA ALA A 110 -13.52 -4.23 -2.01
C ALA A 110 -12.90 -4.13 -0.59
N ASP A 111 -12.36 -5.27 -0.10
CA ASP A 111 -11.74 -5.34 1.25
C ASP A 111 -10.35 -4.66 1.26
N ILE A 112 -9.60 -4.81 0.16
CA ILE A 112 -8.29 -4.16 -0.06
C ILE A 112 -8.44 -2.60 -0.13
N ASN A 113 -9.52 -2.15 -0.79
CA ASN A 113 -9.89 -0.71 -0.86
C ASN A 113 -10.33 -0.18 0.52
N SER A 114 -10.92 -1.05 1.37
CA SER A 114 -11.35 -0.68 2.76
C SER A 114 -10.19 -0.14 3.63
N TYR A 115 -8.95 -0.60 3.35
CA TYR A 115 -7.75 -0.15 4.09
C TYR A 115 -7.30 1.28 3.66
N ILE A 116 -7.42 1.57 2.35
CA ILE A 116 -6.93 2.83 1.73
C ILE A 116 -7.95 3.99 1.84
N ASP A 117 -9.21 3.66 1.56
CA ASP A 117 -10.34 4.62 1.56
C ASP A 117 -10.88 4.87 2.99
N SER A 118 -10.26 4.23 4.00
CA SER A 118 -10.56 4.47 5.43
C SER A 118 -10.09 5.87 5.88
N ALA A 119 -10.85 6.52 6.79
CA ALA A 119 -10.49 7.84 7.36
C ALA A 119 -9.23 7.74 8.24
N GLU A 120 -8.95 6.53 8.81
CA GLU A 120 -7.70 6.26 9.56
C GLU A 120 -6.46 6.48 8.65
N TYR A 121 -6.54 5.93 7.42
CA TYR A 121 -5.46 6.08 6.42
C TYR A 121 -5.40 7.52 5.86
N THR A 122 -6.55 8.02 5.40
CA THR A 122 -6.63 9.29 4.62
C THR A 122 -6.26 10.54 5.46
N GLU A 123 -6.51 10.51 6.78
CA GLU A 123 -6.20 11.64 7.69
C GLU A 123 -4.83 11.48 8.41
N SER A 124 -4.42 10.23 8.75
CA SER A 124 -3.10 10.02 9.43
C SER A 124 -1.92 9.92 8.43
N PHE A 125 -2.17 9.29 7.27
CA PHE A 125 -1.14 9.04 6.21
C PHE A 125 -1.39 9.85 4.91
N GLY A 126 -2.44 10.70 4.90
CA GLY A 126 -2.72 11.63 3.79
C GLY A 126 -3.12 10.98 2.44
N ASP A 127 -3.66 11.80 1.52
CA ASP A 127 -3.92 11.38 0.12
C ASP A 127 -2.69 11.61 -0.79
N ASN A 128 -1.86 12.62 -0.44
CA ASN A 128 -0.61 12.95 -1.17
C ASN A 128 0.65 12.50 -0.41
N VAL A 129 0.47 11.97 0.80
CA VAL A 129 1.58 11.50 1.66
C VAL A 129 1.70 9.96 1.57
N VAL A 130 2.94 9.44 1.56
CA VAL A 130 3.23 8.00 1.53
C VAL A 130 3.03 7.38 2.94
N PRO A 131 2.26 6.26 3.08
CA PRO A 131 2.18 5.49 4.34
C PRO A 131 3.55 4.88 4.73
N TYR A 132 3.77 4.73 6.03
CA TYR A 132 5.05 4.21 6.56
C TYR A 132 4.80 3.23 7.73
N PHE A 133 5.66 2.21 7.86
CA PHE A 133 5.66 1.30 9.02
C PHE A 133 6.52 1.90 10.15
N ARG A 134 6.04 1.83 11.40
CA ARG A 134 6.76 2.36 12.57
C ARG A 134 7.64 1.26 13.21
N GLY A 135 8.94 1.26 12.84
CA GLY A 135 9.93 0.31 13.38
C GLY A 135 10.33 -0.79 12.38
N LEU A 136 11.14 -0.42 11.37
CA LEU A 136 11.65 -1.36 10.33
C LEU A 136 13.17 -1.20 10.10
N GLU A 137 13.80 -2.19 9.45
CA GLU A 137 15.26 -2.16 9.13
C GLU A 137 15.54 -1.37 7.83
N HIS A 138 16.51 -0.44 7.92
CA HIS A 138 16.90 0.44 6.79
C HIS A 138 18.35 0.97 6.99
N HIS A 139 19.32 0.39 6.26
CA HIS A 139 20.72 0.90 6.21
C HIS A 139 20.97 1.69 4.89
N HIS A 140 21.51 1.02 3.84
CA HIS A 140 21.79 1.63 2.53
C HIS A 140 21.61 0.59 1.39
N HIS A 141 20.73 0.86 0.42
CA HIS A 141 20.62 0.08 -0.82
C HIS A 141 21.11 0.91 -2.03
N HIS A 142 22.30 0.57 -2.55
CA HIS A 142 22.83 1.14 -3.82
C HIS A 142 22.07 0.56 -5.04
N HIS A 143 21.49 -0.64 -4.84
CA HIS A 143 20.63 -1.33 -5.83
C HIS A 143 19.57 -2.18 -5.09
N MET A 1 7.78 12.70 9.22
CA MET A 1 8.32 11.33 9.00
C MET A 1 8.24 10.86 7.51
N PRO A 2 7.02 10.75 6.86
CA PRO A 2 6.85 10.00 5.56
C PRO A 2 7.21 10.80 4.26
N LEU A 3 7.01 10.13 3.10
CA LEU A 3 7.18 10.73 1.75
C LEU A 3 5.86 11.39 1.30
N GLU A 4 5.94 12.56 0.66
CA GLU A 4 4.74 13.30 0.15
C GLU A 4 4.98 13.87 -1.27
N TRP A 5 3.98 13.73 -2.16
CA TRP A 5 4.04 14.30 -3.53
C TRP A 5 3.27 15.63 -3.65
N ARG A 6 3.90 16.58 -4.35
CA ARG A 6 3.33 17.89 -4.72
C ARG A 6 3.68 18.23 -6.19
N ALA A 7 3.03 19.28 -6.73
CA ALA A 7 3.38 19.83 -8.05
C ALA A 7 4.74 20.57 -7.94
N GLY A 8 5.66 20.28 -8.87
CA GLY A 8 7.05 20.78 -8.81
C GLY A 8 8.06 19.72 -8.34
N ALA A 9 7.56 18.62 -7.74
CA ALA A 9 8.39 17.42 -7.40
C ALA A 9 9.03 16.81 -8.67
N SER A 10 10.27 16.34 -8.54
CA SER A 10 11.09 15.86 -9.67
C SER A 10 10.74 14.39 -10.04
N SER A 11 11.08 13.96 -11.27
CA SER A 11 10.79 12.59 -11.77
C SER A 11 11.38 11.49 -10.86
N ASP A 12 12.65 11.68 -10.45
CA ASP A 12 13.35 10.77 -9.51
C ASP A 12 12.69 10.76 -8.11
N GLU A 13 12.12 11.91 -7.69
CA GLU A 13 11.34 12.01 -6.42
C GLU A 13 10.03 11.19 -6.52
N ILE A 14 9.35 11.24 -7.69
CA ILE A 14 8.12 10.45 -7.95
C ILE A 14 8.45 8.93 -7.97
N ASN A 15 9.57 8.58 -8.61
CA ASN A 15 10.06 7.17 -8.71
C ASN A 15 10.52 6.63 -7.34
N ALA A 16 11.03 7.53 -6.47
CA ALA A 16 11.36 7.19 -5.06
C ALA A 16 10.08 6.97 -4.22
N ILE A 17 9.02 7.74 -4.54
CA ILE A 17 7.68 7.56 -3.95
C ILE A 17 7.06 6.22 -4.40
N ILE A 18 7.20 5.90 -5.70
CA ILE A 18 6.79 4.58 -6.27
C ILE A 18 7.48 3.43 -5.50
N ARG A 19 8.80 3.55 -5.36
CA ARG A 19 9.67 2.59 -4.64
C ARG A 19 9.17 2.37 -3.18
N ALA A 20 8.94 3.47 -2.44
CA ALA A 20 8.55 3.41 -1.01
C ALA A 20 7.12 2.87 -0.81
N VAL A 21 6.23 3.09 -1.81
CA VAL A 21 4.88 2.49 -1.83
C VAL A 21 5.00 0.96 -1.94
N TYR A 22 5.75 0.48 -2.94
CA TYR A 22 5.98 -0.96 -3.16
C TYR A 22 6.68 -1.64 -1.95
N ARG A 23 7.64 -0.95 -1.29
CA ARG A 23 8.41 -1.54 -0.17
C ARG A 23 7.58 -1.67 1.12
N GLN A 24 6.67 -0.72 1.38
CA GLN A 24 5.73 -0.85 2.50
C GLN A 24 4.56 -1.83 2.19
N VAL A 25 4.00 -1.74 0.95
CA VAL A 25 2.81 -2.54 0.54
C VAL A 25 3.14 -4.03 0.33
N LEU A 26 4.32 -4.36 -0.23
CA LEU A 26 4.79 -5.76 -0.29
C LEU A 26 5.59 -6.12 1.00
N GLY A 27 6.76 -5.49 1.17
CA GLY A 27 7.62 -5.75 2.36
C GLY A 27 9.09 -5.89 1.99
N ASN A 28 9.48 -7.09 1.51
CA ASN A 28 10.86 -7.36 1.05
C ASN A 28 11.09 -6.74 -0.34
N ASP A 29 11.38 -5.42 -0.33
CA ASP A 29 11.43 -4.57 -1.53
C ASP A 29 10.10 -4.64 -2.32
N TYR A 30 10.00 -5.56 -3.30
CA TYR A 30 8.81 -5.69 -4.18
C TYR A 30 8.94 -6.85 -5.19
N VAL A 31 8.00 -6.89 -6.14
CA VAL A 31 8.11 -7.63 -7.40
C VAL A 31 8.20 -6.62 -8.56
N MET A 32 9.37 -6.53 -9.22
CA MET A 32 9.57 -5.75 -10.45
C MET A 32 10.35 -6.53 -11.52
N SER A 33 10.62 -5.85 -12.68
CA SER A 33 11.15 -6.45 -13.96
C SER A 33 10.06 -7.18 -14.79
N THR A 34 9.10 -7.82 -14.10
CA THR A 34 7.98 -8.58 -14.71
C THR A 34 6.61 -7.87 -14.47
N GLU A 35 5.99 -7.33 -15.56
CA GLU A 35 4.66 -6.62 -15.54
C GLU A 35 4.66 -5.37 -14.62
N ARG A 36 4.58 -5.63 -13.28
CA ARG A 36 4.80 -4.66 -12.16
C ARG A 36 4.19 -3.25 -12.32
N LEU A 37 2.95 -3.20 -12.88
CA LEU A 37 2.11 -1.99 -12.93
C LEU A 37 2.78 -0.80 -13.66
N THR A 38 3.45 -1.08 -14.79
CA THR A 38 4.03 -0.04 -15.69
C THR A 38 3.00 1.05 -16.08
N SER A 39 1.72 0.64 -16.20
CA SER A 39 0.57 1.54 -16.42
C SER A 39 0.36 2.52 -15.23
N ALA A 40 0.28 1.95 -14.01
CA ALA A 40 0.03 2.73 -12.76
C ALA A 40 1.18 3.72 -12.44
N GLU A 41 2.43 3.25 -12.67
CA GLU A 41 3.64 4.10 -12.59
C GLU A 41 3.53 5.34 -13.52
N SER A 42 3.18 5.10 -14.80
CA SER A 42 2.97 6.18 -15.81
C SER A 42 1.88 7.19 -15.36
N LEU A 43 0.82 6.68 -14.71
CA LEU A 43 -0.30 7.51 -14.20
C LEU A 43 0.13 8.44 -13.03
N LEU A 44 0.93 7.93 -12.08
CA LEU A 44 1.44 8.74 -10.95
C LEU A 44 2.47 9.80 -11.43
N ARG A 45 3.36 9.36 -12.33
CA ARG A 45 4.37 10.21 -13.01
C ARG A 45 3.74 11.30 -13.92
N GLY A 46 2.53 11.00 -14.45
CA GLY A 46 1.76 11.97 -15.26
C GLY A 46 0.79 12.82 -14.44
N GLY A 47 0.61 12.47 -13.15
CA GLY A 47 -0.37 13.16 -12.26
C GLY A 47 -1.83 12.85 -12.59
N GLU A 48 -2.07 11.73 -13.30
CA GLU A 48 -3.42 11.26 -13.68
C GLU A 48 -4.16 10.61 -12.49
N ILE A 49 -3.39 9.98 -11.58
CA ILE A 49 -3.92 9.45 -10.29
C ILE A 49 -3.18 10.12 -9.11
N SER A 50 -3.81 10.09 -7.92
CA SER A 50 -3.17 10.54 -6.67
C SER A 50 -2.30 9.42 -6.06
N VAL A 51 -1.48 9.77 -5.06
CA VAL A 51 -0.68 8.79 -4.30
C VAL A 51 -1.59 7.79 -3.55
N ARG A 52 -2.77 8.26 -3.11
CA ARG A 52 -3.79 7.41 -2.45
C ARG A 52 -4.29 6.28 -3.39
N ASP A 53 -4.52 6.64 -4.67
CA ASP A 53 -4.92 5.69 -5.74
C ASP A 53 -3.77 4.72 -6.09
N PHE A 54 -2.51 5.21 -6.01
CA PHE A 54 -1.32 4.41 -6.36
C PHE A 54 -1.01 3.34 -5.28
N VAL A 55 -1.08 3.73 -4.00
CA VAL A 55 -0.93 2.80 -2.84
C VAL A 55 -2.01 1.68 -2.90
N ARG A 56 -3.22 2.08 -3.31
CA ARG A 56 -4.34 1.17 -3.53
C ARG A 56 -4.10 0.24 -4.76
N ALA A 57 -3.51 0.79 -5.84
CA ALA A 57 -3.23 0.04 -7.11
C ALA A 57 -2.18 -1.08 -6.89
N VAL A 58 -1.15 -0.77 -6.10
CA VAL A 58 -0.06 -1.71 -5.73
C VAL A 58 -0.57 -2.78 -4.73
N ALA A 59 -1.56 -2.39 -3.92
CA ALA A 59 -2.32 -3.33 -3.07
C ALA A 59 -3.32 -4.20 -3.88
N LEU A 60 -3.79 -3.68 -5.03
CA LEU A 60 -4.70 -4.43 -5.94
C LEU A 60 -3.92 -5.29 -6.94
N SER A 61 -2.58 -5.14 -6.94
CA SER A 61 -1.67 -5.89 -7.81
C SER A 61 -1.78 -7.41 -7.58
N GLU A 62 -1.87 -8.17 -8.69
CA GLU A 62 -1.89 -9.64 -8.66
C GLU A 62 -0.51 -10.21 -8.29
N LEU A 63 0.55 -9.42 -8.49
CA LEU A 63 1.94 -9.77 -8.14
C LEU A 63 2.13 -9.77 -6.60
N TYR A 64 1.58 -8.73 -5.93
CA TYR A 64 1.53 -8.64 -4.45
C TYR A 64 0.61 -9.76 -3.88
N ARG A 65 -0.53 -9.97 -4.55
CA ARG A 65 -1.53 -10.97 -4.18
C ARG A 65 -0.96 -12.42 -4.30
N GLU A 66 -0.20 -12.68 -5.37
CA GLU A 66 0.39 -14.01 -5.65
C GLU A 66 1.39 -14.38 -4.54
N LYS A 67 2.30 -13.44 -4.24
CA LYS A 67 3.41 -13.66 -3.30
C LYS A 67 2.93 -13.71 -1.82
N PHE A 68 2.09 -12.74 -1.39
CA PHE A 68 1.72 -12.56 0.04
C PHE A 68 0.35 -13.16 0.43
N PHE A 69 -0.57 -13.39 -0.54
CA PHE A 69 -1.82 -14.16 -0.24
C PHE A 69 -1.66 -15.68 -0.50
N HIS A 70 -1.03 -16.08 -1.63
CA HIS A 70 -1.02 -17.51 -2.06
C HIS A 70 0.14 -18.33 -1.42
N ASN A 71 1.33 -17.71 -1.25
CA ASN A 71 2.49 -18.36 -0.57
C ASN A 71 2.45 -18.14 0.98
N ASN A 72 1.31 -17.65 1.48
CA ASN A 72 1.12 -17.24 2.90
C ASN A 72 -0.34 -17.52 3.35
N ALA A 73 -0.58 -17.67 4.66
CA ALA A 73 -1.95 -17.84 5.22
C ALA A 73 -2.76 -16.52 5.12
N HIS A 74 -4.07 -16.60 4.78
CA HIS A 74 -4.96 -15.40 4.68
C HIS A 74 -5.03 -14.62 6.02
N ASN A 75 -4.99 -15.34 7.15
CA ASN A 75 -4.91 -14.74 8.50
C ASN A 75 -3.65 -13.82 8.61
N ARG A 76 -2.50 -14.38 8.22
CA ARG A 76 -1.21 -13.65 8.15
C ARG A 76 -1.21 -12.53 7.09
N PHE A 77 -1.96 -12.74 5.98
CA PHE A 77 -2.08 -11.76 4.88
C PHE A 77 -2.79 -10.48 5.36
N ILE A 78 -3.86 -10.64 6.16
CA ILE A 78 -4.60 -9.51 6.78
C ILE A 78 -3.72 -8.77 7.83
N GLU A 79 -2.95 -9.57 8.61
CA GLU A 79 -1.97 -9.04 9.60
C GLU A 79 -0.89 -8.17 8.94
N LEU A 80 -0.45 -8.61 7.76
CA LEU A 80 0.51 -7.89 6.93
C LEU A 80 -0.16 -6.69 6.21
N ASN A 81 -1.39 -6.88 5.72
CA ASN A 81 -2.10 -5.89 4.85
C ASN A 81 -2.38 -4.56 5.60
N PHE A 82 -2.67 -4.65 6.91
CA PHE A 82 -2.87 -3.47 7.80
C PHE A 82 -1.59 -2.59 7.91
N LYS A 83 -0.46 -3.23 8.21
CA LYS A 83 0.84 -2.53 8.33
C LYS A 83 1.40 -2.10 6.94
N HIS A 84 0.97 -2.81 5.89
CA HIS A 84 1.32 -2.48 4.48
C HIS A 84 0.63 -1.18 4.02
N LEU A 85 -0.68 -1.05 4.30
CA LEU A 85 -1.48 0.07 3.76
C LEU A 85 -1.62 1.26 4.72
N LEU A 86 -1.61 1.02 6.04
CA LEU A 86 -1.81 2.11 7.06
C LEU A 86 -0.57 2.22 7.99
N GLY A 87 -0.12 1.07 8.52
CA GLY A 87 1.04 1.00 9.42
C GLY A 87 0.70 0.48 10.82
N ARG A 88 -0.33 -0.38 10.92
CA ARG A 88 -0.81 -0.95 12.21
C ARG A 88 -0.96 -2.51 12.18
N ALA A 89 -1.28 -3.10 13.35
CA ALA A 89 -1.38 -4.56 13.55
C ALA A 89 -2.79 -4.95 14.07
N PRO A 90 -3.54 -5.89 13.39
CA PRO A 90 -4.86 -6.36 13.89
C PRO A 90 -4.75 -7.11 15.25
N TYR A 91 -4.99 -6.35 16.30
CA TYR A 91 -4.89 -6.75 17.72
C TYR A 91 -5.80 -7.96 18.11
N ASP A 92 -6.89 -8.21 17.35
CA ASP A 92 -7.90 -9.23 17.75
C ASP A 92 -8.53 -9.96 16.54
N GLN A 93 -9.11 -11.14 16.84
CA GLN A 93 -9.74 -12.04 15.84
C GLN A 93 -11.05 -11.45 15.24
N ALA A 94 -11.75 -10.58 16.00
CA ALA A 94 -12.94 -9.85 15.48
C ALA A 94 -12.56 -8.94 14.30
N GLU A 95 -11.34 -8.37 14.37
CA GLU A 95 -10.76 -7.56 13.30
C GLU A 95 -10.45 -8.43 12.04
N VAL A 96 -9.74 -9.56 12.25
CA VAL A 96 -9.28 -10.45 11.16
C VAL A 96 -10.48 -11.14 10.43
N ALA A 97 -11.38 -11.74 11.21
CA ALA A 97 -12.58 -12.47 10.70
C ALA A 97 -13.55 -11.53 9.92
N ALA A 98 -13.61 -10.25 10.32
CA ALA A 98 -14.41 -9.22 9.61
C ALA A 98 -13.88 -8.98 8.18
N HIS A 99 -12.55 -8.84 8.06
CA HIS A 99 -11.86 -8.62 6.76
C HIS A 99 -11.83 -9.92 5.90
N ALA A 100 -11.84 -11.09 6.56
CA ALA A 100 -12.01 -12.39 5.89
C ALA A 100 -13.40 -12.49 5.20
N ALA A 101 -14.45 -12.02 5.91
CA ALA A 101 -15.83 -11.99 5.38
C ALA A 101 -15.98 -10.97 4.23
N THR A 102 -15.34 -9.79 4.38
CA THR A 102 -15.33 -8.71 3.35
C THR A 102 -14.66 -9.21 2.05
N TYR A 103 -13.53 -9.92 2.22
CA TYR A 103 -12.76 -10.57 1.14
C TYR A 103 -13.64 -11.50 0.25
N HIS A 104 -14.32 -12.46 0.89
CA HIS A 104 -15.11 -13.51 0.17
C HIS A 104 -16.45 -12.98 -0.38
N SER A 105 -17.14 -12.13 0.39
CA SER A 105 -18.52 -11.68 0.04
C SER A 105 -18.53 -10.49 -0.94
N HIS A 106 -17.59 -9.55 -0.78
CA HIS A 106 -17.55 -8.31 -1.60
C HIS A 106 -16.33 -8.26 -2.58
N GLY A 107 -15.33 -9.13 -2.36
CA GLY A 107 -14.16 -9.24 -3.26
C GLY A 107 -12.85 -8.74 -2.64
N TYR A 108 -11.71 -9.11 -3.27
CA TYR A 108 -10.35 -8.66 -2.88
C TYR A 108 -10.26 -7.12 -2.87
N ASP A 109 -10.82 -6.53 -3.95
CA ASP A 109 -10.86 -5.07 -4.16
C ASP A 109 -11.55 -4.34 -3.00
N ALA A 110 -12.69 -4.88 -2.53
CA ALA A 110 -13.49 -4.27 -1.45
C ALA A 110 -12.75 -4.23 -0.10
N ASP A 111 -11.95 -5.29 0.18
CA ASP A 111 -11.10 -5.35 1.39
C ASP A 111 -10.03 -4.23 1.34
N ILE A 112 -9.29 -4.17 0.22
CA ILE A 112 -8.24 -3.13 -0.01
C ILE A 112 -8.83 -1.69 0.08
N ASN A 113 -9.98 -1.48 -0.59
CA ASN A 113 -10.70 -0.19 -0.57
C ASN A 113 -11.18 0.18 0.86
N SER A 114 -11.48 -0.83 1.71
CA SER A 114 -11.86 -0.61 3.13
C SER A 114 -10.70 0.03 3.95
N TYR A 115 -9.45 -0.37 3.62
CA TYR A 115 -8.23 0.16 4.29
C TYR A 115 -7.90 1.59 3.77
N ILE A 116 -8.08 1.81 2.46
CA ILE A 116 -7.71 3.06 1.76
C ILE A 116 -8.77 4.20 1.95
N ASP A 117 -10.06 3.83 1.96
CA ASP A 117 -11.19 4.80 2.06
C ASP A 117 -11.46 5.25 3.52
N SER A 118 -10.70 4.70 4.49
CA SER A 118 -10.82 5.10 5.92
C SER A 118 -10.43 6.59 6.09
N ALA A 119 -11.30 7.39 6.73
CA ALA A 119 -11.04 8.83 6.98
C ALA A 119 -9.91 9.02 8.01
N GLU A 120 -9.83 8.11 8.99
CA GLU A 120 -8.74 8.09 9.99
C GLU A 120 -7.36 7.80 9.36
N TYR A 121 -7.35 7.01 8.27
CA TYR A 121 -6.16 6.79 7.43
C TYR A 121 -5.82 8.02 6.55
N THR A 122 -6.80 8.47 5.76
CA THR A 122 -6.58 9.53 4.73
C THR A 122 -6.26 10.91 5.36
N GLU A 123 -6.92 11.23 6.47
CA GLU A 123 -6.72 12.52 7.17
C GLU A 123 -5.34 12.59 7.89
N SER A 124 -4.94 11.49 8.58
CA SER A 124 -3.69 11.45 9.38
C SER A 124 -2.43 11.12 8.53
N PHE A 125 -2.59 10.24 7.53
CA PHE A 125 -1.49 9.80 6.61
C PHE A 125 -1.57 10.50 5.24
N GLY A 126 -2.42 11.56 5.13
CA GLY A 126 -2.56 12.36 3.89
C GLY A 126 -3.22 11.60 2.72
N ASP A 127 -3.69 12.35 1.70
CA ASP A 127 -4.14 11.76 0.42
C ASP A 127 -2.99 11.67 -0.62
N ASN A 128 -2.09 12.67 -0.62
CA ASN A 128 -0.88 12.71 -1.48
C ASN A 128 0.39 12.29 -0.70
N VAL A 129 0.22 11.83 0.53
CA VAL A 129 1.30 11.31 1.37
C VAL A 129 1.30 9.76 1.35
N VAL A 130 2.49 9.16 1.26
CA VAL A 130 2.70 7.71 1.42
C VAL A 130 2.67 7.39 2.94
N PRO A 131 1.88 6.37 3.41
CA PRO A 131 1.82 6.03 4.86
C PRO A 131 3.18 5.57 5.45
N TYR A 132 3.22 5.37 6.77
CA TYR A 132 4.38 4.82 7.47
C TYR A 132 3.94 3.83 8.54
N PHE A 133 4.78 2.80 8.78
CA PHE A 133 4.60 1.89 9.92
C PHE A 133 5.06 2.59 11.22
N ARG A 134 4.38 2.29 12.34
CA ARG A 134 4.74 2.83 13.67
C ARG A 134 6.11 2.28 14.13
N GLY A 135 7.19 3.04 13.81
CA GLY A 135 8.57 2.64 14.09
C GLY A 135 9.52 2.82 12.89
N LEU A 136 8.97 3.16 11.71
CA LEU A 136 9.75 3.37 10.47
C LEU A 136 9.73 4.86 10.03
N GLU A 137 10.91 5.51 10.09
CA GLU A 137 11.13 6.88 9.58
C GLU A 137 11.43 6.86 8.07
N HIS A 138 11.28 8.02 7.41
CA HIS A 138 11.65 8.20 5.98
C HIS A 138 12.58 9.45 5.83
N HIS A 139 12.18 10.56 6.50
CA HIS A 139 12.98 11.81 6.63
C HIS A 139 13.43 12.36 5.24
N HIS A 140 12.46 12.69 4.38
CA HIS A 140 12.74 13.05 2.96
C HIS A 140 13.34 14.47 2.80
N HIS A 141 14.01 14.68 1.66
CA HIS A 141 14.55 16.00 1.23
C HIS A 141 13.96 16.39 -0.15
N HIS A 142 14.03 17.68 -0.51
CA HIS A 142 13.53 18.20 -1.81
C HIS A 142 14.69 18.31 -2.83
N HIS A 143 14.41 17.99 -4.11
CA HIS A 143 15.42 18.10 -5.20
C HIS A 143 14.74 18.45 -6.53
N MET A 1 9.04 14.25 8.34
CA MET A 1 9.30 12.81 8.59
C MET A 1 8.48 11.88 7.61
N PRO A 2 7.14 12.12 7.35
CA PRO A 2 6.41 11.44 6.22
C PRO A 2 6.90 11.91 4.81
N LEU A 3 6.52 11.17 3.75
CA LEU A 3 6.90 11.51 2.34
C LEU A 3 5.64 11.98 1.57
N GLU A 4 5.65 13.21 1.04
CA GLU A 4 4.48 13.79 0.31
C GLU A 4 4.80 14.07 -1.18
N TRP A 5 3.84 13.77 -2.07
CA TRP A 5 3.85 14.29 -3.46
C TRP A 5 2.92 15.51 -3.59
N ARG A 6 3.43 16.55 -4.26
CA ARG A 6 2.63 17.72 -4.67
C ARG A 6 2.95 18.11 -6.14
N ALA A 7 2.14 19.01 -6.70
CA ALA A 7 2.29 19.47 -8.10
C ALA A 7 3.58 20.31 -8.27
N GLY A 8 4.27 20.13 -9.42
CA GLY A 8 5.55 20.80 -9.68
C GLY A 8 6.80 20.00 -9.24
N ALA A 9 6.58 18.84 -8.59
CA ALA A 9 7.68 17.93 -8.14
C ALA A 9 8.43 17.27 -9.32
N SER A 10 9.74 16.99 -9.14
CA SER A 10 10.60 16.34 -10.17
C SER A 10 10.46 14.81 -10.10
N SER A 11 10.88 14.13 -11.20
CA SER A 11 10.75 12.66 -11.36
C SER A 11 11.53 11.89 -10.26
N ASP A 12 12.59 12.50 -9.71
CA ASP A 12 13.39 11.94 -8.61
C ASP A 12 12.54 11.72 -7.33
N GLU A 13 11.78 12.77 -6.93
CA GLU A 13 10.85 12.69 -5.78
C GLU A 13 9.77 11.62 -6.03
N ILE A 14 9.21 11.62 -7.26
CA ILE A 14 8.12 10.70 -7.63
C ILE A 14 8.60 9.23 -7.64
N ASN A 15 9.83 8.97 -8.12
CA ASN A 15 10.45 7.61 -8.10
C ASN A 15 10.68 7.13 -6.65
N ALA A 16 11.10 8.06 -5.77
CA ALA A 16 11.26 7.78 -4.33
C ALA A 16 9.89 7.43 -3.66
N ILE A 17 8.82 8.06 -4.17
CA ILE A 17 7.43 7.82 -3.74
C ILE A 17 6.88 6.48 -4.29
N ILE A 18 7.21 6.15 -5.54
CA ILE A 18 6.87 4.85 -6.17
C ILE A 18 7.49 3.70 -5.34
N ARG A 19 8.80 3.82 -5.08
CA ARG A 19 9.57 2.87 -4.26
C ARG A 19 9.10 2.86 -2.78
N ALA A 20 8.67 4.02 -2.25
CA ALA A 20 8.14 4.13 -0.86
C ALA A 20 6.82 3.33 -0.71
N VAL A 21 5.95 3.45 -1.73
CA VAL A 21 4.69 2.68 -1.81
C VAL A 21 4.99 1.17 -1.92
N TYR A 22 5.83 0.79 -2.89
CA TYR A 22 6.23 -0.61 -3.15
C TYR A 22 6.91 -1.29 -1.92
N ARG A 23 7.79 -0.55 -1.22
CA ARG A 23 8.51 -1.06 -0.01
C ARG A 23 7.57 -1.21 1.19
N GLN A 24 6.55 -0.36 1.29
CA GLN A 24 5.52 -0.48 2.35
C GLN A 24 4.52 -1.62 2.02
N VAL A 25 4.03 -1.67 0.78
CA VAL A 25 2.95 -2.60 0.36
C VAL A 25 3.46 -4.06 0.28
N LEU A 26 4.68 -4.28 -0.25
CA LEU A 26 5.29 -5.64 -0.30
C LEU A 26 6.23 -5.90 0.89
N GLY A 27 6.53 -4.87 1.70
CA GLY A 27 7.33 -5.02 2.93
C GLY A 27 8.86 -5.01 2.68
N ASN A 28 9.32 -5.87 1.76
CA ASN A 28 10.75 -6.05 1.42
C ASN A 28 11.17 -5.14 0.24
N ASP A 29 12.28 -5.51 -0.46
CA ASP A 29 12.78 -4.80 -1.68
C ASP A 29 11.90 -5.06 -2.94
N TYR A 30 10.71 -5.68 -2.74
CA TYR A 30 9.55 -5.71 -3.69
C TYR A 30 9.86 -6.25 -5.12
N VAL A 31 8.85 -6.13 -6.01
CA VAL A 31 8.96 -6.48 -7.46
C VAL A 31 8.82 -5.19 -8.32
N MET A 32 9.72 -5.01 -9.31
CA MET A 32 9.65 -3.89 -10.29
C MET A 32 10.26 -4.30 -11.64
N SER A 33 9.81 -3.64 -12.74
CA SER A 33 10.26 -3.86 -14.14
C SER A 33 9.64 -5.13 -14.75
N THR A 34 9.96 -6.30 -14.17
CA THR A 34 9.41 -7.61 -14.60
C THR A 34 7.87 -7.74 -14.36
N GLU A 35 7.09 -7.47 -15.44
CA GLU A 35 5.61 -7.63 -15.49
C GLU A 35 4.86 -6.79 -14.42
N ARG A 36 5.46 -5.67 -14.00
CA ARG A 36 4.88 -4.77 -12.98
C ARG A 36 4.04 -3.62 -13.62
N LEU A 37 3.70 -2.61 -12.78
CA LEU A 37 2.70 -1.57 -13.11
C LEU A 37 3.32 -0.42 -13.95
N THR A 38 3.83 -0.77 -15.14
CA THR A 38 4.43 0.19 -16.10
C THR A 38 3.45 1.35 -16.47
N SER A 39 2.12 1.05 -16.48
CA SER A 39 1.07 2.07 -16.73
C SER A 39 0.89 3.02 -15.51
N ALA A 40 0.73 2.44 -14.30
CA ALA A 40 0.43 3.22 -13.06
C ALA A 40 1.62 4.13 -12.64
N GLU A 41 2.84 3.59 -12.71
CA GLU A 41 4.11 4.32 -12.44
C GLU A 41 4.32 5.47 -13.46
N SER A 42 3.89 5.26 -14.71
CA SER A 42 3.87 6.32 -15.76
C SER A 42 2.87 7.44 -15.42
N LEU A 43 1.67 7.05 -14.93
CA LEU A 43 0.58 8.01 -14.59
C LEU A 43 0.90 8.82 -13.31
N LEU A 44 1.64 8.23 -12.35
CA LEU A 44 2.08 8.96 -11.13
C LEU A 44 3.16 10.00 -11.48
N ARG A 45 4.12 9.59 -12.36
CA ARG A 45 5.15 10.50 -12.92
C ARG A 45 4.55 11.54 -13.90
N GLY A 46 3.38 11.22 -14.49
CA GLY A 46 2.64 12.14 -15.36
C GLY A 46 1.63 13.02 -14.59
N GLY A 47 1.44 12.74 -13.28
CA GLY A 47 0.49 13.47 -12.44
C GLY A 47 -1.00 13.18 -12.75
N GLU A 48 -1.25 12.12 -13.53
CA GLU A 48 -2.61 11.71 -13.95
C GLU A 48 -3.39 11.03 -12.79
N ILE A 49 -2.67 10.32 -11.89
CA ILE A 49 -3.27 9.70 -10.66
C ILE A 49 -2.61 10.27 -9.38
N SER A 50 -3.32 10.13 -8.24
CA SER A 50 -2.81 10.52 -6.90
C SER A 50 -1.98 9.38 -6.28
N VAL A 51 -1.26 9.69 -5.17
CA VAL A 51 -0.52 8.67 -4.39
C VAL A 51 -1.48 7.58 -3.88
N ARG A 52 -2.66 7.99 -3.39
CA ARG A 52 -3.76 7.08 -2.95
C ARG A 52 -4.13 6.02 -4.01
N ASP A 53 -4.39 6.47 -5.25
CA ASP A 53 -4.81 5.60 -6.35
C ASP A 53 -3.65 4.71 -6.87
N PHE A 54 -2.41 5.18 -6.65
CA PHE A 54 -1.20 4.38 -6.94
C PHE A 54 -1.03 3.23 -5.91
N VAL A 55 -1.20 3.56 -4.59
CA VAL A 55 -1.15 2.57 -3.49
C VAL A 55 -2.26 1.49 -3.68
N ARG A 56 -3.44 1.95 -4.14
CA ARG A 56 -4.57 1.07 -4.52
C ARG A 56 -4.12 0.04 -5.58
N ALA A 57 -3.48 0.54 -6.66
CA ALA A 57 -3.01 -0.27 -7.81
C ALA A 57 -1.96 -1.34 -7.38
N VAL A 58 -1.01 -0.94 -6.51
CA VAL A 58 0.07 -1.85 -6.01
C VAL A 58 -0.48 -2.89 -5.01
N ALA A 59 -1.49 -2.49 -4.24
CA ALA A 59 -2.19 -3.37 -3.27
C ALA A 59 -3.20 -4.34 -3.97
N LEU A 60 -3.73 -3.94 -5.14
CA LEU A 60 -4.62 -4.80 -5.96
C LEU A 60 -3.85 -5.65 -6.98
N SER A 61 -2.58 -5.26 -7.27
CA SER A 61 -1.72 -5.96 -8.26
C SER A 61 -1.53 -7.44 -7.88
N GLU A 62 -1.57 -8.32 -8.89
CA GLU A 62 -1.48 -9.78 -8.69
C GLU A 62 -0.06 -10.18 -8.21
N LEU A 63 0.96 -9.45 -8.69
CA LEU A 63 2.38 -9.68 -8.29
C LEU A 63 2.60 -9.48 -6.76
N TYR A 64 1.89 -8.51 -6.16
CA TYR A 64 1.83 -8.35 -4.69
C TYR A 64 0.95 -9.45 -4.06
N ARG A 65 -0.28 -9.59 -4.57
CA ARG A 65 -1.34 -10.35 -3.89
C ARG A 65 -1.00 -11.85 -3.80
N GLU A 66 -0.64 -12.50 -4.93
CA GLU A 66 -0.25 -13.95 -4.93
C GLU A 66 0.98 -14.26 -4.04
N LYS A 67 1.87 -13.27 -3.92
CA LYS A 67 3.12 -13.37 -3.14
C LYS A 67 2.85 -13.53 -1.62
N PHE A 68 1.74 -12.94 -1.13
CA PHE A 68 1.31 -13.04 0.29
C PHE A 68 0.00 -13.85 0.51
N PHE A 69 -0.83 -13.99 -0.54
CA PHE A 69 -2.13 -14.72 -0.47
C PHE A 69 -2.01 -16.21 -0.87
N HIS A 70 -1.21 -16.49 -1.93
CA HIS A 70 -0.98 -17.89 -2.41
C HIS A 70 0.23 -18.55 -1.69
N ASN A 71 1.08 -17.72 -1.06
CA ASN A 71 2.24 -18.17 -0.27
C ASN A 71 1.90 -18.23 1.26
N ASN A 72 0.86 -17.48 1.69
CA ASN A 72 0.41 -17.44 3.13
C ASN A 72 -1.13 -17.54 3.21
N ALA A 73 -1.64 -18.01 4.36
CA ALA A 73 -3.10 -18.10 4.66
C ALA A 73 -3.74 -16.68 4.78
N HIS A 74 -5.00 -16.51 4.29
CA HIS A 74 -5.70 -15.20 4.29
C HIS A 74 -5.70 -14.49 5.69
N ASN A 75 -5.75 -15.28 6.78
CA ASN A 75 -5.59 -14.76 8.17
C ASN A 75 -4.24 -13.97 8.30
N ARG A 76 -3.17 -14.59 7.81
CA ARG A 76 -1.82 -14.00 7.75
C ARG A 76 -1.78 -12.81 6.77
N PHE A 77 -2.50 -12.94 5.62
CA PHE A 77 -2.60 -11.87 4.58
C PHE A 77 -3.30 -10.60 5.13
N ILE A 78 -4.24 -10.79 6.09
CA ILE A 78 -4.87 -9.67 6.84
C ILE A 78 -3.82 -8.97 7.74
N GLU A 79 -3.04 -9.77 8.49
CA GLU A 79 -1.92 -9.27 9.32
C GLU A 79 -0.89 -8.48 8.48
N LEU A 80 -0.66 -8.98 7.25
CA LEU A 80 0.29 -8.41 6.29
C LEU A 80 -0.23 -7.08 5.71
N ASN A 81 -1.47 -7.05 5.14
CA ASN A 81 -2.01 -5.83 4.48
C ASN A 81 -2.23 -4.67 5.50
N PHE A 82 -2.51 -5.01 6.77
CA PHE A 82 -2.54 -4.03 7.90
C PHE A 82 -1.16 -3.35 8.12
N LYS A 83 -0.08 -4.15 8.27
CA LYS A 83 1.28 -3.60 8.53
C LYS A 83 1.89 -2.94 7.26
N HIS A 84 1.42 -3.38 6.08
CA HIS A 84 1.87 -2.84 4.78
C HIS A 84 1.23 -1.47 4.44
N LEU A 85 -0.10 -1.38 4.61
CA LEU A 85 -0.91 -0.24 4.15
C LEU A 85 -1.19 0.79 5.28
N LEU A 86 -1.27 0.30 6.52
CA LEU A 86 -1.55 1.15 7.72
C LEU A 86 -0.33 1.24 8.66
N GLY A 87 0.56 0.25 8.58
CA GLY A 87 1.73 0.17 9.46
C GLY A 87 1.43 -0.27 10.89
N ARG A 88 0.42 -1.16 11.05
CA ARG A 88 -0.01 -1.65 12.39
C ARG A 88 -0.36 -3.17 12.36
N ALA A 89 -0.59 -3.74 13.56
CA ALA A 89 -0.86 -5.19 13.74
C ALA A 89 -2.31 -5.44 14.24
N PRO A 90 -3.15 -6.26 13.51
CA PRO A 90 -4.52 -6.58 13.96
C PRO A 90 -4.52 -7.54 15.19
N TYR A 91 -4.50 -6.92 16.38
CA TYR A 91 -4.33 -7.65 17.67
C TYR A 91 -5.59 -8.45 18.06
N ASP A 92 -6.78 -7.95 17.66
CA ASP A 92 -8.07 -8.53 18.06
C ASP A 92 -8.73 -9.28 16.87
N GLN A 93 -9.29 -10.46 17.18
CA GLN A 93 -9.99 -11.32 16.19
C GLN A 93 -11.31 -10.69 15.71
N ALA A 94 -11.91 -9.79 16.51
CA ALA A 94 -13.12 -9.03 16.09
C ALA A 94 -12.88 -8.24 14.77
N GLU A 95 -11.73 -7.54 14.68
CA GLU A 95 -11.35 -6.79 13.46
C GLU A 95 -10.83 -7.73 12.33
N VAL A 96 -10.05 -8.77 12.68
CA VAL A 96 -9.52 -9.76 11.70
C VAL A 96 -10.68 -10.46 10.94
N ALA A 97 -11.59 -11.06 11.71
CA ALA A 97 -12.80 -11.75 11.19
C ALA A 97 -13.78 -10.79 10.47
N ALA A 98 -13.81 -9.51 10.89
CA ALA A 98 -14.60 -8.46 10.20
C ALA A 98 -14.09 -8.22 8.75
N HIS A 99 -12.75 -8.06 8.61
CA HIS A 99 -12.11 -7.84 7.28
C HIS A 99 -12.15 -9.12 6.41
N ALA A 100 -12.09 -10.31 7.06
CA ALA A 100 -12.26 -11.61 6.37
C ALA A 100 -13.69 -11.80 5.82
N ALA A 101 -14.69 -11.47 6.66
CA ALA A 101 -16.12 -11.54 6.26
C ALA A 101 -16.44 -10.56 5.11
N THR A 102 -15.84 -9.35 5.19
CA THR A 102 -15.94 -8.33 4.12
C THR A 102 -15.25 -8.81 2.83
N TYR A 103 -14.09 -9.49 2.94
CA TYR A 103 -13.38 -10.11 1.78
C TYR A 103 -14.29 -11.15 1.06
N HIS A 104 -14.81 -12.12 1.81
CA HIS A 104 -15.59 -13.25 1.24
C HIS A 104 -16.94 -12.79 0.63
N SER A 105 -17.57 -11.75 1.21
CA SER A 105 -18.87 -11.21 0.71
C SER A 105 -18.71 -10.13 -0.42
N HIS A 106 -17.66 -9.29 -0.32
CA HIS A 106 -17.47 -8.11 -1.23
C HIS A 106 -16.34 -8.33 -2.30
N GLY A 107 -15.60 -9.43 -2.22
CA GLY A 107 -14.55 -9.78 -3.22
C GLY A 107 -13.10 -9.52 -2.76
N TYR A 108 -12.10 -9.70 -3.68
CA TYR A 108 -10.66 -9.47 -3.36
C TYR A 108 -10.34 -7.97 -3.22
N ASP A 109 -11.06 -7.12 -4.01
CA ASP A 109 -10.99 -5.65 -3.89
C ASP A 109 -11.33 -5.16 -2.46
N ALA A 110 -12.20 -5.92 -1.75
CA ALA A 110 -12.75 -5.55 -0.43
C ALA A 110 -11.71 -5.21 0.64
N ASP A 111 -10.72 -6.09 0.84
CA ASP A 111 -9.71 -5.92 1.91
C ASP A 111 -8.83 -4.64 1.68
N ILE A 112 -8.59 -4.29 0.39
CA ILE A 112 -7.85 -3.06 0.02
C ILE A 112 -8.76 -1.80 0.10
N ASN A 113 -10.03 -1.93 -0.36
CA ASN A 113 -11.02 -0.83 -0.34
C ASN A 113 -11.36 -0.42 1.10
N SER A 114 -11.30 -1.38 2.02
CA SER A 114 -11.48 -1.14 3.47
C SER A 114 -10.41 -0.15 4.00
N TYR A 115 -9.19 -0.25 3.45
CA TYR A 115 -8.07 0.67 3.76
C TYR A 115 -8.18 2.03 3.00
N ILE A 116 -8.54 2.01 1.69
CA ILE A 116 -8.56 3.23 0.82
C ILE A 116 -9.70 4.19 1.27
N ASP A 117 -10.81 3.59 1.69
CA ASP A 117 -12.02 4.31 2.14
C ASP A 117 -11.89 4.79 3.62
N SER A 118 -10.93 4.22 4.39
CA SER A 118 -10.88 4.37 5.88
C SER A 118 -10.42 5.77 6.34
N ALA A 119 -11.07 6.25 7.41
CA ALA A 119 -10.76 7.53 8.08
C ALA A 119 -9.30 7.59 8.63
N GLU A 120 -8.78 6.44 9.12
CA GLU A 120 -7.40 6.37 9.68
C GLU A 120 -6.33 6.65 8.59
N TYR A 121 -6.60 6.23 7.35
CA TYR A 121 -5.73 6.50 6.19
C TYR A 121 -5.84 7.99 5.75
N THR A 122 -7.09 8.47 5.59
CA THR A 122 -7.37 9.83 5.08
C THR A 122 -6.89 10.95 6.03
N GLU A 123 -7.04 10.73 7.34
CA GLU A 123 -6.68 11.75 8.38
C GLU A 123 -5.19 11.67 8.80
N SER A 124 -4.62 10.45 8.97
CA SER A 124 -3.20 10.29 9.40
C SER A 124 -2.20 10.33 8.21
N PHE A 125 -2.58 9.75 7.04
CA PHE A 125 -1.68 9.65 5.85
C PHE A 125 -2.15 10.50 4.64
N GLY A 126 -3.40 11.00 4.66
CA GLY A 126 -3.94 11.80 3.54
C GLY A 126 -4.01 11.09 2.16
N ASP A 127 -4.32 11.86 1.11
CA ASP A 127 -4.27 11.40 -0.31
C ASP A 127 -2.89 11.68 -0.98
N ASN A 128 -2.21 12.76 -0.53
CA ASN A 128 -0.93 13.25 -1.12
C ASN A 128 0.31 12.58 -0.48
N VAL A 129 0.17 12.10 0.76
CA VAL A 129 1.30 11.52 1.54
C VAL A 129 1.28 9.97 1.47
N VAL A 130 2.48 9.37 1.38
CA VAL A 130 2.66 7.91 1.32
C VAL A 130 2.45 7.28 2.73
N PRO A 131 1.62 6.20 2.86
CA PRO A 131 1.47 5.45 4.14
C PRO A 131 2.81 4.84 4.62
N TYR A 132 3.20 5.13 5.87
CA TYR A 132 4.46 4.64 6.48
C TYR A 132 4.17 3.73 7.70
N PHE A 133 5.16 2.87 8.04
CA PHE A 133 5.03 1.94 9.19
C PHE A 133 5.09 2.69 10.54
N ARG A 134 4.20 2.30 11.48
CA ARG A 134 4.07 2.94 12.82
C ARG A 134 4.25 1.88 13.94
N GLY A 135 5.49 1.71 14.43
CA GLY A 135 5.76 0.81 15.57
C GLY A 135 7.26 0.61 15.82
N LEU A 136 7.91 -0.13 14.92
CA LEU A 136 9.34 -0.49 15.03
C LEU A 136 10.26 0.64 14.51
N GLU A 137 10.23 0.89 13.18
CA GLU A 137 11.14 1.85 12.52
C GLU A 137 10.50 2.46 11.24
N HIS A 138 10.86 3.72 10.94
CA HIS A 138 10.48 4.43 9.70
C HIS A 138 11.26 3.87 8.47
N HIS A 139 12.54 3.50 8.71
CA HIS A 139 13.43 2.77 7.76
C HIS A 139 13.69 3.58 6.45
N HIS A 140 13.66 4.92 6.56
CA HIS A 140 13.84 5.80 5.38
C HIS A 140 14.53 7.13 5.77
N HIS A 141 15.79 7.28 5.34
CA HIS A 141 16.52 8.56 5.30
C HIS A 141 16.88 8.89 3.83
N HIS A 142 16.92 10.20 3.50
CA HIS A 142 17.28 10.73 2.15
C HIS A 142 16.20 10.44 1.07
N HIS A 143 15.90 11.47 0.25
CA HIS A 143 14.99 11.41 -0.92
C HIS A 143 13.55 10.95 -0.56
N MET A 1 10.00 11.31 9.22
CA MET A 1 9.67 12.23 8.11
C MET A 1 8.59 11.60 7.19
N PRO A 2 7.29 12.06 7.28
CA PRO A 2 6.21 11.61 6.35
C PRO A 2 6.52 12.04 4.89
N LEU A 3 6.68 11.07 3.97
CA LEU A 3 7.10 11.35 2.58
C LEU A 3 5.86 11.68 1.72
N GLU A 4 5.80 12.90 1.19
CA GLU A 4 4.67 13.41 0.40
C GLU A 4 5.08 13.69 -1.07
N TRP A 5 4.21 13.30 -2.01
CA TRP A 5 4.29 13.78 -3.41
C TRP A 5 3.30 14.93 -3.63
N ARG A 6 3.77 15.98 -4.34
CA ARG A 6 2.96 17.15 -4.70
C ARG A 6 3.16 17.51 -6.19
N ALA A 7 2.28 18.38 -6.71
CA ALA A 7 2.32 18.84 -8.12
C ALA A 7 3.62 19.64 -8.41
N GLY A 8 4.27 19.35 -9.55
CA GLY A 8 5.51 20.03 -9.95
C GLY A 8 6.80 19.30 -9.55
N ALA A 9 6.67 18.18 -8.80
CA ALA A 9 7.83 17.37 -8.32
C ALA A 9 8.58 16.68 -9.49
N SER A 10 9.90 16.49 -9.32
CA SER A 10 10.79 15.98 -10.39
C SER A 10 10.77 14.44 -10.47
N SER A 11 11.12 13.90 -11.65
CA SER A 11 11.02 12.44 -11.97
C SER A 11 11.77 11.53 -10.96
N ASP A 12 13.01 11.93 -10.60
CA ASP A 12 13.85 11.21 -9.60
C ASP A 12 13.17 11.17 -8.21
N GLU A 13 12.60 12.32 -7.81
CA GLU A 13 11.86 12.47 -6.54
C GLU A 13 10.63 11.53 -6.50
N ILE A 14 9.87 11.48 -7.62
CA ILE A 14 8.69 10.62 -7.75
C ILE A 14 9.08 9.12 -7.66
N ASN A 15 10.21 8.74 -8.31
CA ASN A 15 10.73 7.35 -8.29
C ASN A 15 11.06 6.86 -6.86
N ALA A 16 11.54 7.79 -6.01
CA ALA A 16 11.81 7.51 -4.57
C ALA A 16 10.50 7.28 -3.78
N ILE A 17 9.46 8.02 -4.17
CA ILE A 17 8.09 7.93 -3.59
C ILE A 17 7.37 6.63 -4.04
N ILE A 18 7.63 6.22 -5.29
CA ILE A 18 7.15 4.95 -5.87
C ILE A 18 7.76 3.76 -5.10
N ARG A 19 9.08 3.85 -4.87
CA ARG A 19 9.83 2.85 -4.08
C ARG A 19 9.27 2.79 -2.63
N ALA A 20 8.90 3.95 -2.07
CA ALA A 20 8.30 4.05 -0.71
C ALA A 20 6.93 3.32 -0.63
N VAL A 21 6.09 3.49 -1.68
CA VAL A 21 4.76 2.82 -1.77
C VAL A 21 4.92 1.29 -1.97
N TYR A 22 5.72 0.91 -2.99
CA TYR A 22 6.06 -0.51 -3.30
C TYR A 22 6.63 -1.25 -2.05
N ARG A 23 7.62 -0.63 -1.40
CA ARG A 23 8.26 -1.19 -0.17
C ARG A 23 7.24 -1.39 0.96
N GLN A 24 6.35 -0.40 1.14
CA GLN A 24 5.35 -0.40 2.24
C GLN A 24 4.26 -1.48 2.00
N VAL A 25 3.77 -1.57 0.75
CA VAL A 25 2.65 -2.48 0.38
C VAL A 25 3.07 -3.97 0.32
N LEU A 26 4.25 -4.28 -0.26
CA LEU A 26 4.76 -5.68 -0.28
C LEU A 26 5.48 -6.02 1.04
N GLY A 27 6.03 -5.00 1.72
CA GLY A 27 6.78 -5.19 2.98
C GLY A 27 8.23 -5.59 2.72
N ASN A 28 8.44 -6.80 2.19
CA ASN A 28 9.78 -7.31 1.83
C ASN A 28 10.20 -6.71 0.46
N ASP A 29 10.65 -5.44 0.51
CA ASP A 29 10.98 -4.64 -0.69
C ASP A 29 9.77 -4.63 -1.67
N TYR A 30 9.94 -5.26 -2.87
CA TYR A 30 8.91 -5.24 -3.94
C TYR A 30 9.32 -6.07 -5.16
N VAL A 31 8.44 -6.05 -6.18
CA VAL A 31 8.70 -6.62 -7.51
C VAL A 31 8.86 -5.48 -8.56
N MET A 32 9.83 -5.65 -9.49
CA MET A 32 10.10 -4.67 -10.56
C MET A 32 10.78 -5.35 -11.77
N SER A 33 11.77 -6.23 -11.50
CA SER A 33 12.51 -6.99 -12.55
C SER A 33 11.63 -8.00 -13.31
N THR A 34 10.50 -8.40 -12.69
CA THR A 34 9.55 -9.39 -13.25
C THR A 34 8.09 -8.88 -13.16
N GLU A 35 7.77 -7.93 -14.06
CA GLU A 35 6.49 -7.15 -14.06
C GLU A 35 6.39 -6.18 -12.87
N ARG A 36 5.59 -5.13 -13.08
CA ARG A 36 5.26 -4.07 -12.09
C ARG A 36 4.19 -3.14 -12.71
N LEU A 37 3.72 -2.15 -11.95
CA LEU A 37 2.61 -1.27 -12.41
C LEU A 37 3.12 -0.16 -13.35
N THR A 38 3.61 -0.53 -14.53
CA THR A 38 4.15 0.44 -15.52
C THR A 38 3.10 1.50 -15.95
N SER A 39 1.80 1.10 -16.00
CA SER A 39 0.69 2.01 -16.38
C SER A 39 0.37 3.03 -15.24
N ALA A 40 0.13 2.52 -14.02
CA ALA A 40 -0.26 3.35 -12.84
C ALA A 40 0.90 4.28 -12.41
N GLU A 41 2.12 3.75 -12.52
CA GLU A 41 3.37 4.48 -12.21
C GLU A 41 3.59 5.66 -13.18
N SER A 42 3.36 5.41 -14.49
CA SER A 42 3.42 6.47 -15.54
C SER A 42 2.39 7.58 -15.28
N LEU A 43 1.25 7.23 -14.64
CA LEU A 43 0.20 8.20 -14.26
C LEU A 43 0.59 9.03 -13.00
N LEU A 44 1.36 8.44 -12.06
CA LEU A 44 1.89 9.19 -10.89
C LEU A 44 3.02 10.16 -11.33
N ARG A 45 3.94 9.62 -12.15
CA ARG A 45 5.05 10.38 -12.78
C ARG A 45 4.53 11.43 -13.80
N GLY A 46 3.37 11.15 -14.42
CA GLY A 46 2.71 12.06 -15.36
C GLY A 46 1.80 13.10 -14.69
N GLY A 47 1.66 13.02 -13.35
CA GLY A 47 0.81 13.95 -12.58
C GLY A 47 -0.70 13.71 -12.71
N GLU A 48 -1.08 12.57 -13.29
CA GLU A 48 -2.48 12.21 -13.57
C GLU A 48 -3.23 11.61 -12.35
N ILE A 49 -2.50 10.92 -11.45
CA ILE A 49 -3.08 10.36 -10.19
C ILE A 49 -2.31 10.84 -8.95
N SER A 50 -2.96 10.70 -7.78
CA SER A 50 -2.37 10.98 -6.46
C SER A 50 -1.75 9.71 -5.85
N VAL A 51 -1.03 9.87 -4.73
CA VAL A 51 -0.41 8.75 -4.00
C VAL A 51 -1.46 7.73 -3.52
N ARG A 52 -2.64 8.21 -3.08
CA ARG A 52 -3.76 7.35 -2.59
C ARG A 52 -4.23 6.31 -3.64
N ASP A 53 -4.47 6.79 -4.87
CA ASP A 53 -4.90 5.93 -6.01
C ASP A 53 -3.79 4.92 -6.39
N PHE A 54 -2.53 5.37 -6.25
CA PHE A 54 -1.33 4.55 -6.54
C PHE A 54 -1.12 3.43 -5.46
N VAL A 55 -1.35 3.76 -4.17
CA VAL A 55 -1.27 2.79 -3.05
C VAL A 55 -2.36 1.70 -3.20
N ARG A 56 -3.57 2.15 -3.59
CA ARG A 56 -4.68 1.25 -3.94
C ARG A 56 -4.25 0.27 -5.05
N ALA A 57 -3.61 0.82 -6.11
CA ALA A 57 -3.15 0.05 -7.28
C ALA A 57 -2.11 -1.03 -6.91
N VAL A 58 -1.10 -0.66 -6.07
CA VAL A 58 -0.01 -1.59 -5.66
C VAL A 58 -0.53 -2.70 -4.71
N ALA A 59 -1.56 -2.34 -3.91
CA ALA A 59 -2.30 -3.32 -3.08
C ALA A 59 -3.20 -4.24 -3.95
N LEU A 60 -3.73 -3.71 -5.06
CA LEU A 60 -4.57 -4.46 -6.03
C LEU A 60 -3.72 -5.17 -7.11
N SER A 61 -2.38 -4.98 -7.09
CA SER A 61 -1.47 -5.65 -8.06
C SER A 61 -1.51 -7.18 -7.89
N GLU A 62 -1.46 -7.89 -9.03
CA GLU A 62 -1.45 -9.37 -9.05
C GLU A 62 -0.19 -9.94 -8.36
N LEU A 63 0.91 -9.14 -8.39
CA LEU A 63 2.20 -9.47 -7.76
C LEU A 63 2.10 -9.57 -6.22
N TYR A 64 1.46 -8.57 -5.59
CA TYR A 64 1.26 -8.54 -4.12
C TYR A 64 0.27 -9.65 -3.68
N ARG A 65 -0.86 -9.76 -4.41
CA ARG A 65 -1.91 -10.76 -4.11
C ARG A 65 -1.38 -12.21 -4.22
N GLU A 66 -0.76 -12.54 -5.37
CA GLU A 66 -0.31 -13.93 -5.67
C GLU A 66 0.75 -14.43 -4.65
N LYS A 67 1.79 -13.60 -4.42
CA LYS A 67 2.91 -13.94 -3.51
C LYS A 67 2.45 -14.12 -2.05
N PHE A 68 1.69 -13.14 -1.53
CA PHE A 68 1.39 -13.04 -0.08
C PHE A 68 0.05 -13.71 0.30
N PHE A 69 -0.80 -14.08 -0.67
CA PHE A 69 -1.99 -14.94 -0.41
C PHE A 69 -1.70 -16.45 -0.57
N HIS A 70 -1.00 -16.84 -1.66
CA HIS A 70 -0.84 -18.28 -2.02
C HIS A 70 0.33 -18.95 -1.28
N ASN A 71 1.43 -18.21 -1.04
CA ASN A 71 2.60 -18.72 -0.28
C ASN A 71 2.43 -18.48 1.25
N ASN A 72 1.19 -18.14 1.67
CA ASN A 72 0.87 -17.69 3.04
C ASN A 72 -0.56 -18.13 3.46
N ALA A 73 -0.81 -18.21 4.78
CA ALA A 73 -2.17 -18.41 5.35
C ALA A 73 -3.00 -17.12 5.20
N HIS A 74 -4.30 -17.25 4.84
CA HIS A 74 -5.21 -16.08 4.62
C HIS A 74 -5.30 -15.15 5.87
N ASN A 75 -5.41 -15.73 7.08
CA ASN A 75 -5.46 -14.95 8.35
C ASN A 75 -4.16 -14.16 8.60
N ARG A 76 -3.02 -14.74 8.20
CA ARG A 76 -1.70 -14.07 8.26
C ARG A 76 -1.58 -12.99 7.16
N PHE A 77 -2.26 -13.21 6.01
CA PHE A 77 -2.35 -12.23 4.90
C PHE A 77 -3.22 -11.01 5.31
N ILE A 78 -4.21 -11.26 6.20
CA ILE A 78 -5.02 -10.19 6.84
C ILE A 78 -4.13 -9.32 7.75
N GLU A 79 -3.22 -9.97 8.52
CA GLU A 79 -2.18 -9.24 9.27
C GLU A 79 -1.33 -8.36 8.33
N LEU A 80 -0.85 -8.96 7.23
CA LEU A 80 -0.05 -8.28 6.20
C LEU A 80 -0.81 -7.05 5.63
N ASN A 81 -2.11 -7.20 5.39
CA ASN A 81 -2.97 -6.14 4.82
C ASN A 81 -2.97 -4.85 5.72
N PHE A 82 -3.09 -5.03 7.04
CA PHE A 82 -3.07 -3.92 8.03
C PHE A 82 -1.68 -3.24 8.12
N LYS A 83 -0.62 -4.05 8.30
CA LYS A 83 0.76 -3.54 8.52
C LYS A 83 1.40 -2.95 7.22
N HIS A 84 0.92 -3.42 6.06
CA HIS A 84 1.37 -2.88 4.76
C HIS A 84 0.66 -1.57 4.38
N LEU A 85 -0.63 -1.43 4.70
CA LEU A 85 -1.41 -0.25 4.27
C LEU A 85 -1.53 0.86 5.37
N LEU A 86 -1.52 0.46 6.64
CA LEU A 86 -1.66 1.40 7.79
C LEU A 86 -0.47 1.31 8.76
N GLY A 87 0.35 0.25 8.62
CA GLY A 87 1.56 0.07 9.45
C GLY A 87 1.32 -0.66 10.78
N ARG A 88 0.05 -1.01 11.08
CA ARG A 88 -0.36 -1.57 12.40
C ARG A 88 -0.64 -3.10 12.34
N ALA A 89 -0.61 -3.75 13.50
CA ALA A 89 -0.88 -5.21 13.65
C ALA A 89 -2.32 -5.44 14.18
N PRO A 90 -3.19 -6.25 13.46
CA PRO A 90 -4.54 -6.61 13.98
C PRO A 90 -4.44 -7.70 15.10
N TYR A 91 -4.02 -7.23 16.27
CA TYR A 91 -3.82 -8.07 17.48
C TYR A 91 -5.14 -8.73 17.96
N ASP A 92 -6.29 -8.11 17.63
CA ASP A 92 -7.62 -8.56 18.08
C ASP A 92 -8.34 -9.34 16.95
N GLN A 93 -8.98 -10.45 17.33
CA GLN A 93 -9.63 -11.38 16.38
C GLN A 93 -10.85 -10.79 15.64
N ALA A 94 -11.52 -9.77 16.22
CA ALA A 94 -12.68 -9.11 15.56
C ALA A 94 -12.27 -8.38 14.26
N GLU A 95 -11.05 -7.79 14.24
CA GLU A 95 -10.48 -7.11 13.05
C GLU A 95 -10.04 -8.12 11.98
N VAL A 96 -9.44 -9.25 12.43
CA VAL A 96 -8.98 -10.34 11.54
C VAL A 96 -10.18 -11.01 10.83
N ALA A 97 -11.17 -11.43 11.65
CA ALA A 97 -12.43 -12.05 11.17
C ALA A 97 -13.28 -11.09 10.30
N ALA A 98 -13.19 -9.77 10.59
CA ALA A 98 -13.88 -8.72 9.80
C ALA A 98 -13.40 -8.71 8.33
N HIS A 99 -12.06 -8.69 8.15
CA HIS A 99 -11.43 -8.70 6.82
C HIS A 99 -11.50 -10.08 6.14
N ALA A 100 -11.56 -11.16 6.93
CA ALA A 100 -11.84 -12.51 6.40
C ALA A 100 -13.23 -12.57 5.73
N ALA A 101 -14.25 -12.05 6.43
CA ALA A 101 -15.65 -12.01 5.94
C ALA A 101 -15.81 -11.02 4.76
N THR A 102 -15.12 -9.87 4.82
CA THR A 102 -15.15 -8.85 3.74
C THR A 102 -14.48 -9.37 2.45
N TYR A 103 -13.34 -10.04 2.61
CA TYR A 103 -12.61 -10.72 1.51
C TYR A 103 -13.51 -11.77 0.78
N HIS A 104 -14.22 -12.59 1.56
CA HIS A 104 -15.06 -13.69 1.01
C HIS A 104 -16.39 -13.17 0.39
N SER A 105 -17.10 -12.31 1.13
CA SER A 105 -18.48 -11.87 0.75
C SER A 105 -18.47 -10.68 -0.24
N HIS A 106 -17.52 -9.75 -0.07
CA HIS A 106 -17.43 -8.52 -0.92
C HIS A 106 -16.26 -8.57 -1.94
N GLY A 107 -15.33 -9.52 -1.75
CA GLY A 107 -14.17 -9.69 -2.65
C GLY A 107 -12.89 -8.99 -2.15
N TYR A 108 -11.74 -9.36 -2.74
CA TYR A 108 -10.41 -8.82 -2.38
C TYR A 108 -10.31 -7.30 -2.63
N ASP A 109 -10.82 -6.87 -3.80
CA ASP A 109 -10.78 -5.46 -4.22
C ASP A 109 -11.49 -4.54 -3.20
N ALA A 110 -12.67 -4.99 -2.72
CA ALA A 110 -13.48 -4.26 -1.72
C ALA A 110 -12.78 -4.19 -0.35
N ASP A 111 -12.04 -5.27 0.02
CA ASP A 111 -11.29 -5.35 1.29
C ASP A 111 -10.13 -4.31 1.32
N ILE A 112 -9.53 -4.06 0.14
CA ILE A 112 -8.50 -3.01 -0.05
C ILE A 112 -9.14 -1.60 -0.11
N ASN A 113 -10.29 -1.49 -0.81
CA ASN A 113 -11.06 -0.22 -0.96
C ASN A 113 -11.55 0.31 0.40
N SER A 114 -11.79 -0.62 1.36
CA SER A 114 -12.15 -0.29 2.76
C SER A 114 -11.10 0.65 3.39
N TYR A 115 -9.81 0.33 3.17
CA TYR A 115 -8.68 1.12 3.68
C TYR A 115 -8.61 2.52 3.01
N ILE A 116 -8.87 2.56 1.69
CA ILE A 116 -8.87 3.81 0.90
C ILE A 116 -10.05 4.73 1.33
N ASP A 117 -11.14 4.10 1.77
CA ASP A 117 -12.37 4.77 2.21
C ASP A 117 -12.29 5.23 3.70
N SER A 118 -11.33 4.68 4.47
CA SER A 118 -11.23 4.93 5.95
C SER A 118 -10.89 6.41 6.27
N ALA A 119 -11.66 7.01 7.18
CA ALA A 119 -11.44 8.40 7.67
C ALA A 119 -10.04 8.59 8.29
N GLU A 120 -9.58 7.59 9.05
CA GLU A 120 -8.23 7.59 9.68
C GLU A 120 -7.09 7.72 8.64
N TYR A 121 -7.26 7.08 7.46
CA TYR A 121 -6.29 7.16 6.35
C TYR A 121 -6.42 8.52 5.61
N THR A 122 -7.68 8.90 5.32
CA THR A 122 -8.02 10.12 4.55
C THR A 122 -7.46 11.40 5.22
N GLU A 123 -7.73 11.55 6.51
CA GLU A 123 -7.28 12.72 7.30
C GLU A 123 -5.76 12.65 7.66
N SER A 124 -5.27 11.51 8.19
CA SER A 124 -3.88 11.41 8.75
C SER A 124 -2.78 11.30 7.67
N PHE A 125 -3.06 10.60 6.56
CA PHE A 125 -2.07 10.40 5.45
C PHE A 125 -2.45 11.21 4.19
N GLY A 126 -3.69 11.72 4.13
CA GLY A 126 -4.16 12.44 2.94
C GLY A 126 -4.14 11.61 1.65
N ASP A 127 -4.37 12.26 0.50
CA ASP A 127 -4.17 11.64 -0.83
C ASP A 127 -2.72 11.84 -1.35
N ASN A 128 -1.97 12.75 -0.70
CA ASN A 128 -0.62 13.18 -1.15
C ASN A 128 0.55 12.51 -0.39
N VAL A 129 0.33 12.05 0.85
CA VAL A 129 1.41 11.44 1.68
C VAL A 129 1.34 9.90 1.63
N VAL A 130 2.53 9.26 1.57
CA VAL A 130 2.68 7.80 1.54
C VAL A 130 2.46 7.20 2.95
N PRO A 131 1.65 6.08 3.09
CA PRO A 131 1.55 5.31 4.35
C PRO A 131 2.94 4.84 4.87
N TYR A 132 3.17 5.03 6.16
CA TYR A 132 4.43 4.62 6.83
C TYR A 132 4.15 3.58 7.93
N PHE A 133 5.17 2.77 8.21
CA PHE A 133 5.11 1.66 9.18
C PHE A 133 5.04 2.20 10.63
N ARG A 134 4.40 1.44 11.55
CA ARG A 134 4.23 1.87 12.97
C ARG A 134 5.18 1.11 13.93
N GLY A 135 6.29 0.56 13.37
CA GLY A 135 7.33 -0.11 14.17
C GLY A 135 6.87 -1.44 14.81
N LEU A 136 6.88 -2.52 14.02
CA LEU A 136 6.40 -3.86 14.45
C LEU A 136 7.50 -4.93 14.33
N GLU A 137 7.30 -6.06 15.02
CA GLU A 137 8.17 -7.25 14.92
C GLU A 137 7.74 -8.14 13.71
N HIS A 138 8.49 -9.25 13.48
CA HIS A 138 8.14 -10.29 12.48
C HIS A 138 8.28 -9.79 11.02
N HIS A 139 9.53 -9.72 10.53
CA HIS A 139 9.86 -9.31 9.15
C HIS A 139 11.23 -9.90 8.72
N HIS A 140 11.21 -10.90 7.81
CA HIS A 140 12.43 -11.61 7.31
C HIS A 140 12.29 -11.98 5.82
N HIS A 141 13.44 -12.17 5.12
CA HIS A 141 13.45 -12.53 3.68
C HIS A 141 13.57 -14.06 3.47
N HIS A 142 12.48 -14.68 2.98
CA HIS A 142 12.48 -16.02 2.35
C HIS A 142 11.05 -16.32 1.80
N HIS A 143 10.16 -16.91 2.66
CA HIS A 143 8.69 -17.07 2.38
C HIS A 143 7.97 -17.72 3.58
N MET A 1 9.25 12.10 8.87
CA MET A 1 9.18 10.76 8.19
C MET A 1 8.11 10.69 7.04
N PRO A 2 6.85 11.27 7.18
CA PRO A 2 5.88 11.38 6.05
C PRO A 2 6.49 11.95 4.73
N LEU A 3 6.58 11.11 3.70
CA LEU A 3 7.06 11.51 2.36
C LEU A 3 5.85 12.06 1.56
N GLU A 4 5.95 13.27 1.00
CA GLU A 4 4.80 13.91 0.30
C GLU A 4 5.13 14.23 -1.18
N TRP A 5 4.17 13.97 -2.07
CA TRP A 5 4.20 14.46 -3.46
C TRP A 5 3.32 15.71 -3.60
N ARG A 6 3.82 16.71 -4.34
CA ARG A 6 3.05 17.94 -4.68
C ARG A 6 3.22 18.29 -6.18
N ALA A 7 2.38 19.21 -6.68
CA ALA A 7 2.46 19.67 -8.10
C ALA A 7 3.73 20.53 -8.33
N GLY A 8 4.48 20.21 -9.39
CA GLY A 8 5.80 20.83 -9.65
C GLY A 8 6.99 19.98 -9.17
N ALA A 9 6.72 18.83 -8.52
CA ALA A 9 7.77 17.86 -8.11
C ALA A 9 8.43 17.17 -9.33
N SER A 10 9.68 16.73 -9.17
CA SER A 10 10.53 16.23 -10.28
C SER A 10 10.26 14.74 -10.61
N SER A 11 10.65 14.33 -11.83
CA SER A 11 10.56 12.92 -12.31
C SER A 11 11.34 11.96 -11.38
N ASP A 12 12.56 12.39 -11.01
CA ASP A 12 13.45 11.67 -10.06
C ASP A 12 12.79 11.54 -8.65
N GLU A 13 12.08 12.60 -8.21
CA GLU A 13 11.34 12.59 -6.93
C GLU A 13 10.20 11.54 -6.95
N ILE A 14 9.37 11.56 -8.02
CA ILE A 14 8.22 10.63 -8.16
C ILE A 14 8.70 9.17 -8.28
N ASN A 15 9.86 8.98 -8.91
CA ASN A 15 10.52 7.66 -9.05
C ASN A 15 10.90 7.06 -7.66
N ALA A 16 11.41 7.94 -6.77
CA ALA A 16 11.72 7.58 -5.36
C ALA A 16 10.43 7.30 -4.54
N ILE A 17 9.32 7.99 -4.87
CA ILE A 17 7.99 7.78 -4.24
C ILE A 17 7.41 6.40 -4.62
N ILE A 18 7.47 6.07 -5.92
CA ILE A 18 7.08 4.75 -6.46
C ILE A 18 7.81 3.61 -5.69
N ARG A 19 9.14 3.77 -5.59
CA ARG A 19 10.02 2.85 -4.85
C ARG A 19 9.59 2.71 -3.36
N ALA A 20 9.32 3.85 -2.70
CA ALA A 20 8.94 3.90 -1.26
C ALA A 20 7.60 3.16 -0.98
N VAL A 21 6.61 3.39 -1.86
CA VAL A 21 5.26 2.75 -1.75
C VAL A 21 5.38 1.22 -1.95
N TYR A 22 6.00 0.84 -3.08
CA TYR A 22 6.15 -0.56 -3.50
C TYR A 22 6.91 -1.44 -2.45
N ARG A 23 8.03 -0.94 -1.90
CA ARG A 23 8.84 -1.68 -0.87
C ARG A 23 8.01 -1.98 0.39
N GLN A 24 7.25 -0.97 0.85
CA GLN A 24 6.43 -1.08 2.06
C GLN A 24 5.20 -2.00 1.83
N VAL A 25 4.53 -1.86 0.67
CA VAL A 25 3.31 -2.64 0.35
C VAL A 25 3.66 -4.14 0.16
N LEU A 26 4.76 -4.45 -0.53
CA LEU A 26 5.20 -5.86 -0.73
C LEU A 26 6.16 -6.29 0.41
N GLY A 27 7.44 -5.88 0.35
CA GLY A 27 8.45 -6.29 1.36
C GLY A 27 9.90 -6.04 0.93
N ASN A 28 10.66 -7.13 0.69
CA ASN A 28 12.11 -7.09 0.40
C ASN A 28 12.39 -6.51 -1.01
N ASP A 29 12.49 -5.15 -1.08
CA ASP A 29 12.82 -4.40 -2.33
C ASP A 29 11.87 -4.70 -3.52
N TYR A 30 10.68 -5.27 -3.19
CA TYR A 30 9.56 -5.62 -4.10
C TYR A 30 9.94 -6.28 -5.46
N VAL A 31 8.94 -6.37 -6.35
CA VAL A 31 9.04 -6.98 -7.68
C VAL A 31 9.28 -5.90 -8.79
N MET A 32 10.55 -5.75 -9.20
CA MET A 32 10.97 -4.89 -10.35
C MET A 32 11.94 -5.64 -11.31
N SER A 33 12.43 -6.82 -10.87
CA SER A 33 13.33 -7.69 -11.69
C SER A 33 12.55 -8.46 -12.82
N THR A 34 11.27 -8.07 -13.03
CA THR A 34 10.32 -8.69 -13.96
C THR A 34 9.08 -7.75 -14.14
N GLU A 35 7.99 -8.22 -14.78
CA GLU A 35 6.73 -7.45 -14.97
C GLU A 35 6.19 -6.82 -13.65
N ARG A 36 5.77 -5.54 -13.73
CA ARG A 36 5.14 -4.78 -12.62
C ARG A 36 4.07 -3.81 -13.20
N LEU A 37 3.48 -2.93 -12.34
CA LEU A 37 2.40 -2.00 -12.76
C LEU A 37 2.97 -0.64 -13.23
N THR A 38 3.82 -0.71 -14.28
CA THR A 38 4.44 0.50 -14.90
C THR A 38 3.38 1.52 -15.39
N SER A 39 2.19 1.03 -15.80
CA SER A 39 1.05 1.89 -16.23
C SER A 39 0.52 2.77 -15.08
N ALA A 40 0.34 2.17 -13.88
CA ALA A 40 -0.10 2.90 -12.66
C ALA A 40 0.94 3.95 -12.22
N GLU A 41 2.22 3.56 -12.31
CA GLU A 41 3.39 4.44 -12.08
C GLU A 41 3.44 5.64 -13.06
N SER A 42 3.04 5.39 -14.32
CA SER A 42 2.94 6.44 -15.37
C SER A 42 1.85 7.49 -15.03
N LEU A 43 0.76 7.01 -14.39
CA LEU A 43 -0.35 7.88 -13.94
C LEU A 43 0.06 8.77 -12.75
N LEU A 44 0.88 8.24 -11.82
CA LEU A 44 1.43 9.02 -10.68
C LEU A 44 2.47 10.06 -11.20
N ARG A 45 3.29 9.62 -12.17
CA ARG A 45 4.35 10.45 -12.81
C ARG A 45 3.74 11.62 -13.63
N GLY A 46 2.63 11.33 -14.32
CA GLY A 46 1.89 12.35 -15.09
C GLY A 46 0.94 13.21 -14.25
N GLY A 47 0.82 12.88 -12.94
CA GLY A 47 -0.06 13.60 -12.02
C GLY A 47 -1.56 13.32 -12.21
N GLU A 48 -1.86 12.23 -12.92
CA GLU A 48 -3.24 11.81 -13.24
C GLU A 48 -3.95 11.17 -12.02
N ILE A 49 -3.18 10.50 -11.15
CA ILE A 49 -3.68 9.95 -9.87
C ILE A 49 -2.87 10.53 -8.68
N SER A 50 -3.49 10.54 -7.51
CA SER A 50 -2.84 10.93 -6.24
C SER A 50 -2.12 9.70 -5.62
N VAL A 51 -1.34 9.94 -4.56
CA VAL A 51 -0.64 8.85 -3.83
C VAL A 51 -1.64 7.83 -3.24
N ARG A 52 -2.81 8.32 -2.80
CA ARG A 52 -3.94 7.48 -2.30
C ARG A 52 -4.32 6.38 -3.33
N ASP A 53 -4.53 6.83 -4.58
CA ASP A 53 -4.95 5.97 -5.70
C ASP A 53 -3.80 5.06 -6.18
N PHE A 54 -2.56 5.53 -6.00
CA PHE A 54 -1.35 4.75 -6.36
C PHE A 54 -1.13 3.57 -5.40
N VAL A 55 -1.17 3.84 -4.08
CA VAL A 55 -1.05 2.81 -3.01
C VAL A 55 -2.18 1.74 -3.16
N ARG A 56 -3.37 2.20 -3.60
CA ARG A 56 -4.50 1.33 -3.97
C ARG A 56 -4.10 0.32 -5.08
N ALA A 57 -3.51 0.85 -6.18
CA ALA A 57 -3.07 0.03 -7.34
C ALA A 57 -1.98 -1.01 -6.96
N VAL A 58 -0.97 -0.56 -6.20
CA VAL A 58 0.16 -1.41 -5.74
C VAL A 58 -0.33 -2.53 -4.78
N ALA A 59 -1.37 -2.22 -3.98
CA ALA A 59 -2.04 -3.20 -3.09
C ALA A 59 -3.02 -4.15 -3.84
N LEU A 60 -3.62 -3.66 -4.95
CA LEU A 60 -4.55 -4.45 -5.80
C LEU A 60 -3.78 -5.29 -6.84
N SER A 61 -2.44 -5.10 -6.89
CA SER A 61 -1.56 -5.90 -7.76
C SER A 61 -1.68 -7.39 -7.44
N GLU A 62 -1.78 -8.21 -8.47
CA GLU A 62 -1.91 -9.67 -8.31
C GLU A 62 -0.62 -10.26 -7.72
N LEU A 63 0.55 -9.68 -8.11
CA LEU A 63 1.89 -10.11 -7.62
C LEU A 63 2.04 -10.00 -6.09
N TYR A 64 1.48 -8.93 -5.50
CA TYR A 64 1.45 -8.75 -4.02
C TYR A 64 0.44 -9.73 -3.38
N ARG A 65 -0.78 -9.75 -3.94
CA ARG A 65 -1.91 -10.55 -3.41
C ARG A 65 -1.56 -12.06 -3.33
N GLU A 66 -1.15 -12.65 -4.47
CA GLU A 66 -0.80 -14.08 -4.57
C GLU A 66 0.42 -14.48 -3.69
N LYS A 67 1.34 -13.53 -3.50
CA LYS A 67 2.62 -13.76 -2.79
C LYS A 67 2.40 -14.11 -1.30
N PHE A 68 1.56 -13.32 -0.62
CA PHE A 68 1.28 -13.51 0.82
C PHE A 68 -0.03 -14.29 1.10
N PHE A 69 -0.91 -14.42 0.09
CA PHE A 69 -2.18 -15.20 0.22
C PHE A 69 -1.99 -16.70 -0.08
N HIS A 70 -1.16 -17.05 -1.08
CA HIS A 70 -0.92 -18.48 -1.45
C HIS A 70 0.11 -19.16 -0.51
N ASN A 71 1.10 -18.39 -0.03
CA ASN A 71 2.19 -18.93 0.84
C ASN A 71 1.84 -18.86 2.35
N ASN A 72 0.66 -18.29 2.68
CA ASN A 72 0.17 -18.16 4.08
C ASN A 72 -1.35 -18.42 4.14
N ALA A 73 -1.84 -18.76 5.34
CA ALA A 73 -3.29 -18.77 5.65
C ALA A 73 -3.85 -17.32 5.59
N HIS A 74 -5.07 -17.15 5.07
CA HIS A 74 -5.68 -15.81 4.83
C HIS A 74 -5.63 -14.88 6.07
N ASN A 75 -5.76 -15.46 7.28
CA ASN A 75 -5.67 -14.71 8.56
C ASN A 75 -4.29 -14.00 8.73
N ARG A 76 -3.23 -14.67 8.26
CA ARG A 76 -1.85 -14.11 8.23
C ARG A 76 -1.72 -13.03 7.12
N PHE A 77 -2.36 -13.28 5.95
CA PHE A 77 -2.38 -12.31 4.81
C PHE A 77 -3.04 -10.98 5.23
N ILE A 78 -4.07 -11.07 6.10
CA ILE A 78 -4.75 -9.91 6.71
C ILE A 78 -3.77 -9.11 7.61
N GLU A 79 -3.02 -9.80 8.49
CA GLU A 79 -1.98 -9.16 9.36
C GLU A 79 -0.95 -8.36 8.53
N LEU A 80 -0.53 -8.97 7.41
CA LEU A 80 0.43 -8.38 6.47
C LEU A 80 -0.17 -7.18 5.70
N ASN A 81 -1.43 -7.31 5.25
CA ASN A 81 -2.13 -6.27 4.46
C ASN A 81 -2.38 -4.98 5.29
N PHE A 82 -2.58 -5.17 6.61
CA PHE A 82 -2.73 -4.07 7.60
C PHE A 82 -1.41 -3.27 7.77
N LYS A 83 -0.30 -3.99 8.08
CA LYS A 83 1.01 -3.35 8.39
C LYS A 83 1.64 -2.68 7.14
N HIS A 84 1.32 -3.21 5.95
CA HIS A 84 1.82 -2.68 4.66
C HIS A 84 1.13 -1.35 4.25
N LEU A 85 -0.21 -1.28 4.41
CA LEU A 85 -1.02 -0.13 3.93
C LEU A 85 -1.21 0.97 4.99
N LEU A 86 -1.17 0.60 6.29
CA LEU A 86 -1.32 1.58 7.41
C LEU A 86 -0.12 1.46 8.37
N GLY A 87 0.01 0.26 8.96
CA GLY A 87 1.00 -0.01 10.03
C GLY A 87 0.36 -0.61 11.28
N ARG A 88 -1.00 -0.65 11.32
CA ARG A 88 -1.75 -1.15 12.50
C ARG A 88 -1.75 -2.71 12.55
N ALA A 89 -1.97 -3.26 13.76
CA ALA A 89 -1.95 -4.72 14.01
C ALA A 89 -3.37 -5.25 14.34
N PRO A 90 -3.92 -6.23 13.55
CA PRO A 90 -5.21 -6.88 13.88
C PRO A 90 -5.06 -7.92 15.02
N TYR A 91 -4.98 -7.41 16.25
CA TYR A 91 -4.69 -8.22 17.46
C TYR A 91 -5.91 -9.06 17.92
N ASP A 92 -7.12 -8.65 17.50
CA ASP A 92 -8.38 -9.28 17.97
C ASP A 92 -9.09 -10.04 16.82
N GLN A 93 -9.96 -10.99 17.22
CA GLN A 93 -10.70 -11.87 16.29
C GLN A 93 -11.71 -11.10 15.41
N ALA A 94 -12.38 -10.07 15.96
CA ALA A 94 -13.41 -9.30 15.25
C ALA A 94 -12.83 -8.49 14.06
N GLU A 95 -11.62 -7.96 14.26
CA GLU A 95 -10.90 -7.15 13.23
C GLU A 95 -10.42 -8.04 12.05
N VAL A 96 -9.82 -9.20 12.37
CA VAL A 96 -9.35 -10.18 11.37
C VAL A 96 -10.54 -10.78 10.58
N ALA A 97 -11.52 -11.32 11.32
CA ALA A 97 -12.73 -11.98 10.75
C ALA A 97 -13.60 -11.04 9.89
N ALA A 98 -13.61 -9.73 10.24
CA ALA A 98 -14.33 -8.70 9.45
C ALA A 98 -13.76 -8.59 8.01
N HIS A 99 -12.43 -8.48 7.93
CA HIS A 99 -11.69 -8.36 6.65
C HIS A 99 -11.60 -9.71 5.90
N ALA A 100 -11.65 -10.82 6.66
CA ALA A 100 -11.82 -12.17 6.08
C ALA A 100 -13.13 -12.26 5.26
N ALA A 101 -14.23 -11.82 5.89
CA ALA A 101 -15.57 -11.80 5.25
C ALA A 101 -15.66 -10.74 4.12
N THR A 102 -14.91 -9.64 4.25
CA THR A 102 -14.85 -8.58 3.21
C THR A 102 -14.15 -9.11 1.93
N TYR A 103 -12.95 -9.70 2.10
CA TYR A 103 -12.17 -10.29 1.01
C TYR A 103 -12.91 -11.48 0.31
N HIS A 104 -13.52 -12.38 1.11
CA HIS A 104 -14.19 -13.58 0.57
C HIS A 104 -15.58 -13.28 -0.07
N SER A 105 -16.43 -12.48 0.62
CA SER A 105 -17.82 -12.20 0.15
C SER A 105 -17.90 -11.00 -0.84
N HIS A 106 -17.09 -9.95 -0.61
CA HIS A 106 -17.09 -8.72 -1.48
C HIS A 106 -15.89 -8.70 -2.48
N GLY A 107 -14.89 -9.55 -2.24
CA GLY A 107 -13.69 -9.61 -3.10
C GLY A 107 -12.52 -8.75 -2.61
N TYR A 108 -11.33 -8.99 -3.19
CA TYR A 108 -10.07 -8.30 -2.83
C TYR A 108 -10.15 -6.77 -3.00
N ASP A 109 -10.93 -6.31 -4.00
CA ASP A 109 -11.14 -4.88 -4.29
C ASP A 109 -11.70 -4.14 -3.06
N ALA A 110 -12.78 -4.69 -2.48
CA ALA A 110 -13.47 -4.09 -1.34
C ALA A 110 -12.59 -4.07 -0.06
N ASP A 111 -11.73 -5.08 0.10
CA ASP A 111 -10.82 -5.19 1.28
C ASP A 111 -9.71 -4.11 1.22
N ILE A 112 -8.96 -4.06 0.10
CA ILE A 112 -7.85 -3.07 -0.09
C ILE A 112 -8.39 -1.60 -0.11
N ASN A 113 -9.47 -1.38 -0.89
CA ASN A 113 -10.16 -0.06 -0.96
C ASN A 113 -10.74 0.37 0.41
N SER A 114 -11.10 -0.62 1.28
CA SER A 114 -11.54 -0.33 2.68
C SER A 114 -10.45 0.43 3.49
N TYR A 115 -9.15 0.12 3.24
CA TYR A 115 -8.04 0.84 3.90
C TYR A 115 -7.81 2.21 3.23
N ILE A 116 -7.87 2.22 1.89
CA ILE A 116 -7.58 3.41 1.04
C ILE A 116 -8.65 4.52 1.21
N ASP A 117 -9.90 4.10 1.48
CA ASP A 117 -11.05 5.01 1.61
C ASP A 117 -11.39 5.32 3.09
N SER A 118 -10.72 4.64 4.05
CA SER A 118 -11.01 4.79 5.51
C SER A 118 -10.55 6.17 6.04
N ALA A 119 -11.35 6.75 6.96
CA ALA A 119 -11.09 8.09 7.55
C ALA A 119 -9.76 8.13 8.37
N GLU A 120 -9.45 7.01 9.06
CA GLU A 120 -8.21 6.86 9.86
C GLU A 120 -6.94 6.94 8.98
N TYR A 121 -7.01 6.33 7.79
CA TYR A 121 -5.92 6.32 6.79
C TYR A 121 -5.78 7.71 6.13
N THR A 122 -6.91 8.26 5.66
CA THR A 122 -6.96 9.55 4.92
C THR A 122 -6.48 10.73 5.78
N GLU A 123 -7.01 10.82 6.99
CA GLU A 123 -6.70 11.93 7.93
C GLU A 123 -5.23 11.85 8.46
N SER A 124 -4.75 10.63 8.81
CA SER A 124 -3.39 10.47 9.40
C SER A 124 -2.26 10.43 8.33
N PHE A 125 -2.52 9.78 7.18
CA PHE A 125 -1.47 9.53 6.14
C PHE A 125 -1.67 10.37 4.85
N GLY A 126 -2.82 11.06 4.73
CA GLY A 126 -3.08 11.96 3.58
C GLY A 126 -3.22 11.27 2.21
N ASP A 127 -3.79 12.01 1.22
CA ASP A 127 -3.93 11.52 -0.17
C ASP A 127 -2.72 11.89 -1.06
N ASN A 128 -2.01 13.00 -0.70
CA ASN A 128 -0.76 13.42 -1.38
C ASN A 128 0.49 12.93 -0.61
N VAL A 129 0.28 12.45 0.63
CA VAL A 129 1.36 11.91 1.47
C VAL A 129 1.33 10.36 1.43
N VAL A 130 2.51 9.73 1.42
CA VAL A 130 2.66 8.27 1.43
C VAL A 130 2.41 7.72 2.86
N PRO A 131 1.53 6.69 3.03
CA PRO A 131 1.43 5.93 4.30
C PRO A 131 2.76 5.22 4.62
N TYR A 132 3.27 5.42 5.84
CA TYR A 132 4.56 4.86 6.27
C TYR A 132 4.36 3.88 7.44
N PHE A 133 5.18 2.82 7.48
CA PHE A 133 5.19 1.85 8.58
C PHE A 133 6.12 2.34 9.70
N ARG A 134 5.66 2.20 10.96
CA ARG A 134 6.43 2.59 12.15
C ARG A 134 7.51 1.51 12.47
N GLY A 135 8.64 1.61 11.74
CA GLY A 135 9.76 0.67 11.84
C GLY A 135 10.64 0.68 10.58
N LEU A 136 11.63 -0.23 10.53
CA LEU A 136 12.55 -0.41 9.38
C LEU A 136 13.35 0.88 9.03
N GLU A 137 14.58 0.98 9.56
CA GLU A 137 15.47 2.15 9.35
C GLU A 137 16.04 2.17 7.91
N HIS A 138 16.04 3.38 7.29
CA HIS A 138 16.53 3.57 5.91
C HIS A 138 17.21 4.96 5.73
N HIS A 139 18.57 4.97 5.72
CA HIS A 139 19.40 6.20 5.61
C HIS A 139 19.61 6.64 4.12
N HIS A 140 18.56 6.48 3.30
CA HIS A 140 18.48 6.99 1.90
C HIS A 140 19.53 6.38 0.94
N HIS A 141 19.17 5.24 0.33
CA HIS A 141 19.85 4.70 -0.87
C HIS A 141 18.86 4.76 -2.06
N HIS A 142 19.36 5.15 -3.25
CA HIS A 142 18.57 5.35 -4.49
C HIS A 142 17.58 6.55 -4.36
N HIS A 143 17.69 7.53 -5.28
CA HIS A 143 16.99 8.83 -5.17
C HIS A 143 16.14 9.12 -6.42
N MET A 1 9.51 10.13 9.38
CA MET A 1 9.07 10.99 8.25
C MET A 1 8.63 10.12 7.04
N PRO A 2 7.39 10.36 6.47
CA PRO A 2 6.99 9.75 5.18
C PRO A 2 7.50 10.57 3.96
N LEU A 3 7.31 10.03 2.75
CA LEU A 3 7.54 10.76 1.49
C LEU A 3 6.24 11.44 1.04
N GLU A 4 6.35 12.69 0.57
CA GLU A 4 5.19 13.46 0.06
C GLU A 4 5.47 13.90 -1.39
N TRP A 5 4.47 13.74 -2.25
CA TRP A 5 4.51 14.28 -3.62
C TRP A 5 3.72 15.60 -3.71
N ARG A 6 4.27 16.54 -4.50
CA ARG A 6 3.64 17.85 -4.78
C ARG A 6 3.68 18.16 -6.29
N ALA A 7 2.85 19.12 -6.74
CA ALA A 7 2.75 19.49 -8.17
C ALA A 7 4.07 20.10 -8.70
N GLY A 8 4.54 19.62 -9.87
CA GLY A 8 5.81 20.08 -10.48
C GLY A 8 7.07 19.32 -10.03
N ALA A 9 6.91 18.36 -9.08
CA ALA A 9 8.05 17.58 -8.52
C ALA A 9 8.74 16.69 -9.59
N SER A 10 10.04 16.41 -9.37
CA SER A 10 10.91 15.75 -10.38
C SER A 10 10.68 14.23 -10.44
N SER A 11 10.98 13.64 -11.61
CA SER A 11 10.82 12.18 -11.86
C SER A 11 11.63 11.30 -10.87
N ASP A 12 12.76 11.86 -10.37
CA ASP A 12 13.59 11.23 -9.32
C ASP A 12 12.84 11.16 -7.97
N GLU A 13 12.17 12.28 -7.62
CA GLU A 13 11.37 12.37 -6.38
C GLU A 13 10.20 11.36 -6.43
N ILE A 14 9.49 11.36 -7.57
CA ILE A 14 8.36 10.44 -7.83
C ILE A 14 8.85 8.97 -7.86
N ASN A 15 10.06 8.73 -8.40
CA ASN A 15 10.67 7.38 -8.45
C ASN A 15 10.87 6.79 -7.03
N ALA A 16 11.41 7.64 -6.13
CA ALA A 16 11.62 7.28 -4.71
C ALA A 16 10.26 7.04 -3.97
N ILE A 17 9.24 7.84 -4.34
CA ILE A 17 7.86 7.75 -3.80
C ILE A 17 7.15 6.44 -4.24
N ILE A 18 7.19 6.13 -5.55
CA ILE A 18 6.71 4.85 -6.13
C ILE A 18 7.36 3.64 -5.43
N ARG A 19 8.69 3.70 -5.35
CA ARG A 19 9.55 2.68 -4.73
C ARG A 19 9.17 2.47 -3.23
N ALA A 20 8.90 3.60 -2.53
CA ALA A 20 8.51 3.59 -1.10
C ALA A 20 7.11 2.96 -0.89
N VAL A 21 6.17 3.26 -1.84
CA VAL A 21 4.82 2.65 -1.87
C VAL A 21 4.91 1.12 -2.02
N TYR A 22 5.68 0.69 -3.04
CA TYR A 22 5.94 -0.74 -3.34
C TYR A 22 6.50 -1.52 -2.11
N ARG A 23 7.58 -0.99 -1.50
CA ARG A 23 8.21 -1.62 -0.32
C ARG A 23 7.27 -1.62 0.92
N GLN A 24 6.45 -0.56 1.06
CA GLN A 24 5.49 -0.44 2.18
C GLN A 24 4.37 -1.50 2.06
N VAL A 25 3.86 -1.70 0.84
CA VAL A 25 2.74 -2.64 0.57
C VAL A 25 3.18 -4.12 0.70
N LEU A 26 4.40 -4.48 0.24
CA LEU A 26 4.90 -5.88 0.39
C LEU A 26 5.62 -6.09 1.76
N GLY A 27 6.16 -5.01 2.34
CA GLY A 27 6.99 -5.10 3.56
C GLY A 27 8.45 -5.50 3.26
N ASN A 28 8.61 -6.60 2.51
CA ASN A 28 9.93 -7.08 2.01
C ASN A 28 10.36 -6.24 0.75
N ASP A 29 11.37 -6.72 0.00
CA ASP A 29 11.70 -6.14 -1.31
C ASP A 29 10.60 -6.53 -2.34
N TYR A 30 9.98 -5.48 -2.88
CA TYR A 30 8.97 -5.53 -3.97
C TYR A 30 9.48 -6.19 -5.29
N VAL A 31 8.68 -6.02 -6.37
CA VAL A 31 9.02 -6.48 -7.73
C VAL A 31 9.31 -5.26 -8.66
N MET A 32 10.52 -5.22 -9.27
CA MET A 32 10.92 -4.14 -10.19
C MET A 32 11.83 -4.67 -11.33
N SER A 33 11.78 -3.98 -12.50
CA SER A 33 12.63 -4.24 -13.69
C SER A 33 12.25 -5.56 -14.40
N THR A 34 10.95 -5.71 -14.69
CA THR A 34 10.36 -6.95 -15.27
C THR A 34 8.91 -6.72 -15.81
N GLU A 35 8.10 -5.94 -15.05
CA GLU A 35 6.68 -5.70 -15.38
C GLU A 35 6.13 -4.49 -14.58
N ARG A 36 5.96 -4.70 -13.25
CA ARG A 36 5.42 -3.70 -12.28
C ARG A 36 4.00 -3.20 -12.71
N LEU A 37 3.60 -2.00 -12.22
CA LEU A 37 2.34 -1.32 -12.62
C LEU A 37 2.68 -0.07 -13.47
N THR A 38 3.44 -0.28 -14.55
CA THR A 38 4.01 0.80 -15.40
C THR A 38 2.95 1.85 -15.90
N SER A 39 1.71 1.40 -16.12
CA SER A 39 0.57 2.30 -16.51
C SER A 39 0.19 3.26 -15.34
N ALA A 40 0.04 2.69 -14.12
CA ALA A 40 -0.31 3.47 -12.89
C ALA A 40 0.82 4.43 -12.48
N GLU A 41 2.07 3.96 -12.62
CA GLU A 41 3.29 4.76 -12.37
C GLU A 41 3.39 5.95 -13.34
N SER A 42 3.04 5.73 -14.62
CA SER A 42 3.01 6.79 -15.66
C SER A 42 1.95 7.87 -15.30
N LEU A 43 0.80 7.42 -14.76
CA LEU A 43 -0.29 8.31 -14.27
C LEU A 43 0.16 9.14 -13.05
N LEU A 44 0.93 8.53 -12.12
CA LEU A 44 1.45 9.22 -10.91
C LEU A 44 2.54 10.26 -11.28
N ARG A 45 3.42 9.87 -12.21
CA ARG A 45 4.46 10.76 -12.76
C ARG A 45 3.84 11.92 -13.58
N GLY A 46 2.70 11.63 -14.22
CA GLY A 46 1.92 12.65 -14.97
C GLY A 46 0.96 13.46 -14.09
N GLY A 47 0.85 13.09 -12.80
CA GLY A 47 -0.03 13.79 -11.84
C GLY A 47 -1.54 13.57 -12.04
N GLU A 48 -1.89 12.56 -12.84
CA GLU A 48 -3.29 12.25 -13.20
C GLU A 48 -4.00 11.40 -12.12
N ILE A 49 -3.22 10.73 -11.26
CA ILE A 49 -3.75 10.04 -10.06
C ILE A 49 -3.03 10.54 -8.79
N SER A 50 -3.69 10.39 -7.63
CA SER A 50 -3.09 10.70 -6.31
C SER A 50 -2.24 9.51 -5.81
N VAL A 51 -1.27 9.83 -4.94
CA VAL A 51 -0.35 8.82 -4.32
C VAL A 51 -1.12 7.70 -3.60
N ARG A 52 -2.12 8.12 -2.80
CA ARG A 52 -3.03 7.24 -2.05
C ARG A 52 -3.73 6.18 -2.96
N ASP A 53 -4.27 6.66 -4.09
CA ASP A 53 -4.98 5.82 -5.08
C ASP A 53 -3.99 4.94 -5.88
N PHE A 54 -2.73 5.38 -5.96
CA PHE A 54 -1.61 4.57 -6.49
C PHE A 54 -1.26 3.41 -5.50
N VAL A 55 -1.31 3.71 -4.18
CA VAL A 55 -1.13 2.69 -3.11
C VAL A 55 -2.24 1.63 -3.17
N ARG A 56 -3.47 2.08 -3.53
CA ARG A 56 -4.60 1.18 -3.82
C ARG A 56 -4.23 0.20 -4.94
N ALA A 57 -3.71 0.75 -6.06
CA ALA A 57 -3.30 -0.04 -7.24
C ALA A 57 -2.23 -1.11 -6.90
N VAL A 58 -1.22 -0.73 -6.08
CA VAL A 58 -0.11 -1.65 -5.67
C VAL A 58 -0.62 -2.72 -4.66
N ALA A 59 -1.57 -2.33 -3.82
CA ALA A 59 -2.28 -3.27 -2.93
C ALA A 59 -3.34 -4.11 -3.69
N LEU A 60 -3.74 -3.66 -4.89
CA LEU A 60 -4.62 -4.44 -5.82
C LEU A 60 -3.83 -5.32 -6.80
N SER A 61 -2.49 -5.16 -6.86
CA SER A 61 -1.64 -5.93 -7.81
C SER A 61 -1.75 -7.44 -7.53
N GLU A 62 -1.85 -8.23 -8.61
CA GLU A 62 -1.94 -9.71 -8.53
C GLU A 62 -0.64 -10.32 -7.98
N LEU A 63 0.47 -9.59 -8.18
CA LEU A 63 1.80 -9.96 -7.64
C LEU A 63 1.80 -9.95 -6.09
N TYR A 64 1.19 -8.91 -5.48
CA TYR A 64 1.06 -8.81 -4.00
C TYR A 64 0.02 -9.84 -3.48
N ARG A 65 -1.12 -9.96 -4.20
CA ARG A 65 -2.20 -10.90 -3.83
C ARG A 65 -1.69 -12.36 -3.78
N GLU A 66 -1.03 -12.81 -4.85
CA GLU A 66 -0.52 -14.21 -4.99
C GLU A 66 0.67 -14.50 -4.05
N LYS A 67 1.55 -13.51 -3.85
CA LYS A 67 2.75 -13.66 -2.99
C LYS A 67 2.33 -13.87 -1.49
N PHE A 68 1.25 -13.21 -1.07
CA PHE A 68 0.80 -13.26 0.35
C PHE A 68 -0.47 -14.11 0.58
N PHE A 69 -1.22 -14.46 -0.47
CA PHE A 69 -2.35 -15.43 -0.37
C PHE A 69 -1.92 -16.88 -0.70
N HIS A 70 -1.11 -17.07 -1.77
CA HIS A 70 -0.68 -18.43 -2.22
C HIS A 70 0.66 -18.87 -1.58
N ASN A 71 1.60 -17.92 -1.43
CA ASN A 71 2.94 -18.21 -0.82
C ASN A 71 2.93 -17.90 0.71
N ASN A 72 1.78 -17.43 1.23
CA ASN A 72 1.55 -17.16 2.67
C ASN A 72 0.06 -17.43 3.03
N ALA A 73 -0.22 -17.80 4.30
CA ALA A 73 -1.58 -18.12 4.79
C ALA A 73 -2.46 -16.85 4.89
N HIS A 74 -3.77 -16.95 4.53
CA HIS A 74 -4.71 -15.79 4.51
C HIS A 74 -4.79 -15.05 5.88
N ASN A 75 -4.84 -15.82 6.99
CA ASN A 75 -4.90 -15.24 8.35
C ASN A 75 -3.61 -14.41 8.66
N ARG A 76 -2.46 -14.97 8.26
CA ARG A 76 -1.14 -14.27 8.28
C ARG A 76 -1.17 -13.02 7.37
N PHE A 77 -1.82 -13.15 6.19
CA PHE A 77 -1.97 -12.05 5.20
C PHE A 77 -2.75 -10.87 5.80
N ILE A 78 -3.80 -11.16 6.59
CA ILE A 78 -4.61 -10.11 7.28
C ILE A 78 -3.73 -9.32 8.30
N GLU A 79 -2.90 -10.07 9.05
CA GLU A 79 -1.91 -9.50 10.00
C GLU A 79 -0.86 -8.61 9.30
N LEU A 80 -0.38 -9.08 8.14
CA LEU A 80 0.59 -8.35 7.31
C LEU A 80 -0.08 -7.15 6.58
N ASN A 81 -1.35 -7.31 6.19
CA ASN A 81 -2.08 -6.32 5.36
C ASN A 81 -2.29 -5.01 6.16
N PHE A 82 -2.65 -5.14 7.46
CA PHE A 82 -2.83 -3.99 8.37
C PHE A 82 -1.52 -3.20 8.59
N LYS A 83 -0.39 -3.89 8.82
CA LYS A 83 0.92 -3.23 9.04
C LYS A 83 1.52 -2.62 7.74
N HIS A 84 1.13 -3.19 6.58
CA HIS A 84 1.53 -2.67 5.25
C HIS A 84 0.75 -1.39 4.88
N LEU A 85 -0.56 -1.41 5.13
CA LEU A 85 -1.47 -0.35 4.66
C LEU A 85 -1.68 0.78 5.74
N LEU A 86 -1.65 0.42 7.02
CA LEU A 86 -1.98 1.35 8.15
C LEU A 86 -0.93 1.33 9.30
N GLY A 87 -0.07 0.30 9.33
CA GLY A 87 0.87 0.11 10.45
C GLY A 87 0.25 -0.52 11.70
N ARG A 88 -0.92 -1.20 11.54
CA ARG A 88 -1.67 -1.84 12.66
C ARG A 88 -1.30 -3.34 12.83
N ALA A 89 -1.58 -3.87 14.04
CA ALA A 89 -1.50 -5.32 14.33
C ALA A 89 -2.86 -5.82 14.86
N PRO A 90 -3.57 -6.75 14.11
CA PRO A 90 -4.88 -7.29 14.57
C PRO A 90 -4.72 -8.34 15.69
N TYR A 91 -4.78 -7.85 16.92
CA TYR A 91 -4.58 -8.67 18.14
C TYR A 91 -5.85 -9.50 18.47
N ASP A 92 -6.99 -9.09 17.91
CA ASP A 92 -8.32 -9.63 18.23
C ASP A 92 -8.98 -10.27 16.99
N GLN A 93 -9.86 -11.24 17.25
CA GLN A 93 -10.62 -11.99 16.21
C GLN A 93 -11.61 -11.10 15.43
N ALA A 94 -12.14 -10.03 16.08
CA ALA A 94 -13.11 -9.12 15.44
C ALA A 94 -12.49 -8.31 14.26
N GLU A 95 -11.25 -7.83 14.45
CA GLU A 95 -10.55 -7.01 13.42
C GLU A 95 -10.08 -7.90 12.23
N VAL A 96 -9.58 -9.12 12.56
CA VAL A 96 -9.21 -10.14 11.54
C VAL A 96 -10.44 -10.56 10.70
N ALA A 97 -11.52 -10.97 11.39
CA ALA A 97 -12.79 -11.43 10.78
C ALA A 97 -13.45 -10.37 9.88
N ALA A 98 -13.25 -9.08 10.20
CA ALA A 98 -13.77 -7.96 9.38
C ALA A 98 -13.20 -7.98 7.94
N HIS A 99 -11.86 -8.05 7.82
CA HIS A 99 -11.18 -8.12 6.50
C HIS A 99 -11.25 -9.52 5.86
N ALA A 100 -11.31 -10.58 6.68
CA ALA A 100 -11.53 -11.96 6.20
C ALA A 100 -12.90 -12.10 5.49
N ALA A 101 -13.93 -11.48 6.08
CA ALA A 101 -15.30 -11.47 5.53
C ALA A 101 -15.41 -10.60 4.25
N THR A 102 -14.72 -9.44 4.26
CA THR A 102 -14.72 -8.52 3.10
C THR A 102 -13.96 -9.13 1.90
N TYR A 103 -12.80 -9.74 2.15
CA TYR A 103 -12.02 -10.46 1.12
C TYR A 103 -12.83 -11.63 0.47
N HIS A 104 -13.36 -12.55 1.28
CA HIS A 104 -14.04 -13.77 0.76
C HIS A 104 -15.45 -13.44 0.17
N SER A 105 -16.27 -12.67 0.91
CA SER A 105 -17.68 -12.40 0.50
C SER A 105 -17.82 -11.19 -0.47
N HIS A 106 -17.03 -10.11 -0.27
CA HIS A 106 -17.13 -8.87 -1.12
C HIS A 106 -16.05 -8.84 -2.23
N GLY A 107 -15.00 -9.68 -2.08
CA GLY A 107 -13.87 -9.73 -3.03
C GLY A 107 -12.62 -8.95 -2.55
N TYR A 108 -11.47 -9.24 -3.20
CA TYR A 108 -10.15 -8.65 -2.88
C TYR A 108 -10.12 -7.12 -3.13
N ASP A 109 -10.73 -6.70 -4.25
CA ASP A 109 -10.81 -5.28 -4.66
C ASP A 109 -11.49 -4.43 -3.58
N ALA A 110 -12.66 -4.91 -3.12
CA ALA A 110 -13.47 -4.25 -2.07
C ALA A 110 -12.71 -4.13 -0.72
N ASP A 111 -11.86 -5.13 -0.40
CA ASP A 111 -11.08 -5.17 0.87
C ASP A 111 -10.08 -3.99 0.95
N ILE A 112 -9.38 -3.75 -0.18
CA ILE A 112 -8.39 -2.65 -0.31
C ILE A 112 -9.11 -1.27 -0.40
N ASN A 113 -10.28 -1.23 -1.07
CA ASN A 113 -11.11 0.00 -1.17
C ASN A 113 -11.61 0.45 0.22
N SER A 114 -11.91 -0.54 1.10
CA SER A 114 -12.31 -0.27 2.51
C SER A 114 -11.21 0.52 3.28
N TYR A 115 -9.94 0.21 2.98
CA TYR A 115 -8.79 0.89 3.59
C TYR A 115 -8.58 2.32 2.99
N ILE A 116 -8.73 2.47 1.66
CA ILE A 116 -8.48 3.74 0.92
C ILE A 116 -9.58 4.79 1.19
N ASP A 117 -10.82 4.30 1.36
CA ASP A 117 -12.01 5.15 1.53
C ASP A 117 -12.15 5.69 2.99
N SER A 118 -11.28 5.20 3.90
CA SER A 118 -11.28 5.62 5.31
C SER A 118 -10.76 7.07 5.47
N ALA A 119 -11.55 7.92 6.15
CA ALA A 119 -11.17 9.32 6.46
C ALA A 119 -10.02 9.37 7.49
N GLU A 120 -10.00 8.38 8.42
CA GLU A 120 -8.90 8.19 9.40
C GLU A 120 -7.54 8.04 8.69
N TYR A 121 -7.54 7.20 7.66
CA TYR A 121 -6.36 6.92 6.83
C TYR A 121 -5.96 8.16 5.98
N THR A 122 -6.90 8.72 5.21
CA THR A 122 -6.60 9.79 4.22
C THR A 122 -6.12 11.12 4.90
N GLU A 123 -6.64 11.40 6.11
CA GLU A 123 -6.19 12.57 6.90
C GLU A 123 -4.81 12.34 7.58
N SER A 124 -4.57 11.14 8.15
CA SER A 124 -3.32 10.86 8.93
C SER A 124 -2.10 10.53 8.04
N PHE A 125 -2.37 9.83 6.91
CA PHE A 125 -1.32 9.39 5.94
C PHE A 125 -1.32 10.24 4.64
N GLY A 126 -2.29 11.18 4.51
CA GLY A 126 -2.41 12.06 3.32
C GLY A 126 -2.84 11.36 2.02
N ASP A 127 -3.48 12.12 1.10
CA ASP A 127 -3.85 11.62 -0.26
C ASP A 127 -2.69 11.81 -1.27
N ASN A 128 -1.83 12.82 -1.02
CA ASN A 128 -0.59 13.06 -1.81
C ASN A 128 0.67 12.67 -1.00
N VAL A 129 0.48 12.02 0.15
CA VAL A 129 1.56 11.53 1.03
C VAL A 129 1.52 9.99 1.06
N VAL A 130 2.71 9.36 1.11
CA VAL A 130 2.87 7.89 1.13
C VAL A 130 2.55 7.34 2.56
N PRO A 131 1.66 6.31 2.67
CA PRO A 131 1.46 5.53 3.90
C PRO A 131 2.76 4.95 4.49
N TYR A 132 2.81 4.83 5.81
CA TYR A 132 4.00 4.40 6.54
C TYR A 132 3.61 3.43 7.68
N PHE A 133 4.51 2.48 7.97
CA PHE A 133 4.46 1.68 9.19
C PHE A 133 4.80 2.59 10.40
N ARG A 134 4.19 2.30 11.57
CA ARG A 134 4.45 3.06 12.81
C ARG A 134 5.88 2.78 13.33
N GLY A 135 6.85 3.53 12.78
CA GLY A 135 8.28 3.32 13.04
C GLY A 135 9.08 3.13 11.74
N LEU A 136 10.17 2.33 11.83
CA LEU A 136 11.14 2.08 10.73
C LEU A 136 11.84 3.40 10.30
N GLU A 137 13.15 3.53 10.61
CA GLU A 137 13.96 4.69 10.16
C GLU A 137 14.06 4.65 8.61
N HIS A 138 13.33 5.57 7.94
CA HIS A 138 13.20 5.55 6.47
C HIS A 138 14.45 6.18 5.79
N HIS A 139 15.47 5.33 5.58
CA HIS A 139 16.66 5.69 4.78
C HIS A 139 16.25 5.87 3.30
N HIS A 140 16.01 7.13 2.88
CA HIS A 140 15.45 7.43 1.54
C HIS A 140 16.54 7.57 0.44
N HIS A 141 16.51 6.64 -0.54
CA HIS A 141 17.34 6.70 -1.77
C HIS A 141 16.71 5.83 -2.90
N HIS A 142 17.33 5.85 -4.10
CA HIS A 142 16.84 5.09 -5.27
C HIS A 142 17.09 3.56 -5.16
N HIS A 143 18.38 3.14 -5.18
CA HIS A 143 18.77 1.70 -5.17
C HIS A 143 20.14 1.49 -4.50
N MET A 1 9.83 12.46 9.27
CA MET A 1 9.64 12.82 7.84
C MET A 1 8.65 11.84 7.14
N PRO A 2 7.33 12.20 7.03
CA PRO A 2 6.42 11.54 6.06
C PRO A 2 6.60 12.15 4.64
N LEU A 3 6.77 11.30 3.60
CA LEU A 3 7.16 11.76 2.24
C LEU A 3 5.89 12.17 1.44
N GLU A 4 5.85 13.43 0.98
CA GLU A 4 4.66 14.00 0.28
C GLU A 4 4.97 14.34 -1.20
N TRP A 5 4.07 13.91 -2.10
CA TRP A 5 4.09 14.22 -3.54
C TRP A 5 3.04 15.31 -3.91
N ARG A 6 3.38 16.15 -4.90
CA ARG A 6 2.46 17.16 -5.48
C ARG A 6 2.56 17.17 -7.03
N ALA A 7 1.59 17.84 -7.68
CA ALA A 7 1.54 17.99 -9.15
C ALA A 7 2.71 18.86 -9.67
N GLY A 8 3.29 18.46 -10.81
CA GLY A 8 4.46 19.16 -11.38
C GLY A 8 5.82 18.65 -10.87
N ALA A 9 5.80 17.66 -9.95
CA ALA A 9 7.03 17.07 -9.36
C ALA A 9 7.88 16.30 -10.41
N SER A 10 9.21 16.23 -10.20
CA SER A 10 10.16 15.65 -11.19
C SER A 10 10.22 14.11 -11.07
N SER A 11 10.48 13.43 -12.21
CA SER A 11 10.43 11.95 -12.32
C SER A 11 11.46 11.24 -11.41
N ASP A 12 12.59 11.93 -11.10
CA ASP A 12 13.61 11.42 -10.15
C ASP A 12 13.04 11.36 -8.71
N GLU A 13 12.40 12.47 -8.29
CA GLU A 13 11.73 12.59 -6.98
C GLU A 13 10.57 11.58 -6.85
N ILE A 14 9.72 11.51 -7.91
CA ILE A 14 8.56 10.58 -7.96
C ILE A 14 9.04 9.11 -7.86
N ASN A 15 10.18 8.79 -8.50
CA ASN A 15 10.77 7.42 -8.50
C ASN A 15 11.06 6.90 -7.06
N ALA A 16 11.57 7.81 -6.21
CA ALA A 16 11.84 7.50 -4.78
C ALA A 16 10.51 7.32 -3.98
N ILE A 17 9.51 8.15 -4.31
CA ILE A 17 8.15 8.09 -3.71
C ILE A 17 7.43 6.76 -4.07
N ILE A 18 7.59 6.34 -5.34
CA ILE A 18 7.08 5.06 -5.87
C ILE A 18 7.65 3.87 -5.06
N ARG A 19 8.98 3.80 -4.98
CA ARG A 19 9.72 2.74 -4.27
C ARG A 19 9.42 2.74 -2.75
N ALA A 20 9.11 3.93 -2.20
CA ALA A 20 8.69 4.10 -0.78
C ALA A 20 7.29 3.48 -0.53
N VAL A 21 6.36 3.69 -1.49
CA VAL A 21 4.99 3.10 -1.45
C VAL A 21 5.07 1.57 -1.57
N TYR A 22 5.88 1.09 -2.53
CA TYR A 22 6.13 -0.36 -2.76
C TYR A 22 6.70 -1.07 -1.50
N ARG A 23 7.69 -0.47 -0.83
CA ARG A 23 8.27 -1.06 0.40
C ARG A 23 7.31 -0.93 1.61
N GLN A 24 6.45 0.11 1.59
CA GLN A 24 5.37 0.26 2.59
C GLN A 24 4.32 -0.88 2.47
N VAL A 25 3.91 -1.18 1.22
CA VAL A 25 2.91 -2.22 0.92
C VAL A 25 3.49 -3.66 0.99
N LEU A 26 4.73 -3.86 0.52
CA LEU A 26 5.38 -5.21 0.49
C LEU A 26 6.27 -5.44 1.74
N GLY A 27 7.32 -4.61 1.90
CA GLY A 27 8.29 -4.76 3.02
C GLY A 27 9.74 -4.72 2.53
N ASN A 28 10.11 -5.73 1.71
CA ASN A 28 11.46 -5.84 1.11
C ASN A 28 11.60 -4.93 -0.15
N ASP A 29 12.81 -4.90 -0.73
CA ASP A 29 13.02 -4.36 -2.09
C ASP A 29 12.17 -5.17 -3.08
N TYR A 30 11.22 -4.48 -3.72
CA TYR A 30 10.12 -5.12 -4.45
C TYR A 30 10.54 -5.77 -5.80
N VAL A 31 9.52 -6.32 -6.48
CA VAL A 31 9.61 -6.99 -7.79
C VAL A 31 10.44 -6.18 -8.85
N MET A 32 9.81 -5.13 -9.45
CA MET A 32 10.38 -4.32 -10.57
C MET A 32 10.70 -5.18 -11.85
N SER A 33 10.87 -4.48 -13.00
CA SER A 33 11.34 -5.06 -14.31
C SER A 33 10.25 -5.89 -15.04
N THR A 34 9.60 -6.81 -14.31
CA THR A 34 8.51 -7.67 -14.84
C THR A 34 7.23 -6.84 -15.14
N GLU A 35 6.14 -7.50 -15.58
CA GLU A 35 4.82 -6.86 -15.65
C GLU A 35 4.24 -6.74 -14.21
N ARG A 36 4.60 -5.62 -13.55
CA ARG A 36 4.14 -5.29 -12.19
C ARG A 36 2.96 -4.30 -12.28
N LEU A 37 3.26 -3.03 -12.67
CA LEU A 37 2.29 -1.90 -12.69
C LEU A 37 2.72 -0.80 -13.71
N THR A 38 3.16 -1.21 -14.92
CA THR A 38 3.71 -0.25 -15.95
C THR A 38 2.77 0.96 -16.24
N SER A 39 1.46 0.69 -16.35
CA SER A 39 0.44 1.73 -16.60
C SER A 39 0.19 2.60 -15.35
N ALA A 40 -0.06 1.94 -14.20
CA ALA A 40 -0.45 2.61 -12.93
C ALA A 40 0.67 3.53 -12.38
N GLU A 41 1.92 3.05 -12.51
CA GLU A 41 3.14 3.80 -12.13
C GLU A 41 3.35 5.04 -13.04
N SER A 42 3.10 4.87 -14.36
CA SER A 42 3.12 5.99 -15.35
C SER A 42 2.03 7.05 -15.04
N LEU A 43 0.88 6.61 -14.49
CA LEU A 43 -0.21 7.51 -14.09
C LEU A 43 0.21 8.42 -12.89
N LEU A 44 1.06 7.90 -11.98
CA LEU A 44 1.63 8.70 -10.88
C LEU A 44 2.70 9.69 -11.43
N ARG A 45 3.59 9.17 -12.30
CA ARG A 45 4.69 9.97 -12.91
C ARG A 45 4.18 11.06 -13.89
N GLY A 46 2.98 10.83 -14.47
CA GLY A 46 2.33 11.78 -15.38
C GLY A 46 1.35 12.73 -14.67
N GLY A 47 1.18 12.56 -13.35
CA GLY A 47 0.28 13.41 -12.54
C GLY A 47 -1.22 13.14 -12.75
N GLU A 48 -1.58 11.95 -13.26
CA GLU A 48 -2.99 11.54 -13.49
C GLU A 48 -3.66 11.03 -12.19
N ILE A 49 -2.88 10.38 -11.29
CA ILE A 49 -3.37 9.89 -9.98
C ILE A 49 -2.49 10.46 -8.84
N SER A 50 -3.04 10.47 -7.61
CA SER A 50 -2.29 10.88 -6.38
C SER A 50 -1.69 9.65 -5.67
N VAL A 51 -0.86 9.92 -4.63
CA VAL A 51 -0.18 8.85 -3.83
C VAL A 51 -1.18 7.82 -3.29
N ARG A 52 -2.28 8.31 -2.71
CA ARG A 52 -3.40 7.49 -2.16
C ARG A 52 -3.91 6.45 -3.19
N ASP A 53 -4.11 6.94 -4.41
CA ASP A 53 -4.63 6.17 -5.54
C ASP A 53 -3.57 5.18 -6.09
N PHE A 54 -2.28 5.52 -5.89
CA PHE A 54 -1.16 4.61 -6.21
C PHE A 54 -0.98 3.50 -5.13
N VAL A 55 -1.21 3.83 -3.83
CA VAL A 55 -1.06 2.88 -2.70
C VAL A 55 -2.02 1.68 -2.85
N ARG A 56 -3.29 1.98 -3.21
CA ARG A 56 -4.26 0.92 -3.54
C ARG A 56 -3.81 0.11 -4.76
N ALA A 57 -3.30 0.79 -5.83
CA ALA A 57 -2.85 0.11 -7.07
C ALA A 57 -1.74 -0.96 -6.80
N VAL A 58 -0.83 -0.65 -5.85
CA VAL A 58 0.26 -1.56 -5.43
C VAL A 58 -0.28 -2.75 -4.60
N ALA A 59 -1.24 -2.46 -3.71
CA ALA A 59 -1.91 -3.49 -2.88
C ALA A 59 -3.01 -4.30 -3.65
N LEU A 60 -3.52 -3.73 -4.77
CA LEU A 60 -4.53 -4.39 -5.64
C LEU A 60 -3.87 -5.27 -6.70
N SER A 61 -2.59 -4.97 -7.01
CA SER A 61 -1.80 -5.69 -8.03
C SER A 61 -1.80 -7.21 -7.80
N GLU A 62 -1.79 -7.98 -8.90
CA GLU A 62 -1.78 -9.45 -8.86
C GLU A 62 -0.44 -9.98 -8.30
N LEU A 63 0.62 -9.16 -8.40
CA LEU A 63 1.96 -9.45 -7.85
C LEU A 63 1.95 -9.43 -6.29
N TYR A 64 1.23 -8.45 -5.69
CA TYR A 64 1.03 -8.41 -4.21
C TYR A 64 0.05 -9.53 -3.78
N ARG A 65 -1.00 -9.71 -4.59
CA ARG A 65 -2.09 -10.69 -4.36
C ARG A 65 -1.53 -12.14 -4.33
N GLU A 66 -0.74 -12.51 -5.33
CA GLU A 66 -0.22 -13.88 -5.46
C GLU A 66 0.96 -14.18 -4.49
N LYS A 67 1.92 -13.25 -4.38
CA LYS A 67 3.11 -13.44 -3.53
C LYS A 67 2.74 -13.47 -2.02
N PHE A 68 1.72 -12.69 -1.61
CA PHE A 68 1.32 -12.60 -0.17
C PHE A 68 0.03 -13.40 0.18
N PHE A 69 -0.91 -13.60 -0.77
CA PHE A 69 -2.12 -14.46 -0.51
C PHE A 69 -1.95 -15.94 -0.97
N HIS A 70 -1.28 -16.20 -2.12
CA HIS A 70 -1.15 -17.60 -2.65
C HIS A 70 0.08 -18.34 -2.08
N ASN A 71 1.20 -17.62 -1.88
CA ASN A 71 2.44 -18.19 -1.30
C ASN A 71 2.39 -18.21 0.27
N ASN A 72 1.45 -17.44 0.83
CA ASN A 72 1.28 -17.29 2.30
C ASN A 72 -0.22 -17.54 2.69
N ALA A 73 -0.46 -17.96 3.96
CA ALA A 73 -1.82 -18.27 4.47
C ALA A 73 -2.68 -17.00 4.75
N HIS A 74 -3.99 -17.07 4.42
CA HIS A 74 -4.96 -15.93 4.48
C HIS A 74 -4.93 -15.14 5.82
N ASN A 75 -4.89 -15.84 6.97
CA ASN A 75 -4.85 -15.19 8.32
C ASN A 75 -3.56 -14.35 8.50
N ARG A 76 -2.41 -14.93 8.11
CA ARG A 76 -1.11 -14.22 8.13
C ARG A 76 -1.11 -13.04 7.12
N PHE A 77 -1.82 -13.22 5.98
CA PHE A 77 -1.96 -12.18 4.94
C PHE A 77 -2.78 -10.97 5.44
N ILE A 78 -3.83 -11.23 6.24
CA ILE A 78 -4.65 -10.16 6.87
C ILE A 78 -3.76 -9.32 7.82
N GLU A 79 -2.91 -10.02 8.62
CA GLU A 79 -1.89 -9.38 9.48
C GLU A 79 -0.97 -8.43 8.68
N LEU A 80 -0.50 -8.94 7.52
CA LEU A 80 0.39 -8.18 6.61
C LEU A 80 -0.30 -6.91 6.08
N ASN A 81 -1.59 -7.01 5.66
CA ASN A 81 -2.38 -5.83 5.19
C ASN A 81 -2.48 -4.74 6.29
N PHE A 82 -2.65 -5.16 7.56
CA PHE A 82 -2.72 -4.23 8.71
C PHE A 82 -1.37 -3.48 8.95
N LYS A 83 -0.27 -4.22 9.06
CA LYS A 83 1.06 -3.62 9.38
C LYS A 83 1.69 -2.85 8.19
N HIS A 84 1.30 -3.21 6.95
CA HIS A 84 1.75 -2.49 5.74
C HIS A 84 0.97 -1.18 5.51
N LEU A 85 -0.36 -1.24 5.63
CA LEU A 85 -1.25 -0.12 5.23
C LEU A 85 -1.63 0.80 6.44
N LEU A 86 -1.77 0.21 7.64
CA LEU A 86 -2.19 0.94 8.88
C LEU A 86 -1.12 0.88 9.98
N GLY A 87 -0.08 0.06 9.77
CA GLY A 87 1.05 -0.05 10.71
C GLY A 87 0.73 -0.73 12.04
N ARG A 88 -0.24 -1.68 12.05
CA ARG A 88 -0.66 -2.39 13.29
C ARG A 88 -0.71 -3.92 13.12
N ALA A 89 -0.76 -4.64 14.25
CA ALA A 89 -1.02 -6.09 14.32
C ALA A 89 -2.50 -6.33 14.73
N PRO A 90 -3.31 -7.09 13.92
CA PRO A 90 -4.73 -7.40 14.27
C PRO A 90 -4.84 -8.42 15.43
N TYR A 91 -4.63 -7.89 16.64
CA TYR A 91 -4.65 -8.66 17.91
C TYR A 91 -6.03 -9.29 18.23
N ASP A 92 -7.11 -8.64 17.77
CA ASP A 92 -8.49 -9.07 18.05
C ASP A 92 -9.14 -9.68 16.79
N GLN A 93 -9.90 -10.75 17.01
CA GLN A 93 -10.53 -11.56 15.94
C GLN A 93 -11.60 -10.81 15.13
N ALA A 94 -12.21 -9.74 15.69
CA ALA A 94 -13.19 -8.88 14.96
C ALA A 94 -12.53 -8.16 13.76
N GLU A 95 -11.24 -7.78 13.90
CA GLU A 95 -10.45 -7.16 12.81
C GLU A 95 -10.16 -8.17 11.67
N VAL A 96 -9.72 -9.37 12.06
CA VAL A 96 -9.42 -10.49 11.13
C VAL A 96 -10.69 -10.92 10.36
N ALA A 97 -11.77 -11.16 11.13
CA ALA A 97 -13.10 -11.56 10.59
C ALA A 97 -13.75 -10.45 9.73
N ALA A 98 -13.46 -9.17 10.05
CA ALA A 98 -13.92 -8.01 9.24
C ALA A 98 -13.34 -8.07 7.81
N HIS A 99 -12.01 -8.29 7.72
CA HIS A 99 -11.30 -8.41 6.42
C HIS A 99 -11.62 -9.74 5.71
N ALA A 100 -11.89 -10.81 6.48
CA ALA A 100 -12.38 -12.08 5.91
C ALA A 100 -13.77 -11.91 5.27
N ALA A 101 -14.67 -11.18 5.95
CA ALA A 101 -16.04 -10.91 5.46
C ALA A 101 -16.03 -9.98 4.21
N THR A 102 -15.16 -8.94 4.24
CA THR A 102 -15.03 -7.97 3.13
C THR A 102 -14.42 -8.65 1.87
N TYR A 103 -13.34 -9.41 2.07
CA TYR A 103 -12.71 -10.22 0.99
C TYR A 103 -13.69 -11.26 0.36
N HIS A 104 -14.38 -12.07 1.19
CA HIS A 104 -15.24 -13.18 0.69
C HIS A 104 -16.56 -12.68 0.04
N SER A 105 -17.23 -11.68 0.68
CA SER A 105 -18.54 -11.17 0.19
C SER A 105 -18.41 -10.07 -0.89
N HIS A 106 -17.40 -9.18 -0.76
CA HIS A 106 -17.24 -8.01 -1.68
C HIS A 106 -16.08 -8.20 -2.71
N GLY A 107 -15.20 -9.18 -2.46
CA GLY A 107 -14.03 -9.44 -3.32
C GLY A 107 -12.73 -8.84 -2.77
N TYR A 108 -11.58 -9.34 -3.28
CA TYR A 108 -10.22 -8.88 -2.88
C TYR A 108 -10.04 -7.36 -3.04
N ASP A 109 -10.51 -6.83 -4.18
CA ASP A 109 -10.36 -5.41 -4.53
C ASP A 109 -10.96 -4.47 -3.47
N ALA A 110 -12.16 -4.82 -3.01
CA ALA A 110 -12.89 -4.06 -1.97
C ALA A 110 -12.20 -4.10 -0.59
N ASP A 111 -11.45 -5.20 -0.31
CA ASP A 111 -10.75 -5.40 0.98
C ASP A 111 -9.59 -4.39 1.17
N ILE A 112 -8.91 -4.07 0.06
CA ILE A 112 -7.85 -3.03 0.04
C ILE A 112 -8.44 -1.60 0.00
N ASN A 113 -9.47 -1.43 -0.85
CA ASN A 113 -10.12 -0.10 -1.08
C ASN A 113 -10.86 0.42 0.18
N SER A 114 -11.32 -0.51 1.04
CA SER A 114 -11.93 -0.17 2.36
C SER A 114 -10.96 0.66 3.25
N TYR A 115 -9.65 0.32 3.17
CA TYR A 115 -8.59 1.07 3.88
C TYR A 115 -8.43 2.50 3.27
N ILE A 116 -8.53 2.58 1.93
CA ILE A 116 -8.38 3.85 1.18
C ILE A 116 -9.53 4.83 1.50
N ASP A 117 -10.73 4.26 1.72
CA ASP A 117 -11.95 5.02 2.05
C ASP A 117 -12.02 5.38 3.56
N SER A 118 -11.11 4.82 4.40
CA SER A 118 -11.13 5.05 5.87
C SER A 118 -10.68 6.49 6.22
N ALA A 119 -11.41 7.12 7.16
CA ALA A 119 -11.12 8.48 7.66
C ALA A 119 -9.72 8.57 8.31
N GLU A 120 -9.33 7.51 9.04
CA GLU A 120 -8.02 7.43 9.73
C GLU A 120 -6.82 7.55 8.75
N TYR A 121 -6.97 6.92 7.56
CA TYR A 121 -5.97 7.02 6.48
C TYR A 121 -5.90 8.46 5.92
N THR A 122 -7.07 9.00 5.54
CA THR A 122 -7.19 10.32 4.89
C THR A 122 -6.70 11.48 5.81
N GLU A 123 -6.97 11.35 7.12
CA GLU A 123 -6.51 12.32 8.14
C GLU A 123 -5.00 12.15 8.46
N SER A 124 -4.60 10.96 8.96
CA SER A 124 -3.27 10.76 9.58
C SER A 124 -2.13 10.47 8.56
N PHE A 125 -2.42 9.71 7.48
CA PHE A 125 -1.41 9.42 6.42
C PHE A 125 -1.61 10.33 5.18
N GLY A 126 -2.76 11.02 5.10
CA GLY A 126 -3.07 11.93 3.97
C GLY A 126 -3.30 11.25 2.60
N ASP A 127 -3.85 12.02 1.64
CA ASP A 127 -4.09 11.57 0.24
C ASP A 127 -2.85 11.82 -0.67
N ASN A 128 -2.08 12.87 -0.36
CA ASN A 128 -0.87 13.28 -1.13
C ASN A 128 0.44 12.86 -0.42
N VAL A 129 0.31 12.10 0.68
CA VAL A 129 1.45 11.66 1.52
C VAL A 129 1.53 10.10 1.58
N VAL A 130 2.77 9.55 1.58
CA VAL A 130 3.03 8.10 1.61
C VAL A 130 2.82 7.55 3.06
N PRO A 131 2.03 6.43 3.23
CA PRO A 131 1.79 5.79 4.55
C PRO A 131 3.06 5.15 5.16
N TYR A 132 3.04 4.94 6.48
CA TYR A 132 4.15 4.32 7.24
C TYR A 132 3.61 3.38 8.35
N PHE A 133 4.54 2.59 8.94
CA PHE A 133 4.26 1.76 10.12
C PHE A 133 4.11 2.66 11.38
N ARG A 134 3.15 2.32 12.27
CA ARG A 134 2.95 3.04 13.56
C ARG A 134 4.08 2.66 14.55
N GLY A 135 5.20 3.36 14.41
CA GLY A 135 6.42 3.07 15.16
C GLY A 135 7.68 3.47 14.37
N LEU A 136 8.75 2.66 14.48
CA LEU A 136 10.06 2.89 13.80
C LEU A 136 10.68 4.26 14.20
N GLU A 137 11.68 4.75 13.42
CA GLU A 137 12.32 6.06 13.67
C GLU A 137 12.82 6.72 12.37
N HIS A 138 12.92 8.07 12.38
CA HIS A 138 13.49 8.87 11.27
C HIS A 138 14.99 8.54 11.04
N HIS A 139 15.40 8.40 9.77
CA HIS A 139 16.80 8.08 9.39
C HIS A 139 17.51 9.27 8.70
N HIS A 140 16.73 10.02 7.87
CA HIS A 140 17.23 11.07 6.94
C HIS A 140 18.07 10.47 5.78
N HIS A 141 17.84 10.96 4.55
CA HIS A 141 18.65 10.59 3.38
C HIS A 141 19.93 11.47 3.34
N HIS A 142 20.97 11.03 4.09
CA HIS A 142 22.21 11.81 4.27
C HIS A 142 23.46 10.97 3.87
N HIS A 143 23.85 11.08 2.59
CA HIS A 143 25.13 10.54 2.05
C HIS A 143 25.71 11.49 1.00
N MET A 1 9.83 11.92 8.39
CA MET A 1 9.35 10.53 8.16
C MET A 1 8.27 10.47 7.01
N PRO A 2 7.17 11.32 6.99
CA PRO A 2 6.19 11.35 5.86
C PRO A 2 6.70 12.11 4.59
N LEU A 3 6.86 11.38 3.47
CA LEU A 3 7.23 11.97 2.15
C LEU A 3 5.93 12.14 1.31
N GLU A 4 5.74 13.32 0.70
CA GLU A 4 4.53 13.62 -0.10
C GLU A 4 4.86 13.99 -1.56
N TRP A 5 3.95 13.64 -2.49
CA TRP A 5 4.03 14.08 -3.90
C TRP A 5 3.12 15.29 -4.16
N ARG A 6 3.67 16.27 -4.89
CA ARG A 6 2.97 17.50 -5.30
C ARG A 6 3.26 17.82 -6.78
N ALA A 7 2.47 18.76 -7.34
CA ALA A 7 2.67 19.27 -8.72
C ALA A 7 4.00 20.08 -8.80
N GLY A 8 4.81 19.80 -9.83
CA GLY A 8 6.13 20.43 -10.00
C GLY A 8 7.29 19.61 -9.44
N ALA A 9 7.01 18.46 -8.79
CA ALA A 9 8.06 17.53 -8.27
C ALA A 9 8.95 16.97 -9.41
N SER A 10 10.22 16.66 -9.08
CA SER A 10 11.23 16.21 -10.07
C SER A 10 11.09 14.69 -10.36
N SER A 11 11.67 14.24 -11.49
CA SER A 11 11.55 12.83 -11.96
C SER A 11 12.08 11.81 -10.92
N ASP A 12 13.29 12.04 -10.39
CA ASP A 12 13.91 11.18 -9.34
C ASP A 12 13.15 11.27 -7.99
N GLU A 13 12.51 12.43 -7.73
CA GLU A 13 11.60 12.58 -6.55
C GLU A 13 10.38 11.65 -6.69
N ILE A 14 9.74 11.65 -7.87
CA ILE A 14 8.57 10.79 -8.17
C ILE A 14 8.96 9.29 -8.09
N ASN A 15 10.12 8.93 -8.67
CA ASN A 15 10.64 7.54 -8.65
C ASN A 15 10.90 7.03 -7.20
N ALA A 16 11.35 7.94 -6.31
CA ALA A 16 11.56 7.63 -4.88
C ALA A 16 10.22 7.49 -4.12
N ILE A 17 9.20 8.26 -4.54
CA ILE A 17 7.83 8.21 -3.98
C ILE A 17 7.11 6.91 -4.40
N ILE A 18 7.24 6.54 -5.69
CA ILE A 18 6.80 5.23 -6.23
C ILE A 18 7.44 4.08 -5.41
N ARG A 19 8.77 4.16 -5.27
CA ARG A 19 9.58 3.17 -4.55
C ARG A 19 9.19 3.06 -3.06
N ALA A 20 8.94 4.21 -2.41
CA ALA A 20 8.54 4.28 -0.99
C ALA A 20 7.23 3.49 -0.73
N VAL A 21 6.35 3.48 -1.76
CA VAL A 21 5.12 2.67 -1.77
C VAL A 21 5.45 1.16 -1.84
N TYR A 22 6.27 0.75 -2.84
CA TYR A 22 6.65 -0.68 -3.03
C TYR A 22 7.45 -1.27 -1.85
N ARG A 23 8.22 -0.43 -1.15
CA ARG A 23 9.00 -0.85 0.02
C ARG A 23 8.10 -1.13 1.24
N GLN A 24 7.18 -0.19 1.51
CA GLN A 24 6.27 -0.27 2.68
C GLN A 24 5.13 -1.31 2.47
N VAL A 25 4.56 -1.35 1.26
CA VAL A 25 3.43 -2.25 0.91
C VAL A 25 3.89 -3.73 0.73
N LEU A 26 5.05 -3.97 0.09
CA LEU A 26 5.59 -5.37 0.01
C LEU A 26 6.29 -5.76 1.33
N GLY A 27 6.87 -4.77 2.04
CA GLY A 27 7.67 -5.01 3.25
C GLY A 27 9.13 -5.37 2.93
N ASN A 28 9.51 -5.20 1.65
CA ASN A 28 10.85 -5.56 1.12
C ASN A 28 11.50 -4.31 0.47
N ASP A 29 12.42 -4.51 -0.51
CA ASP A 29 12.88 -3.43 -1.37
C ASP A 29 11.82 -3.13 -2.46
N TYR A 30 11.87 -3.84 -3.60
CA TYR A 30 11.16 -3.42 -4.82
C TYR A 30 11.34 -4.50 -5.91
N VAL A 31 10.24 -4.87 -6.59
CA VAL A 31 10.27 -5.72 -7.80
C VAL A 31 11.12 -5.07 -8.92
N MET A 32 10.77 -3.81 -9.21
CA MET A 32 11.40 -2.97 -10.24
C MET A 32 11.12 -3.48 -11.68
N SER A 33 11.92 -3.00 -12.65
CA SER A 33 11.62 -3.06 -14.10
C SER A 33 11.35 -4.49 -14.62
N THR A 34 10.06 -4.89 -14.59
CA THR A 34 9.54 -6.13 -15.23
C THR A 34 7.98 -6.11 -15.25
N GLU A 35 7.34 -6.18 -14.07
CA GLU A 35 5.85 -6.31 -13.93
C GLU A 35 5.33 -5.35 -12.83
N ARG A 36 6.05 -4.24 -12.59
CA ARG A 36 5.75 -3.31 -11.45
C ARG A 36 4.60 -2.30 -11.75
N LEU A 37 3.52 -2.76 -12.43
CA LEU A 37 2.36 -1.92 -12.83
C LEU A 37 2.81 -0.63 -13.56
N THR A 38 3.49 -0.83 -14.70
CA THR A 38 4.10 0.27 -15.50
C THR A 38 3.04 1.32 -15.93
N SER A 39 1.81 0.85 -16.19
CA SER A 39 0.65 1.72 -16.50
C SER A 39 0.29 2.63 -15.29
N ALA A 40 0.16 2.03 -14.10
CA ALA A 40 -0.25 2.73 -12.86
C ALA A 40 0.82 3.77 -12.40
N GLU A 41 2.11 3.42 -12.58
CA GLU A 41 3.24 4.33 -12.32
C GLU A 41 3.23 5.54 -13.30
N SER A 42 2.98 5.25 -14.59
CA SER A 42 2.78 6.31 -15.63
C SER A 42 1.60 7.24 -15.30
N LEU A 43 0.55 6.68 -14.64
CA LEU A 43 -0.60 7.47 -14.14
C LEU A 43 -0.17 8.45 -13.01
N LEU A 44 0.66 7.97 -12.06
CA LEU A 44 1.17 8.81 -10.94
C LEU A 44 2.12 9.94 -11.46
N ARG A 45 3.06 9.55 -12.35
CA ARG A 45 4.02 10.49 -12.99
C ARG A 45 3.28 11.55 -13.84
N GLY A 46 2.22 11.10 -14.54
CA GLY A 46 1.42 11.97 -15.41
C GLY A 46 0.33 12.76 -14.68
N GLY A 47 0.15 12.50 -13.36
CA GLY A 47 -0.88 13.18 -12.55
C GLY A 47 -2.31 12.71 -12.84
N GLU A 48 -2.43 11.55 -13.52
CA GLU A 48 -3.73 10.95 -13.88
C GLU A 48 -4.42 10.29 -12.66
N ILE A 49 -3.61 9.79 -11.70
CA ILE A 49 -4.12 9.29 -10.39
C ILE A 49 -3.38 10.00 -9.23
N SER A 50 -4.00 9.95 -8.05
CA SER A 50 -3.41 10.47 -6.79
C SER A 50 -2.54 9.38 -6.12
N VAL A 51 -1.69 9.82 -5.17
CA VAL A 51 -0.78 8.94 -4.40
C VAL A 51 -1.56 7.84 -3.63
N ARG A 52 -2.63 8.28 -2.96
CA ARG A 52 -3.56 7.40 -2.19
C ARG A 52 -4.10 6.23 -3.05
N ASP A 53 -4.53 6.56 -4.29
CA ASP A 53 -5.11 5.57 -5.23
C ASP A 53 -4.01 4.69 -5.90
N PHE A 54 -2.78 5.24 -6.01
CA PHE A 54 -1.59 4.50 -6.52
C PHE A 54 -1.20 3.36 -5.55
N VAL A 55 -1.14 3.69 -4.25
CA VAL A 55 -0.83 2.70 -3.18
C VAL A 55 -1.90 1.58 -3.12
N ARG A 56 -3.16 1.99 -3.38
CA ARG A 56 -4.30 1.08 -3.50
C ARG A 56 -4.08 0.07 -4.68
N ALA A 57 -3.58 0.57 -5.82
CA ALA A 57 -3.23 -0.26 -7.01
C ALA A 57 -2.10 -1.26 -6.70
N VAL A 58 -1.10 -0.81 -5.92
CA VAL A 58 0.05 -1.65 -5.47
C VAL A 58 -0.41 -2.72 -4.44
N ALA A 59 -1.44 -2.38 -3.65
CA ALA A 59 -2.13 -3.34 -2.75
C ALA A 59 -2.99 -4.37 -3.53
N LEU A 60 -3.52 -3.96 -4.70
CA LEU A 60 -4.30 -4.85 -5.60
C LEU A 60 -3.39 -5.66 -6.56
N SER A 61 -2.09 -5.28 -6.64
CA SER A 61 -1.14 -5.84 -7.61
C SER A 61 -1.07 -7.38 -7.52
N GLU A 62 -1.00 -8.05 -8.68
CA GLU A 62 -0.93 -9.52 -8.77
C GLU A 62 0.35 -10.04 -8.06
N LEU A 63 1.45 -9.26 -8.15
CA LEU A 63 2.75 -9.59 -7.52
C LEU A 63 2.66 -9.66 -5.97
N TYR A 64 2.07 -8.63 -5.35
CA TYR A 64 1.89 -8.55 -3.87
C TYR A 64 0.85 -9.59 -3.40
N ARG A 65 -0.24 -9.69 -4.17
CA ARG A 65 -1.37 -10.57 -3.90
C ARG A 65 -0.95 -12.07 -3.89
N GLU A 66 -0.31 -12.55 -4.97
CA GLU A 66 0.10 -13.98 -5.10
C GLU A 66 1.24 -14.35 -4.11
N LYS A 67 2.13 -13.39 -3.85
CA LYS A 67 3.32 -13.57 -2.97
C LYS A 67 2.91 -13.90 -1.51
N PHE A 68 1.87 -13.20 -1.00
CA PHE A 68 1.40 -13.36 0.40
C PHE A 68 0.07 -14.15 0.54
N PHE A 69 -0.69 -14.35 -0.55
CA PHE A 69 -1.92 -15.18 -0.51
C PHE A 69 -1.61 -16.68 -0.83
N HIS A 70 -0.79 -16.93 -1.88
CA HIS A 70 -0.47 -18.33 -2.31
C HIS A 70 0.56 -19.00 -1.39
N ASN A 71 1.55 -18.20 -0.93
CA ASN A 71 2.70 -18.70 -0.15
C ASN A 71 2.46 -18.58 1.39
N ASN A 72 1.32 -17.99 1.78
CA ASN A 72 1.03 -17.70 3.21
C ASN A 72 -0.51 -17.84 3.47
N ALA A 73 -0.87 -18.12 4.75
CA ALA A 73 -2.28 -18.29 5.18
C ALA A 73 -3.05 -16.93 5.15
N HIS A 74 -4.32 -16.95 4.70
CA HIS A 74 -5.16 -15.72 4.54
C HIS A 74 -5.30 -14.92 5.87
N ASN A 75 -5.32 -15.61 7.02
CA ASN A 75 -5.34 -14.96 8.36
C ASN A 75 -4.08 -14.05 8.53
N ARG A 76 -2.90 -14.61 8.17
CA ARG A 76 -1.61 -13.90 8.22
C ARG A 76 -1.51 -12.83 7.11
N PHE A 77 -2.14 -13.10 5.93
CA PHE A 77 -2.22 -12.15 4.79
C PHE A 77 -2.97 -10.86 5.20
N ILE A 78 -4.01 -11.03 6.04
CA ILE A 78 -4.76 -9.91 6.65
C ILE A 78 -3.88 -9.14 7.67
N GLU A 79 -3.10 -9.87 8.49
CA GLU A 79 -2.13 -9.25 9.43
C GLU A 79 -1.06 -8.41 8.70
N LEU A 80 -0.64 -8.91 7.53
CA LEU A 80 0.33 -8.23 6.64
C LEU A 80 -0.33 -7.03 5.93
N ASN A 81 -1.58 -7.20 5.50
CA ASN A 81 -2.37 -6.15 4.81
C ASN A 81 -2.54 -4.89 5.72
N PHE A 82 -2.84 -5.16 6.99
CA PHE A 82 -3.02 -4.12 8.04
C PHE A 82 -1.74 -3.27 8.26
N LYS A 83 -0.58 -3.93 8.40
CA LYS A 83 0.71 -3.22 8.60
C LYS A 83 1.21 -2.53 7.31
N HIS A 84 0.84 -3.09 6.14
CA HIS A 84 1.25 -2.57 4.81
C HIS A 84 0.39 -1.38 4.33
N LEU A 85 -0.86 -1.23 4.83
CA LEU A 85 -1.70 -0.04 4.49
C LEU A 85 -1.73 1.01 5.62
N LEU A 86 -1.64 0.57 6.89
CA LEU A 86 -1.89 1.45 8.07
C LEU A 86 -0.83 1.34 9.20
N GLY A 87 -0.08 0.25 9.23
CA GLY A 87 0.76 -0.07 10.40
C GLY A 87 -0.04 -0.67 11.56
N ARG A 88 -1.28 -1.14 11.27
CA ARG A 88 -2.15 -1.84 12.25
C ARG A 88 -1.60 -3.24 12.60
N ALA A 89 -1.82 -3.65 13.85
CA ALA A 89 -1.60 -5.04 14.33
C ALA A 89 -2.97 -5.64 14.75
N PRO A 90 -3.52 -6.66 13.99
CA PRO A 90 -4.77 -7.36 14.39
C PRO A 90 -4.57 -8.17 15.69
N TYR A 91 -4.80 -7.50 16.83
CA TYR A 91 -4.62 -8.06 18.18
C TYR A 91 -5.62 -9.19 18.52
N ASP A 92 -6.79 -9.18 17.85
CA ASP A 92 -7.86 -10.19 18.05
C ASP A 92 -8.54 -10.58 16.72
N GLN A 93 -9.11 -11.79 16.74
CA GLN A 93 -9.64 -12.48 15.54
C GLN A 93 -10.94 -11.88 14.99
N ALA A 94 -11.73 -11.17 15.82
CA ALA A 94 -12.99 -10.51 15.37
C ALA A 94 -12.75 -9.51 14.21
N GLU A 95 -11.69 -8.70 14.33
CA GLU A 95 -11.26 -7.74 13.28
C GLU A 95 -10.79 -8.47 11.99
N VAL A 96 -10.10 -9.61 12.18
CA VAL A 96 -9.58 -10.44 11.07
C VAL A 96 -10.75 -11.10 10.29
N ALA A 97 -11.71 -11.64 11.06
CA ALA A 97 -12.91 -12.36 10.55
C ALA A 97 -13.86 -11.41 9.81
N ALA A 98 -13.96 -10.16 10.29
CA ALA A 98 -14.75 -9.09 9.64
C ALA A 98 -14.21 -8.78 8.21
N HIS A 99 -12.87 -8.66 8.11
CA HIS A 99 -12.18 -8.41 6.82
C HIS A 99 -12.14 -9.66 5.91
N ALA A 100 -12.12 -10.86 6.52
CA ALA A 100 -12.23 -12.14 5.78
C ALA A 100 -13.64 -12.30 5.15
N ALA A 101 -14.67 -11.88 5.89
CA ALA A 101 -16.08 -11.93 5.44
C ALA A 101 -16.33 -10.92 4.28
N THR A 102 -15.75 -9.71 4.43
CA THR A 102 -15.81 -8.64 3.38
C THR A 102 -15.05 -9.08 2.10
N TYR A 103 -13.89 -9.72 2.30
CA TYR A 103 -13.08 -10.36 1.22
C TYR A 103 -13.93 -11.37 0.38
N HIS A 104 -14.65 -12.28 1.05
CA HIS A 104 -15.42 -13.34 0.36
C HIS A 104 -16.73 -12.81 -0.28
N SER A 105 -17.43 -11.90 0.42
CA SER A 105 -18.77 -11.43 -0.01
C SER A 105 -18.71 -10.28 -1.06
N HIS A 106 -17.74 -9.36 -0.89
CA HIS A 106 -17.61 -8.17 -1.78
C HIS A 106 -16.34 -8.19 -2.67
N GLY A 107 -15.36 -9.04 -2.32
CA GLY A 107 -14.07 -9.10 -3.04
C GLY A 107 -12.94 -8.37 -2.31
N TYR A 108 -11.68 -8.72 -2.64
CA TYR A 108 -10.47 -8.15 -1.98
C TYR A 108 -10.35 -6.63 -2.23
N ASP A 109 -10.77 -6.18 -3.44
CA ASP A 109 -10.72 -4.75 -3.83
C ASP A 109 -11.54 -3.87 -2.85
N ALA A 110 -12.80 -4.25 -2.59
CA ALA A 110 -13.69 -3.53 -1.65
C ALA A 110 -13.10 -3.42 -0.22
N ASP A 111 -12.40 -4.49 0.21
CA ASP A 111 -11.76 -4.55 1.54
C ASP A 111 -10.54 -3.60 1.62
N ILE A 112 -9.75 -3.53 0.53
CA ILE A 112 -8.59 -2.61 0.40
C ILE A 112 -9.08 -1.14 0.37
N ASN A 113 -10.08 -0.86 -0.48
CA ASN A 113 -10.66 0.50 -0.67
C ASN A 113 -11.29 1.02 0.63
N SER A 114 -11.79 0.09 1.47
CA SER A 114 -12.37 0.43 2.78
C SER A 114 -11.36 1.16 3.69
N TYR A 115 -10.10 0.67 3.73
CA TYR A 115 -9.00 1.30 4.52
C TYR A 115 -8.36 2.52 3.80
N ILE A 116 -8.16 2.41 2.48
CA ILE A 116 -7.47 3.45 1.68
C ILE A 116 -8.31 4.76 1.60
N ASP A 117 -9.61 4.59 1.43
CA ASP A 117 -10.59 5.72 1.37
C ASP A 117 -11.10 6.13 2.78
N SER A 118 -10.59 5.47 3.85
CA SER A 118 -10.96 5.75 5.26
C SER A 118 -10.15 6.94 5.81
N ALA A 119 -10.66 7.58 6.88
CA ALA A 119 -10.03 8.77 7.52
C ALA A 119 -8.59 8.50 8.01
N GLU A 120 -8.39 7.31 8.60
CA GLU A 120 -7.07 6.87 9.12
C GLU A 120 -5.95 6.91 8.05
N TYR A 121 -6.24 6.44 6.84
CA TYR A 121 -5.31 6.54 5.71
C TYR A 121 -5.33 7.95 5.03
N THR A 122 -6.52 8.40 4.60
CA THR A 122 -6.67 9.63 3.78
C THR A 122 -6.28 10.91 4.55
N GLU A 123 -6.84 11.09 5.76
CA GLU A 123 -6.54 12.25 6.60
C GLU A 123 -5.16 12.09 7.31
N SER A 124 -5.00 11.00 8.11
CA SER A 124 -3.84 10.85 9.04
C SER A 124 -2.53 10.45 8.31
N PHE A 125 -2.60 9.61 7.24
CA PHE A 125 -1.43 9.33 6.37
C PHE A 125 -1.32 10.31 5.19
N GLY A 126 -2.34 11.18 5.02
CA GLY A 126 -2.41 12.10 3.88
C GLY A 126 -2.73 11.40 2.54
N ASP A 127 -3.62 12.02 1.74
CA ASP A 127 -4.03 11.48 0.43
C ASP A 127 -2.97 11.75 -0.69
N ASN A 128 -2.14 12.79 -0.48
CA ASN A 128 -0.94 13.08 -1.34
C ASN A 128 0.38 12.60 -0.67
N VAL A 129 0.28 12.08 0.55
CA VAL A 129 1.44 11.63 1.34
C VAL A 129 1.51 10.07 1.34
N VAL A 130 2.74 9.54 1.26
CA VAL A 130 3.00 8.07 1.20
C VAL A 130 2.90 7.43 2.62
N PRO A 131 2.20 6.24 2.76
CA PRO A 131 2.13 5.51 4.05
C PRO A 131 3.50 4.94 4.49
N TYR A 132 3.73 4.97 5.81
CA TYR A 132 4.95 4.44 6.44
C TYR A 132 4.58 3.73 7.76
N PHE A 133 5.35 2.68 8.10
CA PHE A 133 5.19 1.97 9.38
C PHE A 133 5.90 2.77 10.50
N ARG A 134 5.24 2.94 11.66
CA ARG A 134 5.83 3.68 12.81
C ARG A 134 6.95 2.84 13.48
N GLY A 135 8.23 3.21 13.21
CA GLY A 135 9.39 2.52 13.79
C GLY A 135 10.54 2.38 12.78
N LEU A 136 10.21 1.77 11.61
CA LEU A 136 11.16 1.51 10.48
C LEU A 136 12.40 0.68 10.90
N GLU A 137 12.42 -0.61 10.51
CA GLU A 137 13.56 -1.51 10.78
C GLU A 137 14.76 -1.16 9.87
N HIS A 138 15.80 -0.52 10.45
CA HIS A 138 17.03 -0.08 9.74
C HIS A 138 18.03 -1.27 9.59
N HIS A 139 17.62 -2.29 8.82
CA HIS A 139 18.36 -3.58 8.70
C HIS A 139 19.02 -3.73 7.30
N HIS A 140 18.87 -2.72 6.40
CA HIS A 140 19.26 -2.87 4.98
C HIS A 140 20.28 -1.78 4.52
N HIS A 141 21.39 -2.21 3.90
CA HIS A 141 22.43 -1.31 3.32
C HIS A 141 22.79 -1.75 1.87
N HIS A 142 22.45 -0.91 0.87
CA HIS A 142 22.85 -1.10 -0.55
C HIS A 142 22.84 0.24 -1.32
N HIS A 143 23.47 0.25 -2.51
CA HIS A 143 23.56 1.44 -3.40
C HIS A 143 23.06 1.10 -4.82
#